data_9PG6
#
_entry.id   9PG6
#
_cell.length_a   78.826
_cell.length_b   130.061
_cell.length_c   140.967
_cell.angle_alpha   90.00
_cell.angle_beta   90.86
_cell.angle_gamma   90.00
#
_symmetry.space_group_name_H-M   'P 1 21 1'
#
loop_
_entity.id
_entity.type
_entity.pdbx_description
1 polymer 'Glyceraldehyde-3-phosphate dehydrogenase'
2 non-polymer NICOTINAMIDE-ADENINE-DINUCLEOTIDE
3 non-polymer 'MAGNESIUM ION'
4 water water
#
_entity_poly.entity_id   1
_entity_poly.type   'polypeptide(L)'
_entity_poly.pdbx_seq_one_letter_code
;MAHHHHHHMTIRVVINGYGRIGRNILRAHYENGKKHDIEIVAINDLGDPKTNAHLTRFDTAHGKFPGTVTVDGDYMVVNG
DKIRVLANRNPAELPWGELGVDVVLECTGFFTSKEKAGAHLKGGAKKVIISAPGGKDVDATIVFGVNQNVLKAEHTVISN
ASCTTNCLAPLVKPLHDKLGVETGLMTTVHAYTNDQVLTDVYHEDLRRARSATMSMIPTKTGAAAAVGLVLPELNGKLDG
FAIRVPTINVSLVDLSFVAKRDTTVEEVNSILQAAAEGELKDILTYNTEPLVSIDFNHNPASSNFDATLTKVSGKLVKVS
SWYDNEWGFSNRMLDTTVALMSAK
;
_entity_poly.pdbx_strand_id   A,B,C,D,E,F,G,H
#
# COMPACT_ATOMS: atom_id res chain seq x y z
N MET A 9 -1.94 78.30 -8.58
CA MET A 9 -1.19 77.88 -7.36
C MET A 9 -0.91 76.38 -7.38
N THR A 10 0.37 76.02 -7.42
CA THR A 10 0.76 74.63 -7.39
C THR A 10 0.23 73.94 -6.14
N ILE A 11 -0.24 72.71 -6.31
CA ILE A 11 -0.78 71.93 -5.21
C ILE A 11 0.37 71.27 -4.48
N ARG A 12 0.44 71.50 -3.17
CA ARG A 12 1.47 70.90 -2.32
C ARG A 12 0.94 69.59 -1.76
N VAL A 13 1.63 68.50 -2.11
CA VAL A 13 1.17 67.15 -1.83
C VAL A 13 2.20 66.45 -0.97
N VAL A 14 1.74 65.56 -0.10
CA VAL A 14 2.63 64.69 0.64
C VAL A 14 2.06 63.28 0.55
N ILE A 15 2.95 62.30 0.70
CA ILE A 15 2.60 60.88 0.61
C ILE A 15 2.80 60.29 1.99
N ASN A 16 1.73 59.77 2.59
CA ASN A 16 1.79 59.12 3.89
C ASN A 16 1.71 57.62 3.65
N GLY A 17 2.85 56.95 3.78
CA GLY A 17 2.98 55.55 3.42
C GLY A 17 3.62 55.50 2.05
N TYR A 18 4.94 55.35 2.04
CA TYR A 18 5.73 55.36 0.82
C TYR A 18 5.98 53.92 0.35
N GLY A 19 4.88 53.22 0.12
CA GLY A 19 4.88 51.81 -0.23
C GLY A 19 4.71 51.57 -1.72
N ARG A 20 4.05 50.47 -2.06
CA ARG A 20 3.83 50.18 -3.47
C ARG A 20 3.11 51.34 -4.15
N ILE A 21 2.01 51.80 -3.54
CA ILE A 21 1.26 52.89 -4.16
C ILE A 21 1.96 54.21 -3.95
N GLY A 22 2.41 54.49 -2.73
CA GLY A 22 3.03 55.78 -2.45
C GLY A 22 4.22 56.05 -3.33
N ARG A 23 5.13 55.07 -3.45
CA ARG A 23 6.31 55.25 -4.28
C ARG A 23 5.96 55.34 -5.77
N ASN A 24 5.01 54.53 -6.21
CA ASN A 24 4.66 54.56 -7.62
C ASN A 24 3.88 55.83 -7.97
N ILE A 25 3.26 56.48 -6.99
CA ILE A 25 2.70 57.81 -7.22
C ILE A 25 3.80 58.82 -7.53
N LEU A 26 4.87 58.83 -6.71
CA LEU A 26 5.98 59.73 -6.98
C LEU A 26 6.62 59.42 -8.33
N ARG A 27 6.87 58.13 -8.60
CA ARG A 27 7.49 57.76 -9.87
CA ARG A 27 7.48 57.75 -9.88
C ARG A 27 6.62 58.18 -11.05
N ALA A 28 5.30 57.98 -10.94
CA ALA A 28 4.42 58.39 -12.03
C ALA A 28 4.47 59.91 -12.22
N HIS A 29 4.51 60.66 -11.13
CA HIS A 29 4.59 62.12 -11.23
C HIS A 29 5.84 62.55 -12.00
N TYR A 30 7.00 61.97 -11.67
CA TYR A 30 8.23 62.39 -12.32
C TYR A 30 8.40 61.80 -13.71
N GLU A 31 7.93 60.57 -13.93
CA GLU A 31 8.10 59.94 -15.24
C GLU A 31 7.25 60.62 -16.31
N ASN A 32 6.07 61.12 -15.96
CA ASN A 32 5.21 61.82 -16.89
C ASN A 32 5.54 63.31 -17.00
N GLY A 33 6.70 63.73 -16.51
CA GLY A 33 7.15 65.10 -16.66
C GLY A 33 6.52 66.11 -15.74
N LYS A 34 6.03 65.69 -14.58
CA LYS A 34 5.27 66.54 -13.68
C LYS A 34 4.21 67.34 -14.46
N LYS A 35 3.45 66.61 -15.28
CA LYS A 35 2.38 67.24 -16.03
C LYS A 35 1.38 67.91 -15.10
N HIS A 36 1.04 67.24 -14.01
CA HIS A 36 0.15 67.82 -13.01
C HIS A 36 0.85 68.97 -12.28
N ASP A 37 0.08 70.02 -11.97
CA ASP A 37 0.59 71.14 -11.20
C ASP A 37 0.66 70.73 -9.72
N ILE A 38 1.62 69.85 -9.46
CA ILE A 38 1.78 69.21 -8.16
C ILE A 38 3.26 69.25 -7.82
N GLU A 39 3.56 69.52 -6.54
CA GLU A 39 4.91 69.35 -6.01
C GLU A 39 4.79 68.47 -4.78
N ILE A 40 5.51 67.34 -4.79
CA ILE A 40 5.53 66.46 -3.63
C ILE A 40 6.52 67.06 -2.64
N VAL A 41 6.00 67.56 -1.51
CA VAL A 41 6.79 68.29 -0.54
C VAL A 41 7.42 67.39 0.52
N ALA A 42 6.80 66.26 0.82
CA ALA A 42 7.31 65.39 1.88
C ALA A 42 6.71 64.01 1.71
N ILE A 43 7.39 63.02 2.29
CA ILE A 43 6.89 61.67 2.37
C ILE A 43 7.06 61.21 3.82
N ASN A 44 6.23 60.24 4.21
CA ASN A 44 6.30 59.71 5.57
C ASN A 44 6.22 58.20 5.52
N ASP A 45 7.10 57.54 6.25
CA ASP A 45 7.16 56.07 6.28
C ASP A 45 7.82 55.68 7.59
N LEU A 46 8.24 54.43 7.68
CA LEU A 46 8.93 53.94 8.86
C LEU A 46 10.45 54.03 8.75
N GLY A 47 10.99 54.29 7.55
CA GLY A 47 12.41 54.21 7.32
C GLY A 47 13.11 55.56 7.31
N ASP A 48 14.44 55.50 7.16
CA ASP A 48 15.27 56.69 7.06
C ASP A 48 15.38 57.12 5.60
N PRO A 49 15.91 58.32 5.36
CA PRO A 49 15.99 58.80 3.96
C PRO A 49 16.79 57.87 3.05
N LYS A 50 17.87 57.25 3.55
CA LYS A 50 18.65 56.36 2.70
C LYS A 50 17.80 55.18 2.23
N THR A 51 16.98 54.61 3.11
CA THR A 51 16.14 53.49 2.73
C THR A 51 15.10 53.89 1.69
N ASN A 52 14.45 55.04 1.89
CA ASN A 52 13.43 55.46 0.93
C ASN A 52 14.05 55.77 -0.43
N ALA A 53 15.23 56.37 -0.44
CA ALA A 53 15.89 56.69 -1.71
C ALA A 53 16.27 55.42 -2.46
N HIS A 54 16.77 54.41 -1.74
CA HIS A 54 17.16 53.16 -2.39
C HIS A 54 15.95 52.50 -3.02
N LEU A 55 14.83 52.45 -2.30
CA LEU A 55 13.63 51.82 -2.85
C LEU A 55 13.06 52.62 -4.01
N THR A 56 13.29 53.94 -4.05
CA THR A 56 12.87 54.72 -5.20
C THR A 56 13.71 54.40 -6.42
N ARG A 57 15.01 54.17 -6.22
CA ARG A 57 15.92 53.95 -7.35
C ARG A 57 15.70 52.59 -7.98
N PHE A 58 15.47 51.55 -7.17
CA PHE A 58 15.42 50.18 -7.64
C PHE A 58 14.09 49.56 -7.26
N ASP A 59 13.40 49.01 -8.26
CA ASP A 59 12.15 48.30 -8.03
C ASP A 59 12.15 47.02 -8.85
N THR A 60 11.65 45.95 -8.23
CA THR A 60 11.55 44.67 -8.92
C THR A 60 10.52 44.74 -10.04
N ALA A 61 9.28 45.11 -9.69
CA ALA A 61 8.18 45.05 -10.65
C ALA A 61 8.34 46.07 -11.77
N HIS A 62 8.86 47.25 -11.46
CA HIS A 62 8.92 48.36 -12.41
C HIS A 62 10.34 48.76 -12.80
N GLY A 63 11.34 48.01 -12.37
CA GLY A 63 12.71 48.28 -12.80
C GLY A 63 13.30 49.52 -12.15
N LYS A 64 14.34 50.02 -12.79
CA LYS A 64 15.08 51.16 -12.23
C LYS A 64 14.41 52.49 -12.56
N PHE A 65 14.43 53.40 -11.61
CA PHE A 65 13.87 54.73 -11.80
C PHE A 65 14.66 55.49 -12.87
N PRO A 66 13.99 56.06 -13.88
CA PRO A 66 14.74 56.78 -14.92
C PRO A 66 15.51 58.00 -14.40
N GLY A 67 15.01 58.65 -13.36
CA GLY A 67 15.61 59.87 -12.86
C GLY A 67 16.72 59.60 -11.86
N THR A 68 17.13 60.68 -11.18
CA THR A 68 18.18 60.65 -10.18
C THR A 68 17.59 60.84 -8.79
N VAL A 69 18.13 60.10 -7.82
CA VAL A 69 17.76 60.24 -6.42
C VAL A 69 19.01 60.32 -5.57
N THR A 70 19.11 61.35 -4.74
CA THR A 70 20.19 61.49 -3.79
C THR A 70 19.62 61.81 -2.41
N VAL A 71 20.47 61.73 -1.40
CA VAL A 71 20.09 62.04 -0.03
C VAL A 71 20.91 63.24 0.44
N ASP A 72 20.24 64.17 1.12
CA ASP A 72 20.90 65.31 1.74
C ASP A 72 20.24 65.55 3.09
N GLY A 73 20.86 65.04 4.15
CA GLY A 73 20.26 65.19 5.47
C GLY A 73 18.93 64.48 5.54
N ASP A 74 17.92 65.20 6.01
CA ASP A 74 16.59 64.64 6.16
C ASP A 74 15.77 64.68 4.87
N TYR A 75 16.40 64.94 3.72
CA TYR A 75 15.67 65.11 2.48
C TYR A 75 16.13 64.12 1.42
N MET A 76 15.17 63.67 0.60
CA MET A 76 15.41 62.87 -0.58
C MET A 76 15.22 63.75 -1.81
N VAL A 77 16.23 63.79 -2.68
CA VAL A 77 16.26 64.73 -3.81
C VAL A 77 15.99 63.93 -5.07
N VAL A 78 14.85 64.20 -5.71
CA VAL A 78 14.40 63.46 -6.88
C VAL A 78 14.41 64.44 -8.06
N ASN A 79 15.29 64.19 -9.03
CA ASN A 79 15.43 65.06 -10.18
C ASN A 79 15.59 66.52 -9.73
N GLY A 80 16.40 66.72 -8.69
CA GLY A 80 16.71 68.04 -8.19
C GLY A 80 15.72 68.63 -7.22
N ASP A 81 14.61 67.95 -6.94
CA ASP A 81 13.57 68.45 -6.05
C ASP A 81 13.80 67.91 -4.64
N LYS A 82 13.84 68.81 -3.66
CA LYS A 82 14.05 68.42 -2.26
C LYS A 82 12.72 67.98 -1.65
N ILE A 83 12.66 66.74 -1.16
CA ILE A 83 11.44 66.18 -0.58
C ILE A 83 11.77 65.79 0.86
N ARG A 84 11.04 66.34 1.82
CA ARG A 84 11.31 66.03 3.22
C ARG A 84 10.92 64.59 3.52
N VAL A 85 11.78 63.88 4.25
CA VAL A 85 11.53 62.52 4.70
C VAL A 85 11.16 62.56 6.17
N LEU A 86 10.03 61.97 6.52
CA LEU A 86 9.54 61.91 7.89
C LEU A 86 9.31 60.45 8.27
N ALA A 87 9.39 60.17 9.57
CA ALA A 87 9.06 58.84 10.07
C ALA A 87 8.32 58.99 11.39
N ASN A 88 7.00 59.13 11.31
CA ASN A 88 6.15 59.25 12.48
C ASN A 88 4.86 58.51 12.18
N ARG A 89 4.51 57.54 13.03
CA ARG A 89 3.38 56.67 12.73
C ARG A 89 2.03 57.33 12.97
N ASN A 90 1.96 58.41 13.75
CA ASN A 90 0.69 59.05 14.09
CA ASN A 90 0.69 59.05 14.09
C ASN A 90 0.45 60.25 13.17
N PRO A 91 -0.60 60.24 12.34
CA PRO A 91 -0.82 61.40 11.46
C PRO A 91 -0.98 62.71 12.19
N ALA A 92 -1.58 62.69 13.39
CA ALA A 92 -1.82 63.94 14.09
C ALA A 92 -0.53 64.63 14.50
N GLU A 93 0.58 63.89 14.60
CA GLU A 93 1.86 64.49 14.96
C GLU A 93 2.66 64.98 13.75
N LEU A 94 2.24 64.66 12.53
CA LEU A 94 3.00 65.05 11.35
C LEU A 94 2.85 66.55 11.11
N PRO A 95 3.89 67.23 10.65
CA PRO A 95 3.87 68.71 10.59
C PRO A 95 3.27 69.24 9.30
N TRP A 96 2.03 68.82 9.01
CA TRP A 96 1.42 69.19 7.74
C TRP A 96 1.15 70.69 7.67
N GLY A 97 0.71 71.28 8.78
CA GLY A 97 0.47 72.71 8.77
C GLY A 97 1.72 73.52 8.50
N GLU A 98 2.84 73.10 9.11
CA GLU A 98 4.10 73.80 8.91
C GLU A 98 4.61 73.67 7.48
N LEU A 99 4.33 72.53 6.82
CA LEU A 99 4.69 72.35 5.41
C LEU A 99 3.64 72.94 4.46
N GLY A 100 2.53 73.46 4.97
CA GLY A 100 1.52 74.04 4.11
C GLY A 100 0.88 73.04 3.16
N VAL A 101 0.58 71.85 3.65
CA VAL A 101 0.13 70.77 2.78
C VAL A 101 -1.32 71.01 2.35
N ASP A 102 -1.55 70.96 1.05
CA ASP A 102 -2.90 71.00 0.51
C ASP A 102 -3.58 69.63 0.60
N VAL A 103 -2.90 68.59 0.14
CA VAL A 103 -3.49 67.26 0.05
C VAL A 103 -2.51 66.22 0.59
N VAL A 104 -3.03 65.36 1.46
CA VAL A 104 -2.30 64.19 1.94
C VAL A 104 -2.80 63.00 1.14
N LEU A 105 -1.89 62.31 0.46
CA LEU A 105 -2.22 61.05 -0.20
C LEU A 105 -1.95 59.94 0.81
N GLU A 106 -3.02 59.37 1.36
CA GLU A 106 -2.94 58.42 2.46
C GLU A 106 -2.85 57.02 1.89
N CYS A 107 -1.65 56.43 1.96
CA CYS A 107 -1.34 55.17 1.30
C CYS A 107 -0.73 54.14 2.26
N THR A 108 -0.97 54.27 3.57
CA THR A 108 -0.44 53.28 4.51
C THR A 108 -1.31 52.03 4.61
N GLY A 109 -2.59 52.12 4.27
CA GLY A 109 -3.50 51.02 4.50
C GLY A 109 -4.04 50.94 5.91
N PHE A 110 -3.70 51.89 6.79
CA PHE A 110 -4.10 51.83 8.18
C PHE A 110 -5.11 52.90 8.57
N PHE A 111 -5.32 53.93 7.74
CA PHE A 111 -6.25 55.00 8.07
C PHE A 111 -7.20 55.17 6.89
N THR A 112 -8.18 54.26 6.78
CA THR A 112 -9.06 54.19 5.63
C THR A 112 -10.45 54.70 5.92
N SER A 113 -10.73 55.15 7.14
CA SER A 113 -11.99 55.80 7.46
C SER A 113 -11.76 57.30 7.55
N LYS A 114 -12.85 58.06 7.47
CA LYS A 114 -12.72 59.50 7.63
C LYS A 114 -12.28 59.87 9.02
N GLU A 115 -12.69 59.11 10.03
CA GLU A 115 -12.26 59.43 11.39
C GLU A 115 -10.76 59.28 11.55
N LYS A 116 -10.20 58.17 11.05
CA LYS A 116 -8.77 57.94 11.18
C LYS A 116 -7.97 58.86 10.27
N ALA A 117 -8.37 58.96 9.00
CA ALA A 117 -7.66 59.83 8.07
C ALA A 117 -7.79 61.29 8.45
N GLY A 118 -8.81 61.66 9.23
CA GLY A 118 -8.94 63.04 9.68
C GLY A 118 -7.81 63.50 10.57
N ALA A 119 -7.04 62.57 11.14
CA ALA A 119 -5.89 62.97 11.93
C ALA A 119 -4.92 63.82 11.11
N HIS A 120 -4.85 63.60 9.79
CA HIS A 120 -4.02 64.45 8.95
C HIS A 120 -4.52 65.89 8.98
N LEU A 121 -5.84 66.08 9.02
CA LEU A 121 -6.39 67.43 9.06
C LEU A 121 -6.01 68.15 10.35
N LYS A 122 -6.05 67.45 11.49
CA LYS A 122 -5.55 68.07 12.73
C LYS A 122 -4.07 68.35 12.65
N GLY A 123 -3.32 67.53 11.92
CA GLY A 123 -1.92 67.82 11.69
C GLY A 123 -1.69 69.05 10.84
N GLY A 124 -2.75 69.59 10.23
CA GLY A 124 -2.67 70.84 9.49
C GLY A 124 -2.86 70.74 7.99
N ALA A 125 -3.17 69.56 7.47
CA ALA A 125 -3.41 69.39 6.05
C ALA A 125 -4.83 69.84 5.70
N LYS A 126 -4.99 70.39 4.50
CA LYS A 126 -6.30 70.84 4.05
C LYS A 126 -7.19 69.68 3.62
N LYS A 127 -6.64 68.68 2.92
CA LYS A 127 -7.46 67.63 2.35
C LYS A 127 -6.70 66.31 2.38
N VAL A 128 -7.45 65.21 2.26
CA VAL A 128 -6.90 63.85 2.31
C VAL A 128 -7.58 63.01 1.23
N ILE A 129 -6.78 62.26 0.48
CA ILE A 129 -7.28 61.26 -0.47
C ILE A 129 -6.80 59.90 0.00
N ILE A 130 -7.73 59.04 0.35
CA ILE A 130 -7.37 57.68 0.75
C ILE A 130 -7.16 56.84 -0.51
N SER A 131 -6.05 56.11 -0.53
CA SER A 131 -5.65 55.32 -1.70
C SER A 131 -6.30 53.95 -1.70
N ALA A 132 -7.48 53.85 -1.10
CA ALA A 132 -8.18 52.57 -0.98
C ALA A 132 -9.65 52.89 -0.79
N PRO A 133 -10.53 51.88 -0.86
CA PRO A 133 -11.92 52.12 -0.48
C PRO A 133 -11.95 52.69 0.92
N GLY A 134 -12.74 53.73 1.09
CA GLY A 134 -12.87 54.36 2.39
C GLY A 134 -14.01 53.77 3.17
N GLY A 135 -14.11 54.19 4.43
CA GLY A 135 -15.28 53.85 5.19
C GLY A 135 -16.49 54.57 4.62
N LYS A 136 -17.66 54.18 5.10
CA LYS A 136 -18.90 54.80 4.64
C LYS A 136 -18.98 56.28 4.99
N ASP A 137 -18.15 56.75 5.93
CA ASP A 137 -18.20 58.15 6.35
C ASP A 137 -17.42 59.10 5.44
N VAL A 138 -16.72 58.59 4.41
CA VAL A 138 -15.93 59.47 3.56
C VAL A 138 -16.84 60.40 2.77
N ASP A 139 -16.30 61.56 2.39
CA ASP A 139 -17.11 62.56 1.70
C ASP A 139 -17.47 62.15 0.29
N ALA A 140 -16.60 61.40 -0.39
CA ALA A 140 -16.88 60.93 -1.74
C ALA A 140 -15.97 59.76 -2.06
N THR A 141 -16.37 58.95 -3.03
CA THR A 141 -15.53 57.89 -3.59
C THR A 141 -15.45 58.13 -5.08
N ILE A 142 -14.23 58.25 -5.61
CA ILE A 142 -14.00 58.75 -6.96
C ILE A 142 -13.28 57.70 -7.80
N VAL A 143 -13.86 57.41 -8.96
CA VAL A 143 -13.18 56.76 -10.06
C VAL A 143 -12.96 57.85 -11.10
N PHE A 144 -11.73 58.34 -11.22
CA PHE A 144 -11.45 59.43 -12.15
C PHE A 144 -11.73 58.98 -13.58
N GLY A 145 -12.34 59.88 -14.35
CA GLY A 145 -12.89 59.55 -15.64
C GLY A 145 -14.35 59.13 -15.61
N VAL A 146 -14.92 58.92 -14.43
CA VAL A 146 -16.29 58.43 -14.28
C VAL A 146 -17.15 59.40 -13.48
N ASN A 147 -16.70 59.77 -12.27
CA ASN A 147 -17.57 60.57 -11.40
C ASN A 147 -16.81 61.63 -10.60
N GLN A 148 -15.69 62.15 -11.12
CA GLN A 148 -15.02 63.23 -10.41
C GLN A 148 -15.87 64.49 -10.37
N ASN A 149 -16.94 64.56 -11.16
CA ASN A 149 -17.81 65.73 -11.16
C ASN A 149 -18.49 65.93 -9.81
N VAL A 150 -18.67 64.87 -9.03
CA VAL A 150 -19.34 65.01 -7.75
C VAL A 150 -18.47 65.68 -6.70
N LEU A 151 -17.18 65.88 -6.97
CA LEU A 151 -16.30 66.47 -5.97
C LEU A 151 -16.70 67.90 -5.68
N LYS A 152 -16.56 68.29 -4.41
CA LYS A 152 -16.93 69.60 -3.91
C LYS A 152 -15.78 70.22 -3.14
N ALA A 153 -15.76 71.55 -3.13
CA ALA A 153 -14.73 72.25 -2.37
C ALA A 153 -14.82 71.97 -0.88
N GLU A 154 -16.02 71.68 -0.36
CA GLU A 154 -16.09 71.36 1.05
C GLU A 154 -15.61 69.95 1.37
N HIS A 155 -15.46 69.09 0.36
CA HIS A 155 -14.92 67.77 0.62
C HIS A 155 -13.49 67.89 1.13
N THR A 156 -13.19 67.19 2.21
CA THR A 156 -11.86 67.21 2.81
C THR A 156 -11.24 65.83 2.94
N VAL A 157 -12.03 64.77 2.97
CA VAL A 157 -11.53 63.41 3.02
C VAL A 157 -12.31 62.59 2.02
N ILE A 158 -11.64 62.09 0.99
CA ILE A 158 -12.28 61.31 -0.06
C ILE A 158 -11.50 60.02 -0.24
N SER A 159 -12.13 59.08 -0.95
CA SER A 159 -11.53 57.81 -1.32
C SER A 159 -11.34 57.76 -2.82
N ASN A 160 -10.19 57.25 -3.25
CA ASN A 160 -9.93 57.02 -4.68
C ASN A 160 -10.35 55.62 -5.11
N ALA A 161 -11.18 54.96 -4.29
CA ALA A 161 -11.67 53.62 -4.58
C ALA A 161 -10.51 52.63 -4.59
N SER A 162 -10.74 51.46 -5.18
CA SER A 162 -9.74 50.42 -5.30
C SER A 162 -9.29 50.29 -6.75
N CYS A 163 -8.15 49.64 -6.92
CA CYS A 163 -7.68 49.36 -8.27
C CYS A 163 -8.74 48.62 -9.07
N THR A 164 -9.41 47.65 -8.44
CA THR A 164 -10.44 46.88 -9.13
C THR A 164 -11.60 47.76 -9.56
N THR A 165 -12.08 48.65 -8.69
CA THR A 165 -13.21 49.50 -9.04
C THR A 165 -12.86 50.46 -10.16
N ASN A 166 -11.62 50.95 -10.20
CA ASN A 166 -11.17 51.82 -11.28
C ASN A 166 -11.04 51.09 -12.61
N CYS A 167 -10.91 49.76 -12.59
CA CYS A 167 -10.90 48.99 -13.83
C CYS A 167 -12.31 48.61 -14.26
N LEU A 168 -13.15 48.27 -13.28
CA LEU A 168 -14.50 47.79 -13.56
C LEU A 168 -15.40 48.91 -14.02
N ALA A 169 -15.36 50.06 -13.36
CA ALA A 169 -16.30 51.12 -13.66
C ALA A 169 -16.18 51.62 -15.10
N PRO A 170 -15.01 52.00 -15.61
CA PRO A 170 -14.92 52.42 -17.01
C PRO A 170 -15.25 51.31 -18.00
N LEU A 171 -15.10 50.06 -17.59
CA LEU A 171 -15.47 48.96 -18.48
C LEU A 171 -16.99 48.83 -18.57
N VAL A 172 -17.68 48.93 -17.45
CA VAL A 172 -19.10 48.65 -17.44
C VAL A 172 -19.93 49.84 -17.91
N LYS A 173 -19.44 51.07 -17.71
CA LYS A 173 -20.27 52.23 -18.00
C LYS A 173 -20.71 52.29 -19.45
N PRO A 174 -19.81 52.25 -20.45
CA PRO A 174 -20.28 52.30 -21.85
C PRO A 174 -21.19 51.15 -22.22
N LEU A 175 -20.99 49.96 -21.67
CA LEU A 175 -21.88 48.84 -21.96
C LEU A 175 -23.26 49.05 -21.37
N HIS A 176 -23.34 49.64 -20.18
CA HIS A 176 -24.64 49.93 -19.59
C HIS A 176 -25.39 50.98 -20.40
N ASP A 177 -24.70 52.01 -20.87
CA ASP A 177 -25.37 53.09 -21.59
C ASP A 177 -25.99 52.60 -22.88
N LYS A 178 -25.28 51.75 -23.64
CA LYS A 178 -25.74 51.39 -24.97
C LYS A 178 -26.55 50.10 -24.99
N LEU A 179 -26.26 49.16 -24.08
CA LEU A 179 -26.97 47.89 -24.02
C LEU A 179 -27.84 47.74 -22.79
N GLY A 180 -27.42 48.31 -21.66
CA GLY A 180 -28.12 48.14 -20.40
C GLY A 180 -27.73 46.87 -19.69
N VAL A 181 -27.47 46.97 -18.39
CA VAL A 181 -27.08 45.83 -17.58
C VAL A 181 -28.22 45.51 -16.63
N GLU A 182 -28.82 44.33 -16.79
CA GLU A 182 -29.78 43.86 -15.80
C GLU A 182 -29.08 43.44 -14.52
N THR A 183 -28.04 42.62 -14.64
CA THR A 183 -27.28 42.16 -13.48
C THR A 183 -25.94 41.62 -13.97
N GLY A 184 -24.98 41.55 -13.05
CA GLY A 184 -23.64 41.13 -13.40
C GLY A 184 -22.88 40.56 -12.23
N LEU A 185 -22.00 39.62 -12.52
CA LEU A 185 -21.12 39.01 -11.53
C LEU A 185 -19.70 39.07 -12.07
N MET A 186 -18.76 39.34 -11.18
CA MET A 186 -17.39 39.61 -11.55
C MET A 186 -16.44 38.70 -10.79
N THR A 187 -15.37 38.31 -11.46
CA THR A 187 -14.23 37.67 -10.83
C THR A 187 -13.01 38.47 -11.26
N THR A 188 -12.15 38.86 -10.32
CA THR A 188 -10.89 39.49 -10.66
C THR A 188 -9.75 38.56 -10.26
N VAL A 189 -8.98 38.10 -11.25
CA VAL A 189 -7.76 37.34 -11.01
C VAL A 189 -6.68 38.39 -10.77
N HIS A 190 -6.12 38.39 -9.58
CA HIS A 190 -5.40 39.56 -9.08
C HIS A 190 -4.03 39.17 -8.55
N ALA A 191 -3.03 40.00 -8.84
CA ALA A 191 -1.68 39.80 -8.33
C ALA A 191 -1.66 39.83 -6.81
N TYR A 192 -0.65 39.19 -6.21
CA TYR A 192 -0.57 39.28 -4.76
C TYR A 192 -0.10 40.68 -4.37
N THR A 193 -0.39 41.04 -3.13
CA THR A 193 -0.04 42.34 -2.57
C THR A 193 0.64 42.12 -1.22
N ASN A 194 1.19 43.19 -0.65
CA ASN A 194 1.98 43.05 0.57
C ASN A 194 1.13 42.73 1.80
N ASP A 195 -0.19 42.71 1.67
CA ASP A 195 -1.08 42.28 2.74
CA ASP A 195 -1.01 42.28 2.80
C ASP A 195 -1.06 40.77 2.92
N GLN A 196 -0.66 40.03 1.89
CA GLN A 196 -0.62 38.58 1.91
C GLN A 196 0.71 38.10 2.52
N VAL A 197 0.96 36.79 2.50
CA VAL A 197 2.09 36.19 3.20
C VAL A 197 2.86 35.24 2.29
N LEU A 198 4.15 35.05 2.62
CA LEU A 198 5.03 34.16 1.86
C LEU A 198 4.78 32.70 2.18
N THR A 199 4.62 32.38 3.46
CA THR A 199 4.27 31.03 3.88
C THR A 199 3.29 31.14 5.04
N ASP A 200 2.41 30.14 5.14
CA ASP A 200 1.20 30.25 5.96
C ASP A 200 1.50 30.84 7.33
N VAL A 201 0.78 31.91 7.68
CA VAL A 201 0.98 32.60 8.96
C VAL A 201 -0.25 33.47 9.22
N TYR A 202 -0.40 33.91 10.48
CA TYR A 202 -1.60 34.60 10.91
C TYR A 202 -2.04 35.70 9.95
N HIS A 203 -3.34 35.77 9.72
CA HIS A 203 -3.98 36.84 8.95
C HIS A 203 -5.43 36.90 9.42
N GLU A 204 -6.02 38.09 9.39
CA GLU A 204 -7.44 38.22 9.74
C GLU A 204 -8.31 37.39 8.79
N ASP A 205 -7.93 37.35 7.52
CA ASP A 205 -8.60 36.55 6.50
C ASP A 205 -7.91 35.20 6.40
N LEU A 206 -8.67 34.12 6.66
CA LEU A 206 -8.09 32.78 6.75
C LEU A 206 -7.54 32.28 5.42
N ARG A 207 -7.98 32.85 4.31
CA ARG A 207 -7.42 32.46 3.02
C ARG A 207 -6.18 33.28 2.67
N ARG A 208 -6.19 34.57 3.01
CA ARG A 208 -4.99 35.37 2.85
C ARG A 208 -3.89 34.94 3.82
N ALA A 209 -4.23 34.13 4.83
CA ALA A 209 -3.22 33.55 5.70
C ALA A 209 -2.39 32.48 5.02
N ARG A 210 -2.71 32.10 3.79
CA ARG A 210 -2.04 31.03 3.07
C ARG A 210 -1.04 31.60 2.06
N SER A 211 0.03 30.84 1.84
CA SER A 211 1.11 31.28 0.95
C SER A 211 0.57 31.82 -0.37
N ALA A 212 0.86 33.11 -0.62
CA ALA A 212 0.44 33.74 -1.87
C ALA A 212 1.16 33.16 -3.07
N THR A 213 2.40 32.68 -2.87
CA THR A 213 3.23 32.22 -3.99
C THR A 213 2.78 30.87 -4.52
N MET A 214 2.09 30.06 -3.73
CA MET A 214 1.83 28.68 -4.09
C MET A 214 0.38 28.37 -4.49
N SER A 215 -0.55 29.29 -4.32
CA SER A 215 -1.96 28.94 -4.45
C SER A 215 -2.77 30.03 -5.12
N MET A 216 -3.89 29.62 -5.69
CA MET A 216 -4.99 30.52 -6.03
C MET A 216 -5.85 30.73 -4.78
N ILE A 217 -6.06 31.99 -4.42
CA ILE A 217 -6.65 32.32 -3.12
C ILE A 217 -7.90 33.17 -3.28
N PRO A 218 -9.09 32.61 -3.08
CA PRO A 218 -10.30 33.44 -3.12
C PRO A 218 -10.28 34.43 -1.96
N THR A 219 -10.66 35.67 -2.25
CA THR A 219 -10.77 36.67 -1.20
C THR A 219 -11.93 37.60 -1.53
N LYS A 220 -12.51 38.17 -0.49
CA LYS A 220 -13.61 39.10 -0.65
C LYS A 220 -13.11 40.37 -1.33
N THR A 221 -13.96 40.95 -2.16
CA THR A 221 -13.72 42.30 -2.67
C THR A 221 -15.05 43.02 -2.73
N GLY A 222 -15.04 44.30 -2.36
CA GLY A 222 -16.19 45.15 -2.48
C GLY A 222 -16.23 45.92 -3.77
N ALA A 223 -15.36 45.59 -4.72
CA ALA A 223 -15.23 46.40 -5.91
C ALA A 223 -16.53 46.45 -6.69
N ALA A 224 -17.25 45.32 -6.76
CA ALA A 224 -18.47 45.27 -7.57
C ALA A 224 -19.56 46.14 -6.96
N ALA A 225 -19.85 45.95 -5.67
CA ALA A 225 -20.83 46.79 -5.01
C ALA A 225 -20.41 48.26 -5.04
N ALA A 226 -19.12 48.53 -4.95
CA ALA A 226 -18.64 49.91 -4.91
C ALA A 226 -18.88 50.65 -6.22
N VAL A 227 -19.03 49.95 -7.33
CA VAL A 227 -19.37 50.63 -8.57
C VAL A 227 -20.69 51.36 -8.42
N GLY A 228 -21.56 50.90 -7.51
CA GLY A 228 -22.80 51.62 -7.24
C GLY A 228 -22.58 52.97 -6.60
N LEU A 229 -21.48 53.13 -5.85
CA LEU A 229 -21.18 54.42 -5.24
C LEU A 229 -20.76 55.46 -6.27
N VAL A 230 -20.07 55.03 -7.34
CA VAL A 230 -19.60 55.98 -8.34
C VAL A 230 -20.62 56.13 -9.47
N LEU A 231 -21.41 55.09 -9.72
CA LEU A 231 -22.49 55.12 -10.70
C LEU A 231 -23.77 54.64 -10.03
N PRO A 232 -24.57 55.54 -9.46
CA PRO A 232 -25.77 55.10 -8.74
C PRO A 232 -26.70 54.26 -9.59
N GLU A 233 -26.64 54.42 -10.93
CA GLU A 233 -27.49 53.63 -11.81
C GLU A 233 -27.28 52.13 -11.61
N LEU A 234 -26.08 51.73 -11.23
CA LEU A 234 -25.72 50.32 -11.12
C LEU A 234 -25.78 49.81 -9.69
N ASN A 235 -26.30 50.61 -8.76
CA ASN A 235 -26.35 50.16 -7.38
C ASN A 235 -27.14 48.86 -7.27
N GLY A 236 -26.55 47.87 -6.61
CA GLY A 236 -27.18 46.59 -6.39
C GLY A 236 -27.10 45.61 -7.54
N LYS A 237 -26.51 46.00 -8.68
CA LYS A 237 -26.55 45.14 -9.85
C LYS A 237 -25.29 44.32 -10.06
N LEU A 238 -24.21 44.61 -9.35
CA LEU A 238 -22.95 43.91 -9.53
C LEU A 238 -22.46 43.33 -8.22
N ASP A 239 -22.01 42.08 -8.28
CA ASP A 239 -21.36 41.43 -7.14
C ASP A 239 -20.21 40.61 -7.69
N GLY A 240 -19.31 40.19 -6.81
CA GLY A 240 -18.17 39.41 -7.26
C GLY A 240 -17.22 39.10 -6.13
N PHE A 241 -16.15 38.42 -6.49
CA PHE A 241 -15.05 38.15 -5.57
C PHE A 241 -13.76 38.09 -6.38
N ALA A 242 -12.64 37.98 -5.66
CA ALA A 242 -11.31 37.99 -6.26
C ALA A 242 -10.61 36.66 -6.03
N ILE A 243 -9.68 36.34 -6.92
CA ILE A 243 -8.78 35.21 -6.76
C ILE A 243 -7.35 35.73 -6.88
N ARG A 244 -6.63 35.74 -5.77
CA ARG A 244 -5.22 36.12 -5.77
C ARG A 244 -4.39 34.96 -6.30
N VAL A 245 -3.48 35.26 -7.22
CA VAL A 245 -2.66 34.24 -7.85
C VAL A 245 -1.20 34.66 -7.70
N PRO A 246 -0.27 33.72 -7.91
CA PRO A 246 1.15 34.06 -7.71
C PRO A 246 1.75 34.89 -8.83
N THR A 247 1.35 36.15 -8.95
CA THR A 247 2.00 37.10 -9.83
C THR A 247 2.31 38.36 -9.02
N ILE A 248 3.42 39.00 -9.37
CA ILE A 248 3.87 40.14 -8.55
C ILE A 248 3.09 41.40 -8.87
N ASN A 249 2.52 41.51 -10.08
CA ASN A 249 1.81 42.71 -10.46
C ASN A 249 0.97 42.45 -11.70
N VAL A 250 -0.07 43.27 -11.87
CA VAL A 250 -1.02 43.25 -12.97
C VAL A 250 -2.14 42.26 -12.68
N SER A 251 -3.38 42.70 -12.93
CA SER A 251 -4.57 41.94 -12.58
C SER A 251 -5.55 41.97 -13.75
N LEU A 252 -6.58 41.15 -13.64
CA LEU A 252 -7.57 40.98 -14.70
C LEU A 252 -8.96 41.01 -14.11
N VAL A 253 -9.83 41.85 -14.67
CA VAL A 253 -11.25 41.86 -14.34
C VAL A 253 -11.99 41.02 -15.36
N ASP A 254 -12.87 40.14 -14.89
CA ASP A 254 -13.65 39.24 -15.73
C ASP A 254 -15.12 39.44 -15.35
N LEU A 255 -15.85 40.21 -16.16
CA LEU A 255 -17.22 40.58 -15.86
C LEU A 255 -18.17 39.81 -16.76
N SER A 256 -19.06 39.05 -16.15
CA SER A 256 -20.15 38.37 -16.83
C SER A 256 -21.45 39.06 -16.46
N PHE A 257 -22.22 39.52 -17.45
CA PHE A 257 -23.47 40.21 -17.15
C PHE A 257 -24.54 39.86 -18.16
N VAL A 258 -25.79 39.99 -17.71
CA VAL A 258 -26.95 39.83 -18.57
C VAL A 258 -27.34 41.21 -19.09
N ALA A 259 -27.26 41.39 -20.40
CA ALA A 259 -27.66 42.64 -21.01
C ALA A 259 -29.18 42.70 -21.15
N LYS A 260 -29.70 43.93 -21.30
CA LYS A 260 -31.13 44.11 -21.42
C LYS A 260 -31.66 43.62 -22.77
N ARG A 261 -30.80 43.56 -23.78
CA ARG A 261 -31.17 43.07 -25.10
C ARG A 261 -30.07 42.17 -25.65
N ASP A 262 -30.43 41.40 -26.69
CA ASP A 262 -29.45 40.56 -27.36
C ASP A 262 -28.38 41.39 -28.05
N THR A 263 -27.17 40.84 -28.11
CA THR A 263 -26.04 41.55 -28.72
C THR A 263 -25.10 40.51 -29.34
N THR A 264 -23.96 40.98 -29.84
CA THR A 264 -22.97 40.11 -30.45
C THR A 264 -21.58 40.47 -29.91
N VAL A 265 -20.62 39.57 -30.15
CA VAL A 265 -19.25 39.86 -29.75
C VAL A 265 -18.75 41.14 -30.41
N GLU A 266 -19.06 41.31 -31.70
CA GLU A 266 -18.54 42.47 -32.44
C GLU A 266 -19.15 43.77 -31.92
N GLU A 267 -20.44 43.76 -31.57
CA GLU A 267 -21.06 45.00 -31.09
C GLU A 267 -20.48 45.40 -29.73
N VAL A 268 -20.33 44.44 -28.82
CA VAL A 268 -19.74 44.74 -27.51
C VAL A 268 -18.37 45.39 -27.69
N ASN A 269 -17.53 44.79 -28.55
CA ASN A 269 -16.20 45.34 -28.75
C ASN A 269 -16.27 46.74 -29.36
N SER A 270 -17.23 46.98 -30.25
CA SER A 270 -17.37 48.29 -30.88
C SER A 270 -17.75 49.37 -29.86
N ILE A 271 -18.61 49.05 -28.89
CA ILE A 271 -19.00 50.03 -27.89
C ILE A 271 -17.79 50.48 -27.10
N LEU A 272 -16.96 49.52 -26.68
CA LEU A 272 -15.78 49.83 -25.88
C LEU A 272 -14.70 50.51 -26.72
N GLN A 273 -14.59 50.16 -28.00
CA GLN A 273 -13.63 50.84 -28.86
C GLN A 273 -13.98 52.32 -28.99
N ALA A 274 -15.27 52.63 -29.20
CA ALA A 274 -15.69 54.02 -29.28
C ALA A 274 -15.44 54.74 -27.96
N ALA A 275 -15.74 54.08 -26.84
CA ALA A 275 -15.51 54.69 -25.54
C ALA A 275 -14.03 54.96 -25.31
N ALA A 276 -13.16 54.03 -25.71
CA ALA A 276 -11.73 54.22 -25.52
C ALA A 276 -11.20 55.39 -26.33
N GLU A 277 -11.77 55.63 -27.50
CA GLU A 277 -11.35 56.75 -28.34
C GLU A 277 -11.99 58.07 -27.95
N GLY A 278 -13.09 58.04 -27.19
CA GLY A 278 -13.81 59.25 -26.87
C GLY A 278 -13.85 59.63 -25.41
N GLU A 279 -14.99 59.38 -24.76
CA GLU A 279 -15.21 59.94 -23.42
C GLU A 279 -14.16 59.45 -22.44
N LEU A 280 -13.78 58.17 -22.52
CA LEU A 280 -12.90 57.56 -21.55
C LEU A 280 -11.48 57.39 -22.06
N LYS A 281 -11.04 58.25 -22.98
CA LYS A 281 -9.69 58.11 -23.53
C LYS A 281 -8.65 58.28 -22.43
N ASP A 282 -7.64 57.40 -22.46
CA ASP A 282 -6.53 57.36 -21.51
C ASP A 282 -6.94 56.76 -20.16
N ILE A 283 -8.23 56.57 -19.95
CA ILE A 283 -8.70 55.79 -18.81
C ILE A 283 -8.93 54.35 -19.21
N LEU A 284 -9.57 54.17 -20.37
CA LEU A 284 -9.89 52.87 -20.95
C LEU A 284 -9.14 52.74 -22.26
N THR A 285 -8.52 51.58 -22.48
CA THR A 285 -7.83 51.29 -23.73
C THR A 285 -8.44 50.06 -24.39
N TYR A 286 -8.14 49.89 -25.67
CA TYR A 286 -8.67 48.81 -26.50
C TYR A 286 -7.50 48.04 -27.09
N ASN A 287 -7.44 46.73 -26.81
CA ASN A 287 -6.34 45.88 -27.26
C ASN A 287 -6.84 44.76 -28.16
N THR A 288 -6.10 44.51 -29.24
CA THR A 288 -6.41 43.43 -30.17
C THR A 288 -5.25 42.45 -30.34
N GLU A 289 -4.12 42.67 -29.62
CA GLU A 289 -2.92 41.85 -29.77
C GLU A 289 -2.96 40.65 -28.83
N PRO A 290 -2.27 39.56 -29.20
CA PRO A 290 -2.26 38.35 -28.33
C PRO A 290 -1.24 38.47 -27.19
N LEU A 291 -1.65 39.15 -26.13
CA LEU A 291 -0.77 39.53 -25.03
C LEU A 291 -1.12 38.75 -23.76
N VAL A 292 -0.19 38.81 -22.82
CA VAL A 292 -0.34 38.21 -21.50
C VAL A 292 -0.22 39.32 -20.48
N SER A 293 -0.37 38.97 -19.19
CA SER A 293 -0.51 39.99 -18.16
C SER A 293 0.69 40.91 -18.08
N ILE A 294 1.91 40.38 -18.14
CA ILE A 294 3.09 41.23 -17.95
C ILE A 294 3.19 42.31 -19.00
N ASP A 295 2.56 42.12 -20.16
CA ASP A 295 2.64 43.11 -21.23
C ASP A 295 1.92 44.40 -20.87
N PHE A 296 1.08 44.38 -19.85
CA PHE A 296 0.40 45.58 -19.37
C PHE A 296 1.09 46.16 -18.14
N ASN A 297 2.20 45.56 -17.72
CA ASN A 297 2.97 46.15 -16.65
C ASN A 297 3.47 47.54 -17.05
N HIS A 298 3.30 48.50 -16.15
CA HIS A 298 3.62 49.90 -16.36
C HIS A 298 2.70 50.59 -17.36
N ASN A 299 1.52 50.02 -17.60
CA ASN A 299 0.50 50.70 -18.41
C ASN A 299 -0.32 51.63 -17.51
N PRO A 300 -0.35 52.94 -17.79
CA PRO A 300 -1.03 53.87 -16.87
C PRO A 300 -2.55 53.86 -16.92
N ALA A 301 -3.16 53.12 -17.85
CA ALA A 301 -4.62 53.16 -17.96
C ALA A 301 -5.27 52.47 -16.75
N SER A 302 -6.51 52.86 -16.48
CA SER A 302 -7.28 52.24 -15.41
C SER A 302 -7.85 50.90 -15.84
N SER A 303 -8.14 50.76 -17.13
CA SER A 303 -8.84 49.60 -17.67
C SER A 303 -8.33 49.36 -19.08
N ASN A 304 -7.69 48.21 -19.30
CA ASN A 304 -7.16 47.85 -20.61
C ASN A 304 -8.02 46.72 -21.14
N PHE A 305 -9.11 47.08 -21.83
CA PHE A 305 -10.04 46.10 -22.35
C PHE A 305 -9.38 45.23 -23.41
N ASP A 306 -9.55 43.91 -23.28
CA ASP A 306 -8.96 42.93 -24.20
C ASP A 306 -10.09 42.39 -25.08
N ALA A 307 -10.19 42.92 -26.30
CA ALA A 307 -11.25 42.50 -27.21
C ALA A 307 -11.11 41.04 -27.60
N THR A 308 -9.90 40.48 -27.53
CA THR A 308 -9.68 39.10 -27.97
C THR A 308 -10.40 38.08 -27.08
N LEU A 309 -10.76 38.46 -25.86
CA LEU A 309 -11.34 37.53 -24.92
C LEU A 309 -12.86 37.59 -24.87
N THR A 310 -13.46 38.55 -25.56
CA THR A 310 -14.90 38.77 -25.43
C THR A 310 -15.69 37.54 -25.86
N LYS A 311 -16.69 37.17 -25.05
CA LYS A 311 -17.62 36.11 -25.39
C LYS A 311 -19.03 36.64 -25.21
N VAL A 312 -19.93 36.27 -26.13
CA VAL A 312 -21.34 36.66 -26.05
C VAL A 312 -22.20 35.46 -26.40
N SER A 313 -23.21 35.20 -25.57
CA SER A 313 -24.22 34.18 -25.86
C SER A 313 -25.58 34.82 -25.60
N GLY A 314 -26.20 35.36 -26.65
CA GLY A 314 -27.50 36.00 -26.50
C GLY A 314 -27.43 37.27 -25.69
N LYS A 315 -27.99 37.22 -24.48
CA LYS A 315 -27.88 38.34 -23.55
C LYS A 315 -26.71 38.23 -22.60
N LEU A 316 -26.12 37.04 -22.45
CA LEU A 316 -24.99 36.87 -21.53
C LEU A 316 -23.70 37.31 -22.21
N VAL A 317 -22.98 38.23 -21.57
CA VAL A 317 -21.77 38.80 -22.12
C VAL A 317 -20.66 38.68 -21.09
N LYS A 318 -19.50 38.22 -21.52
CA LYS A 318 -18.30 38.17 -20.69
C LYS A 318 -17.23 39.04 -21.33
N VAL A 319 -16.82 40.09 -20.62
CA VAL A 319 -15.77 41.00 -21.06
C VAL A 319 -14.64 40.96 -20.05
N SER A 320 -13.43 41.22 -20.51
CA SER A 320 -12.24 41.14 -19.66
C SER A 320 -11.35 42.35 -19.90
N SER A 321 -10.79 42.88 -18.80
CA SER A 321 -9.91 44.04 -18.88
C SER A 321 -8.70 43.85 -17.97
N TRP A 322 -7.52 44.13 -18.52
CA TRP A 322 -6.29 44.10 -17.74
C TRP A 322 -6.06 45.43 -17.05
N TYR A 323 -5.45 45.40 -15.86
CA TYR A 323 -5.05 46.64 -15.22
C TYR A 323 -3.79 46.42 -14.39
N ASP A 324 -2.82 47.31 -14.54
CA ASP A 324 -1.69 47.38 -13.62
C ASP A 324 -2.19 47.99 -12.31
N ASN A 325 -2.43 47.14 -11.31
CA ASN A 325 -3.06 47.57 -10.07
C ASN A 325 -2.23 48.59 -9.29
N GLU A 326 -0.92 48.66 -9.56
CA GLU A 326 -0.10 49.69 -8.93
C GLU A 326 -0.02 50.94 -9.80
N TRP A 327 0.28 50.77 -11.09
CA TRP A 327 0.65 51.91 -11.94
C TRP A 327 -0.59 52.69 -12.38
N GLY A 328 -1.63 52.01 -12.84
CA GLY A 328 -2.83 52.72 -13.24
C GLY A 328 -3.44 53.50 -12.10
N PHE A 329 -3.62 52.84 -10.95
CA PHE A 329 -4.19 53.50 -9.78
C PHE A 329 -3.34 54.68 -9.33
N SER A 330 -2.01 54.52 -9.33
CA SER A 330 -1.14 55.60 -8.86
C SER A 330 -1.28 56.83 -9.75
N ASN A 331 -1.35 56.63 -11.06
CA ASN A 331 -1.55 57.76 -11.96
C ASN A 331 -2.90 58.41 -11.72
N ARG A 332 -3.93 57.61 -11.44
CA ARG A 332 -5.24 58.17 -11.15
C ARG A 332 -5.24 59.00 -9.87
N MET A 333 -4.40 58.62 -8.90
CA MET A 333 -4.31 59.42 -7.68
C MET A 333 -3.89 60.86 -8.00
N LEU A 334 -2.97 61.03 -8.95
CA LEU A 334 -2.58 62.38 -9.35
C LEU A 334 -3.74 63.09 -10.04
N ASP A 335 -4.50 62.39 -10.89
CA ASP A 335 -5.64 63.02 -11.54
C ASP A 335 -6.65 63.51 -10.51
N THR A 336 -6.98 62.64 -9.55
CA THR A 336 -7.98 62.99 -8.56
C THR A 336 -7.50 64.12 -7.67
N THR A 337 -6.20 64.20 -7.42
CA THR A 337 -5.66 65.30 -6.63
C THR A 337 -5.97 66.64 -7.26
N VAL A 338 -5.76 66.76 -8.57
CA VAL A 338 -6.01 68.02 -9.26
C VAL A 338 -7.50 68.32 -9.30
N ALA A 339 -8.33 67.31 -9.54
CA ALA A 339 -9.77 67.52 -9.58
C ALA A 339 -10.28 67.98 -8.22
N LEU A 340 -9.75 67.41 -7.14
CA LEU A 340 -10.22 67.78 -5.81
C LEU A 340 -9.91 69.24 -5.51
N MET A 341 -8.71 69.69 -5.86
CA MET A 341 -8.33 71.08 -5.61
C MET A 341 -8.97 72.06 -6.58
N SER A 342 -9.45 71.59 -7.74
CA SER A 342 -10.15 72.45 -8.67
C SER A 342 -11.64 72.55 -8.38
N ALA A 343 -12.19 71.66 -7.54
CA ALA A 343 -13.62 71.61 -7.32
C ALA A 343 -14.11 72.88 -6.65
N LYS A 344 -15.30 73.33 -7.05
CA LYS A 344 -15.88 74.55 -6.52
C LYS A 344 -16.92 74.25 -5.44
N MET B 9 34.90 46.45 -43.23
CA MET B 9 34.05 45.53 -44.05
C MET B 9 32.97 44.92 -43.16
N THR B 10 31.72 45.26 -43.45
CA THR B 10 30.59 44.73 -42.68
C THR B 10 30.55 43.21 -42.74
N ILE B 11 30.35 42.59 -41.58
CA ILE B 11 30.22 41.14 -41.46
C ILE B 11 28.76 40.75 -41.64
N ARG B 12 28.50 39.81 -42.52
CA ARG B 12 27.15 39.28 -42.75
C ARG B 12 26.94 38.09 -41.82
N VAL B 13 25.93 38.19 -40.96
CA VAL B 13 25.69 37.25 -39.87
C VAL B 13 24.29 36.67 -40.00
N VAL B 14 24.14 35.42 -39.57
CA VAL B 14 22.83 34.80 -39.45
C VAL B 14 22.75 34.14 -38.07
N ILE B 15 21.53 34.01 -37.56
CA ILE B 15 21.27 33.41 -36.25
C ILE B 15 20.50 32.12 -36.49
N ASN B 16 21.09 31.00 -36.09
CA ASN B 16 20.43 29.69 -36.20
C ASN B 16 19.96 29.31 -34.79
N GLY B 17 18.67 29.38 -34.57
CA GLY B 17 18.08 29.22 -33.25
C GLY B 17 17.77 30.59 -32.69
N TYR B 18 16.54 31.04 -32.89
CA TYR B 18 16.11 32.39 -32.51
C TYR B 18 15.40 32.34 -31.16
N GLY B 19 16.10 31.80 -30.17
CA GLY B 19 15.58 31.59 -28.82
C GLY B 19 16.05 32.64 -27.84
N ARG B 20 16.24 32.23 -26.60
CA ARG B 20 16.69 33.18 -25.59
C ARG B 20 17.98 33.87 -26.02
N ILE B 21 18.98 33.09 -26.43
CA ILE B 21 20.23 33.71 -26.85
C ILE B 21 20.10 34.34 -28.22
N GLY B 22 19.51 33.61 -29.17
CA GLY B 22 19.45 34.11 -30.53
C GLY B 22 18.74 35.45 -30.63
N ARG B 23 17.57 35.56 -29.98
CA ARG B 23 16.81 36.80 -30.01
C ARG B 23 17.54 37.93 -29.30
N ASN B 24 18.16 37.64 -28.16
CA ASN B 24 18.84 38.70 -27.45
C ASN B 24 20.12 39.13 -28.12
N ILE B 25 20.71 38.28 -28.97
CA ILE B 25 21.82 38.75 -29.81
C ILE B 25 21.32 39.83 -30.76
N LEU B 26 20.20 39.57 -31.44
CA LEU B 26 19.62 40.58 -32.33
C LEU B 26 19.19 41.82 -31.56
N ARG B 27 18.50 41.62 -30.43
CA ARG B 27 18.10 42.76 -29.61
C ARG B 27 19.31 43.60 -29.22
N ALA B 28 20.34 42.97 -28.69
CA ALA B 28 21.50 43.72 -28.22
C ALA B 28 22.12 44.50 -29.38
N HIS B 29 22.14 43.90 -30.56
CA HIS B 29 22.72 44.57 -31.73
C HIS B 29 21.97 45.87 -32.03
N TYR B 30 20.63 45.83 -32.01
CA TYR B 30 19.86 47.02 -32.35
C TYR B 30 19.75 48.02 -31.21
N GLU B 31 19.71 47.55 -29.96
CA GLU B 31 19.55 48.49 -28.86
C GLU B 31 20.80 49.36 -28.68
N ASN B 32 21.99 48.83 -28.96
CA ASN B 32 23.22 49.59 -28.86
C ASN B 32 23.57 50.34 -30.16
N GLY B 33 22.61 50.47 -31.08
CA GLY B 33 22.80 51.26 -32.29
C GLY B 33 23.58 50.60 -33.40
N LYS B 34 23.59 49.27 -33.44
CA LYS B 34 24.44 48.52 -34.36
C LYS B 34 25.89 49.04 -34.33
N LYS B 35 26.43 49.15 -33.12
CA LYS B 35 27.82 49.60 -32.96
C LYS B 35 28.79 48.66 -33.67
N HIS B 36 28.56 47.35 -33.56
CA HIS B 36 29.38 46.40 -34.28
C HIS B 36 29.11 46.49 -35.78
N ASP B 37 30.18 46.35 -36.58
CA ASP B 37 30.07 46.38 -38.03
C ASP B 37 29.52 45.02 -38.49
N ILE B 38 28.25 44.81 -38.18
CA ILE B 38 27.55 43.55 -38.40
C ILE B 38 26.18 43.86 -38.98
N GLU B 39 25.75 43.02 -39.92
CA GLU B 39 24.37 43.04 -40.41
C GLU B 39 23.81 41.64 -40.24
N ILE B 40 22.71 41.53 -39.50
CA ILE B 40 22.01 40.26 -39.34
C ILE B 40 21.13 40.09 -40.57
N VAL B 41 21.50 39.15 -41.43
CA VAL B 41 20.84 38.96 -42.72
C VAL B 41 19.69 37.97 -42.64
N ALA B 42 19.74 37.02 -41.71
CA ALA B 42 18.72 35.98 -41.66
C ALA B 42 18.72 35.34 -40.29
N ILE B 43 17.58 34.72 -39.97
CA ILE B 43 17.41 33.92 -38.76
C ILE B 43 16.71 32.63 -39.16
N ASN B 44 16.90 31.60 -38.35
CA ASN B 44 16.27 30.30 -38.62
C ASN B 44 15.74 29.73 -37.31
N ASP B 45 14.50 29.25 -37.34
CA ASP B 45 13.88 28.67 -36.15
C ASP B 45 12.78 27.72 -36.62
N LEU B 46 11.89 27.34 -35.73
CA LEU B 46 10.81 26.43 -36.08
C LEU B 46 9.54 27.16 -36.51
N GLY B 47 9.42 28.46 -36.25
CA GLY B 47 8.18 29.17 -36.42
C GLY B 47 8.11 29.98 -37.71
N ASP B 48 6.95 30.56 -37.94
CA ASP B 48 6.74 31.42 -39.09
C ASP B 48 7.18 32.84 -38.75
N PRO B 49 7.27 33.72 -39.75
CA PRO B 49 7.77 35.07 -39.47
C PRO B 49 6.94 35.80 -38.42
N LYS B 50 5.62 35.57 -38.40
CA LYS B 50 4.79 36.24 -37.41
C LYS B 50 5.19 35.86 -35.99
N THR B 51 5.49 34.58 -35.76
CA THR B 51 5.88 34.13 -34.43
C THR B 51 7.21 34.74 -33.99
N ASN B 52 8.19 34.76 -34.89
CA ASN B 52 9.49 35.32 -34.53
C ASN B 52 9.41 36.82 -34.31
N ALA B 53 8.55 37.51 -35.08
CA ALA B 53 8.39 38.95 -34.90
C ALA B 53 7.73 39.29 -33.57
N HIS B 54 6.68 38.54 -33.19
CA HIS B 54 6.00 38.81 -31.94
C HIS B 54 6.92 38.58 -30.74
N LEU B 55 7.69 37.48 -30.76
CA LEU B 55 8.58 37.22 -29.63
C LEU B 55 9.68 38.25 -29.55
N THR B 56 10.07 38.85 -30.69
CA THR B 56 11.03 39.94 -30.67
C THR B 56 10.43 41.18 -30.04
N ARG B 57 9.14 41.44 -30.31
CA ARG B 57 8.54 42.68 -29.83
CA ARG B 57 8.52 42.68 -29.83
C ARG B 57 8.27 42.64 -28.33
N PHE B 58 7.85 41.49 -27.82
CA PHE B 58 7.46 41.34 -26.42
C PHE B 58 8.28 40.26 -25.75
N ASP B 59 8.89 40.59 -24.62
CA ASP B 59 9.62 39.61 -23.84
C ASP B 59 9.28 39.81 -22.37
N THR B 60 9.13 38.69 -21.66
CA THR B 60 8.87 38.75 -20.23
C THR B 60 10.08 39.30 -19.48
N ALA B 61 11.25 38.69 -19.67
CA ALA B 61 12.42 39.03 -18.87
C ALA B 61 12.95 40.42 -19.20
N HIS B 62 12.91 40.82 -20.47
CA HIS B 62 13.57 42.04 -20.92
C HIS B 62 12.59 43.11 -21.42
N GLY B 63 11.28 42.90 -21.27
CA GLY B 63 10.30 43.92 -21.62
C GLY B 63 10.13 44.08 -23.13
N LYS B 64 9.54 45.21 -23.52
CA LYS B 64 9.26 45.45 -24.93
C LYS B 64 10.49 45.95 -25.67
N PHE B 65 10.64 45.48 -26.90
CA PHE B 65 11.75 45.91 -27.75
C PHE B 65 11.58 47.39 -28.08
N PRO B 66 12.61 48.21 -27.89
CA PRO B 66 12.45 49.66 -28.17
C PRO B 66 12.12 49.96 -29.62
N GLY B 67 12.60 49.16 -30.56
CA GLY B 67 12.46 49.45 -31.96
C GLY B 67 11.16 48.96 -32.56
N THR B 68 11.10 49.00 -33.88
CA THR B 68 9.93 48.57 -34.65
C THR B 68 10.24 47.23 -35.30
N VAL B 69 9.25 46.35 -35.31
CA VAL B 69 9.31 45.07 -35.99
C VAL B 69 8.04 44.89 -36.80
N THR B 70 8.19 44.57 -38.09
CA THR B 70 7.08 44.27 -38.97
C THR B 70 7.38 42.99 -39.73
N VAL B 71 6.36 42.45 -40.38
CA VAL B 71 6.47 41.25 -41.20
C VAL B 71 6.16 41.61 -42.64
N ASP B 72 6.99 41.08 -43.55
CA ASP B 72 6.78 41.24 -44.99
C ASP B 72 7.11 39.91 -45.65
N GLY B 73 6.09 39.10 -45.93
CA GLY B 73 6.34 37.83 -46.57
C GLY B 73 7.22 36.94 -45.72
N ASP B 74 8.30 36.43 -46.32
CA ASP B 74 9.26 35.59 -45.62
C ASP B 74 10.29 36.40 -44.84
N TYR B 75 10.05 37.69 -44.61
CA TYR B 75 11.02 38.57 -43.96
C TYR B 75 10.44 39.22 -42.71
N MET B 76 11.28 39.38 -41.72
CA MET B 76 11.02 40.19 -40.53
C MET B 76 11.86 41.45 -40.64
N VAL B 77 11.23 42.61 -40.52
CA VAL B 77 11.90 43.89 -40.71
C VAL B 77 12.10 44.56 -39.36
N VAL B 78 13.36 44.72 -38.97
CA VAL B 78 13.72 45.29 -37.67
C VAL B 78 14.40 46.63 -37.91
N ASN B 79 13.74 47.71 -37.49
CA ASN B 79 14.25 49.07 -37.67
C ASN B 79 14.63 49.32 -39.13
N GLY B 80 13.80 48.85 -40.05
CA GLY B 80 14.00 49.09 -41.47
C GLY B 80 14.95 48.12 -42.15
N ASP B 81 15.56 47.20 -41.42
CA ASP B 81 16.46 46.21 -42.00
C ASP B 81 15.66 44.94 -42.25
N LYS B 82 15.69 44.47 -43.50
CA LYS B 82 14.99 43.25 -43.89
C LYS B 82 15.83 42.04 -43.55
N ILE B 83 15.27 41.14 -42.75
CA ILE B 83 15.95 39.94 -42.29
C ILE B 83 15.15 38.73 -42.73
N ARG B 84 15.79 37.83 -43.47
CA ARG B 84 15.12 36.65 -43.97
CA ARG B 84 15.12 36.65 -43.97
C ARG B 84 14.80 35.70 -42.81
N VAL B 85 13.61 35.12 -42.86
CA VAL B 85 13.17 34.12 -41.87
C VAL B 85 13.17 32.76 -42.54
N LEU B 86 13.84 31.80 -41.89
CA LEU B 86 13.92 30.43 -42.38
C LEU B 86 13.41 29.50 -41.30
N ALA B 87 12.86 28.36 -41.71
CA ALA B 87 12.46 27.31 -40.78
C ALA B 87 12.86 25.97 -41.38
N ASN B 88 14.10 25.56 -41.13
CA ASN B 88 14.63 24.30 -41.63
C ASN B 88 15.55 23.71 -40.57
N ARG B 89 15.17 22.54 -40.08
CA ARG B 89 15.88 21.92 -38.96
C ARG B 89 17.27 21.42 -39.32
N ASN B 90 17.58 21.28 -40.62
CA ASN B 90 18.85 20.73 -41.04
C ASN B 90 19.77 21.86 -41.48
N PRO B 91 20.85 22.14 -40.75
CA PRO B 91 21.72 23.27 -41.13
C PRO B 91 22.31 23.15 -42.52
N ALA B 92 22.61 21.94 -42.99
CA ALA B 92 23.24 21.79 -44.29
C ALA B 92 22.32 22.22 -45.43
N GLU B 93 21.01 22.29 -45.17
CA GLU B 93 20.06 22.70 -46.18
C GLU B 93 19.83 24.21 -46.20
N LEU B 94 20.39 24.95 -45.25
CA LEU B 94 20.16 26.39 -45.21
C LEU B 94 20.98 27.11 -46.29
N PRO B 95 20.43 28.19 -46.89
CA PRO B 95 21.05 28.81 -48.07
C PRO B 95 22.13 29.83 -47.74
N TRP B 96 23.10 29.43 -46.93
CA TRP B 96 24.09 30.40 -46.44
C TRP B 96 24.99 30.90 -47.57
N GLY B 97 25.42 30.01 -48.46
CA GLY B 97 26.25 30.44 -49.57
C GLY B 97 25.53 31.43 -50.46
N GLU B 98 24.25 31.19 -50.73
CA GLU B 98 23.46 32.09 -51.56
C GLU B 98 23.27 33.45 -50.88
N LEU B 99 23.17 33.48 -49.55
CA LEU B 99 23.08 34.73 -48.82
C LEU B 99 24.44 35.34 -48.50
N GLY B 100 25.54 34.67 -48.84
CA GLY B 100 26.85 35.25 -48.57
C GLY B 100 27.17 35.42 -47.10
N VAL B 101 26.84 34.42 -46.29
CA VAL B 101 26.97 34.52 -44.84
C VAL B 101 28.45 34.40 -44.47
N ASP B 102 28.93 35.38 -43.69
CA ASP B 102 30.27 35.30 -43.13
C ASP B 102 30.32 34.43 -41.88
N VAL B 103 29.39 34.65 -40.94
CA VAL B 103 29.41 33.96 -39.66
C VAL B 103 27.99 33.51 -39.29
N VAL B 104 27.87 32.24 -38.91
CA VAL B 104 26.63 31.68 -38.40
C VAL B 104 26.75 31.63 -36.88
N LEU B 105 25.79 32.25 -36.18
CA LEU B 105 25.71 32.15 -34.73
C LEU B 105 24.78 30.99 -34.38
N GLU B 106 25.37 29.90 -33.90
CA GLU B 106 24.65 28.65 -33.68
C GLU B 106 24.11 28.63 -32.25
N CYS B 107 22.80 28.83 -32.10
CA CYS B 107 22.16 29.02 -30.81
C CYS B 107 20.96 28.09 -30.61
N THR B 108 20.92 26.95 -31.30
CA THR B 108 19.82 26.02 -31.09
C THR B 108 20.03 25.11 -29.89
N GLY B 109 21.27 24.90 -29.49
CA GLY B 109 21.59 23.91 -28.49
C GLY B 109 21.72 22.49 -29.01
N PHE B 110 21.60 22.27 -30.32
CA PHE B 110 21.62 20.94 -30.91
C PHE B 110 22.86 20.65 -31.74
N PHE B 111 23.65 21.66 -32.08
CA PHE B 111 24.86 21.47 -32.90
C PHE B 111 26.04 22.14 -32.18
N THR B 112 26.56 21.47 -31.16
CA THR B 112 27.59 22.03 -30.30
C THR B 112 28.97 21.43 -30.54
N SER B 113 29.09 20.51 -31.49
CA SER B 113 30.38 19.98 -31.90
C SER B 113 30.78 20.57 -33.24
N LYS B 114 32.08 20.47 -33.54
CA LYS B 114 32.56 20.92 -34.85
C LYS B 114 31.99 20.07 -35.97
N GLU B 115 31.80 18.77 -35.73
CA GLU B 115 31.25 17.90 -36.77
C GLU B 115 29.80 18.29 -37.09
N LYS B 116 28.98 18.50 -36.05
CA LYS B 116 27.58 18.85 -36.28
C LYS B 116 27.43 20.28 -36.77
N ALA B 117 28.11 21.23 -36.12
CA ALA B 117 28.06 22.63 -36.52
C ALA B 117 28.70 22.86 -37.88
N GLY B 118 29.60 21.98 -38.31
CA GLY B 118 30.20 22.09 -39.62
C GLY B 118 29.21 21.96 -40.76
N ALA B 119 28.01 21.47 -40.47
CA ALA B 119 26.97 21.42 -41.49
C ALA B 119 26.69 22.80 -42.07
N HIS B 120 26.85 23.85 -41.28
CA HIS B 120 26.68 25.20 -41.80
C HIS B 120 27.68 25.51 -42.89
N LEU B 121 28.91 25.04 -42.74
CA LEU B 121 29.95 25.29 -43.73
C LEU B 121 29.59 24.66 -45.08
N LYS B 122 29.03 23.45 -45.06
CA LYS B 122 28.57 22.83 -46.29
C LYS B 122 27.45 23.62 -46.95
N GLY B 123 26.60 24.26 -46.13
CA GLY B 123 25.57 25.13 -46.66
C GLY B 123 26.07 26.41 -47.27
N GLY B 124 27.36 26.73 -47.10
CA GLY B 124 27.97 27.89 -47.72
C GLY B 124 28.43 28.98 -46.80
N ALA B 125 28.33 28.80 -45.48
CA ALA B 125 28.83 29.79 -44.53
C ALA B 125 30.33 29.66 -44.35
N LYS B 126 31.01 30.81 -44.16
CA LYS B 126 32.46 30.78 -43.97
C LYS B 126 32.86 30.29 -42.58
N LYS B 127 32.13 30.72 -41.54
CA LYS B 127 32.52 30.45 -40.16
C LYS B 127 31.29 30.24 -39.31
N VAL B 128 31.50 29.62 -38.15
CA VAL B 128 30.44 29.30 -37.21
C VAL B 128 30.93 29.59 -35.80
N ILE B 129 30.10 30.27 -35.01
CA ILE B 129 30.32 30.46 -33.59
C ILE B 129 29.19 29.77 -32.85
N ILE B 130 29.52 28.75 -32.07
CA ILE B 130 28.55 28.06 -31.24
C ILE B 130 28.37 28.87 -29.96
N SER B 131 27.11 29.09 -29.58
CA SER B 131 26.76 29.91 -28.41
C SER B 131 26.78 29.11 -27.12
N ALA B 132 27.60 28.06 -27.05
CA ALA B 132 27.64 27.18 -25.90
C ALA B 132 29.00 26.51 -25.87
N PRO B 133 29.34 25.81 -24.80
CA PRO B 133 30.56 25.00 -24.83
C PRO B 133 30.52 24.07 -26.03
N GLY B 134 31.63 24.01 -26.74
CA GLY B 134 31.72 23.14 -27.88
C GLY B 134 32.27 21.79 -27.50
N GLY B 135 32.24 20.87 -28.45
CA GLY B 135 32.91 19.61 -28.25
C GLY B 135 34.42 19.82 -28.24
N LYS B 136 35.13 18.75 -27.88
CA LYS B 136 36.60 18.84 -27.86
C LYS B 136 37.17 19.14 -29.24
N ASP B 137 36.39 18.92 -30.31
CA ASP B 137 36.89 19.11 -31.68
C ASP B 137 36.83 20.56 -32.17
N VAL B 138 36.29 21.50 -31.40
CA VAL B 138 36.16 22.87 -31.90
C VAL B 138 37.53 23.52 -32.01
N ASP B 139 37.62 24.51 -32.92
CA ASP B 139 38.90 25.15 -33.21
C ASP B 139 39.38 26.01 -32.05
N ALA B 140 38.47 26.60 -31.29
CA ALA B 140 38.84 27.43 -30.16
C ALA B 140 37.64 27.57 -29.23
N THR B 141 37.92 27.93 -27.98
CA THR B 141 36.88 28.32 -27.03
C THR B 141 37.29 29.68 -26.49
N ILE B 142 36.41 30.67 -26.63
CA ILE B 142 36.75 32.08 -26.46
C ILE B 142 35.90 32.67 -25.34
N VAL B 143 36.56 33.29 -24.38
CA VAL B 143 35.95 34.26 -23.48
C VAL B 143 36.47 35.62 -23.91
N PHE B 144 35.61 36.42 -24.54
CA PHE B 144 36.05 37.73 -25.02
C PHE B 144 36.50 38.60 -23.85
N GLY B 145 37.59 39.34 -24.06
CA GLY B 145 38.27 40.04 -23.00
C GLY B 145 39.39 39.27 -22.33
N VAL B 146 39.51 37.98 -22.61
CA VAL B 146 40.50 37.13 -21.96
C VAL B 146 41.45 36.50 -22.97
N ASN B 147 40.91 35.85 -24.01
CA ASN B 147 41.77 35.11 -24.93
C ASN B 147 41.34 35.20 -26.39
N GLN B 148 40.69 36.29 -26.82
CA GLN B 148 40.36 36.39 -28.23
C GLN B 148 41.61 36.48 -29.10
N ASN B 149 42.77 36.76 -28.48
CA ASN B 149 44.01 36.86 -29.24
C ASN B 149 44.41 35.54 -29.88
N VAL B 150 43.92 34.42 -29.35
CA VAL B 150 44.26 33.12 -29.91
C VAL B 150 43.57 32.85 -31.24
N LEU B 151 42.59 33.66 -31.61
CA LEU B 151 41.81 33.39 -32.82
C LEU B 151 42.68 33.53 -34.07
N LYS B 152 42.38 32.70 -35.06
CA LYS B 152 43.14 32.66 -36.30
C LYS B 152 42.18 32.68 -37.47
N ALA B 153 42.67 33.18 -38.61
CA ALA B 153 41.85 33.20 -39.82
C ALA B 153 41.51 31.79 -40.30
N GLU B 154 42.35 30.80 -39.97
CA GLU B 154 42.08 29.43 -40.40
C GLU B 154 40.95 28.80 -39.59
N HIS B 155 40.63 29.35 -38.41
CA HIS B 155 39.52 28.84 -37.60
C HIS B 155 38.20 29.02 -38.33
N THR B 156 37.38 27.98 -38.35
CA THR B 156 36.08 28.03 -39.00
C THR B 156 34.92 27.71 -38.07
N VAL B 157 35.14 26.93 -37.00
CA VAL B 157 34.10 26.60 -36.03
C VAL B 157 34.68 26.81 -34.65
N ILE B 158 34.13 27.77 -33.90
CA ILE B 158 34.64 28.08 -32.56
C ILE B 158 33.47 28.06 -31.57
N SER B 159 33.82 28.04 -30.29
CA SER B 159 32.86 28.11 -29.21
C SER B 159 33.04 29.41 -28.45
N ASN B 160 31.93 30.04 -28.06
CA ASN B 160 31.98 31.24 -27.22
C ASN B 160 31.92 30.89 -25.74
N ALA B 161 32.18 29.63 -25.39
CA ALA B 161 32.13 29.17 -24.00
C ALA B 161 30.70 29.26 -23.49
N SER B 162 30.53 29.24 -22.17
CA SER B 162 29.24 29.33 -21.51
C SER B 162 29.11 30.68 -20.82
N CYS B 163 27.87 31.02 -20.47
CA CYS B 163 27.63 32.22 -19.67
C CYS B 163 28.45 32.20 -18.39
N THR B 164 28.47 31.05 -17.70
CA THR B 164 29.21 30.93 -16.46
C THR B 164 30.71 31.14 -16.68
N THR B 165 31.27 30.55 -17.74
CA THR B 165 32.72 30.69 -17.95
C THR B 165 33.08 32.13 -18.28
N ASN B 166 32.22 32.83 -19.01
CA ASN B 166 32.45 34.24 -19.33
C ASN B 166 32.38 35.12 -18.10
N CYS B 167 31.72 34.66 -17.02
CA CYS B 167 31.70 35.40 -15.76
C CYS B 167 32.88 35.02 -14.89
N LEU B 168 33.22 33.74 -14.84
CA LEU B 168 34.25 33.26 -13.92
C LEU B 168 35.63 33.69 -14.37
N ALA B 169 35.91 33.59 -15.67
CA ALA B 169 37.26 33.85 -16.16
C ALA B 169 37.70 35.30 -15.91
N PRO B 170 36.93 36.32 -16.27
CA PRO B 170 37.34 37.69 -15.94
C PRO B 170 37.43 37.96 -14.46
N LEU B 171 36.72 37.19 -13.64
CA LEU B 171 36.83 37.35 -12.20
C LEU B 171 38.14 36.74 -11.68
N VAL B 172 38.51 35.56 -12.18
CA VAL B 172 39.64 34.85 -11.60
C VAL B 172 40.97 35.36 -12.15
N LYS B 173 40.99 35.90 -13.38
CA LYS B 173 42.24 36.31 -13.98
C LYS B 173 43.00 37.35 -13.16
N PRO B 174 42.41 38.51 -12.83
CA PRO B 174 43.18 39.49 -12.05
C PRO B 174 43.61 38.98 -10.69
N LEU B 175 42.80 38.14 -10.05
CA LEU B 175 43.19 37.60 -8.76
C LEU B 175 44.37 36.66 -8.87
N HIS B 176 44.43 35.87 -9.94
CA HIS B 176 45.57 34.98 -10.13
C HIS B 176 46.86 35.75 -10.34
N ASP B 177 46.82 36.83 -11.12
CA ASP B 177 48.03 37.57 -11.43
C ASP B 177 48.65 38.19 -10.18
N LYS B 178 47.84 38.77 -9.31
CA LYS B 178 48.38 39.49 -8.16
C LYS B 178 48.48 38.63 -6.90
N LEU B 179 47.59 37.66 -6.72
CA LEU B 179 47.62 36.81 -5.55
C LEU B 179 48.01 35.38 -5.86
N GLY B 180 47.64 34.87 -7.02
CA GLY B 180 47.92 33.49 -7.36
C GLY B 180 46.88 32.55 -6.80
N VAL B 181 46.43 31.61 -7.62
CA VAL B 181 45.43 30.62 -7.21
C VAL B 181 46.12 29.27 -7.18
N GLU B 182 46.24 28.71 -5.98
CA GLU B 182 46.71 27.33 -5.87
C GLU B 182 45.62 26.39 -6.37
N THR B 183 44.39 26.58 -5.88
CA THR B 183 43.25 25.80 -6.31
C THR B 183 41.99 26.55 -5.93
N GLY B 184 40.88 26.18 -6.56
CA GLY B 184 39.61 26.86 -6.35
C GLY B 184 38.43 25.98 -6.65
N LEU B 185 37.35 26.22 -5.93
CA LEU B 185 36.09 25.51 -6.11
C LEU B 185 34.97 26.53 -6.25
N MET B 186 34.05 26.27 -7.16
CA MET B 186 33.05 27.25 -7.52
C MET B 186 31.65 26.64 -7.44
N THR B 187 30.71 27.48 -7.02
CA THR B 187 29.28 27.20 -7.09
C THR B 187 28.64 28.38 -7.81
N THR B 188 27.82 28.10 -8.81
CA THR B 188 27.03 29.15 -9.45
C THR B 188 25.56 28.90 -9.16
N VAL B 189 24.92 29.87 -8.50
CA VAL B 189 23.47 29.87 -8.29
C VAL B 189 22.86 30.51 -9.52
N HIS B 190 22.10 29.73 -10.30
CA HIS B 190 21.79 30.05 -11.69
C HIS B 190 20.29 30.01 -11.93
N ALA B 191 19.79 31.00 -12.67
CA ALA B 191 18.38 31.04 -13.08
C ALA B 191 18.04 29.82 -13.93
N TYR B 192 16.75 29.46 -13.96
CA TYR B 192 16.39 28.33 -14.81
C TYR B 192 16.45 28.75 -16.28
N THR B 193 16.57 27.74 -17.14
CA THR B 193 16.63 27.91 -18.58
C THR B 193 15.63 26.96 -19.23
N ASN B 194 15.44 27.11 -20.54
CA ASN B 194 14.40 26.35 -21.23
C ASN B 194 14.73 24.87 -21.36
N ASP B 195 15.96 24.48 -21.05
CA ASP B 195 16.29 23.06 -20.97
C ASP B 195 15.57 22.38 -19.81
N GLN B 196 15.19 23.14 -18.77
CA GLN B 196 14.55 22.58 -17.59
C GLN B 196 13.05 22.40 -17.85
N VAL B 197 12.30 22.00 -16.82
CA VAL B 197 10.90 21.62 -16.97
C VAL B 197 10.03 22.32 -15.94
N LEU B 198 8.75 22.49 -16.28
CA LEU B 198 7.80 23.15 -15.39
C LEU B 198 7.32 22.23 -14.29
N THR B 199 7.00 20.99 -14.62
CA THR B 199 6.64 19.99 -13.61
C THR B 199 7.27 18.66 -14.02
N ASP B 200 7.62 17.85 -13.02
CA ASP B 200 8.53 16.73 -13.23
C ASP B 200 8.16 15.95 -14.49
N VAL B 201 9.14 15.77 -15.36
CA VAL B 201 8.93 15.10 -16.65
C VAL B 201 10.28 14.70 -17.20
N TYR B 202 10.27 13.78 -18.17
CA TYR B 202 11.49 13.19 -18.68
C TYR B 202 12.56 14.24 -18.97
N HIS B 203 13.79 13.90 -18.58
CA HIS B 203 14.98 14.68 -18.90
C HIS B 203 16.16 13.71 -18.84
N GLU B 204 17.17 13.98 -19.68
CA GLU B 204 18.39 13.17 -19.65
C GLU B 204 19.08 13.25 -18.30
N ASP B 205 19.02 14.41 -17.66
CA ASP B 205 19.57 14.66 -16.33
C ASP B 205 18.44 14.51 -15.30
N LEU B 206 18.61 13.57 -14.36
CA LEU B 206 17.53 13.21 -13.44
C LEU B 206 17.15 14.37 -12.52
N ARG B 207 18.07 15.29 -12.24
CA ARG B 207 17.72 16.44 -11.42
CA ARG B 207 17.72 16.44 -11.42
C ARG B 207 17.04 17.52 -12.25
N ARG B 208 17.50 17.74 -13.48
CA ARG B 208 16.81 18.64 -14.37
C ARG B 208 15.44 18.13 -14.77
N ALA B 209 15.14 16.87 -14.51
CA ALA B 209 13.81 16.33 -14.72
C ALA B 209 12.80 16.82 -13.69
N ARG B 210 13.24 17.56 -12.69
CA ARG B 210 12.37 18.03 -11.61
C ARG B 210 12.01 19.50 -11.81
N SER B 211 10.79 19.85 -11.38
CA SER B 211 10.26 21.19 -11.55
C SER B 211 11.25 22.27 -11.19
N ALA B 212 11.58 23.10 -12.18
CA ALA B 212 12.50 24.21 -12.00
C ALA B 212 11.94 25.28 -11.08
N THR B 213 10.61 25.43 -11.07
CA THR B 213 9.95 26.50 -10.34
C THR B 213 9.96 26.25 -8.84
N MET B 214 10.06 25.00 -8.41
CA MET B 214 9.81 24.64 -7.04
C MET B 214 11.04 24.26 -6.22
N SER B 215 12.20 24.11 -6.83
CA SER B 215 13.32 23.50 -6.12
C SER B 215 14.64 24.15 -6.48
N MET B 216 15.59 24.02 -5.54
CA MET B 216 17.00 24.19 -5.86
C MET B 216 17.48 22.88 -6.45
N ILE B 217 18.08 22.95 -7.64
CA ILE B 217 18.41 21.77 -8.43
C ILE B 217 19.91 21.73 -8.75
N PRO B 218 20.68 20.85 -8.12
CA PRO B 218 22.10 20.72 -8.52
C PRO B 218 22.24 20.17 -9.92
N THR B 219 23.17 20.76 -10.68
CA THR B 219 23.49 20.24 -11.99
C THR B 219 24.98 20.45 -12.24
N LYS B 220 25.58 19.53 -12.97
CA LYS B 220 26.99 19.65 -13.30
C LYS B 220 27.21 20.75 -14.33
N THR B 221 28.36 21.40 -14.21
CA THR B 221 28.83 22.40 -15.15
C THR B 221 30.33 22.21 -15.36
N GLY B 222 30.75 22.36 -16.61
CA GLY B 222 32.16 22.36 -16.94
C GLY B 222 32.79 23.73 -16.95
N ALA B 223 32.09 24.75 -16.45
CA ALA B 223 32.59 26.11 -16.58
C ALA B 223 33.91 26.28 -15.86
N ALA B 224 34.06 25.68 -14.68
CA ALA B 224 35.27 25.87 -13.89
C ALA B 224 36.47 25.23 -14.56
N ALA B 225 36.35 23.95 -14.95
CA ALA B 225 37.41 23.30 -15.70
C ALA B 225 37.69 24.00 -17.02
N ALA B 226 36.64 24.55 -17.65
CA ALA B 226 36.80 25.20 -18.95
C ALA B 226 37.63 26.47 -18.88
N VAL B 227 37.76 27.08 -17.70
CA VAL B 227 38.64 28.22 -17.57
C VAL B 227 40.07 27.83 -17.93
N GLY B 228 40.41 26.55 -17.79
CA GLY B 228 41.72 26.09 -18.23
C GLY B 228 41.92 26.15 -19.74
N LEU B 229 40.85 26.01 -20.51
CA LEU B 229 40.96 26.12 -21.97
C LEU B 229 41.28 27.55 -22.39
N VAL B 230 40.74 28.53 -21.68
CA VAL B 230 40.96 29.93 -22.06
C VAL B 230 42.20 30.48 -21.38
N LEU B 231 42.55 29.98 -20.20
CA LEU B 231 43.76 30.35 -19.47
C LEU B 231 44.49 29.06 -19.11
N PRO B 232 45.39 28.59 -19.97
CA PRO B 232 46.02 27.29 -19.70
C PRO B 232 46.72 27.25 -18.35
N GLU B 233 47.18 28.40 -17.84
CA GLU B 233 47.82 28.44 -16.54
C GLU B 233 46.91 27.94 -15.42
N LEU B 234 45.59 28.08 -15.58
CA LEU B 234 44.65 27.66 -14.55
C LEU B 234 44.10 26.27 -14.81
N ASN B 235 44.63 25.57 -15.81
CA ASN B 235 44.15 24.25 -16.15
C ASN B 235 44.33 23.30 -14.96
N GLY B 236 43.26 22.59 -14.60
CA GLY B 236 43.29 21.66 -13.49
C GLY B 236 43.11 22.28 -12.12
N LYS B 237 42.95 23.60 -12.02
CA LYS B 237 42.92 24.24 -10.71
C LYS B 237 41.52 24.59 -10.21
N LEU B 238 40.51 24.56 -11.09
CA LEU B 238 39.16 24.96 -10.72
C LEU B 238 38.18 23.83 -11.04
N ASP B 239 37.25 23.60 -10.12
CA ASP B 239 36.13 22.69 -10.33
C ASP B 239 34.91 23.32 -9.66
N GLY B 240 33.74 22.78 -9.95
CA GLY B 240 32.54 23.34 -9.36
C GLY B 240 31.31 22.63 -9.87
N PHE B 241 30.16 23.13 -9.41
CA PHE B 241 28.86 22.68 -9.90
C PHE B 241 27.91 23.87 -9.85
N ALA B 242 26.70 23.65 -10.36
CA ALA B 242 25.68 24.69 -10.43
C ALA B 242 24.49 24.29 -9.58
N ILE B 243 23.76 25.29 -9.09
CA ILE B 243 22.47 25.07 -8.44
C ILE B 243 21.45 25.94 -9.15
N ARG B 244 20.55 25.31 -9.91
CA ARG B 244 19.46 26.03 -10.56
C ARG B 244 18.38 26.36 -9.55
N VAL B 245 17.92 27.61 -9.55
CA VAL B 245 16.91 28.07 -8.60
C VAL B 245 15.78 28.74 -9.37
N PRO B 246 14.61 28.93 -8.72
CA PRO B 246 13.44 29.48 -9.48
C PRO B 246 13.49 30.97 -9.75
N THR B 247 14.39 31.40 -10.63
CA THR B 247 14.40 32.76 -11.15
C THR B 247 14.46 32.69 -12.67
N ILE B 248 13.86 33.67 -13.32
CA ILE B 248 13.75 33.62 -14.79
C ILE B 248 15.03 34.05 -15.46
N ASN B 249 15.87 34.84 -14.79
CA ASN B 249 17.09 35.33 -15.41
C ASN B 249 18.01 35.89 -14.33
N VAL B 250 19.30 35.96 -14.66
CA VAL B 250 20.36 36.48 -13.79
C VAL B 250 20.88 35.38 -12.87
N SER B 251 22.19 35.24 -12.82
CA SER B 251 22.83 34.17 -12.08
C SER B 251 23.99 34.75 -11.30
N LEU B 252 24.56 33.93 -10.43
CA LEU B 252 25.62 34.35 -9.52
C LEU B 252 26.71 33.29 -9.47
N VAL B 253 27.95 33.73 -9.68
CA VAL B 253 29.13 32.90 -9.49
C VAL B 253 29.67 33.15 -8.10
N ASP B 254 29.97 32.07 -7.38
CA ASP B 254 30.50 32.11 -6.02
C ASP B 254 31.77 31.26 -6.00
N LEU B 255 32.94 31.91 -6.04
CA LEU B 255 34.23 31.26 -6.16
C LEU B 255 34.98 31.34 -4.84
N SER B 256 35.33 30.18 -4.28
CA SER B 256 36.19 30.08 -3.12
C SER B 256 37.54 29.50 -3.55
N PHE B 257 38.63 30.17 -3.23
CA PHE B 257 39.94 29.68 -3.64
C PHE B 257 41.00 29.96 -2.59
N VAL B 258 42.05 29.14 -2.64
CA VAL B 258 43.23 29.32 -1.81
C VAL B 258 44.22 30.15 -2.61
N ALA B 259 44.57 31.33 -2.09
CA ALA B 259 45.55 32.18 -2.73
C ALA B 259 46.96 31.69 -2.37
N LYS B 260 47.94 32.12 -3.17
CA LYS B 260 49.32 31.71 -2.92
C LYS B 260 49.89 32.39 -1.68
N ARG B 261 49.35 33.54 -1.30
CA ARG B 261 49.79 34.26 -0.10
C ARG B 261 48.57 34.80 0.64
N ASP B 262 48.80 35.15 1.91
CA ASP B 262 47.75 35.76 2.71
C ASP B 262 47.34 37.09 2.12
N THR B 263 46.06 37.43 2.26
CA THR B 263 45.51 38.64 1.68
C THR B 263 44.39 39.13 2.59
N THR B 264 43.72 40.20 2.17
CA THR B 264 42.63 40.79 2.94
C THR B 264 41.45 41.10 2.02
N VAL B 265 40.31 41.36 2.64
CA VAL B 265 39.14 41.77 1.87
C VAL B 265 39.44 43.02 1.06
N GLU B 266 40.14 43.98 1.66
CA GLU B 266 40.40 45.24 0.98
C GLU B 266 41.31 45.05 -0.21
N GLU B 267 42.33 44.18 -0.08
CA GLU B 267 43.23 43.93 -1.20
C GLU B 267 42.52 43.22 -2.34
N VAL B 268 41.70 42.20 -2.00
CA VAL B 268 40.95 41.49 -3.03
C VAL B 268 40.08 42.45 -3.82
N ASN B 269 39.33 43.31 -3.12
CA ASN B 269 38.43 44.23 -3.82
C ASN B 269 39.19 45.24 -4.66
N SER B 270 40.35 45.71 -4.18
CA SER B 270 41.13 46.69 -4.93
C SER B 270 41.67 46.10 -6.22
N ILE B 271 42.07 44.82 -6.20
CA ILE B 271 42.58 44.19 -7.42
C ILE B 271 41.51 44.16 -8.49
N LEU B 272 40.29 43.76 -8.12
CA LEU B 272 39.21 43.67 -9.10
C LEU B 272 38.72 45.04 -9.52
N GLN B 273 38.73 46.02 -8.62
CA GLN B 273 38.36 47.37 -9.00
C GLN B 273 39.32 47.91 -10.06
N ALA B 274 40.62 47.69 -9.88
CA ALA B 274 41.59 48.16 -10.86
C ALA B 274 41.36 47.48 -12.21
N ALA B 275 41.07 46.19 -12.20
CA ALA B 275 40.81 45.47 -13.45
C ALA B 275 39.57 46.03 -14.14
N ALA B 276 38.53 46.36 -13.37
CA ALA B 276 37.31 46.89 -13.96
C ALA B 276 37.51 48.25 -14.60
N GLU B 277 38.40 49.07 -14.05
CA GLU B 277 38.65 50.39 -14.61
C GLU B 277 39.64 50.36 -15.77
N GLY B 278 40.43 49.30 -15.90
CA GLY B 278 41.43 49.23 -16.95
C GLY B 278 41.24 48.13 -17.96
N GLU B 279 42.03 47.06 -17.77
CA GLU B 279 42.16 46.01 -18.79
C GLU B 279 40.82 45.34 -19.10
N LEU B 280 39.99 45.10 -18.09
CA LEU B 280 38.74 44.38 -18.26
C LEU B 280 37.52 45.30 -18.23
N LYS B 281 37.69 46.56 -18.62
CA LYS B 281 36.57 47.49 -18.53
C LYS B 281 35.41 47.04 -19.43
N ASP B 282 34.20 47.11 -18.87
CA ASP B 282 32.95 46.78 -19.54
C ASP B 282 32.76 45.28 -19.74
N ILE B 283 33.80 44.49 -19.46
CA ILE B 283 33.63 43.05 -19.35
C ILE B 283 33.38 42.68 -17.90
N LEU B 284 34.17 43.29 -17.01
CA LEU B 284 34.08 43.15 -15.56
C LEU B 284 33.70 44.51 -15.00
N THR B 285 32.73 44.53 -14.10
CA THR B 285 32.30 45.74 -13.41
C THR B 285 32.46 45.54 -11.90
N TYR B 286 32.46 46.66 -11.19
CA TYR B 286 32.69 46.70 -9.75
C TYR B 286 31.52 47.39 -9.08
N ASN B 287 30.80 46.64 -8.23
CA ASN B 287 29.57 47.12 -7.60
CA ASN B 287 29.56 47.12 -7.60
C ASN B 287 29.71 47.14 -6.10
N THR B 288 29.32 48.25 -5.48
CA THR B 288 29.37 48.41 -4.03
C THR B 288 28.00 48.65 -3.39
N GLU B 289 26.93 48.66 -4.20
CA GLU B 289 25.59 48.95 -3.71
C GLU B 289 24.90 47.69 -3.21
N PRO B 290 23.97 47.80 -2.26
CA PRO B 290 23.28 46.60 -1.72
C PRO B 290 22.12 46.16 -2.61
N LEU B 291 22.46 45.42 -3.66
CA LEU B 291 21.55 45.07 -4.74
C LEU B 291 21.21 43.58 -4.73
N VAL B 292 20.18 43.23 -5.51
CA VAL B 292 19.76 41.84 -5.68
C VAL B 292 19.85 41.48 -7.15
N SER B 293 19.54 40.22 -7.48
CA SER B 293 19.80 39.72 -8.81
C SER B 293 19.06 40.52 -9.89
N ILE B 294 17.81 40.90 -9.62
CA ILE B 294 17.01 41.58 -10.64
C ILE B 294 17.65 42.90 -11.07
N ASP B 295 18.45 43.51 -10.20
CA ASP B 295 19.10 44.79 -10.52
C ASP B 295 20.18 44.65 -11.60
N PHE B 296 20.62 43.44 -11.89
CA PHE B 296 21.59 43.18 -12.94
C PHE B 296 20.95 42.67 -14.22
N ASN B 297 19.63 42.57 -14.25
CA ASN B 297 18.93 42.24 -15.49
C ASN B 297 19.19 43.30 -16.54
N HIS B 298 19.51 42.84 -17.75
CA HIS B 298 19.86 43.68 -18.89
C HIS B 298 21.20 44.38 -18.73
N ASN B 299 22.04 43.90 -17.80
CA ASN B 299 23.42 44.39 -17.70
C ASN B 299 24.30 43.66 -18.71
N PRO B 300 24.95 44.37 -19.63
CA PRO B 300 25.69 43.68 -20.71
C PRO B 300 27.04 43.12 -20.30
N ALA B 301 27.51 43.35 -19.09
CA ALA B 301 28.84 42.87 -18.69
C ALA B 301 28.86 41.36 -18.52
N SER B 302 30.04 40.77 -18.69
CA SER B 302 30.19 39.34 -18.48
C SER B 302 30.25 38.98 -17.00
N SER B 303 30.77 39.88 -16.18
CA SER B 303 31.05 39.59 -14.77
C SER B 303 30.84 40.88 -13.99
N ASN B 304 29.86 40.89 -13.10
CA ASN B 304 29.56 42.04 -12.26
C ASN B 304 30.02 41.69 -10.85
N PHE B 305 31.28 41.95 -10.55
CA PHE B 305 31.81 41.63 -9.23
C PHE B 305 31.11 42.45 -8.16
N ASP B 306 30.65 41.78 -7.10
CA ASP B 306 29.93 42.42 -6.01
C ASP B 306 30.87 42.50 -4.81
N ALA B 307 31.48 43.68 -4.62
CA ALA B 307 32.45 43.85 -3.56
C ALA B 307 31.84 43.68 -2.17
N THR B 308 30.55 43.93 -2.03
CA THR B 308 29.91 43.84 -0.71
C THR B 308 29.94 42.43 -0.15
N LEU B 309 30.13 41.42 -0.99
CA LEU B 309 30.05 40.03 -0.56
C LEU B 309 31.41 39.41 -0.27
N THR B 310 32.51 40.11 -0.55
CA THR B 310 33.83 39.51 -0.40
C THR B 310 34.09 39.06 1.03
N LYS B 311 34.63 37.84 1.15
CA LYS B 311 35.09 37.29 2.42
C LYS B 311 36.51 36.77 2.26
N VAL B 312 37.35 37.01 3.27
CA VAL B 312 38.72 36.50 3.27
C VAL B 312 39.04 35.96 4.66
N SER B 313 39.58 34.75 4.70
CA SER B 313 40.06 34.14 5.93
C SER B 313 41.45 33.57 5.65
N GLY B 314 42.49 34.36 5.94
CA GLY B 314 43.85 33.91 5.71
C GLY B 314 44.20 33.73 4.26
N LYS B 315 44.35 32.48 3.83
CA LYS B 315 44.59 32.19 2.42
C LYS B 315 43.31 31.92 1.65
N LEU B 316 42.20 31.66 2.32
CA LEU B 316 40.93 31.37 1.66
C LEU B 316 40.15 32.63 1.32
N VAL B 317 39.72 32.75 0.06
CA VAL B 317 39.01 33.93 -0.42
C VAL B 317 37.71 33.50 -1.09
N LYS B 318 36.61 34.18 -0.78
CA LYS B 318 35.33 33.96 -1.44
C LYS B 318 34.93 35.25 -2.13
N VAL B 319 34.84 35.22 -3.46
CA VAL B 319 34.41 36.34 -4.27
C VAL B 319 33.16 35.93 -5.03
N SER B 320 32.29 36.89 -5.31
CA SER B 320 31.01 36.63 -5.94
C SER B 320 30.75 37.64 -7.05
N SER B 321 30.24 37.16 -8.18
CA SER B 321 29.98 38.03 -9.33
C SER B 321 28.63 37.69 -9.93
N TRP B 322 27.82 38.71 -10.17
CA TRP B 322 26.53 38.57 -10.82
C TRP B 322 26.68 38.61 -12.33
N TYR B 323 25.82 37.87 -13.03
CA TYR B 323 25.81 37.98 -14.49
C TYR B 323 24.43 37.71 -15.05
N ASP B 324 24.01 38.58 -15.96
CA ASP B 324 22.83 38.31 -16.78
C ASP B 324 23.23 37.26 -17.82
N ASN B 325 22.85 36.01 -17.56
CA ASN B 325 23.30 34.90 -18.39
C ASN B 325 22.80 34.98 -19.82
N GLU B 326 21.73 35.73 -20.08
CA GLU B 326 21.26 35.95 -21.44
C GLU B 326 21.89 37.18 -22.06
N TRP B 327 21.89 38.30 -21.34
CA TRP B 327 22.24 39.59 -21.94
C TRP B 327 23.75 39.74 -22.07
N GLY B 328 24.50 39.43 -21.01
CA GLY B 328 25.94 39.52 -21.09
C GLY B 328 26.51 38.60 -22.17
N PHE B 329 26.09 37.34 -22.16
CA PHE B 329 26.58 36.38 -23.14
C PHE B 329 26.24 36.82 -24.56
N SER B 330 25.02 37.31 -24.78
CA SER B 330 24.60 37.72 -26.12
C SER B 330 25.44 38.85 -26.64
N ASN B 331 25.80 39.80 -25.77
CA ASN B 331 26.68 40.89 -26.20
C ASN B 331 28.08 40.37 -26.52
N ARG B 332 28.58 39.41 -25.73
CA ARG B 332 29.90 38.84 -26.02
C ARG B 332 29.91 38.12 -27.37
N MET B 333 28.78 37.53 -27.77
CA MET B 333 28.71 36.89 -29.07
C MET B 333 28.99 37.88 -30.19
N LEU B 334 28.49 39.11 -30.06
CA LEU B 334 28.79 40.13 -31.07
C LEU B 334 30.27 40.51 -31.05
N ASP B 335 30.87 40.63 -29.86
CA ASP B 335 32.28 40.94 -29.78
C ASP B 335 33.12 39.86 -30.44
N THR B 336 32.83 38.60 -30.13
CA THR B 336 33.62 37.49 -30.66
C THR B 336 33.46 37.38 -32.17
N THR B 337 32.30 37.76 -32.70
CA THR B 337 32.10 37.74 -34.16
C THR B 337 33.08 38.68 -34.85
N VAL B 338 33.21 39.91 -34.34
CA VAL B 338 34.13 40.86 -34.95
C VAL B 338 35.56 40.40 -34.81
N ALA B 339 35.92 39.85 -33.65
CA ALA B 339 37.28 39.39 -33.42
C ALA B 339 37.63 38.24 -34.36
N LEU B 340 36.68 37.32 -34.57
CA LEU B 340 36.93 36.16 -35.41
C LEU B 340 37.20 36.58 -36.85
N MET B 341 36.41 37.52 -37.37
CA MET B 341 36.57 37.97 -38.75
C MET B 341 37.77 38.89 -38.93
N SER B 342 38.29 39.49 -37.86
CA SER B 342 39.50 40.28 -37.94
C SER B 342 40.79 39.47 -37.74
N ALA B 343 40.67 38.22 -37.31
CA ALA B 343 41.87 37.44 -37.00
C ALA B 343 42.70 37.22 -38.24
N LYS B 344 44.02 37.29 -38.07
CA LYS B 344 44.95 37.13 -39.20
C LYS B 344 45.59 35.75 -39.20
N MET C 9 -12.13 -11.31 -15.58
CA MET C 9 -10.76 -11.35 -16.18
C MET C 9 -10.06 -10.00 -16.08
N THR C 10 -8.89 -10.01 -15.43
CA THR C 10 -8.09 -8.82 -15.27
C THR C 10 -7.81 -8.14 -16.61
N ILE C 11 -7.95 -6.82 -16.63
CA ILE C 11 -7.69 -6.02 -17.82
C ILE C 11 -6.20 -5.71 -17.89
N ARG C 12 -5.57 -6.04 -19.00
CA ARG C 12 -4.15 -5.79 -19.22
C ARG C 12 -3.98 -4.41 -19.86
N VAL C 13 -3.27 -3.52 -19.17
CA VAL C 13 -3.20 -2.11 -19.54
C VAL C 13 -1.74 -1.72 -19.76
N VAL C 14 -1.53 -0.80 -20.70
CA VAL C 14 -0.23 -0.19 -20.89
C VAL C 14 -0.43 1.31 -20.99
N ILE C 15 0.59 2.07 -20.60
CA ILE C 15 0.52 3.52 -20.58
C ILE C 15 1.52 4.03 -21.61
N ASN C 16 1.03 4.75 -22.60
CA ASN C 16 1.88 5.33 -23.63
C ASN C 16 2.01 6.80 -23.32
N GLY C 17 3.19 7.21 -22.86
CA GLY C 17 3.41 8.54 -22.37
C GLY C 17 3.36 8.49 -20.86
N TYR C 18 4.52 8.33 -20.25
CA TYR C 18 4.65 8.20 -18.80
C TYR C 18 4.99 9.55 -18.18
N GLY C 19 4.13 10.53 -18.44
CA GLY C 19 4.31 11.90 -17.99
C GLY C 19 3.46 12.21 -16.77
N ARG C 20 2.99 13.46 -16.68
CA ARG C 20 2.17 13.84 -15.53
C ARG C 20 0.94 12.94 -15.44
N ILE C 21 0.21 12.76 -16.54
CA ILE C 21 -0.97 11.91 -16.48
C ILE C 21 -0.56 10.45 -16.43
N GLY C 22 0.35 10.03 -17.29
CA GLY C 22 0.72 8.62 -17.34
C GLY C 22 1.24 8.11 -16.02
N ARG C 23 2.15 8.87 -15.40
CA ARG C 23 2.71 8.45 -14.12
C ARG C 23 1.66 8.49 -13.03
N ASN C 24 0.84 9.53 -13.01
CA ASN C 24 -0.14 9.64 -11.94
C ASN C 24 -1.25 8.61 -12.08
N ILE C 25 -1.47 8.07 -13.28
CA ILE C 25 -2.37 6.93 -13.42
C ILE C 25 -1.78 5.70 -12.74
N LEU C 26 -0.51 5.41 -13.00
CA LEU C 26 0.12 4.28 -12.34
C LEU C 26 0.12 4.49 -10.84
N ARG C 27 0.47 5.70 -10.40
CA ARG C 27 0.51 5.96 -8.97
C ARG C 27 -0.87 5.83 -8.35
N ALA C 28 -1.91 6.32 -9.04
CA ALA C 28 -3.26 6.21 -8.50
C ALA C 28 -3.67 4.75 -8.38
N HIS C 29 -3.29 3.93 -9.37
CA HIS C 29 -3.62 2.51 -9.32
C HIS C 29 -3.04 1.85 -8.08
N TYR C 30 -1.77 2.13 -7.76
CA TYR C 30 -1.14 1.48 -6.62
C TYR C 30 -1.54 2.13 -5.30
N GLU C 31 -1.74 3.44 -5.27
CA GLU C 31 -2.09 4.09 -4.01
C GLU C 31 -3.47 3.68 -3.52
N ASN C 32 -4.40 3.40 -4.43
CA ASN C 32 -5.73 2.98 -4.03
C ASN C 32 -5.85 1.47 -3.84
N GLY C 33 -4.71 0.76 -3.75
CA GLY C 33 -4.71 -0.65 -3.46
C GLY C 33 -5.05 -1.54 -4.63
N LYS C 34 -4.82 -1.07 -5.86
CA LYS C 34 -5.28 -1.75 -7.07
C LYS C 34 -6.74 -2.15 -6.93
N LYS C 35 -7.57 -1.17 -6.55
CA LYS C 35 -9.00 -1.40 -6.44
C LYS C 35 -9.58 -1.88 -7.76
N HIS C 36 -9.17 -1.27 -8.86
CA HIS C 36 -9.61 -1.72 -10.17
C HIS C 36 -8.93 -3.04 -10.55
N ASP C 37 -9.69 -3.92 -11.21
CA ASP C 37 -9.19 -5.20 -11.68
C ASP C 37 -8.35 -4.96 -12.94
N ILE C 38 -7.18 -4.36 -12.72
CA ILE C 38 -6.29 -3.91 -13.77
C ILE C 38 -4.87 -4.32 -13.41
N GLU C 39 -4.09 -4.72 -14.42
CA GLU C 39 -2.66 -4.96 -14.26
C GLU C 39 -1.93 -4.13 -15.30
N ILE C 40 -1.02 -3.26 -14.85
CA ILE C 40 -0.22 -2.46 -15.76
C ILE C 40 0.97 -3.30 -16.21
N VAL C 41 0.95 -3.69 -17.49
CA VAL C 41 1.92 -4.61 -18.05
C VAL C 41 3.13 -3.90 -18.65
N ALA C 42 2.96 -2.67 -19.12
CA ALA C 42 4.06 -1.98 -19.77
C ALA C 42 3.81 -0.48 -19.75
N ILE C 43 4.89 0.28 -19.86
CA ILE C 43 4.81 1.73 -20.04
C ILE C 43 5.78 2.10 -21.15
N ASN C 44 5.52 3.23 -21.80
CA ASN C 44 6.40 3.69 -22.88
C ASN C 44 6.62 5.19 -22.74
N ASP C 45 7.87 5.61 -22.87
CA ASP C 45 8.27 7.00 -22.76
C ASP C 45 9.57 7.15 -23.54
N LEU C 46 10.28 8.26 -23.34
CA LEU C 46 11.53 8.49 -24.05
C LEU C 46 12.75 8.02 -23.28
N GLY C 47 12.62 7.72 -21.98
CA GLY C 47 13.75 7.46 -21.13
C GLY C 47 13.99 5.97 -20.90
N ASP C 48 15.07 5.69 -20.19
CA ASP C 48 15.43 4.33 -19.82
C ASP C 48 14.74 3.95 -18.53
N PRO C 49 14.81 2.67 -18.15
CA PRO C 49 14.09 2.23 -16.94
C PRO C 49 14.50 2.98 -15.68
N LYS C 50 15.78 3.33 -15.54
CA LYS C 50 16.22 4.06 -14.35
C LYS C 50 15.50 5.39 -14.23
N THR C 51 15.34 6.10 -15.35
CA THR C 51 14.68 7.39 -15.33
C THR C 51 13.20 7.27 -14.96
N ASN C 52 12.50 6.30 -15.56
CA ASN C 52 11.08 6.17 -15.25
C ASN C 52 10.88 5.77 -13.79
N ALA C 53 11.74 4.91 -13.27
CA ALA C 53 11.61 4.51 -11.86
C ALA C 53 11.87 5.68 -10.94
N HIS C 54 12.90 6.48 -11.25
CA HIS C 54 13.24 7.62 -10.41
C HIS C 54 12.10 8.64 -10.37
N LEU C 55 11.53 8.97 -11.53
CA LEU C 55 10.44 9.93 -11.54
C LEU C 55 9.18 9.36 -10.88
N THR C 56 9.02 8.04 -10.89
CA THR C 56 7.89 7.45 -10.17
C THR C 56 8.06 7.60 -8.66
N ARG C 57 9.30 7.50 -8.17
CA ARG C 57 9.53 7.50 -6.72
C ARG C 57 9.44 8.90 -6.12
N PHE C 58 9.89 9.91 -6.84
CA PHE C 58 9.95 11.27 -6.31
C PHE C 58 9.18 12.20 -7.23
N ASP C 59 8.26 12.95 -6.66
CA ASP C 59 7.52 13.94 -7.42
C ASP C 59 7.44 15.24 -6.64
N THR C 60 7.58 16.35 -7.36
CA THR C 60 7.45 17.66 -6.76
C THR C 60 6.02 17.92 -6.31
N ALA C 61 5.06 17.77 -7.22
CA ALA C 61 3.68 18.13 -6.90
C ALA C 61 3.06 17.20 -5.88
N HIS C 62 3.35 15.90 -5.97
CA HIS C 62 2.66 14.88 -5.18
C HIS C 62 3.55 14.15 -4.18
N GLY C 63 4.78 14.62 -3.99
CA GLY C 63 5.64 14.01 -2.99
C GLY C 63 6.16 12.64 -3.42
N LYS C 64 6.63 11.90 -2.43
CA LYS C 64 7.23 10.60 -2.64
C LYS C 64 6.17 9.52 -2.79
N PHE C 65 6.43 8.58 -3.68
CA PHE C 65 5.53 7.45 -3.89
C PHE C 65 5.47 6.58 -2.64
N PRO C 66 4.28 6.23 -2.15
CA PRO C 66 4.23 5.43 -0.91
C PRO C 66 4.90 4.08 -1.01
N GLY C 67 4.88 3.44 -2.18
CA GLY C 67 5.38 2.09 -2.34
C GLY C 67 6.85 2.04 -2.66
N THR C 68 7.29 0.85 -3.07
CA THR C 68 8.68 0.58 -3.44
C THR C 68 8.78 0.48 -4.96
N VAL C 69 9.84 1.07 -5.51
CA VAL C 69 10.13 0.96 -6.94
C VAL C 69 11.59 0.59 -7.11
N THR C 70 11.85 -0.48 -7.84
CA THR C 70 13.21 -0.89 -8.17
C THR C 70 13.29 -1.15 -9.67
N VAL C 71 14.52 -1.34 -10.16
CA VAL C 71 14.77 -1.64 -11.56
C VAL C 71 15.39 -3.02 -11.65
N ASP C 72 14.92 -3.80 -12.61
CA ASP C 72 15.49 -5.13 -12.89
C ASP C 72 15.51 -5.30 -14.41
N GLY C 73 16.67 -5.03 -15.02
CA GLY C 73 16.78 -5.12 -16.46
C GLY C 73 15.85 -4.13 -17.13
N ASP C 74 15.07 -4.62 -18.09
CA ASP C 74 14.14 -3.76 -18.83
C ASP C 74 12.84 -3.52 -18.09
N TYR C 75 12.76 -3.86 -16.81
CA TYR C 75 11.50 -3.76 -16.09
C TYR C 75 11.62 -2.79 -14.92
N MET C 76 10.54 -2.07 -14.68
CA MET C 76 10.34 -1.25 -13.50
C MET C 76 9.40 -2.02 -12.58
N VAL C 77 9.84 -2.27 -11.35
CA VAL C 77 9.13 -3.14 -10.41
C VAL C 77 8.47 -2.26 -9.37
N VAL C 78 7.14 -2.25 -9.37
CA VAL C 78 6.33 -1.42 -8.47
C VAL C 78 5.59 -2.35 -7.52
N ASN C 79 5.94 -2.28 -6.24
CA ASN C 79 5.31 -3.13 -5.22
C ASN C 79 5.32 -4.59 -5.64
N GLY C 80 6.45 -5.03 -6.19
CA GLY C 80 6.63 -6.41 -6.59
C GLY C 80 6.11 -6.77 -7.97
N ASP C 81 5.50 -5.84 -8.69
CA ASP C 81 4.98 -6.10 -10.02
C ASP C 81 5.98 -5.65 -11.07
N LYS C 82 6.36 -6.57 -11.96
CA LYS C 82 7.30 -6.25 -13.02
C LYS C 82 6.54 -5.60 -14.18
N ILE C 83 6.94 -4.39 -14.54
CA ILE C 83 6.29 -3.59 -15.58
C ILE C 83 7.33 -3.32 -16.65
N ARG C 84 7.10 -3.80 -17.86
CA ARG C 84 8.08 -3.66 -18.92
C ARG C 84 8.19 -2.20 -19.35
N VAL C 85 9.43 -1.75 -19.55
CA VAL C 85 9.72 -0.37 -19.94
C VAL C 85 10.14 -0.34 -21.39
N LEU C 86 9.48 0.50 -22.17
CA LEU C 86 9.74 0.66 -23.59
C LEU C 86 10.07 2.12 -23.87
N ALA C 87 10.85 2.37 -24.91
CA ALA C 87 11.13 3.74 -25.37
C ALA C 87 11.11 3.74 -26.89
N ASN C 88 9.93 3.94 -27.46
CA ASN C 88 9.75 3.95 -28.91
C ASN C 88 8.67 4.97 -29.24
N ARG C 89 9.04 6.03 -29.97
CA ARG C 89 8.13 7.13 -30.23
C ARG C 89 6.98 6.74 -31.15
N ASN C 90 7.11 5.66 -31.92
CA ASN C 90 6.09 5.30 -32.89
C ASN C 90 5.16 4.25 -32.29
N PRO C 91 3.87 4.56 -32.08
CA PRO C 91 2.97 3.57 -31.47
C PRO C 91 2.80 2.28 -32.26
N ALA C 92 2.81 2.35 -33.60
CA ALA C 92 2.57 1.16 -34.41
C ALA C 92 3.69 0.12 -34.25
N GLU C 93 4.85 0.54 -33.74
CA GLU C 93 5.96 -0.38 -33.53
C GLU C 93 5.97 -1.02 -32.15
N LEU C 94 5.06 -0.61 -31.24
CA LEU C 94 5.06 -1.14 -29.87
C LEU C 94 4.44 -2.54 -29.83
N PRO C 95 4.96 -3.44 -28.97
CA PRO C 95 4.62 -4.87 -29.05
C PRO C 95 3.35 -5.24 -28.31
N TRP C 96 2.25 -4.54 -28.63
CA TRP C 96 1.03 -4.70 -27.85
C TRP C 96 0.40 -6.07 -28.08
N GLY C 97 0.42 -6.57 -29.32
CA GLY C 97 -0.15 -7.88 -29.56
C GLY C 97 0.57 -8.96 -28.77
N GLU C 98 1.90 -8.91 -28.73
CA GLU C 98 2.67 -9.94 -28.02
C GLU C 98 2.38 -9.91 -26.52
N LEU C 99 2.14 -8.72 -25.96
CA LEU C 99 1.79 -8.59 -24.56
C LEU C 99 0.31 -8.84 -24.27
N GLY C 100 -0.51 -9.06 -25.30
CA GLY C 100 -1.93 -9.29 -25.08
C GLY C 100 -2.64 -8.09 -24.48
N VAL C 101 -2.32 -6.89 -24.98
CA VAL C 101 -2.81 -5.66 -24.35
C VAL C 101 -4.29 -5.48 -24.65
N ASP C 102 -5.09 -5.30 -23.59
CA ASP C 102 -6.49 -4.96 -23.77
C ASP C 102 -6.69 -3.47 -24.03
N VAL C 103 -6.07 -2.62 -23.21
CA VAL C 103 -6.31 -1.18 -23.29
C VAL C 103 -4.98 -0.44 -23.25
N VAL C 104 -4.80 0.48 -24.19
CA VAL C 104 -3.70 1.43 -24.20
C VAL C 104 -4.25 2.76 -23.68
N LEU C 105 -3.63 3.29 -22.63
CA LEU C 105 -3.93 4.64 -22.17
C LEU C 105 -2.93 5.57 -22.86
N GLU C 106 -3.43 6.35 -23.82
CA GLU C 106 -2.60 7.20 -24.67
C GLU C 106 -2.49 8.57 -24.03
N CYS C 107 -1.31 8.86 -23.46
CA CYS C 107 -1.07 10.04 -22.64
C CYS C 107 0.15 10.85 -23.07
N THR C 108 0.57 10.73 -24.33
CA THR C 108 1.71 11.50 -24.79
C THR C 108 1.34 12.93 -25.17
N GLY C 109 0.07 13.19 -25.50
CA GLY C 109 -0.34 14.44 -26.08
C GLY C 109 -0.16 14.54 -27.59
N PHE C 110 0.30 13.49 -28.26
CA PHE C 110 0.60 13.58 -29.67
C PHE C 110 -0.29 12.76 -30.58
N PHE C 111 -1.11 11.84 -30.05
CA PHE C 111 -1.96 10.98 -30.88
C PHE C 111 -3.39 11.07 -30.34
N THR C 112 -4.07 12.16 -30.66
CA THR C 112 -5.39 12.46 -30.09
C THR C 112 -6.52 12.28 -31.08
N SER C 113 -6.24 11.86 -32.29
CA SER C 113 -7.25 11.54 -33.29
C SER C 113 -7.41 10.04 -33.34
N LYS C 114 -8.52 9.60 -33.93
CA LYS C 114 -8.74 8.17 -34.06
C LYS C 114 -7.71 7.54 -35.00
N GLU C 115 -7.35 8.27 -36.04
CA GLU C 115 -6.34 7.77 -37.00
C GLU C 115 -5.01 7.56 -36.27
N LYS C 116 -4.56 8.57 -35.54
CA LYS C 116 -3.27 8.50 -34.89
C LYS C 116 -3.27 7.49 -33.76
N ALA C 117 -4.29 7.53 -32.90
CA ALA C 117 -4.38 6.59 -31.80
C ALA C 117 -4.59 5.16 -32.28
N GLY C 118 -5.16 4.99 -33.47
CA GLY C 118 -5.34 3.66 -34.03
C GLY C 118 -4.04 2.94 -34.32
N ALA C 119 -2.93 3.68 -34.36
CA ALA C 119 -1.63 3.03 -34.52
C ALA C 119 -1.38 2.00 -33.43
N HIS C 120 -1.90 2.24 -32.21
CA HIS C 120 -1.78 1.24 -31.15
C HIS C 120 -2.52 -0.04 -31.52
N LEU C 121 -3.68 0.09 -32.16
CA LEU C 121 -4.44 -1.08 -32.57
C LEU C 121 -3.67 -1.89 -33.61
N LYS C 122 -2.97 -1.22 -34.53
CA LYS C 122 -2.15 -1.97 -35.51
C LYS C 122 -1.06 -2.71 -34.74
N GLY C 123 -0.53 -2.10 -33.68
CA GLY C 123 0.46 -2.76 -32.86
C GLY C 123 -0.07 -3.97 -32.10
N GLY C 124 -1.39 -4.18 -32.10
CA GLY C 124 -1.98 -5.36 -31.51
C GLY C 124 -2.82 -5.13 -30.27
N ALA C 125 -3.03 -3.89 -29.86
CA ALA C 125 -3.89 -3.59 -28.72
C ALA C 125 -5.35 -3.64 -29.12
N LYS C 126 -6.21 -4.08 -28.19
CA LYS C 126 -7.64 -4.14 -28.50
C LYS C 126 -8.31 -2.77 -28.45
N LYS C 127 -7.95 -1.91 -27.50
CA LYS C 127 -8.66 -0.65 -27.31
C LYS C 127 -7.68 0.44 -26.90
N VAL C 128 -8.12 1.69 -27.06
CA VAL C 128 -7.31 2.85 -26.73
C VAL C 128 -8.19 3.91 -26.05
N ILE C 129 -7.70 4.47 -24.94
CA ILE C 129 -8.34 5.61 -24.30
C ILE C 129 -7.39 6.78 -24.38
N ILE C 130 -7.80 7.83 -25.08
CA ILE C 130 -7.02 9.05 -25.18
C ILE C 130 -7.24 9.87 -23.91
N SER C 131 -6.13 10.36 -23.32
CA SER C 131 -6.17 11.10 -22.06
C SER C 131 -6.40 12.58 -22.28
N ALA C 132 -7.12 12.93 -23.34
CA ALA C 132 -7.34 14.32 -23.72
C ALA C 132 -8.60 14.37 -24.58
N PRO C 133 -9.09 15.55 -24.92
CA PRO C 133 -10.13 15.63 -25.95
C PRO C 133 -9.64 14.97 -27.23
N GLY C 134 -10.52 14.18 -27.83
CA GLY C 134 -10.20 13.51 -29.07
C GLY C 134 -10.64 14.30 -30.29
N GLY C 135 -10.23 13.82 -31.45
CA GLY C 135 -10.74 14.35 -32.69
C GLY C 135 -12.19 13.99 -32.92
N LYS C 136 -12.79 14.62 -33.93
CA LYS C 136 -14.19 14.36 -34.22
C LYS C 136 -14.44 12.90 -34.59
N ASP C 137 -13.39 12.17 -34.94
CA ASP C 137 -13.53 10.79 -35.37
C ASP C 137 -13.58 9.78 -34.22
N VAL C 138 -13.37 10.19 -32.95
CA VAL C 138 -13.34 9.22 -31.86
C VAL C 138 -14.73 8.63 -31.63
N ASP C 139 -14.76 7.40 -31.10
CA ASP C 139 -16.01 6.68 -30.92
C ASP C 139 -16.84 7.22 -29.77
N ALA C 140 -16.21 7.77 -28.74
CA ALA C 140 -16.96 8.34 -27.62
C ALA C 140 -16.06 9.30 -26.86
N THR C 141 -16.71 10.19 -26.12
CA THR C 141 -16.05 11.09 -25.17
C THR C 141 -16.73 10.89 -23.82
N ILE C 142 -15.95 10.58 -22.80
CA ILE C 142 -16.47 10.07 -21.54
C ILE C 142 -16.04 10.98 -20.41
N VAL C 143 -17.00 11.46 -19.63
CA VAL C 143 -16.78 11.98 -18.29
C VAL C 143 -17.37 10.96 -17.34
N PHE C 144 -16.52 10.19 -16.69
CA PHE C 144 -17.01 9.11 -15.82
C PHE C 144 -17.81 9.69 -14.65
N GLY C 145 -18.91 9.02 -14.33
CA GLY C 145 -19.91 9.54 -13.44
C GLY C 145 -21.05 10.28 -14.12
N VAL C 146 -20.92 10.57 -15.42
CA VAL C 146 -21.92 11.34 -16.16
C VAL C 146 -22.48 10.55 -17.33
N ASN C 147 -21.60 10.03 -18.22
CA ASN C 147 -22.10 9.39 -19.44
C ASN C 147 -21.33 8.13 -19.83
N GLN C 148 -20.74 7.42 -18.87
CA GLN C 148 -20.05 6.18 -19.22
C GLN C 148 -21.00 5.12 -19.76
N ASN C 149 -22.31 5.28 -19.54
CA ASN C 149 -23.28 4.30 -20.01
C ASN C 149 -23.34 4.25 -21.53
N VAL C 150 -22.90 5.30 -22.23
CA VAL C 150 -22.93 5.31 -23.69
C VAL C 150 -21.90 4.38 -24.31
N LEU C 151 -20.96 3.86 -23.52
CA LEU C 151 -19.91 3.02 -24.07
C LEU C 151 -20.49 1.71 -24.59
N LYS C 152 -19.89 1.21 -25.67
CA LYS C 152 -20.32 -0.02 -26.33
C LYS C 152 -19.11 -0.89 -26.58
N ALA C 153 -19.34 -2.21 -26.64
CA ALA C 153 -18.25 -3.14 -26.87
C ALA C 153 -17.57 -2.90 -28.20
N GLU C 154 -18.28 -2.35 -29.18
CA GLU C 154 -17.68 -2.10 -30.48
C GLU C 154 -16.73 -0.89 -30.47
N HIS C 155 -16.81 -0.04 -29.46
CA HIS C 155 -15.91 1.11 -29.36
C HIS C 155 -14.46 0.66 -29.14
N THR C 156 -13.55 1.24 -29.90
CA THR C 156 -12.14 0.88 -29.82
C THR C 156 -11.21 2.04 -29.50
N VAL C 157 -11.60 3.27 -29.85
CA VAL C 157 -10.81 4.46 -29.55
C VAL C 157 -11.76 5.49 -28.96
N ILE C 158 -11.55 5.86 -27.69
CA ILE C 158 -12.41 6.81 -27.01
C ILE C 158 -11.56 7.90 -26.36
N SER C 159 -12.23 8.97 -25.98
CA SER C 159 -11.62 10.09 -25.29
C SER C 159 -12.17 10.16 -23.87
N ASN C 160 -11.30 10.43 -22.91
CA ASN C 160 -11.70 10.66 -21.53
C ASN C 160 -11.96 12.14 -21.26
N ALA C 161 -12.12 12.93 -22.32
CA ALA C 161 -12.36 14.37 -22.21
C ALA C 161 -11.15 15.06 -21.57
N SER C 162 -11.33 16.28 -21.09
CA SER C 162 -10.27 17.03 -20.44
C SER C 162 -10.53 17.13 -18.94
N CYS C 163 -9.48 17.48 -18.20
CA CYS C 163 -9.62 17.72 -16.77
C CYS C 163 -10.70 18.77 -16.51
N THR C 164 -10.70 19.83 -17.30
CA THR C 164 -11.69 20.89 -17.14
C THR C 164 -13.11 20.37 -17.36
N THR C 165 -13.31 19.57 -18.41
CA THR C 165 -14.66 19.06 -18.69
C THR C 165 -15.12 18.07 -17.64
N ASN C 166 -14.21 17.29 -17.07
CA ASN C 166 -14.56 16.39 -15.98
C ASN C 166 -14.94 17.15 -14.71
N CYS C 167 -14.50 18.41 -14.59
CA CYS C 167 -14.90 19.21 -13.43
C CYS C 167 -16.21 19.92 -13.69
N LEU C 168 -16.38 20.44 -14.91
CA LEU C 168 -17.54 21.24 -15.24
C LEU C 168 -18.80 20.39 -15.36
N ALA C 169 -18.71 19.24 -16.03
CA ALA C 169 -19.91 18.45 -16.28
C ALA C 169 -20.60 17.96 -15.02
N PRO C 170 -19.91 17.35 -14.05
CA PRO C 170 -20.60 16.96 -12.82
C PRO C 170 -21.10 18.15 -12.03
N LEU C 171 -20.51 19.33 -12.25
CA LEU C 171 -21.00 20.53 -11.59
C LEU C 171 -22.30 21.01 -12.21
N VAL C 172 -22.39 21.00 -13.54
CA VAL C 172 -23.53 21.61 -14.22
C VAL C 172 -24.71 20.65 -14.29
N LYS C 173 -24.46 19.33 -14.27
CA LYS C 173 -25.56 18.40 -14.47
C LYS C 173 -26.67 18.58 -13.44
N PRO C 174 -26.40 18.53 -12.14
CA PRO C 174 -27.50 18.73 -11.17
C PRO C 174 -28.17 20.09 -11.28
N LEU C 175 -27.42 21.14 -11.63
CA LEU C 175 -28.03 22.46 -11.78
C LEU C 175 -28.97 22.51 -12.97
N HIS C 176 -28.63 21.84 -14.07
CA HIS C 176 -29.53 21.82 -15.21
C HIS C 176 -30.80 21.05 -14.88
N ASP C 177 -30.67 19.93 -14.16
CA ASP C 177 -31.83 19.12 -13.85
C ASP C 177 -32.83 19.87 -12.97
N LYS C 178 -32.35 20.58 -11.95
CA LYS C 178 -33.22 21.16 -10.95
C LYS C 178 -33.57 22.61 -11.23
N LEU C 179 -32.66 23.37 -11.86
CA LEU C 179 -32.90 24.76 -12.19
C LEU C 179 -33.01 25.01 -13.69
N GLY C 180 -32.24 24.28 -14.48
CA GLY C 180 -32.19 24.51 -15.91
C GLY C 180 -31.22 25.61 -16.28
N VAL C 181 -30.37 25.36 -17.27
CA VAL C 181 -29.37 26.31 -17.72
C VAL C 181 -29.75 26.74 -19.14
N GLU C 182 -30.10 28.01 -19.31
CA GLU C 182 -30.33 28.52 -20.66
C GLU C 182 -29.01 28.71 -21.40
N THR C 183 -28.05 29.36 -20.77
CA THR C 183 -26.74 29.55 -21.37
C THR C 183 -25.75 29.89 -20.27
N GLY C 184 -24.48 29.65 -20.56
CA GLY C 184 -23.44 29.85 -19.57
C GLY C 184 -22.09 30.09 -20.20
N LEU C 185 -21.29 30.90 -19.53
CA LEU C 185 -19.93 31.20 -19.95
C LEU C 185 -19.00 30.89 -18.78
N MET C 186 -17.86 30.28 -19.09
CA MET C 186 -16.97 29.74 -18.08
C MET C 186 -15.57 30.28 -18.31
N THR C 187 -14.88 30.51 -17.20
CA THR C 187 -13.45 30.77 -17.20
C THR C 187 -12.82 29.78 -16.24
N THR C 188 -11.77 29.11 -16.66
CA THR C 188 -11.01 28.23 -15.77
C THR C 188 -9.64 28.82 -15.55
N VAL C 189 -9.32 29.13 -14.30
CA VAL C 189 -7.99 29.54 -13.89
C VAL C 189 -7.20 28.28 -13.62
N HIS C 190 -6.17 28.03 -14.42
CA HIS C 190 -5.61 26.69 -14.54
C HIS C 190 -4.10 26.72 -14.29
N ALA C 191 -3.61 25.72 -13.57
CA ALA C 191 -2.18 25.57 -13.35
C ALA C 191 -1.45 25.40 -14.68
N TYR C 192 -0.17 25.77 -14.72
CA TYR C 192 0.55 25.56 -15.97
C TYR C 192 0.81 24.07 -16.17
N THR C 193 1.07 23.71 -17.42
CA THR C 193 1.33 22.34 -17.83
C THR C 193 2.59 22.32 -18.67
N ASN C 194 3.08 21.12 -18.95
CA ASN C 194 4.38 20.96 -19.61
C ASN C 194 4.39 21.36 -21.07
N ASP C 195 3.25 21.78 -21.61
CA ASP C 195 3.24 22.34 -22.99
C ASP C 195 3.62 23.82 -22.95
N GLN C 196 3.67 24.42 -21.77
CA GLN C 196 4.04 25.83 -21.65
C GLN C 196 5.56 25.95 -21.54
N VAL C 197 6.04 27.18 -21.31
CA VAL C 197 7.47 27.45 -21.36
C VAL C 197 7.90 28.24 -20.13
N LEU C 198 9.18 28.11 -19.77
CA LEU C 198 9.74 28.79 -18.60
C LEU C 198 10.04 30.26 -18.88
N THR C 199 10.64 30.54 -20.04
CA THR C 199 10.94 31.90 -20.48
C THR C 199 10.68 31.96 -21.97
N ASP C 200 10.25 33.13 -22.44
CA ASP C 200 9.63 33.25 -23.76
C ASP C 200 10.43 32.51 -24.82
N VAL C 201 9.75 31.62 -25.55
CA VAL C 201 10.39 30.79 -26.57
C VAL C 201 9.30 30.24 -27.48
N TYR C 202 9.71 29.76 -28.66
CA TYR C 202 8.77 29.36 -29.69
C TYR C 202 7.65 28.49 -29.14
N HIS C 203 6.43 28.76 -29.60
CA HIS C 203 5.24 27.96 -29.35
C HIS C 203 4.23 28.22 -30.46
N GLU C 204 3.43 27.21 -30.78
CA GLU C 204 2.37 27.38 -31.78
C GLU C 204 1.38 28.47 -31.38
N ASP C 205 1.06 28.55 -30.08
CA ASP C 205 0.18 29.57 -29.52
C ASP C 205 1.04 30.72 -28.99
N LEU C 206 0.81 31.93 -29.51
CA LEU C 206 1.69 33.05 -29.17
C LEU C 206 1.65 33.40 -27.70
N ARG C 207 0.52 33.17 -27.04
CA ARG C 207 0.43 33.45 -25.63
C ARG C 207 1.10 32.37 -24.79
N ARG C 208 0.96 31.11 -25.20
CA ARG C 208 1.65 30.05 -24.48
C ARG C 208 3.15 30.06 -24.72
N ALA C 209 3.62 30.85 -25.69
CA ALA C 209 5.03 31.09 -25.90
C ALA C 209 5.63 31.98 -24.83
N ARG C 210 4.81 32.49 -23.92
CA ARG C 210 5.24 33.41 -22.89
C ARG C 210 5.43 32.68 -21.57
N SER C 211 6.41 33.13 -20.80
CA SER C 211 6.77 32.51 -19.53
C SER C 211 5.54 32.22 -18.68
N ALA C 212 5.32 30.93 -18.41
CA ALA C 212 4.24 30.50 -17.55
C ALA C 212 4.42 30.95 -16.12
N THR C 213 5.67 31.10 -15.66
CA THR C 213 5.96 31.42 -14.27
C THR C 213 5.67 32.87 -13.92
N MET C 214 5.61 33.76 -14.91
CA MET C 214 5.55 35.19 -14.63
C MET C 214 4.22 35.87 -14.93
N SER C 215 3.28 35.19 -15.59
CA SER C 215 2.11 35.91 -16.11
C SER C 215 0.85 35.08 -16.02
N MET C 216 -0.28 35.78 -16.04
CA MET C 216 -1.56 35.19 -16.38
C MET C 216 -1.68 35.12 -17.90
N ILE C 217 -1.96 33.93 -18.42
CA ILE C 217 -1.90 33.71 -19.86
C ILE C 217 -3.24 33.21 -20.38
N PRO C 218 -4.01 34.02 -21.08
CA PRO C 218 -5.24 33.50 -21.69
C PRO C 218 -4.93 32.46 -22.75
N THR C 219 -5.70 31.39 -22.75
CA THR C 219 -5.59 30.36 -23.79
C THR C 219 -6.97 29.79 -24.07
N LYS C 220 -7.19 29.41 -25.33
CA LYS C 220 -8.49 28.83 -25.68
C LYS C 220 -8.62 27.42 -25.10
N THR C 221 -9.85 27.06 -24.74
CA THR C 221 -10.20 25.70 -24.36
C THR C 221 -11.61 25.39 -24.88
N GLY C 222 -11.79 24.16 -25.34
CA GLY C 222 -13.08 23.67 -25.73
C GLY C 222 -13.83 22.93 -24.65
N ALA C 223 -13.37 23.00 -23.40
CA ALA C 223 -13.95 22.17 -22.35
C ALA C 223 -15.43 22.47 -22.13
N ALA C 224 -15.80 23.75 -22.18
CA ALA C 224 -17.19 24.12 -21.91
C ALA C 224 -18.12 23.62 -23.00
N ALA C 225 -17.77 23.90 -24.27
CA ALA C 225 -18.54 23.35 -25.36
C ALA C 225 -18.53 21.84 -25.34
N ALA C 226 -17.42 21.23 -24.91
CA ALA C 226 -17.30 19.78 -24.91
C ALA C 226 -18.28 19.13 -23.92
N VAL C 227 -18.79 19.89 -22.96
CA VAL C 227 -19.80 19.33 -22.07
C VAL C 227 -21.00 18.85 -22.89
N GLY C 228 -21.23 19.43 -24.07
CA GLY C 228 -22.30 18.96 -24.94
C GLY C 228 -22.09 17.55 -25.46
N LEU C 229 -20.84 17.12 -25.60
CA LEU C 229 -20.58 15.75 -26.02
C LEU C 229 -20.96 14.74 -24.93
N VAL C 230 -20.81 15.10 -23.66
CA VAL C 230 -21.12 14.17 -22.58
C VAL C 230 -22.54 14.36 -22.03
N LEU C 231 -23.08 15.58 -22.11
CA LEU C 231 -24.46 15.89 -21.73
C LEU C 231 -25.11 16.58 -22.92
N PRO C 232 -25.73 15.82 -23.82
CA PRO C 232 -26.23 16.43 -25.06
C PRO C 232 -27.23 17.57 -24.84
N GLU C 233 -27.98 17.55 -23.74
CA GLU C 233 -28.93 18.63 -23.47
C GLU C 233 -28.27 20.01 -23.37
N LEU C 234 -26.99 20.06 -23.00
CA LEU C 234 -26.28 21.33 -22.87
C LEU C 234 -25.50 21.69 -24.11
N ASN C 235 -25.67 20.95 -25.20
CA ASN C 235 -24.96 21.24 -26.44
C ASN C 235 -25.31 22.63 -26.95
N GLY C 236 -24.28 23.43 -27.23
CA GLY C 236 -24.45 24.77 -27.72
C GLY C 236 -24.76 25.80 -26.64
N LYS C 237 -24.83 25.41 -25.39
CA LYS C 237 -25.25 26.30 -24.31
C LYS C 237 -24.09 26.84 -23.49
N LEU C 238 -22.90 26.25 -23.60
CA LEU C 238 -21.76 26.64 -22.78
C LEU C 238 -20.57 26.99 -23.66
N ASP C 239 -19.88 28.07 -23.30
CA ASP C 239 -18.62 28.45 -23.94
C ASP C 239 -17.71 29.02 -22.86
N GLY C 240 -16.43 29.15 -23.17
CA GLY C 240 -15.49 29.67 -22.18
C GLY C 240 -14.07 29.66 -22.69
N PHE C 241 -13.16 30.12 -21.82
CA PHE C 241 -11.73 30.09 -22.09
C PHE C 241 -10.98 29.86 -20.78
N ALA C 242 -9.66 29.71 -20.88
CA ALA C 242 -8.81 29.45 -19.73
C ALA C 242 -7.83 30.59 -19.50
N ILE C 243 -7.42 30.76 -18.24
CA ILE C 243 -6.34 31.67 -17.87
C ILE C 243 -5.33 30.82 -17.11
N ARG C 244 -4.18 30.57 -17.73
CA ARG C 244 -3.10 29.83 -17.09
C ARG C 244 -2.33 30.75 -16.14
N VAL C 245 -2.09 30.28 -14.92
CA VAL C 245 -1.42 31.12 -13.92
C VAL C 245 -0.25 30.34 -13.34
N PRO C 246 0.69 31.04 -12.67
CA PRO C 246 1.89 30.36 -12.15
C PRO C 246 1.68 29.48 -10.93
N THR C 247 0.98 28.36 -11.09
CA THR C 247 0.88 27.33 -10.07
C THR C 247 1.19 25.99 -10.70
N ILE C 248 1.78 25.08 -9.93
CA ILE C 248 2.22 23.83 -10.53
C ILE C 248 1.08 22.82 -10.69
N ASN C 249 0.01 22.94 -9.91
CA ASN C 249 -1.08 21.96 -9.97
C ASN C 249 -2.31 22.53 -9.28
N VAL C 250 -3.47 21.94 -9.61
CA VAL C 250 -4.78 22.32 -9.09
C VAL C 250 -5.30 23.54 -9.83
N SER C 251 -6.54 23.47 -10.28
CA SER C 251 -7.14 24.49 -11.13
C SER C 251 -8.55 24.78 -10.62
N LEU C 252 -9.17 25.82 -11.19
CA LEU C 252 -10.48 26.28 -10.75
C LEU C 252 -11.39 26.54 -11.95
N VAL C 253 -12.59 25.99 -11.90
CA VAL C 253 -13.65 26.29 -12.86
C VAL C 253 -14.53 27.37 -12.26
N ASP C 254 -14.82 28.40 -13.06
CA ASP C 254 -15.64 29.55 -12.67
C ASP C 254 -16.76 29.68 -13.72
N LEU C 255 -17.95 29.19 -13.40
CA LEU C 255 -19.07 29.13 -14.34
C LEU C 255 -20.13 30.15 -13.97
N SER C 256 -20.42 31.05 -14.90
CA SER C 256 -21.52 31.99 -14.78
C SER C 256 -22.60 31.58 -15.79
N PHE C 257 -23.82 31.36 -15.31
CA PHE C 257 -24.89 30.96 -16.22
C PHE C 257 -26.22 31.59 -15.80
N VAL C 258 -27.09 31.73 -16.80
CA VAL C 258 -28.46 32.20 -16.61
C VAL C 258 -29.34 30.97 -16.42
N ALA C 259 -29.96 30.86 -15.24
CA ALA C 259 -30.88 29.77 -14.93
C ALA C 259 -32.25 30.03 -15.54
N LYS C 260 -33.05 28.96 -15.65
CA LYS C 260 -34.38 29.07 -16.25
C LYS C 260 -35.38 29.75 -15.30
N ARG C 261 -35.14 29.69 -14.00
CA ARG C 261 -36.01 30.35 -13.04
C ARG C 261 -35.15 31.03 -11.99
N ASP C 262 -35.76 31.94 -11.25
CA ASP C 262 -35.04 32.62 -10.18
C ASP C 262 -34.62 31.59 -9.12
N THR C 263 -33.49 31.84 -8.49
CA THR C 263 -32.95 30.92 -7.51
C THR C 263 -32.23 31.73 -6.44
N THR C 264 -31.61 31.02 -5.50
CA THR C 264 -30.86 31.66 -4.41
C THR C 264 -29.54 30.94 -4.19
N VAL C 265 -28.65 31.59 -3.46
CA VAL C 265 -27.39 30.95 -3.10
C VAL C 265 -27.67 29.67 -2.32
N GLU C 266 -28.65 29.72 -1.42
CA GLU C 266 -28.93 28.55 -0.57
C GLU C 266 -29.47 27.39 -1.39
N GLU C 267 -30.33 27.67 -2.37
CA GLU C 267 -30.87 26.58 -3.18
C GLU C 267 -29.80 25.99 -4.08
N VAL C 268 -29.03 26.84 -4.74
CA VAL C 268 -27.95 26.37 -5.61
C VAL C 268 -27.00 25.46 -4.84
N ASN C 269 -26.59 25.90 -3.64
CA ASN C 269 -25.69 25.07 -2.84
C ASN C 269 -26.35 23.76 -2.43
N SER C 270 -27.65 23.80 -2.13
CA SER C 270 -28.36 22.59 -1.71
C SER C 270 -28.43 21.58 -2.85
N ILE C 271 -28.61 22.06 -4.08
CA ILE C 271 -28.69 21.16 -5.22
C ILE C 271 -27.41 20.38 -5.36
N LEU C 272 -26.27 21.07 -5.27
CA LEU C 272 -24.97 20.42 -5.41
C LEU C 272 -24.64 19.57 -4.19
N GLN C 273 -25.08 19.98 -3.01
CA GLN C 273 -24.86 19.15 -1.83
C GLN C 273 -25.56 17.80 -1.97
N ALA C 274 -26.82 17.83 -2.42
CA ALA C 274 -27.57 16.60 -2.62
C ALA C 274 -26.92 15.73 -3.69
N ALA C 275 -26.44 16.35 -4.76
CA ALA C 275 -25.76 15.59 -5.81
C ALA C 275 -24.49 14.95 -5.29
N ALA C 276 -23.71 15.68 -4.49
CA ALA C 276 -22.47 15.12 -3.98
C ALA C 276 -22.74 13.96 -3.02
N GLU C 277 -23.84 14.02 -2.28
CA GLU C 277 -24.18 12.96 -1.35
C GLU C 277 -24.86 11.78 -2.02
N GLY C 278 -25.40 11.96 -3.22
CA GLY C 278 -26.14 10.90 -3.88
C GLY C 278 -25.54 10.40 -5.17
N GLU C 279 -26.11 10.84 -6.29
CA GLU C 279 -25.78 10.25 -7.59
C GLU C 279 -24.31 10.41 -7.92
N LEU C 280 -23.73 11.56 -7.59
CA LEU C 280 -22.37 11.93 -7.99
C LEU C 280 -21.37 11.79 -6.85
N LYS C 281 -21.63 10.90 -5.90
CA LYS C 281 -20.73 10.74 -4.77
C LYS C 281 -19.34 10.31 -5.26
N ASP C 282 -18.32 10.95 -4.70
CA ASP C 282 -16.91 10.70 -4.97
C ASP C 282 -16.44 11.22 -6.32
N ILE C 283 -17.36 11.66 -7.18
CA ILE C 283 -16.99 12.38 -8.39
C ILE C 283 -17.04 13.88 -8.15
N LEU C 284 -18.10 14.30 -7.47
CA LEU C 284 -18.34 15.67 -7.07
C LEU C 284 -18.33 15.71 -5.54
N THR C 285 -17.64 16.69 -4.98
CA THR C 285 -17.62 16.88 -3.54
C THR C 285 -18.16 18.26 -3.19
N TYR C 286 -18.55 18.42 -1.94
CA TYR C 286 -19.15 19.64 -1.43
C TYR C 286 -18.27 20.15 -0.29
N ASN C 287 -17.76 21.37 -0.45
CA ASN C 287 -16.82 21.96 0.52
CA ASN C 287 -16.82 21.96 0.51
C ASN C 287 -17.36 23.27 1.06
N THR C 288 -17.26 23.44 2.38
CA THR C 288 -17.73 24.64 3.05
C THR C 288 -16.65 25.36 3.84
N GLU C 289 -15.38 24.87 3.82
CA GLU C 289 -14.26 25.42 4.58
C GLU C 289 -13.54 26.50 3.77
N PRO C 290 -12.88 27.47 4.44
CA PRO C 290 -12.18 28.54 3.70
C PRO C 290 -10.79 28.11 3.21
N LEU C 291 -10.79 27.42 2.08
CA LEU C 291 -9.62 26.73 1.55
C LEU C 291 -9.08 27.44 0.32
N VAL C 292 -7.85 27.06 -0.05
CA VAL C 292 -7.18 27.58 -1.23
C VAL C 292 -6.82 26.40 -2.12
N SER C 293 -6.24 26.68 -3.29
CA SER C 293 -6.06 25.63 -4.28
C SER C 293 -5.22 24.47 -3.76
N ILE C 294 -4.12 24.77 -3.04
CA ILE C 294 -3.22 23.70 -2.62
C ILE C 294 -3.94 22.66 -1.74
N ASP C 295 -5.02 23.06 -1.07
CA ASP C 295 -5.72 22.11 -0.19
C ASP C 295 -6.40 21.00 -0.97
N PHE C 296 -6.60 21.16 -2.27
CA PHE C 296 -7.17 20.12 -3.10
C PHE C 296 -6.12 19.35 -3.89
N ASN C 297 -4.84 19.64 -3.67
CA ASN C 297 -3.80 18.81 -4.25
C ASN C 297 -3.94 17.39 -3.73
N HIS C 298 -3.87 16.43 -4.65
CA HIS C 298 -4.02 15.00 -4.38
C HIS C 298 -5.43 14.62 -3.96
N ASN C 299 -6.41 15.47 -4.26
CA ASN C 299 -7.82 15.12 -4.10
C ASN C 299 -8.27 14.36 -5.36
N PRO C 300 -8.76 13.12 -5.23
CA PRO C 300 -9.09 12.33 -6.42
C PRO C 300 -10.40 12.69 -7.10
N ALA C 301 -11.20 13.59 -6.53
CA ALA C 301 -12.49 13.92 -7.13
C ALA C 301 -12.30 14.71 -8.41
N SER C 302 -13.29 14.61 -9.30
CA SER C 302 -13.29 15.37 -10.55
C SER C 302 -13.72 16.81 -10.34
N SER C 303 -14.54 17.07 -9.34
CA SER C 303 -15.12 18.40 -9.15
C SER C 303 -15.31 18.62 -7.66
N ASN C 304 -14.63 19.61 -7.10
CA ASN C 304 -14.75 19.94 -5.68
C ASN C 304 -15.49 21.27 -5.59
N PHE C 305 -16.82 21.19 -5.56
CA PHE C 305 -17.63 22.40 -5.52
C PHE C 305 -17.40 23.15 -4.23
N ASP C 306 -17.17 24.45 -4.35
CA ASP C 306 -16.88 25.32 -3.20
C ASP C 306 -18.12 26.16 -2.93
N ALA C 307 -18.92 25.71 -1.94
CA ALA C 307 -20.16 26.41 -1.63
C ALA C 307 -19.90 27.83 -1.12
N THR C 308 -18.70 28.08 -0.55
CA THR C 308 -18.41 29.39 0.01
C THR C 308 -18.35 30.47 -1.06
N LEU C 309 -18.16 30.10 -2.32
CA LEU C 309 -17.99 31.07 -3.38
C LEU C 309 -19.25 31.36 -4.19
N THR C 310 -20.34 30.62 -3.95
CA THR C 310 -21.54 30.77 -4.79
C THR C 310 -22.10 32.18 -4.72
N LYS C 311 -22.44 32.74 -5.88
CA LYS C 311 -23.12 34.02 -6.00
C LYS C 311 -24.35 33.86 -6.88
N VAL C 312 -25.44 34.54 -6.50
CA VAL C 312 -26.67 34.54 -7.26
C VAL C 312 -27.19 35.98 -7.33
N SER C 313 -27.53 36.43 -8.54
CA SER C 313 -28.18 37.73 -8.78
C SER C 313 -29.35 37.47 -9.72
N GLY C 314 -30.53 37.25 -9.14
CA GLY C 314 -31.70 36.95 -9.93
C GLY C 314 -31.59 35.61 -10.62
N LYS C 315 -31.45 35.61 -11.94
CA LYS C 315 -31.22 34.37 -12.67
C LYS C 315 -29.75 34.08 -12.93
N LEU C 316 -28.86 35.06 -12.73
CA LEU C 316 -27.44 34.87 -12.98
C LEU C 316 -26.79 34.15 -11.79
N VAL C 317 -26.09 33.06 -12.07
CA VAL C 317 -25.51 32.22 -11.04
C VAL C 317 -24.03 32.03 -11.34
N LYS C 318 -23.18 32.18 -10.33
CA LYS C 318 -21.75 31.90 -10.45
C LYS C 318 -21.42 30.77 -9.48
N VAL C 319 -20.98 29.64 -10.02
CA VAL C 319 -20.55 28.49 -9.21
C VAL C 319 -19.09 28.23 -9.53
N SER C 320 -18.35 27.73 -8.54
CA SER C 320 -16.92 27.53 -8.65
C SER C 320 -16.54 26.17 -8.07
N SER C 321 -15.65 25.47 -8.78
CA SER C 321 -15.24 24.13 -8.38
C SER C 321 -13.75 23.97 -8.55
N TRP C 322 -13.07 23.46 -7.51
CA TRP C 322 -11.65 23.17 -7.60
C TRP C 322 -11.40 21.78 -8.16
N TYR C 323 -10.30 21.63 -8.89
CA TYR C 323 -9.96 20.28 -9.33
C TYR C 323 -8.45 20.12 -9.46
N ASP C 324 -7.96 19.03 -8.91
CA ASP C 324 -6.60 18.58 -9.18
C ASP C 324 -6.58 18.03 -10.60
N ASN C 325 -6.10 18.84 -11.53
CA ASN C 325 -6.13 18.48 -12.94
C ASN C 325 -5.30 17.24 -13.24
N GLU C 326 -4.33 16.88 -12.39
CA GLU C 326 -3.58 15.64 -12.61
C GLU C 326 -4.22 14.46 -11.90
N TRP C 327 -4.56 14.61 -10.62
CA TRP C 327 -4.96 13.45 -9.81
C TRP C 327 -6.39 13.03 -10.08
N GLY C 328 -7.34 13.98 -10.14
CA GLY C 328 -8.71 13.60 -10.43
C GLY C 328 -8.84 12.90 -11.78
N PHE C 329 -8.27 13.52 -12.81
CA PHE C 329 -8.33 12.95 -14.15
C PHE C 329 -7.71 11.56 -14.20
N SER C 330 -6.55 11.39 -13.55
CA SER C 330 -5.85 10.11 -13.61
C SER C 330 -6.67 9.00 -12.97
N ASN C 331 -7.34 9.30 -11.86
CA ASN C 331 -8.21 8.29 -11.26
C ASN C 331 -9.40 7.99 -12.16
N ARG C 332 -9.94 9.01 -12.84
CA ARG C 332 -11.05 8.76 -13.76
C ARG C 332 -10.62 7.88 -14.93
N MET C 333 -9.36 7.98 -15.36
CA MET C 333 -8.88 7.13 -16.44
C MET C 333 -8.99 5.66 -16.07
N LEU C 334 -8.68 5.31 -14.82
CA LEU C 334 -8.82 3.93 -14.39
C LEU C 334 -10.28 3.52 -14.36
N ASP C 335 -11.17 4.42 -13.90
CA ASP C 335 -12.60 4.11 -13.90
C ASP C 335 -13.09 3.84 -15.31
N THR C 336 -12.74 4.72 -16.25
CA THR C 336 -13.21 4.57 -17.62
C THR C 336 -12.67 3.30 -18.26
N THR C 337 -11.45 2.88 -17.89
CA THR C 337 -10.90 1.65 -18.45
C THR C 337 -11.77 0.45 -18.09
N VAL C 338 -12.20 0.36 -16.83
CA VAL C 338 -13.05 -0.73 -16.40
C VAL C 338 -14.40 -0.68 -17.10
N ALA C 339 -14.95 0.53 -17.28
CA ALA C 339 -16.24 0.68 -17.93
C ALA C 339 -16.17 0.25 -19.39
N LEU C 340 -15.08 0.61 -20.08
CA LEU C 340 -14.95 0.29 -21.50
C LEU C 340 -14.89 -1.22 -21.72
N MET C 341 -14.11 -1.92 -20.90
CA MET C 341 -13.99 -3.36 -21.05
C MET C 341 -15.23 -4.09 -20.57
N SER C 342 -16.04 -3.47 -19.71
CA SER C 342 -17.30 -4.06 -19.28
C SER C 342 -18.46 -3.69 -20.20
N ALA C 343 -18.28 -2.72 -21.09
CA ALA C 343 -19.39 -2.26 -21.92
C ALA C 343 -19.82 -3.38 -22.86
N LYS C 344 -21.14 -3.52 -23.03
CA LYS C 344 -21.69 -4.57 -23.87
C LYS C 344 -22.15 -4.04 -25.22
N MET D 9 8.65 11.97 34.14
CA MET D 9 8.38 13.41 34.43
C MET D 9 8.00 14.15 33.14
N THR D 10 6.72 14.17 32.79
CA THR D 10 6.28 14.91 31.62
C THR D 10 6.59 16.40 31.76
N ILE D 11 7.17 16.99 30.72
CA ILE D 11 7.52 18.40 30.66
C ILE D 11 6.34 19.20 30.11
N ARG D 12 5.92 20.22 30.84
CA ARG D 12 4.81 21.06 30.42
C ARG D 12 5.33 22.23 29.59
N VAL D 13 4.90 22.29 28.33
CA VAL D 13 5.47 23.21 27.35
C VAL D 13 4.38 24.11 26.81
N VAL D 14 4.75 25.33 26.46
CA VAL D 14 3.87 26.24 25.75
C VAL D 14 4.67 26.82 24.58
N ILE D 15 3.96 27.18 23.52
CA ILE D 15 4.55 27.74 22.31
C ILE D 15 4.10 29.18 22.24
N ASN D 16 5.05 30.11 22.29
CA ASN D 16 4.77 31.53 22.19
C ASN D 16 5.19 31.99 20.80
N GLY D 17 4.21 32.24 19.95
CA GLY D 17 4.44 32.52 18.55
C GLY D 17 4.16 31.23 17.80
N TYR D 18 2.93 31.10 17.33
CA TYR D 18 2.45 29.88 16.69
C TYR D 18 2.54 30.03 15.17
N GLY D 19 3.75 30.32 14.71
CA GLY D 19 4.05 30.57 13.31
C GLY D 19 4.65 29.36 12.64
N ARG D 20 5.55 29.60 11.67
CA ARG D 20 6.16 28.47 10.97
C ARG D 20 6.85 27.52 11.94
N ILE D 21 7.71 28.04 12.82
CA ILE D 21 8.41 27.15 13.75
C ILE D 21 7.46 26.68 14.84
N GLY D 22 6.68 27.60 15.42
CA GLY D 22 5.79 27.22 16.52
C GLY D 22 4.80 26.13 16.13
N ARG D 23 4.16 26.29 14.97
CA ARG D 23 3.19 25.30 14.54
C ARG D 23 3.86 23.98 14.17
N ASN D 24 5.02 24.04 13.55
CA ASN D 24 5.65 22.78 13.16
C ASN D 24 6.28 22.06 14.33
N ILE D 25 6.57 22.76 15.43
CA ILE D 25 6.95 22.06 16.65
C ILE D 25 5.79 21.19 17.13
N LEU D 26 4.59 21.76 17.19
CA LEU D 26 3.42 20.98 17.61
C LEU D 26 3.12 19.86 16.64
N ARG D 27 3.19 20.14 15.33
CA ARG D 27 3.00 19.08 14.35
C ARG D 27 4.02 17.97 14.52
N ALA D 28 5.28 18.33 14.73
CA ALA D 28 6.31 17.31 14.89
C ALA D 28 6.04 16.46 16.12
N HIS D 29 5.59 17.09 17.21
CA HIS D 29 5.31 16.37 18.43
C HIS D 29 4.22 15.32 18.23
N TYR D 30 3.13 15.68 17.56
CA TYR D 30 2.05 14.71 17.40
C TYR D 30 2.36 13.69 16.30
N GLU D 31 3.07 14.09 15.25
CA GLU D 31 3.37 13.15 14.18
C GLU D 31 4.31 12.05 14.62
N ASN D 32 5.27 12.33 15.51
CA ASN D 32 6.15 11.28 15.99
C ASN D 32 5.55 10.51 17.16
N GLY D 33 4.25 10.65 17.41
CA GLY D 33 3.60 9.88 18.45
C GLY D 33 3.83 10.40 19.84
N LYS D 34 4.16 11.69 19.98
CA LYS D 34 4.54 12.26 21.26
C LYS D 34 5.61 11.38 21.94
N LYS D 35 6.63 11.02 21.16
CA LYS D 35 7.72 10.23 21.70
C LYS D 35 8.41 10.97 22.84
N HIS D 36 8.62 12.27 22.68
CA HIS D 36 9.15 13.07 23.76
C HIS D 36 8.13 13.14 24.88
N ASP D 37 8.60 13.07 26.12
CA ASP D 37 7.74 13.16 27.29
C ASP D 37 7.38 14.63 27.53
N ILE D 38 6.55 15.14 26.62
CA ILE D 38 6.18 16.56 26.57
C ILE D 38 4.68 16.65 26.37
N GLU D 39 4.06 17.62 27.04
CA GLU D 39 2.67 17.97 26.79
C GLU D 39 2.60 19.46 26.50
N ILE D 40 2.10 19.80 25.32
CA ILE D 40 1.91 21.20 24.94
C ILE D 40 0.58 21.64 25.56
N VAL D 41 0.69 22.50 26.57
CA VAL D 41 -0.48 22.89 27.36
C VAL D 41 -1.15 24.14 26.78
N ALA D 42 -0.40 24.97 26.07
CA ALA D 42 -0.95 26.24 25.59
C ALA D 42 -0.13 26.75 24.41
N ILE D 43 -0.76 27.61 23.61
CA ILE D 43 -0.10 28.33 22.53
C ILE D 43 -0.53 29.79 22.63
N ASN D 44 0.30 30.68 22.11
CA ASN D 44 -0.04 32.10 22.13
C ASN D 44 0.34 32.72 20.79
N ASP D 45 -0.56 33.51 20.24
CA ASP D 45 -0.36 34.19 18.96
C ASP D 45 -1.29 35.39 18.94
N LEU D 46 -1.53 35.95 17.78
CA LEU D 46 -2.40 37.12 17.66
C LEU D 46 -3.86 36.78 17.39
N GLY D 47 -4.17 35.54 16.99
CA GLY D 47 -5.50 35.21 16.52
C GLY D 47 -6.36 34.46 17.54
N ASP D 48 -7.60 34.21 17.14
CA ASP D 48 -8.55 33.44 17.93
C ASP D 48 -8.37 31.96 17.68
N PRO D 49 -8.99 31.11 18.51
CA PRO D 49 -8.77 29.66 18.36
C PRO D 49 -9.15 29.12 17.00
N LYS D 50 -10.17 29.70 16.37
CA LYS D 50 -10.57 29.24 15.04
C LYS D 50 -9.42 29.42 14.06
N THR D 51 -8.71 30.54 14.14
CA THR D 51 -7.60 30.80 13.23
C THR D 51 -6.43 29.85 13.46
N ASN D 52 -6.05 29.66 14.73
CA ASN D 52 -4.91 28.79 15.03
C ASN D 52 -5.21 27.34 14.69
N ALA D 53 -6.44 26.90 14.91
CA ALA D 53 -6.79 25.53 14.56
C ALA D 53 -6.77 25.34 13.05
N HIS D 54 -7.29 26.31 12.30
CA HIS D 54 -7.33 26.19 10.84
C HIS D 54 -5.93 26.11 10.26
N LEU D 55 -5.02 26.98 10.72
CA LEU D 55 -3.67 26.92 10.20
C LEU D 55 -2.97 25.65 10.64
N THR D 56 -3.38 25.07 11.78
CA THR D 56 -2.81 23.78 12.16
C THR D 56 -3.25 22.70 11.18
N ARG D 57 -4.51 22.76 10.74
CA ARG D 57 -5.07 21.70 9.91
C ARG D 57 -4.48 21.71 8.49
N PHE D 58 -4.34 22.89 7.89
CA PHE D 58 -3.94 23.00 6.49
C PHE D 58 -2.67 23.82 6.36
N ASP D 59 -1.68 23.25 5.69
CA ASP D 59 -0.43 23.95 5.42
C ASP D 59 -0.02 23.75 3.97
N THR D 60 0.48 24.82 3.37
CA THR D 60 0.98 24.76 2.01
C THR D 60 2.22 23.89 1.91
N ALA D 61 3.25 24.20 2.69
CA ALA D 61 4.52 23.52 2.56
C ALA D 61 4.44 22.06 2.99
N HIS D 62 3.69 21.78 4.05
CA HIS D 62 3.70 20.46 4.66
C HIS D 62 2.36 19.74 4.56
N GLY D 63 1.41 20.30 3.84
CA GLY D 63 0.16 19.59 3.62
C GLY D 63 -0.75 19.50 4.82
N LYS D 64 -1.63 18.52 4.77
CA LYS D 64 -2.68 18.35 5.76
C LYS D 64 -2.14 17.69 7.02
N PHE D 65 -2.57 18.21 8.16
CA PHE D 65 -2.20 17.61 9.44
C PHE D 65 -2.86 16.24 9.57
N PRO D 66 -2.09 15.17 9.83
CA PRO D 66 -2.70 13.83 9.86
C PRO D 66 -3.78 13.66 10.93
N GLY D 67 -3.68 14.36 12.06
CA GLY D 67 -4.60 14.18 13.16
C GLY D 67 -5.83 15.07 13.02
N THR D 68 -6.59 15.13 14.11
CA THR D 68 -7.79 15.95 14.17
C THR D 68 -7.55 17.16 15.05
N VAL D 69 -8.05 18.31 14.61
CA VAL D 69 -8.00 19.54 15.40
C VAL D 69 -9.40 20.13 15.40
N THR D 70 -9.93 20.41 16.59
CA THR D 70 -11.22 21.05 16.78
C THR D 70 -11.04 22.21 17.76
N VAL D 71 -12.07 23.03 17.87
CA VAL D 71 -12.09 24.16 18.79
C VAL D 71 -13.18 23.90 19.82
N ASP D 72 -12.87 24.19 21.09
CA ASP D 72 -13.83 24.09 22.19
C ASP D 72 -13.61 25.30 23.09
N GLY D 73 -14.40 26.35 22.89
CA GLY D 73 -14.21 27.56 23.68
C GLY D 73 -12.81 28.13 23.44
N ASP D 74 -12.11 28.43 24.52
CA ASP D 74 -10.76 28.99 24.44
C ASP D 74 -9.69 27.93 24.21
N TYR D 75 -10.06 26.72 23.83
CA TYR D 75 -9.10 25.63 23.67
C TYR D 75 -9.11 25.11 22.24
N MET D 76 -7.93 24.74 21.76
CA MET D 76 -7.75 23.99 20.52
C MET D 76 -7.42 22.55 20.91
N VAL D 77 -8.22 21.61 20.41
CA VAL D 77 -8.13 20.21 20.82
C VAL D 77 -7.47 19.42 19.70
N VAL D 78 -6.28 18.90 19.97
CA VAL D 78 -5.47 18.16 19.01
C VAL D 78 -5.39 16.72 19.47
N ASN D 79 -6.00 15.82 18.71
CA ASN D 79 -5.99 14.39 19.05
C ASN D 79 -6.41 14.18 20.50
N GLY D 80 -7.44 14.92 20.92
CA GLY D 80 -7.99 14.78 22.25
C GLY D 80 -7.32 15.57 23.34
N ASP D 81 -6.24 16.29 23.05
CA ASP D 81 -5.53 17.08 24.04
C ASP D 81 -6.02 18.52 23.97
N LYS D 82 -6.49 19.04 25.11
CA LYS D 82 -6.99 20.41 25.17
C LYS D 82 -5.81 21.35 25.35
N ILE D 83 -5.67 22.30 24.43
CA ILE D 83 -4.55 23.24 24.47
C ILE D 83 -5.13 24.65 24.55
N ARG D 84 -4.80 25.36 25.62
CA ARG D 84 -5.28 26.73 25.78
CA ARG D 84 -5.26 26.73 25.80
C ARG D 84 -4.70 27.64 24.70
N VAL D 85 -5.55 28.49 24.16
CA VAL D 85 -5.17 29.48 23.15
C VAL D 85 -5.21 30.86 23.78
N LEU D 86 -4.11 31.59 23.66
CA LEU D 86 -3.97 32.93 24.20
C LEU D 86 -3.65 33.90 23.08
N ALA D 87 -4.03 35.16 23.25
CA ALA D 87 -3.64 36.21 22.29
C ALA D 87 -3.24 37.44 23.09
N ASN D 88 -1.98 37.49 23.50
CA ASN D 88 -1.46 38.61 24.27
C ASN D 88 -0.01 38.84 23.86
N ARG D 89 0.30 40.05 23.38
CA ARG D 89 1.62 40.34 22.87
C ARG D 89 2.68 40.49 23.97
N ASN D 90 2.27 40.73 25.22
CA ASN D 90 3.22 40.95 26.31
CA ASN D 90 3.22 40.95 26.31
C ASN D 90 3.41 39.66 27.10
N PRO D 91 4.59 39.03 27.04
CA PRO D 91 4.78 37.76 27.77
C PRO D 91 4.55 37.86 29.27
N ALA D 92 4.86 38.99 29.89
CA ALA D 92 4.71 39.09 31.34
C ALA D 92 3.24 38.96 31.75
N GLU D 93 2.31 39.16 30.83
CA GLU D 93 0.89 39.01 31.13
C GLU D 93 0.36 37.60 30.90
N LEU D 94 1.17 36.70 30.31
CA LEU D 94 0.71 35.35 29.99
C LEU D 94 0.66 34.48 31.24
N PRO D 95 -0.32 33.57 31.34
CA PRO D 95 -0.60 32.85 32.60
C PRO D 95 0.23 31.58 32.77
N TRP D 96 1.57 31.74 32.71
CA TRP D 96 2.44 30.57 32.72
C TRP D 96 2.45 29.88 34.09
N GLY D 97 2.46 30.65 35.17
CA GLY D 97 2.47 30.04 36.49
C GLY D 97 1.25 29.18 36.76
N GLU D 98 0.06 29.69 36.41
CA GLU D 98 -1.16 28.94 36.65
C GLU D 98 -1.22 27.67 35.80
N LEU D 99 -0.64 27.70 34.61
CA LEU D 99 -0.53 26.51 33.77
C LEU D 99 0.64 25.63 34.15
N GLY D 100 1.47 26.03 35.11
CA GLY D 100 2.58 25.19 35.51
C GLY D 100 3.60 24.97 34.41
N VAL D 101 3.92 26.03 33.67
CA VAL D 101 4.78 25.90 32.50
C VAL D 101 6.22 25.64 32.94
N ASP D 102 6.80 24.55 32.43
CA ASP D 102 8.23 24.30 32.62
C ASP D 102 9.05 25.06 31.59
N VAL D 103 8.67 24.98 30.31
CA VAL D 103 9.46 25.55 29.22
C VAL D 103 8.56 26.32 28.27
N VAL D 104 8.94 27.55 27.97
CA VAL D 104 8.33 28.35 26.92
C VAL D 104 9.23 28.24 25.70
N LEU D 105 8.67 27.80 24.57
CA LEU D 105 9.36 27.81 23.29
C LEU D 105 9.05 29.14 22.63
N GLU D 106 10.02 30.04 22.63
CA GLU D 106 9.84 31.42 22.20
C GLU D 106 10.13 31.51 20.71
N CYS D 107 9.06 31.62 19.90
CA CYS D 107 9.15 31.52 18.44
C CYS D 107 8.53 32.73 17.75
N THR D 108 8.42 33.88 18.43
CA THR D 108 7.85 35.04 17.76
C THR D 108 8.89 35.79 16.95
N GLY D 109 10.17 35.66 17.31
CA GLY D 109 11.21 36.47 16.74
C GLY D 109 11.41 37.83 17.39
N PHE D 110 10.66 38.14 18.44
CA PHE D 110 10.70 39.45 19.07
C PHE D 110 11.36 39.47 20.44
N PHE D 111 11.63 38.31 21.05
CA PHE D 111 12.27 38.29 22.38
C PHE D 111 13.48 37.36 22.33
N THR D 112 14.57 37.84 21.74
CA THR D 112 15.72 37.00 21.43
C THR D 112 16.88 37.23 22.37
N SER D 113 16.75 38.15 23.32
CA SER D 113 17.73 38.36 24.37
C SER D 113 17.19 37.75 25.67
N LYS D 114 18.10 37.53 26.63
CA LYS D 114 17.67 37.01 27.91
C LYS D 114 16.77 38.01 28.63
N GLU D 115 17.05 39.32 28.49
CA GLU D 115 16.22 40.31 29.17
C GLU D 115 14.79 40.30 28.64
N LYS D 116 14.63 40.23 27.32
CA LYS D 116 13.30 40.22 26.74
C LYS D 116 12.59 38.91 27.02
N ALA D 117 13.27 37.79 26.78
CA ALA D 117 12.67 36.49 27.05
C ALA D 117 12.36 36.29 28.52
N GLY D 118 13.06 37.02 29.41
CA GLY D 118 12.79 36.89 30.84
C GLY D 118 11.39 37.30 31.23
N ALA D 119 10.69 38.03 30.36
CA ALA D 119 9.30 38.36 30.64
C ALA D 119 8.45 37.10 30.82
N HIS D 120 8.80 36.01 30.13
CA HIS D 120 8.08 34.75 30.33
C HIS D 120 8.28 34.23 31.76
N LEU D 121 9.48 34.37 32.29
CA LEU D 121 9.76 33.93 33.66
C LEU D 121 8.93 34.72 34.66
N LYS D 122 8.76 36.02 34.41
CA LYS D 122 7.91 36.86 35.23
C LYS D 122 6.47 36.34 35.20
N GLY D 123 6.02 35.85 34.04
CA GLY D 123 4.71 35.26 33.91
C GLY D 123 4.53 33.94 34.63
N GLY D 124 5.61 33.35 35.14
CA GLY D 124 5.55 32.13 35.92
C GLY D 124 6.15 30.92 35.27
N ALA D 125 6.76 31.06 34.10
CA ALA D 125 7.43 29.93 33.45
C ALA D 125 8.82 29.72 34.05
N LYS D 126 9.22 28.44 34.16
CA LYS D 126 10.52 28.13 34.74
C LYS D 126 11.67 28.41 33.78
N LYS D 127 11.50 28.11 32.49
CA LYS D 127 12.59 28.18 31.53
C LYS D 127 12.06 28.65 30.18
N VAL D 128 12.99 29.10 29.34
CA VAL D 128 12.67 29.61 28.02
C VAL D 128 13.73 29.10 27.04
N ILE D 129 13.29 28.61 25.89
CA ILE D 129 14.17 28.26 24.79
C ILE D 129 13.81 29.16 23.62
N ILE D 130 14.75 29.99 23.21
CA ILE D 130 14.54 30.86 22.06
C ILE D 130 14.78 30.03 20.81
N SER D 131 13.87 30.15 19.83
CA SER D 131 13.93 29.37 18.61
C SER D 131 14.78 30.04 17.55
N ALA D 132 15.78 30.80 17.98
CA ALA D 132 16.62 31.57 17.09
C ALA D 132 17.93 31.87 17.83
N PRO D 133 18.94 32.38 17.13
CA PRO D 133 20.14 32.84 17.83
C PRO D 133 19.79 33.86 18.90
N GLY D 134 20.41 33.72 20.06
CA GLY D 134 20.17 34.62 21.17
C GLY D 134 21.16 35.76 21.22
N GLY D 135 20.87 36.71 22.11
CA GLY D 135 21.82 37.75 22.45
C GLY D 135 22.99 37.23 23.23
N LYS D 136 23.98 38.11 23.45
CA LYS D 136 25.17 37.73 24.19
C LYS D 136 24.85 37.28 25.61
N ASP D 137 23.67 37.65 26.12
CA ASP D 137 23.32 37.34 27.51
C ASP D 137 22.72 35.95 27.69
N VAL D 138 22.46 35.20 26.62
CA VAL D 138 21.77 33.92 26.81
C VAL D 138 22.69 32.96 27.54
N ASP D 139 22.08 32.04 28.29
CA ASP D 139 22.85 31.13 29.13
C ASP D 139 23.61 30.11 28.30
N ALA D 140 23.07 29.70 27.15
CA ALA D 140 23.73 28.74 26.28
C ALA D 140 23.10 28.80 24.90
N THR D 141 23.85 28.31 23.92
CA THR D 141 23.36 28.09 22.55
C THR D 141 23.60 26.64 22.19
N ILE D 142 22.55 25.94 21.76
CA ILE D 142 22.56 24.49 21.66
C ILE D 142 22.24 24.06 20.23
N VAL D 143 23.12 23.24 19.67
CA VAL D 143 22.82 22.42 18.50
C VAL D 143 22.71 20.99 18.99
N PHE D 144 21.50 20.46 19.06
CA PHE D 144 21.31 19.13 19.61
C PHE D 144 22.03 18.08 18.76
N GLY D 145 22.64 17.12 19.44
CA GLY D 145 23.54 16.18 18.82
C GLY D 145 24.98 16.61 18.83
N VAL D 146 25.26 17.86 19.22
CA VAL D 146 26.60 18.42 19.20
C VAL D 146 27.04 18.87 20.59
N ASN D 147 26.24 19.70 21.27
CA ASN D 147 26.71 20.24 22.54
C ASN D 147 25.62 20.35 23.61
N GLN D 148 24.61 19.48 23.59
CA GLN D 148 23.60 19.54 24.65
C GLN D 148 24.19 19.22 26.01
N ASN D 149 25.39 18.62 26.05
CA ASN D 149 26.02 18.28 27.31
C ASN D 149 26.34 19.51 28.15
N VAL D 150 26.48 20.67 27.53
CA VAL D 150 26.81 21.91 28.25
C VAL D 150 25.64 22.45 29.06
N LEU D 151 24.44 21.93 28.88
CA LEU D 151 23.29 22.47 29.59
C LEU D 151 23.38 22.18 31.08
N LYS D 152 22.92 23.13 31.89
CA LYS D 152 22.93 23.01 33.34
C LYS D 152 21.55 23.36 33.89
N ALA D 153 21.22 22.77 35.03
CA ALA D 153 19.89 22.96 35.61
C ALA D 153 19.62 24.41 35.94
N GLU D 154 20.66 25.19 36.25
CA GLU D 154 20.45 26.60 36.57
C GLU D 154 20.19 27.47 35.34
N HIS D 155 20.45 26.96 34.14
CA HIS D 155 20.13 27.73 32.94
C HIS D 155 18.62 27.94 32.85
N THR D 156 18.23 29.18 32.55
CA THR D 156 16.83 29.55 32.47
C THR D 156 16.41 30.07 31.12
N VAL D 157 17.32 30.63 30.34
CA VAL D 157 17.03 31.13 29.00
C VAL D 157 18.16 30.67 28.08
N ILE D 158 17.84 29.82 27.11
CA ILE D 158 18.83 29.30 26.18
C ILE D 158 18.35 29.54 24.76
N SER D 159 19.27 29.38 23.82
CA SER D 159 19.00 29.50 22.39
C SER D 159 19.20 28.14 21.73
N ASN D 160 18.32 27.81 20.79
CA ASN D 160 18.46 26.60 19.97
C ASN D 160 19.23 26.87 18.69
N ALA D 161 19.96 27.99 18.63
CA ALA D 161 20.74 28.38 17.47
C ALA D 161 19.82 28.68 16.29
N SER D 162 20.37 28.67 15.08
CA SER D 162 19.60 28.90 13.87
C SER D 162 19.49 27.58 13.10
N CYS D 163 18.53 27.53 12.17
CA CYS D 163 18.42 26.37 11.31
C CYS D 163 19.73 26.08 10.60
N THR D 164 20.38 27.14 10.10
CA THR D 164 21.64 26.98 9.38
C THR D 164 22.73 26.39 10.28
N THR D 165 22.86 26.90 11.52
CA THR D 165 23.90 26.40 12.41
C THR D 165 23.64 24.94 12.77
N ASN D 166 22.38 24.54 12.92
CA ASN D 166 22.05 23.15 13.19
C ASN D 166 22.36 22.25 12.00
N CYS D 167 22.47 22.81 10.80
CA CYS D 167 22.90 22.03 9.66
C CYS D 167 24.42 21.99 9.53
N LEU D 168 25.06 23.14 9.77
CA LEU D 168 26.49 23.25 9.55
C LEU D 168 27.29 22.51 10.63
N ALA D 169 26.91 22.67 11.89
CA ALA D 169 27.71 22.10 12.97
C ALA D 169 27.83 20.58 12.89
N PRO D 170 26.74 19.80 12.75
CA PRO D 170 26.92 18.34 12.60
C PRO D 170 27.68 17.95 11.35
N LEU D 171 27.70 18.81 10.34
CA LEU D 171 28.49 18.52 9.14
C LEU D 171 29.98 18.71 9.40
N VAL D 172 30.35 19.80 10.08
CA VAL D 172 31.76 20.15 10.24
C VAL D 172 32.42 19.39 11.39
N LYS D 173 31.65 18.94 12.38
CA LYS D 173 32.26 18.29 13.52
C LYS D 173 33.05 17.04 13.12
N PRO D 174 32.45 16.06 12.44
CA PRO D 174 33.24 14.87 12.07
C PRO D 174 34.42 15.17 11.16
N LEU D 175 34.27 16.16 10.28
CA LEU D 175 35.38 16.51 9.40
C LEU D 175 36.55 17.12 10.16
N HIS D 176 36.27 17.93 11.19
CA HIS D 176 37.36 18.49 11.98
C HIS D 176 38.08 17.41 12.77
N ASP D 177 37.33 16.45 13.31
CA ASP D 177 37.94 15.38 14.09
C ASP D 177 38.87 14.53 13.23
N LYS D 178 38.46 14.21 12.01
CA LYS D 178 39.20 13.26 11.18
C LYS D 178 40.19 13.93 10.23
N LEU D 179 39.87 15.12 9.73
CA LEU D 179 40.75 15.86 8.82
C LEU D 179 41.29 17.14 9.41
N GLY D 180 40.51 17.83 10.24
CA GLY D 180 40.91 19.13 10.72
C GLY D 180 40.55 20.21 9.72
N VAL D 181 39.97 21.31 10.23
CA VAL D 181 39.58 22.45 9.42
C VAL D 181 40.48 23.60 9.83
N GLU D 182 41.32 24.08 8.90
CA GLU D 182 42.10 25.28 9.18
C GLU D 182 41.19 26.50 9.21
N THR D 183 40.40 26.66 8.15
CA THR D 183 39.44 27.75 8.03
C THR D 183 38.45 27.37 6.94
N GLY D 184 37.30 28.01 6.95
CA GLY D 184 36.25 27.69 6.00
C GLY D 184 35.32 28.86 5.79
N LEU D 185 34.78 28.95 4.58
CA LEU D 185 33.79 29.94 4.22
C LEU D 185 32.59 29.23 3.63
N MET D 186 31.39 29.67 4.01
CA MET D 186 30.17 28.97 3.65
C MET D 186 29.17 29.93 3.02
N THR D 187 28.39 29.37 2.10
CA THR D 187 27.24 30.04 1.51
C THR D 187 26.04 29.12 1.74
N THR D 188 24.94 29.67 2.26
CA THR D 188 23.71 28.91 2.39
C THR D 188 22.67 29.49 1.42
N VAL D 189 22.22 28.68 0.48
CA VAL D 189 21.12 29.02 -0.41
C VAL D 189 19.85 28.62 0.32
N HIS D 190 19.01 29.62 0.63
CA HIS D 190 18.00 29.47 1.67
C HIS D 190 16.62 29.89 1.15
N ALA D 191 15.62 29.10 1.51
CA ALA D 191 14.24 29.43 1.18
C ALA D 191 13.86 30.77 1.79
N TYR D 192 12.88 31.45 1.20
CA TYR D 192 12.45 32.68 1.83
C TYR D 192 11.69 32.35 3.11
N THR D 193 11.63 33.34 4.00
CA THR D 193 10.94 33.24 5.28
C THR D 193 10.02 34.45 5.43
N ASN D 194 9.17 34.42 6.46
CA ASN D 194 8.14 35.44 6.61
C ASN D 194 8.70 36.80 7.01
N ASP D 195 9.99 36.91 7.33
CA ASP D 195 10.56 38.24 7.52
C ASP D 195 10.87 38.95 6.19
N GLN D 196 10.80 38.25 5.06
CA GLN D 196 10.99 38.87 3.75
C GLN D 196 9.66 39.42 3.24
N VAL D 197 9.66 39.92 2.01
CA VAL D 197 8.51 40.65 1.47
C VAL D 197 8.15 40.12 0.08
N LEU D 198 6.86 40.28 -0.26
CA LEU D 198 6.36 39.79 -1.55
C LEU D 198 6.74 40.72 -2.71
N THR D 199 6.63 42.02 -2.50
CA THR D 199 7.03 43.00 -3.51
C THR D 199 7.67 44.16 -2.76
N ASP D 200 8.63 44.82 -3.41
CA ASP D 200 9.57 45.71 -2.72
C ASP D 200 8.84 46.62 -1.74
N VAL D 201 9.31 46.62 -0.49
CA VAL D 201 8.68 47.42 0.56
C VAL D 201 9.66 47.55 1.72
N TYR D 202 9.40 48.51 2.60
CA TYR D 202 10.32 48.84 3.69
C TYR D 202 10.75 47.60 4.45
N HIS D 203 12.04 47.56 4.75
CA HIS D 203 12.67 46.55 5.59
C HIS D 203 13.93 47.19 6.16
N GLU D 204 14.30 46.79 7.38
CA GLU D 204 15.56 47.28 7.95
C GLU D 204 16.75 46.91 7.07
N ASP D 205 16.72 45.71 6.50
CA ASP D 205 17.75 45.24 5.59
C ASP D 205 17.33 45.58 4.16
N LEU D 206 18.13 46.40 3.48
CA LEU D 206 17.74 46.93 2.17
C LEU D 206 17.62 45.84 1.12
N ARG D 207 18.36 44.75 1.26
CA ARG D 207 18.23 43.65 0.33
CA ARG D 207 18.23 43.65 0.33
C ARG D 207 16.98 42.81 0.62
N ARG D 208 16.68 42.59 1.90
CA ARG D 208 15.44 41.92 2.26
C ARG D 208 14.20 42.78 1.98
N ALA D 209 14.40 44.06 1.70
CA ALA D 209 13.31 44.92 1.25
C ALA D 209 12.87 44.62 -0.17
N ARG D 210 13.56 43.71 -0.87
CA ARG D 210 13.29 43.38 -2.26
C ARG D 210 12.53 42.06 -2.36
N SER D 211 11.65 41.99 -3.38
CA SER D 211 10.77 40.84 -3.58
C SER D 211 11.51 39.51 -3.46
N ALA D 212 11.09 38.71 -2.47
CA ALA D 212 11.68 37.39 -2.26
C ALA D 212 11.35 36.44 -3.39
N THR D 213 10.21 36.64 -4.05
CA THR D 213 9.75 35.74 -5.09
C THR D 213 10.50 35.88 -6.41
N MET D 214 11.11 37.04 -6.64
CA MET D 214 11.66 37.37 -7.95
C MET D 214 13.19 37.37 -8.04
N SER D 215 13.92 37.25 -6.93
CA SER D 215 15.34 37.50 -6.97
C SER D 215 16.11 36.57 -6.03
N MET D 216 17.40 36.42 -6.34
CA MET D 216 18.37 35.93 -5.36
C MET D 216 18.82 37.11 -4.49
N ILE D 217 18.75 36.95 -3.18
CA ILE D 217 18.95 38.07 -2.27
C ILE D 217 20.08 37.77 -1.29
N PRO D 218 21.25 38.38 -1.42
CA PRO D 218 22.29 38.18 -0.42
C PRO D 218 21.85 38.77 0.91
N THR D 219 22.09 38.03 1.99
CA THR D 219 21.81 38.54 3.32
C THR D 219 22.85 38.01 4.31
N LYS D 220 23.21 38.83 5.28
CA LYS D 220 24.18 38.38 6.27
C LYS D 220 23.54 37.31 7.17
N THR D 221 24.37 36.37 7.59
CA THR D 221 23.98 35.40 8.61
C THR D 221 25.17 35.17 9.53
N GLY D 222 24.88 35.06 10.82
CA GLY D 222 25.90 34.71 11.78
C GLY D 222 26.04 33.23 12.01
N ALA D 223 25.41 32.42 11.15
CA ALA D 223 25.37 30.98 11.39
C ALA D 223 26.76 30.36 11.35
N ALA D 224 27.62 30.79 10.43
CA ALA D 224 28.93 30.18 10.31
C ALA D 224 29.80 30.52 11.52
N ALA D 225 29.87 31.80 11.87
CA ALA D 225 30.60 32.19 13.07
C ALA D 225 29.99 31.55 14.32
N ALA D 226 28.67 31.39 14.35
CA ALA D 226 28.00 30.83 15.52
C ALA D 226 28.38 29.37 15.77
N VAL D 227 28.92 28.68 14.76
CA VAL D 227 29.41 27.33 15.00
C VAL D 227 30.48 27.35 16.08
N GLY D 228 31.12 28.51 16.29
CA GLY D 228 32.07 28.64 17.39
C GLY D 228 31.43 28.54 18.76
N LEU D 229 30.16 28.92 18.88
CA LEU D 229 29.47 28.79 20.17
C LEU D 229 29.20 27.31 20.50
N VAL D 230 28.92 26.49 19.48
CA VAL D 230 28.55 25.10 19.74
C VAL D 230 29.75 24.18 19.65
N LEU D 231 30.75 24.53 18.83
CA LEU D 231 32.01 23.80 18.70
C LEU D 231 33.08 24.85 18.94
N PRO D 232 33.45 25.09 20.20
CA PRO D 232 34.41 26.17 20.47
C PRO D 232 35.75 26.00 19.77
N GLU D 233 36.13 24.76 19.43
CA GLU D 233 37.39 24.55 18.72
C GLU D 233 37.41 25.30 17.39
N LEU D 234 36.24 25.53 16.79
CA LEU D 234 36.17 26.18 15.50
C LEU D 234 35.92 27.68 15.63
N ASN D 235 35.98 28.23 16.84
CA ASN D 235 35.73 29.65 17.01
C ASN D 235 36.72 30.45 16.18
N GLY D 236 36.19 31.38 15.39
CA GLY D 236 36.97 32.25 14.54
C GLY D 236 37.35 31.66 13.20
N LYS D 237 37.00 30.40 12.93
CA LYS D 237 37.49 29.72 11.75
C LYS D 237 36.48 29.66 10.60
N LEU D 238 35.21 29.95 10.85
CA LEU D 238 34.17 29.86 9.84
C LEU D 238 33.42 31.18 9.73
N ASP D 239 33.21 31.61 8.50
CA ASP D 239 32.36 32.76 8.21
C ASP D 239 31.60 32.47 6.92
N GLY D 240 30.59 33.28 6.64
CA GLY D 240 29.80 33.06 5.44
C GLY D 240 28.65 34.05 5.34
N PHE D 241 27.84 33.85 4.31
CA PHE D 241 26.61 34.62 4.13
C PHE D 241 25.58 33.71 3.45
N ALA D 242 24.37 34.25 3.35
CA ALA D 242 23.25 33.51 2.78
C ALA D 242 22.77 34.18 1.50
N ILE D 243 22.16 33.37 0.63
CA ILE D 243 21.47 33.85 -0.55
C ILE D 243 20.04 33.32 -0.46
N ARG D 244 19.10 34.20 -0.18
CA ARG D 244 17.69 33.83 -0.15
C ARG D 244 17.16 33.72 -1.58
N VAL D 245 16.48 32.62 -1.89
CA VAL D 245 15.98 32.38 -3.23
C VAL D 245 14.50 32.04 -3.17
N PRO D 246 13.80 32.11 -4.32
CA PRO D 246 12.34 31.88 -4.32
C PRO D 246 11.91 30.43 -4.17
N THR D 247 12.11 29.86 -2.99
CA THR D 247 11.52 28.57 -2.60
C THR D 247 10.86 28.75 -1.25
N ILE D 248 9.78 28.01 -1.02
CA ILE D 248 9.01 28.22 0.20
C ILE D 248 9.64 27.55 1.41
N ASN D 249 10.42 26.50 1.20
CA ASN D 249 11.00 25.76 2.31
C ASN D 249 12.14 24.91 1.78
N VAL D 250 13.03 24.52 2.70
CA VAL D 250 14.20 23.68 2.44
C VAL D 250 15.33 24.55 1.91
N SER D 251 16.52 24.37 2.49
CA SER D 251 17.68 25.18 2.20
C SER D 251 18.91 24.28 2.05
N LEU D 252 20.02 24.89 1.64
CA LEU D 252 21.25 24.17 1.36
C LEU D 252 22.43 24.90 1.96
N VAL D 253 23.25 24.18 2.72
CA VAL D 253 24.55 24.67 3.19
C VAL D 253 25.62 24.21 2.22
N ASP D 254 26.48 25.14 1.81
CA ASP D 254 27.59 24.86 0.90
C ASP D 254 28.89 25.39 1.51
N LEU D 255 29.67 24.52 2.13
CA LEU D 255 30.85 24.90 2.90
C LEU D 255 32.13 24.54 2.15
N SER D 256 32.97 25.55 1.92
CA SER D 256 34.30 25.38 1.38
C SER D 256 35.32 25.60 2.49
N PHE D 257 36.20 24.62 2.72
CA PHE D 257 37.19 24.77 3.75
C PHE D 257 38.51 24.14 3.35
N VAL D 258 39.58 24.65 3.93
CA VAL D 258 40.92 24.10 3.75
C VAL D 258 41.14 23.10 4.88
N ALA D 259 41.34 21.84 4.52
CA ALA D 259 41.63 20.83 5.53
C ALA D 259 43.09 20.96 5.95
N LYS D 260 43.39 20.40 7.12
CA LYS D 260 44.75 20.46 7.66
C LYS D 260 45.71 19.56 6.90
N ARG D 261 45.19 18.55 6.20
CA ARG D 261 45.99 17.67 5.36
C ARG D 261 45.24 17.42 4.05
N ASP D 262 45.97 16.94 3.05
CA ASP D 262 45.33 16.57 1.80
C ASP D 262 44.39 15.39 2.00
N THR D 263 43.32 15.37 1.20
CA THR D 263 42.28 14.36 1.31
C THR D 263 41.72 14.09 -0.08
N THR D 264 40.68 13.26 -0.15
CA THR D 264 40.05 12.92 -1.42
C THR D 264 38.53 12.97 -1.26
N VAL D 265 37.83 12.98 -2.40
CA VAL D 265 36.37 12.96 -2.36
C VAL D 265 35.88 11.74 -1.59
N GLU D 266 36.50 10.58 -1.84
CA GLU D 266 36.05 9.34 -1.23
C GLU D 266 36.25 9.35 0.28
N GLU D 267 37.37 9.91 0.74
CA GLU D 267 37.63 9.94 2.18
C GLU D 267 36.68 10.90 2.89
N VAL D 268 36.44 12.07 2.30
CA VAL D 268 35.49 13.01 2.88
C VAL D 268 34.12 12.35 3.03
N ASN D 269 33.66 11.68 1.99
CA ASN D 269 32.35 11.02 2.03
C ASN D 269 32.30 9.90 3.06
N SER D 270 33.41 9.16 3.22
CA SER D 270 33.43 8.06 4.19
C SER D 270 33.33 8.60 5.62
N ILE D 271 34.00 9.72 5.89
CA ILE D 271 33.95 10.30 7.23
C ILE D 271 32.52 10.66 7.60
N LEU D 272 31.80 11.29 6.68
CA LEU D 272 30.43 11.69 6.97
C LEU D 272 29.48 10.51 7.00
N GLN D 273 29.73 9.48 6.19
CA GLN D 273 28.88 8.29 6.28
C GLN D 273 29.01 7.62 7.63
N ALA D 274 30.24 7.49 8.14
CA ALA D 274 30.42 6.86 9.44
C ALA D 274 29.73 7.65 10.54
N ALA D 275 29.84 8.97 10.50
CA ALA D 275 29.19 9.80 11.52
C ALA D 275 27.67 9.67 11.46
N ALA D 276 27.11 9.64 10.25
CA ALA D 276 25.67 9.52 10.11
C ALA D 276 25.16 8.18 10.64
N GLU D 277 25.97 7.12 10.50
CA GLU D 277 25.60 5.81 10.99
C GLU D 277 25.86 5.61 12.48
N GLY D 278 26.69 6.46 13.08
CA GLY D 278 27.08 6.29 14.47
C GLY D 278 26.68 7.44 15.38
N GLU D 279 27.67 8.27 15.71
CA GLU D 279 27.50 9.26 16.75
C GLU D 279 26.38 10.24 16.43
N LEU D 280 26.26 10.65 15.17
CA LEU D 280 25.30 11.66 14.76
C LEU D 280 24.08 11.06 14.07
N LYS D 281 23.76 9.81 14.37
CA LYS D 281 22.65 9.16 13.70
C LYS D 281 21.34 9.90 13.98
N ASP D 282 20.55 10.07 12.92
CA ASP D 282 19.25 10.73 12.89
C ASP D 282 19.37 12.25 12.98
N ILE D 283 20.53 12.79 13.31
CA ILE D 283 20.79 14.23 13.20
C ILE D 283 21.41 14.56 11.85
N LEU D 284 22.36 13.74 11.45
CA LEU D 284 23.05 13.83 10.17
C LEU D 284 22.68 12.59 9.38
N THR D 285 22.31 12.79 8.12
CA THR D 285 21.99 11.69 7.23
C THR D 285 22.93 11.75 6.03
N TYR D 286 23.02 10.62 5.33
CA TYR D 286 23.93 10.44 4.21
C TYR D 286 23.10 10.07 2.99
N ASN D 287 23.20 10.88 1.94
CA ASN D 287 22.41 10.73 0.73
CA ASN D 287 22.41 10.71 0.73
C ASN D 287 23.32 10.53 -0.48
N THR D 288 23.04 9.51 -1.28
CA THR D 288 23.79 9.24 -2.50
C THR D 288 22.93 9.32 -3.76
N GLU D 289 21.66 9.63 -3.64
CA GLU D 289 20.75 9.66 -4.78
C GLU D 289 20.68 11.04 -5.41
N PRO D 290 20.32 11.12 -6.69
CA PRO D 290 20.25 12.43 -7.39
C PRO D 290 18.94 13.18 -7.12
N LEU D 291 18.91 13.87 -6.00
CA LEU D 291 17.71 14.50 -5.49
C LEU D 291 17.82 16.01 -5.59
N VAL D 292 16.67 16.67 -5.45
CA VAL D 292 16.60 18.14 -5.45
C VAL D 292 16.00 18.58 -4.13
N SER D 293 15.91 19.89 -3.92
CA SER D 293 15.58 20.40 -2.59
C SER D 293 14.23 19.88 -2.08
N ILE D 294 13.21 19.83 -2.95
CA ILE D 294 11.87 19.44 -2.50
C ILE D 294 11.86 18.04 -1.89
N ASP D 295 12.82 17.20 -2.28
CA ASP D 295 12.86 15.84 -1.77
C ASP D 295 13.23 15.75 -0.29
N PHE D 296 13.77 16.82 0.29
CA PHE D 296 14.09 16.87 1.71
C PHE D 296 13.04 17.61 2.52
N ASN D 297 11.96 18.05 1.88
CA ASN D 297 10.84 18.62 2.61
C ASN D 297 10.26 17.59 3.56
N HIS D 298 10.02 18.01 4.81
CA HIS D 298 9.49 17.16 5.87
C HIS D 298 10.49 16.11 6.33
N ASN D 299 11.78 16.29 6.03
CA ASN D 299 12.82 15.44 6.59
C ASN D 299 13.23 15.97 7.95
N PRO D 300 13.13 15.18 9.02
CA PRO D 300 13.38 15.72 10.36
C PRO D 300 14.85 15.91 10.72
N ALA D 301 15.78 15.48 9.88
CA ALA D 301 17.19 15.59 10.22
C ALA D 301 17.65 17.03 10.21
N SER D 302 18.72 17.31 10.98
CA SER D 302 19.31 18.64 11.00
C SER D 302 20.20 18.89 9.79
N SER D 303 20.81 17.84 9.25
CA SER D 303 21.80 18.00 8.20
C SER D 303 21.72 16.75 7.32
N ASN D 304 21.34 16.93 6.06
CA ASN D 304 21.22 15.85 5.09
C ASN D 304 22.36 16.00 4.11
N PHE D 305 23.51 15.43 4.46
CA PHE D 305 24.71 15.55 3.63
C PHE D 305 24.50 14.88 2.29
N ASP D 306 24.85 15.60 1.22
CA ASP D 306 24.69 15.09 -0.15
C ASP D 306 26.05 14.70 -0.70
N ALA D 307 26.36 13.40 -0.63
CA ALA D 307 27.66 12.91 -1.10
C ALA D 307 27.85 13.09 -2.59
N THR D 308 26.76 13.18 -3.37
CA THR D 308 26.90 13.32 -4.81
C THR D 308 27.54 14.65 -5.21
N LEU D 309 27.52 15.63 -4.32
CA LEU D 309 28.02 16.97 -4.60
C LEU D 309 29.43 17.21 -4.10
N THR D 310 30.02 16.27 -3.36
CA THR D 310 31.31 16.52 -2.73
C THR D 310 32.37 16.80 -3.78
N LYS D 311 33.15 17.85 -3.58
CA LYS D 311 34.29 18.15 -4.43
C LYS D 311 35.53 18.37 -3.57
N VAL D 312 36.67 17.86 -4.00
CA VAL D 312 37.94 18.04 -3.30
C VAL D 312 39.01 18.36 -4.32
N SER D 313 39.78 19.43 -4.06
CA SER D 313 40.92 19.80 -4.88
C SER D 313 42.08 20.06 -3.92
N GLY D 314 42.92 19.05 -3.70
CA GLY D 314 44.03 19.16 -2.79
C GLY D 314 43.57 19.25 -1.35
N LYS D 315 43.77 20.40 -0.71
CA LYS D 315 43.26 20.60 0.62
C LYS D 315 41.90 21.27 0.64
N LEU D 316 41.50 21.92 -0.45
CA LEU D 316 40.23 22.62 -0.48
C LEU D 316 39.12 21.60 -0.69
N VAL D 317 38.14 21.64 0.20
CA VAL D 317 37.05 20.68 0.23
C VAL D 317 35.74 21.46 0.21
N LYS D 318 34.81 21.03 -0.64
CA LYS D 318 33.46 21.59 -0.69
C LYS D 318 32.48 20.49 -0.33
N VAL D 319 31.75 20.69 0.76
CA VAL D 319 30.70 19.77 1.18
C VAL D 319 29.39 20.53 1.25
N SER D 320 28.30 19.83 0.96
CA SER D 320 26.99 20.45 0.88
C SER D 320 25.97 19.60 1.59
N SER D 321 25.04 20.25 2.31
CA SER D 321 24.02 19.53 3.07
C SER D 321 22.67 20.22 2.92
N TRP D 322 21.63 19.43 2.68
CA TRP D 322 20.26 19.93 2.63
C TRP D 322 19.65 19.93 4.02
N TYR D 323 18.78 20.90 4.29
CA TYR D 323 18.04 20.87 5.54
C TYR D 323 16.67 21.51 5.36
N ASP D 324 15.66 20.83 5.87
CA ASP D 324 14.35 21.46 6.02
C ASP D 324 14.42 22.44 7.19
N ASN D 325 14.54 23.72 6.86
CA ASN D 325 14.76 24.75 7.87
C ASN D 325 13.60 24.89 8.85
N GLU D 326 12.41 24.42 8.47
CA GLU D 326 11.30 24.40 9.42
C GLU D 326 11.23 23.09 10.20
N TRP D 327 11.32 21.97 9.49
CA TRP D 327 10.99 20.67 10.09
C TRP D 327 12.14 20.14 10.93
N GLY D 328 13.37 20.18 10.43
CA GLY D 328 14.49 19.74 11.24
C GLY D 328 14.64 20.56 12.49
N PHE D 329 14.64 21.89 12.34
CA PHE D 329 14.78 22.77 13.50
C PHE D 329 13.67 22.52 14.51
N SER D 330 12.43 22.37 14.04
CA SER D 330 11.30 22.18 14.95
C SER D 330 11.42 20.88 15.73
N ASN D 331 11.91 19.81 15.08
CA ASN D 331 12.16 18.56 15.78
C ASN D 331 13.30 18.70 16.79
N ARG D 332 14.33 19.47 16.44
CA ARG D 332 15.42 19.68 17.41
C ARG D 332 14.96 20.48 18.62
N MET D 333 13.98 21.38 18.45
CA MET D 333 13.46 22.09 19.60
C MET D 333 12.89 21.14 20.64
N LEU D 334 12.25 20.06 20.18
CA LEU D 334 11.73 19.06 21.11
C LEU D 334 12.86 18.33 21.83
N ASP D 335 13.93 17.99 21.11
CA ASP D 335 15.07 17.33 21.74
C ASP D 335 15.71 18.23 22.80
N THR D 336 15.95 19.48 22.45
CA THR D 336 16.61 20.41 23.36
C THR D 336 15.75 20.68 24.59
N THR D 337 14.41 20.67 24.44
CA THR D 337 13.55 20.82 25.60
C THR D 337 13.78 19.70 26.61
N VAL D 338 13.86 18.46 26.13
CA VAL D 338 14.10 17.33 27.05
C VAL D 338 15.49 17.44 27.65
N ALA D 339 16.49 17.79 26.83
CA ALA D 339 17.85 17.89 27.35
C ALA D 339 17.95 18.96 28.41
N LEU D 340 17.27 20.08 28.22
CA LEU D 340 17.33 21.18 29.18
C LEU D 340 16.72 20.78 30.51
N MET D 341 15.58 20.09 30.50
CA MET D 341 14.94 19.71 31.74
C MET D 341 15.64 18.54 32.42
N SER D 342 16.44 17.78 31.69
CA SER D 342 17.22 16.68 32.26
C SER D 342 18.56 17.11 32.82
N ALA D 343 19.02 18.33 32.52
CA ALA D 343 20.36 18.75 32.91
C ALA D 343 20.47 18.82 34.42
N LYS D 344 21.62 18.38 34.94
CA LYS D 344 21.85 18.32 36.38
C LYS D 344 22.73 19.49 36.85
N MET E 9 20.79 -17.38 -28.19
CA MET E 9 19.51 -18.04 -28.56
C MET E 9 18.69 -18.40 -27.32
N THR E 10 17.50 -17.83 -27.21
CA THR E 10 16.60 -18.16 -26.12
C THR E 10 16.35 -19.66 -26.09
N ILE E 11 16.34 -20.23 -24.89
CA ILE E 11 16.18 -21.67 -24.75
C ILE E 11 14.70 -22.02 -24.87
N ARG E 12 14.39 -22.94 -25.76
CA ARG E 12 13.03 -23.42 -25.98
C ARG E 12 12.79 -24.62 -25.07
N VAL E 13 11.81 -24.48 -24.18
CA VAL E 13 11.53 -25.41 -23.10
C VAL E 13 10.12 -25.93 -23.26
N VAL E 14 9.88 -27.17 -22.86
CA VAL E 14 8.54 -27.72 -22.75
C VAL E 14 8.43 -28.46 -21.42
N ILE E 15 7.22 -28.54 -20.89
CA ILE E 15 6.95 -29.19 -19.62
C ILE E 15 6.12 -30.43 -19.88
N ASN E 16 6.64 -31.59 -19.51
CA ASN E 16 5.93 -32.86 -19.65
C ASN E 16 5.43 -33.27 -18.27
N GLY E 17 4.13 -33.17 -18.07
CA GLY E 17 3.55 -33.39 -16.76
C GLY E 17 3.34 -32.03 -16.15
N TYR E 18 2.13 -31.50 -16.32
CA TYR E 18 1.77 -30.16 -15.87
C TYR E 18 1.05 -30.24 -14.53
N GLY E 19 1.70 -30.88 -13.56
CA GLY E 19 1.16 -31.10 -12.24
C GLY E 19 1.69 -30.08 -11.24
N ARG E 20 1.87 -30.53 -10.00
CA ARG E 20 2.34 -29.61 -8.96
C ARG E 20 3.66 -28.96 -9.34
N ILE E 21 4.64 -29.75 -9.74
CA ILE E 21 5.93 -29.19 -10.13
C ILE E 21 5.82 -28.53 -11.50
N GLY E 22 5.21 -29.23 -12.46
CA GLY E 22 5.15 -28.70 -13.82
C GLY E 22 4.50 -27.34 -13.91
N ARG E 23 3.34 -27.19 -13.26
CA ARG E 23 2.64 -25.91 -13.30
C ARG E 23 3.40 -24.83 -12.55
N ASN E 24 4.00 -25.16 -11.41
CA ASN E 24 4.71 -24.17 -10.63
C ASN E 24 6.02 -23.76 -11.27
N ILE E 25 6.58 -24.58 -12.16
CA ILE E 25 7.71 -24.12 -12.97
C ILE E 25 7.25 -22.99 -13.89
N LEU E 26 6.12 -23.19 -14.57
CA LEU E 26 5.58 -22.14 -15.44
C LEU E 26 5.22 -20.90 -14.62
N ARG E 27 4.59 -21.10 -13.46
CA ARG E 27 4.23 -19.97 -12.61
C ARG E 27 5.47 -19.19 -12.19
N ALA E 28 6.51 -19.91 -11.76
CA ALA E 28 7.73 -19.23 -11.33
C ALA E 28 8.33 -18.45 -12.48
N HIS E 29 8.31 -19.02 -13.69
CA HIS E 29 8.89 -18.35 -14.84
C HIS E 29 8.19 -17.02 -15.10
N TYR E 30 6.85 -17.00 -15.04
CA TYR E 30 6.14 -15.76 -15.32
C TYR E 30 6.15 -14.79 -14.14
N GLU E 31 6.11 -15.29 -12.91
CA GLU E 31 6.10 -14.40 -11.77
C GLU E 31 7.41 -13.63 -11.63
N ASN E 32 8.54 -14.23 -12.03
CA ASN E 32 9.83 -13.56 -11.97
C ASN E 32 10.12 -12.74 -13.23
N GLY E 33 9.11 -12.51 -14.06
CA GLY E 33 9.28 -11.67 -15.24
C GLY E 33 9.98 -12.34 -16.39
N LYS E 34 9.98 -13.66 -16.43
CA LYS E 34 10.77 -14.43 -17.37
C LYS E 34 12.22 -13.93 -17.38
N LYS E 35 12.79 -13.82 -16.18
CA LYS E 35 14.19 -13.40 -16.03
C LYS E 35 15.12 -14.37 -16.73
N HIS E 36 14.84 -15.67 -16.62
CA HIS E 36 15.61 -16.67 -17.36
C HIS E 36 15.34 -16.54 -18.85
N ASP E 37 16.38 -16.73 -19.66
CA ASP E 37 16.26 -16.66 -21.12
C ASP E 37 15.62 -17.97 -21.61
N ILE E 38 14.33 -18.10 -21.31
CA ILE E 38 13.57 -19.31 -21.56
C ILE E 38 12.21 -18.93 -22.13
N GLU E 39 11.75 -19.71 -23.12
CA GLU E 39 10.39 -19.61 -23.64
C GLU E 39 9.75 -20.97 -23.52
N ILE E 40 8.65 -21.06 -22.80
CA ILE E 40 7.91 -22.32 -22.67
C ILE E 40 7.04 -22.46 -23.92
N VAL E 41 7.41 -23.40 -24.78
CA VAL E 41 6.77 -23.55 -26.07
C VAL E 41 5.57 -24.47 -26.00
N ALA E 42 5.56 -25.42 -25.06
CA ALA E 42 4.47 -26.39 -25.01
C ALA E 42 4.43 -27.02 -23.63
N ILE E 43 3.28 -27.61 -23.32
CA ILE E 43 3.09 -28.44 -22.15
C ILE E 43 2.36 -29.70 -22.61
N ASN E 44 2.50 -30.76 -21.83
CA ASN E 44 1.84 -32.02 -22.11
C ASN E 44 1.29 -32.57 -20.81
N ASP E 45 0.05 -33.02 -20.83
CA ASP E 45 -0.60 -33.57 -19.66
C ASP E 45 -1.70 -34.51 -20.13
N LEU E 46 -2.59 -34.88 -19.21
CA LEU E 46 -3.70 -35.76 -19.55
C LEU E 46 -4.94 -35.00 -19.98
N GLY E 47 -5.00 -33.69 -19.71
CA GLY E 47 -6.21 -32.91 -19.91
C GLY E 47 -6.19 -32.05 -21.17
N ASP E 48 -7.32 -31.40 -21.41
CA ASP E 48 -7.48 -30.46 -22.51
C ASP E 48 -7.03 -29.07 -22.09
N PRO E 49 -6.89 -28.15 -23.04
CA PRO E 49 -6.38 -26.81 -22.68
C PRO E 49 -7.20 -26.08 -21.62
N LYS E 50 -8.53 -26.24 -21.63
CA LYS E 50 -9.36 -25.55 -20.66
C LYS E 50 -9.03 -25.98 -19.24
N THR E 51 -8.83 -27.29 -19.03
CA THR E 51 -8.49 -27.80 -17.70
C THR E 51 -7.12 -27.30 -17.27
N ASN E 52 -6.13 -27.34 -18.16
CA ASN E 52 -4.79 -26.89 -17.79
C ASN E 52 -4.78 -25.40 -17.50
N ALA E 53 -5.56 -24.62 -18.26
CA ALA E 53 -5.65 -23.18 -18.02
C ALA E 53 -6.33 -22.88 -16.69
N HIS E 54 -7.40 -23.63 -16.38
CA HIS E 54 -8.10 -23.42 -15.13
C HIS E 54 -7.20 -23.69 -13.93
N LEU E 55 -6.46 -24.79 -13.99
CA LEU E 55 -5.57 -25.12 -12.88
C LEU E 55 -4.42 -24.12 -12.78
N THR E 56 -4.03 -23.51 -13.90
CA THR E 56 -3.01 -22.47 -13.84
C THR E 56 -3.56 -21.22 -13.15
N ARG E 57 -4.82 -20.87 -13.44
CA ARG E 57 -5.39 -19.64 -12.90
C ARG E 57 -5.62 -19.72 -11.39
N PHE E 58 -6.05 -20.88 -10.90
CA PHE E 58 -6.48 -21.02 -9.52
C PHE E 58 -5.72 -22.15 -8.88
N ASP E 59 -5.06 -21.88 -7.75
CA ASP E 59 -4.37 -22.92 -7.01
C ASP E 59 -4.66 -22.76 -5.52
N THR E 60 -4.87 -23.89 -4.86
CA THR E 60 -5.11 -23.90 -3.42
C THR E 60 -3.88 -23.43 -2.66
N ALA E 61 -2.74 -24.10 -2.88
CA ALA E 61 -1.57 -23.84 -2.06
C ALA E 61 -1.00 -22.46 -2.32
N HIS E 62 -1.00 -22.01 -3.57
CA HIS E 62 -0.31 -20.79 -3.97
C HIS E 62 -1.25 -19.69 -4.43
N GLY E 63 -2.56 -19.88 -4.27
CA GLY E 63 -3.50 -18.84 -4.59
C GLY E 63 -3.65 -18.62 -6.09
N LYS E 64 -4.19 -17.45 -6.42
CA LYS E 64 -4.52 -17.11 -7.80
C LYS E 64 -3.29 -16.64 -8.56
N PHE E 65 -3.19 -17.06 -9.83
CA PHE E 65 -2.08 -16.65 -10.70
C PHE E 65 -2.16 -15.15 -10.97
N PRO E 66 -1.08 -14.40 -10.75
CA PRO E 66 -1.15 -12.94 -10.95
C PRO E 66 -1.50 -12.51 -12.37
N GLY E 67 -1.07 -13.27 -13.38
CA GLY E 67 -1.28 -12.91 -14.77
C GLY E 67 -2.61 -13.41 -15.31
N THR E 68 -2.72 -13.32 -16.63
CA THR E 68 -3.92 -13.76 -17.34
C THR E 68 -3.63 -15.06 -18.08
N VAL E 69 -4.61 -15.97 -18.04
CA VAL E 69 -4.56 -17.21 -18.81
C VAL E 69 -5.87 -17.35 -19.57
N THR E 70 -5.77 -17.55 -20.87
CA THR E 70 -6.91 -17.78 -21.74
C THR E 70 -6.62 -19.00 -22.60
N VAL E 71 -7.65 -19.45 -23.30
CA VAL E 71 -7.56 -20.57 -24.23
C VAL E 71 -7.87 -20.04 -25.62
N ASP E 72 -7.08 -20.47 -26.61
CA ASP E 72 -7.33 -20.15 -28.00
C ASP E 72 -7.04 -21.42 -28.78
N GLY E 73 -8.10 -22.17 -29.08
CA GLY E 73 -7.93 -23.42 -29.77
C GLY E 73 -7.06 -24.36 -28.96
N ASP E 74 -6.04 -24.91 -29.61
CA ASP E 74 -5.16 -25.86 -28.95
C ASP E 74 -4.05 -25.19 -28.14
N TYR E 75 -4.14 -23.90 -27.87
CA TYR E 75 -3.10 -23.16 -27.17
C TYR E 75 -3.63 -22.58 -25.87
N MET E 76 -2.77 -22.58 -24.85
CA MET E 76 -3.00 -21.87 -23.60
C MET E 76 -2.13 -20.61 -23.62
N VAL E 77 -2.76 -19.45 -23.43
CA VAL E 77 -2.11 -18.15 -23.60
C VAL E 77 -1.88 -17.55 -22.21
N VAL E 78 -0.62 -17.41 -21.84
CA VAL E 78 -0.22 -16.91 -20.53
C VAL E 78 0.49 -15.58 -20.75
N ASN E 79 -0.14 -14.50 -20.27
CA ASN E 79 0.41 -13.14 -20.42
C ASN E 79 0.78 -12.86 -21.88
N GLY E 80 -0.09 -13.30 -22.79
CA GLY E 80 0.09 -13.05 -24.20
C GLY E 80 0.98 -14.04 -24.92
N ASP E 81 1.57 -15.01 -24.21
CA ASP E 81 2.42 -16.00 -24.84
C ASP E 81 1.60 -17.25 -25.14
N LYS E 82 1.56 -17.65 -26.41
CA LYS E 82 0.84 -18.86 -26.78
C LYS E 82 1.72 -20.07 -26.55
N ILE E 83 1.20 -21.02 -25.76
CA ILE E 83 1.90 -22.23 -25.38
C ILE E 83 1.06 -23.41 -25.89
N ARG E 84 1.66 -24.23 -26.74
CA ARG E 84 0.93 -25.37 -27.28
CA ARG E 84 0.99 -25.39 -27.30
C ARG E 84 0.66 -26.38 -26.19
N VAL E 85 -0.57 -26.91 -26.19
CA VAL E 85 -1.02 -27.89 -25.22
C VAL E 85 -1.15 -29.24 -25.93
N LEU E 86 -0.51 -30.27 -25.37
CA LEU E 86 -0.51 -31.61 -25.92
C LEU E 86 -1.03 -32.58 -24.86
N ALA E 87 -1.62 -33.69 -25.32
CA ALA E 87 -2.03 -34.76 -24.41
C ALA E 87 -1.71 -36.10 -25.07
N ASN E 88 -0.48 -36.58 -24.87
CA ASN E 88 -0.03 -37.85 -25.42
C ASN E 88 0.91 -38.47 -24.40
N ARG E 89 0.53 -39.63 -23.86
CA ARG E 89 1.29 -40.19 -22.76
C ARG E 89 2.65 -40.72 -23.20
N ASN E 90 2.86 -40.97 -24.49
CA ASN E 90 4.12 -41.51 -24.98
C ASN E 90 5.02 -40.38 -25.46
N PRO E 91 6.15 -40.11 -24.79
CA PRO E 91 7.02 -39.00 -25.23
C PRO E 91 7.56 -39.13 -26.64
N ALA E 92 7.82 -40.34 -27.13
CA ALA E 92 8.40 -40.45 -28.47
C ALA E 92 7.45 -39.95 -29.55
N GLU E 93 6.14 -39.88 -29.28
CA GLU E 93 5.17 -39.40 -30.25
C GLU E 93 4.95 -37.89 -30.19
N LEU E 94 5.53 -37.21 -29.20
CA LEU E 94 5.36 -35.78 -29.05
C LEU E 94 6.22 -35.03 -30.07
N PRO E 95 5.77 -33.88 -30.55
CA PRO E 95 6.43 -33.19 -31.67
C PRO E 95 7.59 -32.29 -31.24
N TRP E 96 8.53 -32.85 -30.47
CA TRP E 96 9.61 -32.04 -29.94
C TRP E 96 10.58 -31.58 -31.03
N GLY E 97 10.86 -32.45 -32.01
CA GLY E 97 11.78 -32.05 -33.08
C GLY E 97 11.25 -30.90 -33.91
N GLU E 98 9.96 -30.97 -34.30
CA GLU E 98 9.39 -29.92 -35.12
C GLU E 98 9.29 -28.61 -34.36
N LEU E 99 9.09 -28.67 -33.04
CA LEU E 99 9.05 -27.47 -32.23
C LEU E 99 10.44 -26.94 -31.86
N GLY E 100 11.49 -27.66 -32.23
CA GLY E 100 12.83 -27.21 -31.91
C GLY E 100 13.10 -27.14 -30.42
N VAL E 101 12.67 -28.15 -29.69
CA VAL E 101 12.77 -28.11 -28.23
C VAL E 101 14.21 -28.32 -27.82
N ASP E 102 14.75 -27.38 -27.03
CA ASP E 102 16.08 -27.56 -26.45
C ASP E 102 16.05 -28.46 -25.23
N VAL E 103 15.14 -28.21 -24.29
CA VAL E 103 15.11 -28.94 -23.03
C VAL E 103 13.67 -29.31 -22.69
N VAL E 104 13.47 -30.58 -22.34
CA VAL E 104 12.21 -31.08 -21.82
C VAL E 104 12.34 -31.16 -20.30
N LEU E 105 11.45 -30.49 -19.58
CA LEU E 105 11.39 -30.63 -18.13
C LEU E 105 10.42 -31.77 -17.84
N GLU E 106 10.97 -32.91 -17.42
CA GLU E 106 10.21 -34.15 -17.26
C GLU E 106 9.66 -34.21 -15.83
N CYS E 107 8.35 -33.97 -15.69
CA CYS E 107 7.71 -33.81 -14.38
C CYS E 107 6.50 -34.71 -14.20
N THR E 108 6.42 -35.83 -14.94
CA THR E 108 5.31 -36.76 -14.76
C THR E 108 5.52 -37.70 -13.58
N GLY E 109 6.77 -37.93 -13.19
CA GLY E 109 7.07 -38.95 -12.20
C GLY E 109 7.14 -40.36 -12.77
N PHE E 110 6.99 -40.51 -14.08
CA PHE E 110 6.94 -41.80 -14.73
C PHE E 110 8.13 -42.11 -15.63
N PHE E 111 9.00 -41.12 -15.92
CA PHE E 111 10.20 -41.31 -16.75
C PHE E 111 11.40 -40.74 -16.00
N THR E 112 11.91 -41.51 -15.03
CA THR E 112 12.93 -41.02 -14.11
C THR E 112 14.32 -41.57 -14.39
N SER E 113 14.48 -42.44 -15.38
CA SER E 113 15.80 -42.90 -15.83
C SER E 113 16.10 -42.30 -17.20
N LYS E 114 17.37 -42.35 -17.58
CA LYS E 114 17.75 -41.91 -18.93
C LYS E 114 17.14 -42.81 -19.99
N GLU E 115 16.99 -44.10 -19.69
CA GLU E 115 16.39 -45.02 -20.65
C GLU E 115 14.93 -44.66 -20.91
N LYS E 116 14.17 -44.36 -19.85
CA LYS E 116 12.76 -43.99 -20.00
C LYS E 116 12.62 -42.59 -20.59
N ALA E 117 13.35 -41.63 -20.01
CA ALA E 117 13.31 -40.24 -20.48
C ALA E 117 13.86 -40.08 -21.89
N GLY E 118 14.65 -41.05 -22.36
CA GLY E 118 15.17 -40.96 -23.72
C GLY E 118 14.10 -40.93 -24.78
N ALA E 119 12.87 -41.32 -24.46
CA ALA E 119 11.79 -41.20 -25.42
C ALA E 119 11.61 -39.76 -25.90
N HIS E 120 11.90 -38.79 -25.03
CA HIS E 120 11.85 -37.39 -25.44
C HIS E 120 12.87 -37.10 -26.53
N LEU E 121 14.07 -37.67 -26.41
CA LEU E 121 15.11 -37.46 -27.42
C LEU E 121 14.70 -38.07 -28.76
N LYS E 122 14.06 -39.25 -28.73
CA LYS E 122 13.57 -39.84 -29.98
C LYS E 122 12.51 -38.95 -30.61
N GLY E 123 11.67 -38.33 -29.80
CA GLY E 123 10.69 -37.39 -30.30
C GLY E 123 11.28 -36.10 -30.84
N GLY E 124 12.57 -35.88 -30.64
CA GLY E 124 13.25 -34.73 -31.19
C GLY E 124 13.75 -33.69 -30.19
N ALA E 125 13.63 -33.94 -28.89
CA ALA E 125 14.15 -33.00 -27.91
C ALA E 125 15.66 -33.15 -27.79
N LYS E 126 16.34 -32.03 -27.58
CA LYS E 126 17.79 -32.06 -27.46
C LYS E 126 18.23 -32.59 -26.08
N LYS E 127 17.53 -32.20 -25.02
CA LYS E 127 17.94 -32.51 -23.65
C LYS E 127 16.72 -32.71 -22.77
N VAL E 128 16.92 -33.35 -21.61
CA VAL E 128 15.86 -33.63 -20.66
C VAL E 128 16.39 -33.40 -19.24
N ILE E 129 15.60 -32.70 -18.43
CA ILE E 129 15.85 -32.56 -16.99
C ILE E 129 14.70 -33.26 -16.26
N ILE E 130 15.04 -34.31 -15.52
CA ILE E 130 14.06 -35.01 -14.71
C ILE E 130 13.86 -34.23 -13.41
N SER E 131 12.61 -34.03 -13.02
CA SER E 131 12.23 -33.25 -11.85
C SER E 131 12.22 -34.07 -10.58
N ALA E 132 13.05 -35.12 -10.53
CA ALA E 132 13.10 -36.05 -9.41
C ALA E 132 14.46 -36.73 -9.42
N PRO E 133 14.80 -37.46 -8.37
CA PRO E 133 16.03 -38.27 -8.43
C PRO E 133 15.98 -39.19 -9.65
N GLY E 134 17.10 -39.26 -10.35
CA GLY E 134 17.16 -40.07 -11.54
C GLY E 134 17.63 -41.49 -11.27
N GLY E 135 17.53 -42.31 -12.30
CA GLY E 135 18.15 -43.61 -12.25
C GLY E 135 19.66 -43.51 -12.27
N LYS E 136 20.32 -44.63 -12.01
CA LYS E 136 21.78 -44.63 -11.99
C LYS E 136 22.38 -44.24 -13.34
N ASP E 137 21.59 -44.32 -14.41
CA ASP E 137 22.08 -44.05 -15.76
C ASP E 137 22.09 -42.56 -16.13
N VAL E 138 21.63 -41.67 -15.27
CA VAL E 138 21.58 -40.25 -15.65
C VAL E 138 22.99 -39.68 -15.77
N ASP E 139 23.12 -38.67 -16.62
CA ASP E 139 24.41 -38.06 -16.90
C ASP E 139 24.90 -37.21 -15.72
N ALA E 140 23.99 -36.64 -14.95
CA ALA E 140 24.38 -35.86 -13.79
C ALA E 140 23.18 -35.75 -12.86
N THR E 141 23.47 -35.46 -11.59
CA THR E 141 22.44 -35.11 -10.60
C THR E 141 22.88 -33.78 -10.01
N ILE E 142 22.00 -32.78 -10.09
CA ILE E 142 22.38 -31.39 -9.86
C ILE E 142 21.55 -30.82 -8.72
N VAL E 143 22.23 -30.25 -7.74
CA VAL E 143 21.67 -29.30 -6.79
C VAL E 143 22.23 -27.94 -7.17
N PHE E 144 21.39 -27.12 -7.80
CA PHE E 144 21.86 -25.81 -8.25
C PHE E 144 22.27 -24.98 -7.04
N GLY E 145 23.38 -24.25 -7.19
CA GLY E 145 24.04 -23.61 -6.09
C GLY E 145 25.14 -24.42 -5.45
N VAL E 146 25.24 -25.71 -5.80
CA VAL E 146 26.23 -26.62 -5.23
C VAL E 146 27.13 -27.22 -6.29
N ASN E 147 26.54 -27.83 -7.33
CA ASN E 147 27.36 -28.55 -8.30
C ASN E 147 26.87 -28.38 -9.74
N GLN E 148 26.25 -27.26 -10.09
CA GLN E 148 25.86 -27.06 -11.49
C GLN E 148 27.06 -26.97 -12.41
N ASN E 149 28.26 -26.74 -11.86
CA ASN E 149 29.50 -26.65 -12.64
C ASN E 149 29.90 -27.96 -13.29
N VAL E 150 29.43 -29.10 -12.76
CA VAL E 150 29.81 -30.39 -13.34
C VAL E 150 29.11 -30.66 -14.66
N LEU E 151 28.12 -29.85 -15.01
CA LEU E 151 27.34 -30.07 -16.21
C LEU E 151 28.19 -29.86 -17.46
N LYS E 152 27.90 -30.67 -18.48
CA LYS E 152 28.65 -30.65 -19.73
C LYS E 152 27.68 -30.61 -20.90
N ALA E 153 28.17 -30.06 -22.02
CA ALA E 153 27.34 -29.99 -23.22
C ALA E 153 26.95 -31.37 -23.73
N GLU E 154 27.75 -32.40 -23.43
CA GLU E 154 27.41 -33.74 -23.88
C GLU E 154 26.25 -34.34 -23.11
N HIS E 155 25.95 -33.81 -21.91
CA HIS E 155 24.84 -34.32 -21.12
C HIS E 155 23.52 -34.11 -21.85
N THR E 156 22.70 -35.15 -21.91
CA THR E 156 21.39 -35.08 -22.57
C THR E 156 20.24 -35.40 -21.64
N VAL E 157 20.47 -36.18 -20.60
CA VAL E 157 19.45 -36.48 -19.60
C VAL E 157 20.09 -36.34 -18.23
N ILE E 158 19.59 -35.40 -17.43
CA ILE E 158 20.11 -35.16 -16.09
C ILE E 158 18.94 -35.15 -15.11
N SER E 159 19.28 -35.24 -13.83
CA SER E 159 18.32 -35.16 -12.75
C SER E 159 18.58 -33.91 -11.94
N ASN E 160 17.51 -33.23 -11.52
CA ASN E 160 17.61 -32.08 -10.63
C ASN E 160 17.51 -32.48 -9.16
N ALA E 161 17.72 -33.76 -8.86
CA ALA E 161 17.63 -34.28 -7.50
C ALA E 161 16.19 -34.19 -7.00
N SER E 162 16.02 -34.25 -5.70
CA SER E 162 14.73 -34.12 -5.05
C SER E 162 14.69 -32.80 -4.30
N CYS E 163 13.47 -32.38 -3.93
CA CYS E 163 13.31 -31.20 -3.09
C CYS E 163 14.10 -31.31 -1.80
N THR E 164 14.05 -32.48 -1.15
CA THR E 164 14.78 -32.66 0.09
C THR E 164 16.29 -32.52 -0.10
N THR E 165 16.83 -33.10 -1.18
CA THR E 165 18.27 -33.01 -1.40
C THR E 165 18.69 -31.57 -1.67
N ASN E 166 17.85 -30.81 -2.38
CA ASN E 166 18.13 -29.41 -2.63
C ASN E 166 18.06 -28.57 -1.36
N CYS E 167 17.40 -29.06 -0.32
CA CYS E 167 17.40 -28.37 0.97
C CYS E 167 18.58 -28.81 1.82
N LEU E 168 18.89 -30.10 1.81
CA LEU E 168 19.92 -30.64 2.69
C LEU E 168 21.32 -30.24 2.24
N ALA E 169 21.61 -30.38 0.95
CA ALA E 169 22.98 -30.15 0.47
C ALA E 169 23.45 -28.72 0.72
N PRO E 170 22.70 -27.68 0.37
CA PRO E 170 23.14 -26.33 0.72
C PRO E 170 23.22 -26.10 2.22
N LEU E 171 22.49 -26.87 3.02
CA LEU E 171 22.60 -26.76 4.47
C LEU E 171 23.87 -27.40 5.00
N VAL E 172 24.22 -28.59 4.51
CA VAL E 172 25.32 -29.34 5.10
C VAL E 172 26.66 -28.89 4.54
N LYS E 173 26.69 -28.37 3.32
CA LYS E 173 27.97 -28.03 2.69
C LYS E 173 28.77 -27.02 3.50
N PRO E 174 28.22 -25.86 3.88
CA PRO E 174 29.04 -24.91 4.65
C PRO E 174 29.51 -25.46 5.99
N LEU E 175 28.70 -26.32 6.63
CA LEU E 175 29.09 -26.93 7.89
C LEU E 175 30.21 -27.94 7.70
N HIS E 176 30.19 -28.70 6.60
CA HIS E 176 31.27 -29.63 6.34
C HIS E 176 32.56 -28.89 6.08
N ASP E 177 32.48 -27.77 5.36
CA ASP E 177 33.67 -26.99 5.05
C ASP E 177 34.33 -26.44 6.30
N LYS E 178 33.54 -25.93 7.26
CA LYS E 178 34.08 -25.22 8.41
C LYS E 178 34.27 -26.10 9.64
N LEU E 179 33.40 -27.09 9.84
CA LEU E 179 33.46 -27.98 10.99
C LEU E 179 33.80 -29.41 10.62
N GLY E 180 33.35 -29.90 9.47
CA GLY E 180 33.54 -31.29 9.13
C GLY E 180 32.46 -32.17 9.71
N VAL E 181 31.94 -33.10 8.91
CA VAL E 181 30.89 -34.02 9.33
C VAL E 181 31.48 -35.42 9.38
N GLU E 182 31.52 -36.01 10.58
CA GLU E 182 31.88 -37.41 10.70
C GLU E 182 30.78 -38.32 10.15
N THR E 183 29.55 -38.13 10.61
CA THR E 183 28.41 -38.89 10.10
C THR E 183 27.16 -38.15 10.55
N GLY E 184 26.05 -38.40 9.86
CA GLY E 184 24.83 -37.68 10.15
C GLY E 184 23.60 -38.44 9.74
N LEU E 185 22.52 -38.25 10.51
CA LEU E 185 21.23 -38.86 10.26
C LEU E 185 20.19 -37.77 10.22
N MET E 186 19.26 -37.87 9.27
CA MET E 186 18.30 -36.80 9.02
C MET E 186 16.89 -37.34 9.00
N THR E 187 15.99 -36.50 9.48
CA THR E 187 14.55 -36.73 9.39
C THR E 187 13.94 -35.54 8.67
N THR E 188 13.13 -35.79 7.66
CA THR E 188 12.39 -34.71 7.01
C THR E 188 10.91 -34.90 7.30
N VAL E 189 10.31 -33.93 7.99
CA VAL E 189 8.87 -33.88 8.19
C VAL E 189 8.32 -33.17 6.97
N HIS E 190 7.50 -33.87 6.20
CA HIS E 190 7.24 -33.48 4.82
C HIS E 190 5.74 -33.40 4.58
N ALA E 191 5.32 -32.37 3.86
CA ALA E 191 3.93 -32.22 3.47
C ALA E 191 3.49 -33.40 2.62
N TYR E 192 2.19 -33.68 2.61
CA TYR E 192 1.77 -34.78 1.75
C TYR E 192 1.87 -34.34 0.28
N THR E 193 1.96 -35.35 -0.60
CA THR E 193 2.05 -35.12 -2.03
C THR E 193 1.02 -36.00 -2.73
N ASN E 194 0.85 -35.77 -4.04
CA ASN E 194 -0.23 -36.42 -4.77
C ASN E 194 0.01 -37.92 -4.99
N ASP E 195 1.15 -38.46 -4.59
CA ASP E 195 1.41 -39.89 -4.58
CA ASP E 195 1.32 -39.90 -4.65
C ASP E 195 0.72 -40.61 -3.44
N GLN E 196 0.23 -39.87 -2.44
CA GLN E 196 -0.41 -40.45 -1.27
C GLN E 196 -1.93 -40.55 -1.50
N VAL E 197 -2.67 -40.93 -0.46
CA VAL E 197 -4.09 -41.24 -0.58
C VAL E 197 -4.87 -40.51 0.50
N LEU E 198 -6.15 -40.24 0.22
CA LEU E 198 -7.04 -39.55 1.15
C LEU E 198 -7.55 -40.47 2.24
N THR E 199 -7.94 -41.69 1.90
CA THR E 199 -8.38 -42.68 2.88
C THR E 199 -7.87 -44.04 2.43
N ASP E 200 -7.58 -44.90 3.41
CA ASP E 200 -6.76 -46.09 3.18
C ASP E 200 -7.17 -46.81 1.91
N VAL E 201 -6.21 -47.03 1.02
CA VAL E 201 -6.47 -47.65 -0.29
C VAL E 201 -5.14 -48.15 -0.86
N TYR E 202 -5.23 -49.06 -1.83
CA TYR E 202 -4.03 -49.73 -2.34
C TYR E 202 -2.91 -48.75 -2.65
N HIS E 203 -1.70 -49.15 -2.29
CA HIS E 203 -0.47 -48.46 -2.64
C HIS E 203 0.64 -49.51 -2.54
N GLU E 204 1.65 -49.38 -3.41
CA GLU E 204 2.80 -50.28 -3.33
C GLU E 204 3.48 -50.20 -1.96
N ASP E 205 3.51 -48.99 -1.39
CA ASP E 205 4.07 -48.76 -0.05
C ASP E 205 2.94 -48.84 0.97
N LEU E 206 3.06 -49.79 1.91
CA LEU E 206 1.95 -50.05 2.84
C LEU E 206 1.69 -48.89 3.79
N ARG E 207 2.68 -48.03 4.02
CA ARG E 207 2.44 -46.85 4.85
CA ARG E 207 2.42 -46.86 4.84
C ARG E 207 1.78 -45.74 4.04
N ARG E 208 2.25 -45.52 2.81
CA ARG E 208 1.62 -44.52 1.96
C ARG E 208 0.22 -44.94 1.54
N ALA E 209 -0.16 -46.20 1.76
CA ALA E 209 -1.52 -46.64 1.56
C ALA E 209 -2.47 -46.11 2.63
N ARG E 210 -1.95 -45.42 3.65
CA ARG E 210 -2.76 -44.93 4.75
C ARG E 210 -3.07 -43.46 4.58
N SER E 211 -4.25 -43.07 5.06
CA SER E 211 -4.75 -41.71 4.93
C SER E 211 -3.69 -40.68 5.32
N ALA E 212 -3.33 -39.85 4.35
CA ALA E 212 -2.35 -38.78 4.59
C ALA E 212 -2.89 -37.71 5.52
N THR E 213 -4.20 -37.50 5.52
CA THR E 213 -4.80 -36.40 6.29
C THR E 213 -4.82 -36.67 7.78
N MET E 214 -4.80 -37.94 8.19
CA MET E 214 -5.06 -38.31 9.58
C MET E 214 -3.84 -38.79 10.37
N SER E 215 -2.67 -38.97 9.74
CA SER E 215 -1.59 -39.66 10.42
C SER E 215 -0.24 -39.06 10.06
N MET E 216 0.73 -39.30 10.95
CA MET E 216 2.15 -39.21 10.62
C MET E 216 2.60 -40.52 9.99
N ILE E 217 3.22 -40.44 8.81
CA ILE E 217 3.50 -41.62 8.02
C ILE E 217 4.99 -41.74 7.69
N PRO E 218 5.72 -42.66 8.29
CA PRO E 218 7.13 -42.83 7.89
C PRO E 218 7.22 -43.36 6.45
N THR E 219 8.15 -42.80 5.70
CA THR E 219 8.44 -43.28 4.35
C THR E 219 9.92 -43.16 4.05
N LYS E 220 10.40 -44.07 3.20
CA LYS E 220 11.81 -44.05 2.83
C LYS E 220 12.12 -42.80 2.00
N THR E 221 13.32 -42.28 2.18
CA THR E 221 13.81 -41.24 1.29
C THR E 221 15.29 -41.47 1.04
N GLY E 222 15.70 -41.30 -0.21
CA GLY E 222 17.09 -41.36 -0.59
C GLY E 222 17.80 -40.03 -0.56
N ALA E 223 17.16 -39.00 -0.01
CA ALA E 223 17.72 -37.65 -0.09
C ALA E 223 19.07 -37.56 0.62
N ALA E 224 19.18 -38.17 1.79
CA ALA E 224 20.41 -38.03 2.57
C ALA E 224 21.58 -38.70 1.86
N ALA E 225 21.41 -39.96 1.44
CA ALA E 225 22.46 -40.63 0.68
C ALA E 225 22.74 -39.92 -0.64
N ALA E 226 21.71 -39.33 -1.26
CA ALA E 226 21.87 -38.67 -2.56
C ALA E 226 22.76 -37.43 -2.48
N VAL E 227 22.94 -36.86 -1.29
CA VAL E 227 23.87 -35.75 -1.15
C VAL E 227 25.27 -36.17 -1.60
N GLY E 228 25.57 -37.47 -1.55
CA GLY E 228 26.87 -37.94 -2.02
C GLY E 228 27.07 -37.78 -3.51
N LEU E 229 25.99 -37.78 -4.29
CA LEU E 229 26.10 -37.56 -5.73
C LEU E 229 26.48 -36.11 -6.03
N VAL E 230 26.00 -35.16 -5.23
CA VAL E 230 26.28 -33.75 -5.49
C VAL E 230 27.49 -33.26 -4.70
N LEU E 231 27.77 -33.84 -3.55
CA LEU E 231 28.95 -33.53 -2.74
C LEU E 231 29.67 -34.85 -2.46
N PRO E 232 30.56 -35.28 -3.35
CA PRO E 232 31.17 -36.60 -3.17
C PRO E 232 31.91 -36.76 -1.85
N GLU E 233 32.38 -35.66 -1.25
CA GLU E 233 33.08 -35.74 0.01
C GLU E 233 32.23 -36.37 1.11
N LEU E 234 30.90 -36.23 1.01
CA LEU E 234 29.99 -36.74 2.02
C LEU E 234 29.39 -38.10 1.66
N ASN E 235 29.87 -38.75 0.59
CA ASN E 235 29.30 -40.02 0.20
C ASN E 235 29.43 -41.02 1.35
N GLY E 236 28.32 -41.69 1.67
CA GLY E 236 28.30 -42.68 2.73
C GLY E 236 28.17 -42.11 4.13
N LYS E 237 28.10 -40.79 4.28
CA LYS E 237 28.12 -40.18 5.60
C LYS E 237 26.74 -39.78 6.11
N LEU E 238 25.72 -39.73 5.25
CA LEU E 238 24.39 -39.30 5.63
C LEU E 238 23.34 -40.34 5.27
N ASP E 239 22.42 -40.58 6.20
CA ASP E 239 21.26 -41.42 5.93
C ASP E 239 20.07 -40.78 6.65
N GLY E 240 18.87 -41.26 6.35
CA GLY E 240 17.70 -40.69 6.99
C GLY E 240 16.42 -41.31 6.46
N PHE E 241 15.31 -40.78 6.96
CA PHE E 241 13.99 -41.13 6.47
C PHE E 241 13.08 -39.93 6.61
N ALA E 242 11.86 -40.07 6.08
CA ALA E 242 10.87 -39.00 6.07
C ALA E 242 9.65 -39.38 6.89
N ILE E 243 8.96 -38.36 7.39
CA ILE E 243 7.67 -38.50 8.04
C ILE E 243 6.70 -37.56 7.34
N ARG E 244 5.77 -38.13 6.57
CA ARG E 244 4.74 -37.34 5.92
C ARG E 244 3.66 -36.97 6.94
N VAL E 245 3.28 -35.69 6.97
CA VAL E 245 2.29 -35.21 7.94
C VAL E 245 1.20 -34.46 7.19
N PRO E 246 0.05 -34.22 7.84
CA PRO E 246 -1.08 -33.58 7.14
C PRO E 246 -0.96 -32.09 6.90
N THR E 247 -0.04 -31.67 6.02
CA THR E 247 0.03 -30.30 5.53
C THR E 247 0.09 -30.34 4.01
N ILE E 248 -0.46 -29.32 3.37
CA ILE E 248 -0.56 -29.38 1.91
C ILE E 248 0.76 -29.00 1.25
N ASN E 249 1.60 -28.21 1.92
CA ASN E 249 2.84 -27.77 1.31
C ASN E 249 3.80 -27.26 2.39
N VAL E 250 5.08 -27.29 2.04
CA VAL E 250 6.21 -26.84 2.87
C VAL E 250 6.66 -27.97 3.80
N SER E 251 7.96 -28.19 3.87
CA SER E 251 8.53 -29.32 4.59
C SER E 251 9.73 -28.85 5.39
N LEU E 252 10.22 -29.74 6.25
CA LEU E 252 11.30 -29.41 7.17
C LEU E 252 12.33 -30.52 7.17
N VAL E 253 13.60 -30.15 6.97
CA VAL E 253 14.73 -31.05 7.13
C VAL E 253 15.32 -30.86 8.53
N ASP E 254 15.51 -31.96 9.24
CA ASP E 254 16.03 -31.97 10.60
C ASP E 254 17.25 -32.90 10.62
N LEU E 255 18.44 -32.30 10.58
CA LEU E 255 19.69 -33.03 10.43
C LEU E 255 20.44 -33.05 11.76
N SER E 256 20.73 -34.24 12.24
CA SER E 256 21.60 -34.45 13.39
C SER E 256 22.90 -35.07 12.89
N PHE E 257 24.03 -34.45 13.22
CA PHE E 257 25.31 -34.98 12.77
C PHE E 257 26.38 -34.78 13.84
N VAL E 258 27.39 -35.63 13.78
CA VAL E 258 28.57 -35.53 14.64
C VAL E 258 29.64 -34.75 13.88
N ALA E 259 30.03 -33.62 14.44
CA ALA E 259 31.09 -32.81 13.84
C ALA E 259 32.45 -33.40 14.17
N LYS E 260 33.47 -33.02 13.40
CA LYS E 260 34.82 -33.52 13.63
C LYS E 260 35.45 -32.88 14.87
N ARG E 261 34.98 -31.70 15.28
CA ARG E 261 35.48 -31.02 16.47
C ARG E 261 34.31 -30.43 17.26
N ASP E 262 34.58 -30.08 18.51
CA ASP E 262 33.58 -29.43 19.33
C ASP E 262 33.22 -28.06 18.78
N THR E 263 31.96 -27.67 18.97
CA THR E 263 31.43 -26.42 18.44
C THR E 263 30.38 -25.90 19.41
N THR E 264 29.72 -24.82 19.03
CA THR E 264 28.67 -24.19 19.81
C THR E 264 27.49 -23.86 18.90
N VAL E 265 26.35 -23.54 19.50
CA VAL E 265 25.21 -23.08 18.72
C VAL E 265 25.58 -21.83 17.93
N GLU E 266 26.29 -20.90 18.57
CA GLU E 266 26.62 -19.62 17.94
C GLU E 266 27.56 -19.80 16.76
N GLU E 267 28.50 -20.74 16.86
CA GLU E 267 29.41 -20.94 15.73
C GLU E 267 28.67 -21.57 14.55
N VAL E 268 27.81 -22.56 14.81
CA VAL E 268 27.03 -23.18 13.74
C VAL E 268 26.21 -22.13 13.00
N ASN E 269 25.51 -21.28 13.76
CA ASN E 269 24.68 -20.25 13.15
C ASN E 269 25.51 -19.26 12.35
N SER E 270 26.71 -18.93 12.83
CA SER E 270 27.57 -18.01 12.10
C SER E 270 28.01 -18.59 10.75
N ILE E 271 28.32 -19.89 10.72
CA ILE E 271 28.74 -20.51 9.47
C ILE E 271 27.63 -20.42 8.43
N LEU E 272 26.40 -20.72 8.83
CA LEU E 272 25.29 -20.70 7.89
C LEU E 272 24.93 -19.27 7.51
N GLN E 273 25.07 -18.33 8.44
CA GLN E 273 24.80 -16.94 8.11
C GLN E 273 25.73 -16.43 7.03
N ALA E 274 27.03 -16.71 7.15
CA ALA E 274 27.99 -16.25 6.16
C ALA E 274 27.73 -16.89 4.79
N ALA E 275 27.43 -18.18 4.77
CA ALA E 275 27.17 -18.86 3.50
C ALA E 275 25.94 -18.28 2.80
N ALA E 276 24.88 -17.99 3.57
CA ALA E 276 23.67 -17.43 2.96
C ALA E 276 23.93 -16.05 2.40
N GLU E 277 24.85 -15.30 3.02
CA GLU E 277 25.20 -13.97 2.54
C GLU E 277 26.20 -14.00 1.40
N GLY E 278 26.91 -15.11 1.21
CA GLY E 278 27.93 -15.18 0.18
C GLY E 278 27.67 -16.19 -0.91
N GLU E 279 28.38 -17.32 -0.85
CA GLU E 279 28.39 -18.27 -1.96
C GLU E 279 27.01 -18.80 -2.27
N LEU E 280 26.20 -19.05 -1.25
CA LEU E 280 24.90 -19.68 -1.39
C LEU E 280 23.75 -18.69 -1.30
N LYS E 281 23.97 -17.42 -1.61
CA LYS E 281 22.90 -16.44 -1.50
C LYS E 281 21.75 -16.77 -2.45
N ASP E 282 20.52 -16.63 -1.94
CA ASP E 282 19.27 -16.88 -2.65
C ASP E 282 19.00 -18.37 -2.83
N ILE E 283 19.98 -19.21 -2.54
CA ILE E 283 19.74 -20.65 -2.45
C ILE E 283 19.48 -21.03 -1.00
N LEU E 284 20.29 -20.48 -0.12
CA LEU E 284 20.19 -20.68 1.32
C LEU E 284 19.86 -19.33 1.94
N THR E 285 18.89 -19.33 2.84
CA THR E 285 18.50 -18.14 3.57
C THR E 285 18.68 -18.41 5.05
N TYR E 286 18.77 -17.32 5.81
CA TYR E 286 19.03 -17.35 7.24
C TYR E 286 17.88 -16.67 7.95
N ASN E 287 17.20 -17.39 8.84
CA ASN E 287 16.00 -16.92 9.49
CA ASN E 287 16.00 -16.91 9.49
C ASN E 287 16.19 -16.91 11.00
N THR E 288 15.81 -15.80 11.63
CA THR E 288 15.88 -15.66 13.08
C THR E 288 14.53 -15.35 13.71
N GLU E 289 13.46 -15.25 12.92
CA GLU E 289 12.16 -14.92 13.49
C GLU E 289 11.41 -16.18 13.89
N PRO E 290 10.48 -16.05 14.85
CA PRO E 290 9.69 -17.23 15.32
C PRO E 290 8.53 -17.58 14.38
N LEU E 291 8.86 -18.34 13.34
CA LEU E 291 7.94 -18.63 12.25
C LEU E 291 7.50 -20.09 12.27
N VAL E 292 6.44 -20.37 11.50
CA VAL E 292 5.93 -21.73 11.35
C VAL E 292 6.00 -22.09 9.86
N SER E 293 5.62 -23.32 9.51
CA SER E 293 5.87 -23.80 8.16
C SER E 293 5.20 -22.92 7.11
N ILE E 294 3.95 -22.48 7.35
CA ILE E 294 3.22 -21.73 6.33
C ILE E 294 3.93 -20.44 5.95
N ASP E 295 4.76 -19.91 6.84
CA ASP E 295 5.45 -18.64 6.54
C ASP E 295 6.46 -18.78 5.41
N PHE E 296 6.84 -20.01 5.07
CA PHE E 296 7.77 -20.25 3.97
C PHE E 296 7.05 -20.68 2.70
N ASN E 297 5.73 -20.71 2.70
CA ASN E 297 4.98 -20.98 1.47
C ASN E 297 5.31 -19.89 0.44
N HIS E 298 5.59 -20.33 -0.79
CA HIS E 298 5.96 -19.46 -1.89
C HIS E 298 7.33 -18.81 -1.70
N ASN E 299 8.15 -19.34 -0.79
CA ASN E 299 9.53 -18.87 -0.66
C ASN E 299 10.40 -19.61 -1.68
N PRO E 300 11.07 -18.92 -2.60
CA PRO E 300 11.77 -19.62 -3.69
C PRO E 300 13.10 -20.26 -3.31
N ALA E 301 13.60 -20.06 -2.09
CA ALA E 301 14.89 -20.61 -1.71
C ALA E 301 14.83 -22.12 -1.60
N SER E 302 15.98 -22.78 -1.81
CA SER E 302 16.04 -24.23 -1.69
C SER E 302 16.09 -24.66 -0.23
N SER E 303 16.67 -23.84 0.64
CA SER E 303 16.92 -24.20 2.02
C SER E 303 16.81 -22.93 2.85
N ASN E 304 15.83 -22.89 3.75
CA ASN E 304 15.59 -21.75 4.63
C ASN E 304 16.01 -22.18 6.03
N PHE E 305 17.29 -21.98 6.34
CA PHE E 305 17.83 -22.41 7.62
C PHE E 305 17.20 -21.59 8.75
N ASP E 306 16.74 -22.28 9.79
CA ASP E 306 16.07 -21.64 10.92
C ASP E 306 17.04 -21.64 12.09
N ALA E 307 17.71 -20.50 12.30
CA ALA E 307 18.69 -20.38 13.36
C ALA E 307 18.08 -20.53 14.74
N THR E 308 16.78 -20.27 14.88
CA THR E 308 16.14 -20.33 16.20
C THR E 308 16.07 -21.76 16.75
N LEU E 309 16.18 -22.77 15.88
CA LEU E 309 16.01 -24.17 16.28
C LEU E 309 17.32 -24.89 16.54
N THR E 310 18.47 -24.27 16.30
CA THR E 310 19.75 -24.97 16.40
C THR E 310 20.01 -25.44 17.82
N LYS E 311 20.48 -26.68 17.94
CA LYS E 311 20.94 -27.24 19.21
C LYS E 311 22.30 -27.89 19.00
N VAL E 312 23.20 -27.73 19.99
CA VAL E 312 24.52 -28.34 19.94
C VAL E 312 24.86 -28.90 21.32
N SER E 313 25.32 -30.14 21.37
CA SER E 313 25.86 -30.76 22.58
C SER E 313 27.20 -31.39 22.23
N GLY E 314 28.28 -30.65 22.47
CA GLY E 314 29.62 -31.11 22.15
C GLY E 314 29.86 -31.23 20.65
N LYS E 315 29.99 -32.46 20.16
CA LYS E 315 30.12 -32.69 18.72
C LYS E 315 28.77 -32.95 18.06
N LEU E 316 27.71 -33.22 18.83
CA LEU E 316 26.40 -33.50 18.27
C LEU E 316 25.69 -32.19 17.92
N VAL E 317 25.27 -32.07 16.66
CA VAL E 317 24.68 -30.85 16.13
C VAL E 317 23.34 -31.20 15.49
N LYS E 318 22.31 -30.44 15.83
CA LYS E 318 21.00 -30.55 15.19
C LYS E 318 20.70 -29.20 14.54
N VAL E 319 20.58 -29.20 13.21
CA VAL E 319 20.22 -28.04 12.42
C VAL E 319 18.93 -28.37 11.67
N SER E 320 18.12 -27.34 11.43
CA SER E 320 16.79 -27.48 10.82
C SER E 320 16.60 -26.43 9.74
N SER E 321 16.03 -26.84 8.60
CA SER E 321 15.82 -25.93 7.48
C SER E 321 14.44 -26.17 6.86
N TRP E 322 13.69 -25.08 6.65
CA TRP E 322 12.40 -25.15 5.98
C TRP E 322 12.57 -25.08 4.46
N TYR E 323 11.70 -25.76 3.73
CA TYR E 323 11.72 -25.62 2.27
C TYR E 323 10.33 -25.80 1.69
N ASP E 324 9.96 -24.90 0.78
CA ASP E 324 8.77 -25.08 -0.03
C ASP E 324 9.08 -26.14 -1.07
N ASN E 325 8.62 -27.37 -0.82
CA ASN E 325 9.00 -28.49 -1.67
C ASN E 325 8.52 -28.33 -3.11
N GLU E 326 7.51 -27.50 -3.35
CA GLU E 326 7.04 -27.22 -4.71
C GLU E 326 7.73 -26.01 -5.32
N TRP E 327 7.78 -24.90 -4.57
CA TRP E 327 8.19 -23.63 -5.15
C TRP E 327 9.71 -23.53 -5.28
N GLY E 328 10.46 -23.88 -4.23
CA GLY E 328 11.90 -23.81 -4.33
C GLY E 328 12.44 -24.70 -5.43
N PHE E 329 11.99 -25.95 -5.48
CA PHE E 329 12.43 -26.88 -6.50
C PHE E 329 12.08 -26.39 -7.89
N SER E 330 10.86 -25.85 -8.08
CA SER E 330 10.44 -25.38 -9.39
C SER E 330 11.32 -24.22 -9.88
N ASN E 331 11.69 -23.32 -8.97
CA ASN E 331 12.60 -22.25 -9.36
C ASN E 331 13.97 -22.81 -9.72
N ARG E 332 14.44 -23.83 -8.97
CA ARG E 332 15.72 -24.44 -9.29
C ARG E 332 15.69 -25.14 -10.65
N MET E 333 14.53 -25.67 -11.06
CA MET E 333 14.44 -26.29 -12.38
C MET E 333 14.76 -25.27 -13.47
N LEU E 334 14.31 -24.03 -13.29
CA LEU E 334 14.64 -22.97 -14.25
C LEU E 334 16.13 -22.60 -14.21
N ASP E 335 16.72 -22.54 -13.01
CA ASP E 335 18.15 -22.26 -12.91
C ASP E 335 18.98 -23.32 -13.61
N THR E 336 18.65 -24.60 -13.37
CA THR E 336 19.40 -25.69 -13.95
C THR E 336 19.24 -25.75 -15.47
N THR E 337 18.07 -25.35 -15.99
CA THR E 337 17.89 -25.32 -17.44
C THR E 337 18.92 -24.39 -18.09
N VAL E 338 19.13 -23.21 -17.49
CA VAL E 338 20.10 -22.26 -18.04
C VAL E 338 21.52 -22.80 -17.90
N ALA E 339 21.84 -23.44 -16.78
CA ALA E 339 23.17 -23.98 -16.61
C ALA E 339 23.45 -25.08 -17.63
N LEU E 340 22.44 -25.94 -17.88
CA LEU E 340 22.64 -27.05 -18.81
C LEU E 340 22.87 -26.55 -20.23
N MET E 341 22.13 -25.54 -20.67
CA MET E 341 22.31 -25.00 -22.00
C MET E 341 23.55 -24.12 -22.11
N SER E 342 24.07 -23.63 -20.99
CA SER E 342 25.31 -22.85 -20.96
C SER E 342 26.54 -23.74 -20.81
N ALA E 343 26.38 -25.01 -20.47
CA ALA E 343 27.51 -25.89 -20.22
C ALA E 343 28.34 -26.10 -21.48
N LYS E 344 29.66 -26.18 -21.31
CA LYS E 344 30.56 -26.34 -22.45
C LYS E 344 31.02 -27.79 -22.64
N MET F 9 -13.48 15.59 7.91
CA MET F 9 -12.80 15.35 9.22
C MET F 9 -12.48 13.86 9.39
N THR F 10 -11.18 13.55 9.50
CA THR F 10 -10.75 12.17 9.71
C THR F 10 -11.40 11.60 10.96
N ILE F 11 -11.92 10.38 10.84
CA ILE F 11 -12.54 9.66 11.94
C ILE F 11 -11.46 8.92 12.70
N ARG F 12 -11.38 9.16 14.01
CA ARG F 12 -10.40 8.48 14.85
C ARG F 12 -11.02 7.21 15.39
N VAL F 13 -10.41 6.07 15.04
CA VAL F 13 -10.99 4.76 15.29
C VAL F 13 -9.98 3.96 16.11
N VAL F 14 -10.50 3.10 16.99
CA VAL F 14 -9.67 2.15 17.73
C VAL F 14 -10.33 0.79 17.65
N ILE F 15 -9.52 -0.26 17.75
CA ILE F 15 -10.01 -1.63 17.65
C ILE F 15 -9.82 -2.28 19.02
N ASN F 16 -10.93 -2.74 19.60
CA ASN F 16 -10.91 -3.44 20.87
C ASN F 16 -11.07 -4.93 20.60
N GLY F 17 -9.98 -5.67 20.75
CA GLY F 17 -9.93 -7.07 20.37
C GLY F 17 -9.26 -7.17 19.01
N TYR F 18 -7.95 -7.40 19.02
CA TYR F 18 -7.14 -7.43 17.81
C TYR F 18 -6.98 -8.87 17.34
N GLY F 19 -8.10 -9.55 17.13
CA GLY F 19 -8.16 -10.94 16.77
C GLY F 19 -8.35 -11.15 15.29
N ARG F 20 -9.09 -12.20 14.93
CA ARG F 20 -9.34 -12.47 13.52
C ARG F 20 -10.03 -11.27 12.87
N ILE F 21 -11.09 -10.75 13.49
CA ILE F 21 -11.78 -9.60 12.91
C ILE F 21 -10.98 -8.32 13.13
N GLY F 22 -10.51 -8.09 14.35
CA GLY F 22 -9.81 -6.84 14.64
C GLY F 22 -8.61 -6.63 13.73
N ARG F 23 -7.79 -7.68 13.56
CA ARG F 23 -6.59 -7.56 12.73
C ARG F 23 -6.95 -7.41 11.27
N ASN F 24 -7.96 -8.13 10.80
CA ASN F 24 -8.32 -8.05 9.39
C ASN F 24 -9.01 -6.73 9.06
N ILE F 25 -9.58 -6.05 10.07
CA ILE F 25 -10.04 -4.70 9.85
C ILE F 25 -8.87 -3.77 9.57
N LEU F 26 -7.83 -3.83 10.40
CA LEU F 26 -6.65 -3.00 10.17
C LEU F 26 -5.98 -3.35 8.85
N ARG F 27 -5.82 -4.65 8.57
CA ARG F 27 -5.25 -5.05 7.30
C ARG F 27 -6.05 -4.52 6.13
N ALA F 28 -7.38 -4.61 6.21
CA ALA F 28 -8.23 -4.12 5.13
C ALA F 28 -8.07 -2.61 4.94
N HIS F 29 -7.95 -1.87 6.05
CA HIS F 29 -7.78 -0.42 5.94
C HIS F 29 -6.51 -0.07 5.16
N TYR F 30 -5.40 -0.76 5.45
CA TYR F 30 -4.14 -0.43 4.80
C TYR F 30 -4.02 -1.01 3.41
N GLU F 31 -4.59 -2.19 3.16
CA GLU F 31 -4.47 -2.80 1.83
C GLU F 31 -5.26 -2.04 0.78
N ASN F 32 -6.37 -1.41 1.16
CA ASN F 32 -7.15 -0.63 0.21
C ASN F 32 -6.67 0.82 0.10
N GLY F 33 -5.49 1.13 0.62
CA GLY F 33 -4.93 2.46 0.49
C GLY F 33 -5.48 3.49 1.45
N LYS F 34 -6.00 3.07 2.59
CA LYS F 34 -6.74 3.94 3.49
C LYS F 34 -7.77 4.74 2.70
N LYS F 35 -8.54 4.02 1.90
CA LYS F 35 -9.59 4.65 1.10
C LYS F 35 -10.59 5.39 1.98
N HIS F 36 -10.99 4.78 3.10
CA HIS F 36 -11.85 5.45 4.06
C HIS F 36 -11.07 6.51 4.82
N ASP F 37 -11.75 7.64 5.09
CA ASP F 37 -11.16 8.74 5.86
C ASP F 37 -11.14 8.35 7.34
N ILE F 38 -10.24 7.41 7.65
CA ILE F 38 -10.16 6.79 8.96
C ILE F 38 -8.69 6.74 9.36
N GLU F 39 -8.42 7.00 10.64
CA GLU F 39 -7.10 6.80 11.21
C GLU F 39 -7.25 5.87 12.41
N ILE F 40 -6.59 4.73 12.36
CA ILE F 40 -6.60 3.79 13.48
C ILE F 40 -5.58 4.28 14.50
N VAL F 41 -6.06 4.78 15.63
CA VAL F 41 -5.23 5.43 16.63
C VAL F 41 -4.68 4.46 17.66
N ALA F 42 -5.40 3.37 17.93
CA ALA F 42 -5.00 2.45 18.98
C ALA F 42 -5.66 1.11 18.75
N ILE F 43 -5.08 0.08 19.36
CA ILE F 43 -5.65 -1.25 19.42
C ILE F 43 -5.51 -1.71 20.87
N ASN F 44 -6.38 -2.64 21.27
CA ASN F 44 -6.35 -3.20 22.60
C ASN F 44 -6.51 -4.70 22.50
N ASP F 45 -5.68 -5.44 23.23
CA ASP F 45 -5.72 -6.90 23.26
C ASP F 45 -5.09 -7.35 24.57
N LEU F 46 -4.75 -8.63 24.67
CA LEU F 46 -4.12 -9.18 25.86
C LEU F 46 -2.60 -9.17 25.79
N GLY F 47 -2.02 -8.97 24.61
CA GLY F 47 -0.60 -9.15 24.40
C GLY F 47 0.19 -7.85 24.43
N ASP F 48 1.50 -8.00 24.32
CA ASP F 48 2.42 -6.87 24.26
C ASP F 48 2.59 -6.41 22.82
N PRO F 49 3.22 -5.24 22.61
CA PRO F 49 3.33 -4.72 21.24
C PRO F 49 4.02 -5.66 20.27
N LYS F 50 5.05 -6.38 20.73
CA LYS F 50 5.75 -7.30 19.83
C LYS F 50 4.80 -8.37 19.31
N THR F 51 3.94 -8.88 20.18
CA THR F 51 3.02 -9.95 19.78
C THR F 51 2.04 -9.46 18.71
N ASN F 52 1.46 -8.27 18.92
CA ASN F 52 0.48 -7.76 17.97
C ASN F 52 1.11 -7.47 16.62
N ALA F 53 2.33 -6.94 16.61
CA ALA F 53 3.01 -6.68 15.34
C ALA F 53 3.31 -7.97 14.61
N HIS F 54 3.75 -9.00 15.34
CA HIS F 54 4.07 -10.26 14.72
C HIS F 54 2.85 -10.90 14.09
N LEU F 55 1.72 -10.88 14.78
CA LEU F 55 0.50 -11.46 14.24
C LEU F 55 -0.05 -10.65 13.07
N THR F 56 0.21 -9.34 13.04
CA THR F 56 -0.18 -8.52 11.91
C THR F 56 0.65 -8.86 10.68
N ARG F 57 1.94 -9.13 10.88
CA ARG F 57 2.84 -9.38 9.76
C ARG F 57 2.60 -10.73 9.13
N PHE F 58 2.35 -11.76 9.94
CA PHE F 58 2.22 -13.12 9.45
C PHE F 58 0.84 -13.68 9.77
N ASP F 59 0.15 -14.17 8.76
CA ASP F 59 -1.14 -14.81 8.95
C ASP F 59 -1.23 -16.09 8.12
N THR F 60 -1.84 -17.12 8.72
CA THR F 60 -2.06 -18.38 8.02
C THR F 60 -3.07 -18.23 6.89
N ALA F 61 -4.28 -17.75 7.21
CA ALA F 61 -5.35 -17.73 6.21
C ALA F 61 -5.06 -16.73 5.09
N HIS F 62 -4.49 -15.58 5.42
CA HIS F 62 -4.35 -14.49 4.46
C HIS F 62 -2.90 -14.17 4.13
N GLY F 63 -1.95 -14.97 4.60
CA GLY F 63 -0.57 -14.76 4.20
C GLY F 63 0.05 -13.54 4.84
N LYS F 64 1.13 -13.09 4.23
CA LYS F 64 1.91 -11.97 4.80
C LYS F 64 1.27 -10.62 4.48
N PHE F 65 1.35 -9.70 5.43
CA PHE F 65 0.86 -8.34 5.25
C PHE F 65 1.68 -7.63 4.17
N PRO F 66 1.05 -7.01 3.17
CA PRO F 66 1.84 -6.36 2.12
C PRO F 66 2.73 -5.23 2.61
N GLY F 67 2.32 -4.51 3.65
CA GLY F 67 3.05 -3.37 4.13
C GLY F 67 4.12 -3.73 5.15
N THR F 68 4.65 -2.70 5.80
CA THR F 68 5.67 -2.85 6.83
C THR F 68 5.07 -2.61 8.21
N VAL F 69 5.50 -3.42 9.17
CA VAL F 69 5.10 -3.29 10.56
C VAL F 69 6.34 -3.32 11.44
N THR F 70 6.48 -2.33 12.32
CA THR F 70 7.57 -2.28 13.28
C THR F 70 7.03 -1.97 14.67
N VAL F 71 7.90 -2.11 15.66
CA VAL F 71 7.57 -1.79 17.05
C VAL F 71 8.44 -0.62 17.49
N ASP F 72 7.82 0.35 18.15
CA ASP F 72 8.53 1.49 18.72
C ASP F 72 7.88 1.79 20.06
N GLY F 73 8.48 1.27 21.13
CA GLY F 73 7.91 1.49 22.46
C GLY F 73 6.53 0.91 22.55
N ASP F 74 5.59 1.72 23.03
CA ASP F 74 4.21 1.30 23.18
C ASP F 74 3.41 1.41 21.88
N TYR F 75 4.08 1.56 20.73
CA TYR F 75 3.39 1.76 19.46
C TYR F 75 3.74 0.66 18.46
N MET F 76 2.74 0.26 17.69
CA MET F 76 2.92 -0.58 16.52
C MET F 76 2.79 0.33 15.31
N VAL F 77 3.81 0.32 14.45
CA VAL F 77 3.92 1.26 13.33
C VAL F 77 3.59 0.50 12.05
N VAL F 78 2.49 0.88 11.41
CA VAL F 78 2.00 0.24 10.20
C VAL F 78 2.11 1.24 9.06
N ASN F 79 2.99 0.96 8.10
CA ASN F 79 3.23 1.85 6.97
C ASN F 79 3.49 3.28 7.45
N GLY F 80 4.27 3.40 8.53
CA GLY F 80 4.65 4.70 9.05
C GLY F 80 3.66 5.34 9.99
N ASP F 81 2.52 4.72 10.27
CA ASP F 81 1.52 5.26 11.17
C ASP F 81 1.69 4.65 12.56
N LYS F 82 1.82 5.51 13.57
CA LYS F 82 1.98 5.02 14.94
C LYS F 82 0.62 4.71 15.53
N ILE F 83 0.45 3.46 15.98
CA ILE F 83 -0.80 2.97 16.55
C ILE F 83 -0.49 2.53 17.98
N ARG F 84 -1.13 3.17 18.96
CA ARG F 84 -0.86 2.83 20.34
C ARG F 84 -1.42 1.45 20.67
N VAL F 85 -0.63 0.68 21.41
CA VAL F 85 -1.00 -0.67 21.85
C VAL F 85 -1.37 -0.62 23.32
N LEU F 86 -2.55 -1.14 23.65
CA LEU F 86 -3.06 -1.19 25.02
C LEU F 86 -3.36 -2.63 25.37
N ALA F 87 -3.29 -2.96 26.66
CA ALA F 87 -3.67 -4.29 27.13
C ALA F 87 -4.44 -4.15 28.45
N ASN F 88 -5.75 -3.98 28.34
CA ASN F 88 -6.61 -3.84 29.50
C ASN F 88 -7.93 -4.52 29.18
N ARG F 89 -8.31 -5.50 30.00
CA ARG F 89 -9.50 -6.31 29.73
C ARG F 89 -10.81 -5.59 30.06
N ASN F 90 -10.78 -4.54 30.86
CA ASN F 90 -11.99 -3.82 31.21
C ASN F 90 -12.15 -2.61 30.28
N PRO F 91 -13.20 -2.56 29.45
CA PRO F 91 -13.33 -1.42 28.52
C PRO F 91 -13.43 -0.06 29.18
N ALA F 92 -14.04 0.05 30.37
CA ALA F 92 -14.22 1.34 30.99
C ALA F 92 -12.91 2.02 31.38
N GLU F 93 -11.82 1.25 31.49
CA GLU F 93 -10.53 1.82 31.86
C GLU F 93 -9.71 2.28 30.66
N LEU F 94 -10.16 2.04 29.44
CA LEU F 94 -9.39 2.42 28.27
C LEU F 94 -9.47 3.93 28.05
N PRO F 95 -8.37 4.56 27.60
CA PRO F 95 -8.28 6.04 27.56
C PRO F 95 -8.85 6.65 26.27
N TRP F 96 -10.09 6.34 25.96
CA TRP F 96 -10.66 6.75 24.69
C TRP F 96 -10.86 8.26 24.61
N GLY F 97 -11.34 8.87 25.70
CA GLY F 97 -11.56 10.30 25.68
C GLY F 97 -10.27 11.09 25.48
N GLU F 98 -9.21 10.67 26.17
CA GLU F 98 -7.93 11.37 26.04
C GLU F 98 -7.36 11.25 24.63
N LEU F 99 -7.61 10.14 23.94
CA LEU F 99 -7.20 9.99 22.56
C LEU F 99 -8.20 10.60 21.57
N GLY F 100 -9.32 11.14 22.05
CA GLY F 100 -10.28 11.74 21.15
C GLY F 100 -10.92 10.75 20.19
N VAL F 101 -11.28 9.58 20.69
CA VAL F 101 -11.77 8.49 19.85
C VAL F 101 -13.19 8.79 19.42
N ASP F 102 -13.44 8.74 18.11
CA ASP F 102 -14.79 8.83 17.57
C ASP F 102 -15.51 7.49 17.66
N VAL F 103 -14.88 6.41 17.20
CA VAL F 103 -15.53 5.12 17.08
C VAL F 103 -14.64 4.01 17.62
N VAL F 104 -15.22 3.17 18.47
CA VAL F 104 -14.60 1.93 18.92
C VAL F 104 -15.19 0.79 18.11
N LEU F 105 -14.34 0.00 17.47
CA LEU F 105 -14.78 -1.24 16.83
C LEU F 105 -14.60 -2.38 17.83
N GLU F 106 -15.72 -2.87 18.36
CA GLU F 106 -15.71 -3.84 19.46
C GLU F 106 -15.67 -5.25 18.86
N CYS F 107 -14.49 -5.89 18.94
CA CYS F 107 -14.22 -7.16 18.28
C CYS F 107 -13.68 -8.23 19.24
N THR F 108 -13.95 -8.12 20.55
CA THR F 108 -13.48 -9.13 21.49
C THR F 108 -14.42 -10.33 21.58
N GLY F 109 -15.69 -10.17 21.25
CA GLY F 109 -16.68 -11.20 21.45
C GLY F 109 -17.25 -11.26 22.85
N PHE F 110 -16.84 -10.37 23.75
CA PHE F 110 -17.29 -10.41 25.13
C PHE F 110 -18.23 -9.27 25.50
N PHE F 111 -18.36 -8.23 24.66
CA PHE F 111 -19.23 -7.09 24.98
C PHE F 111 -20.15 -6.84 23.79
N THR F 112 -21.20 -7.66 23.67
CA THR F 112 -22.07 -7.62 22.51
C THR F 112 -23.43 -6.98 22.79
N SER F 113 -23.69 -6.56 24.01
CA SER F 113 -24.91 -5.83 24.35
C SER F 113 -24.58 -4.35 24.49
N LYS F 114 -25.62 -3.51 24.41
CA LYS F 114 -25.38 -2.09 24.59
C LYS F 114 -24.91 -1.77 25.99
N GLU F 115 -25.39 -2.50 27.00
CA GLU F 115 -24.95 -2.23 28.35
C GLU F 115 -23.45 -2.48 28.49
N LYS F 116 -22.97 -3.59 27.96
CA LYS F 116 -21.55 -3.89 28.08
C LYS F 116 -20.71 -2.99 27.19
N ALA F 117 -21.12 -2.82 25.92
CA ALA F 117 -20.35 -1.95 25.02
C ALA F 117 -20.37 -0.50 25.45
N GLY F 118 -21.38 -0.09 26.23
CA GLY F 118 -21.44 1.28 26.72
C GLY F 118 -20.29 1.65 27.64
N ALA F 119 -19.58 0.66 28.17
CA ALA F 119 -18.39 0.96 28.95
C ALA F 119 -17.36 1.75 28.12
N HIS F 120 -17.31 1.50 26.81
CA HIS F 120 -16.44 2.28 25.94
C HIS F 120 -16.85 3.75 25.94
N LEU F 121 -18.16 4.03 25.94
CA LEU F 121 -18.62 5.42 25.95
C LEU F 121 -18.21 6.14 27.23
N LYS F 122 -18.30 5.46 28.38
CA LYS F 122 -17.81 6.07 29.61
C LYS F 122 -16.31 6.32 29.56
N GLY F 123 -15.56 5.45 28.88
CA GLY F 123 -14.15 5.70 28.70
C GLY F 123 -13.85 6.90 27.82
N GLY F 124 -14.85 7.47 27.15
CA GLY F 124 -14.67 8.68 26.38
C GLY F 124 -14.83 8.53 24.89
N ALA F 125 -15.17 7.34 24.39
CA ALA F 125 -15.44 7.16 22.97
C ALA F 125 -16.85 7.64 22.64
N LYS F 126 -17.01 8.21 21.45
CA LYS F 126 -18.31 8.72 21.03
C LYS F 126 -19.26 7.60 20.62
N LYS F 127 -18.78 6.59 19.91
CA LYS F 127 -19.66 5.58 19.34
C LYS F 127 -18.96 4.23 19.37
N VAL F 128 -19.77 3.17 19.24
CA VAL F 128 -19.28 1.79 19.25
C VAL F 128 -20.01 1.00 18.17
N ILE F 129 -19.25 0.24 17.39
CA ILE F 129 -19.78 -0.71 16.42
C ILE F 129 -19.37 -2.09 16.89
N ILE F 130 -20.35 -2.92 17.24
CA ILE F 130 -20.08 -4.28 17.66
C ILE F 130 -19.89 -5.13 16.41
N SER F 131 -18.83 -5.94 16.40
CA SER F 131 -18.48 -6.76 15.24
C SER F 131 -19.22 -8.09 15.25
N ALA F 132 -20.41 -8.11 15.82
CA ALA F 132 -21.21 -9.33 15.95
C ALA F 132 -22.67 -8.91 16.10
N PRO F 133 -23.60 -9.86 16.01
CA PRO F 133 -24.99 -9.55 16.37
C PRO F 133 -25.06 -9.01 17.79
N GLY F 134 -25.84 -7.94 17.97
CA GLY F 134 -25.99 -7.34 19.27
C GLY F 134 -27.18 -7.85 20.05
N GLY F 135 -27.24 -7.45 21.31
CA GLY F 135 -28.44 -7.66 22.10
C GLY F 135 -29.57 -6.78 21.59
N LYS F 136 -30.78 -7.05 22.11
CA LYS F 136 -31.93 -6.28 21.67
C LYS F 136 -31.80 -4.79 22.00
N ASP F 137 -30.91 -4.42 22.91
CA ASP F 137 -30.79 -3.04 23.32
C ASP F 137 -29.98 -2.17 22.35
N VAL F 138 -29.38 -2.75 21.31
CA VAL F 138 -28.56 -1.94 20.40
C VAL F 138 -29.45 -0.99 19.60
N ASP F 139 -28.86 0.14 19.19
CA ASP F 139 -29.60 1.19 18.50
C ASP F 139 -29.95 0.81 17.07
N ALA F 140 -29.09 0.02 16.40
CA ALA F 140 -29.36 -0.41 15.03
C ALA F 140 -28.52 -1.64 14.72
N THR F 141 -28.96 -2.38 13.71
CA THR F 141 -28.21 -3.51 13.16
C THR F 141 -28.06 -3.27 11.66
N ILE F 142 -26.83 -3.29 11.17
CA ILE F 142 -26.53 -2.79 9.84
C ILE F 142 -25.90 -3.90 9.00
N VAL F 143 -26.48 -4.14 7.84
CA VAL F 143 -25.81 -4.83 6.74
C VAL F 143 -25.51 -3.75 5.72
N PHE F 144 -24.24 -3.32 5.64
CA PHE F 144 -23.91 -2.24 4.74
C PHE F 144 -24.19 -2.65 3.30
N GLY F 145 -24.74 -1.72 2.53
CA GLY F 145 -25.28 -2.01 1.23
C GLY F 145 -26.75 -2.34 1.21
N VAL F 146 -27.38 -2.52 2.37
CA VAL F 146 -28.79 -2.91 2.48
C VAL F 146 -29.58 -1.88 3.26
N ASN F 147 -29.13 -1.54 4.48
CA ASN F 147 -29.92 -0.67 5.35
C ASN F 147 -29.07 0.31 6.14
N GLN F 148 -27.91 0.74 5.61
CA GLN F 148 -27.13 1.73 6.34
C GLN F 148 -27.87 3.06 6.46
N ASN F 149 -28.93 3.25 5.67
CA ASN F 149 -29.72 4.48 5.70
C ASN F 149 -30.47 4.69 7.01
N VAL F 150 -30.72 3.61 7.78
CA VAL F 150 -31.46 3.76 9.03
C VAL F 150 -30.62 4.38 10.13
N LEU F 151 -29.31 4.52 9.93
CA LEU F 151 -28.44 5.08 10.95
C LEU F 151 -28.75 6.54 11.21
N LYS F 152 -28.68 6.93 12.48
CA LYS F 152 -28.99 8.29 12.90
C LYS F 152 -27.87 8.85 13.76
N ALA F 153 -27.77 10.16 13.81
CA ALA F 153 -26.73 10.79 14.62
C ALA F 153 -26.87 10.45 16.11
N GLU F 154 -28.09 10.19 16.60
CA GLU F 154 -28.28 9.87 18.01
C GLU F 154 -27.79 8.49 18.38
N HIS F 155 -27.63 7.61 17.41
CA HIS F 155 -27.16 6.25 17.66
C HIS F 155 -25.72 6.27 18.19
N THR F 156 -25.48 5.51 19.25
CA THR F 156 -24.16 5.45 19.88
C THR F 156 -23.57 4.05 19.96
N VAL F 157 -24.40 3.01 19.99
CA VAL F 157 -23.94 1.63 19.99
C VAL F 157 -24.77 0.85 18.98
N ILE F 158 -24.10 0.35 17.92
CA ILE F 158 -24.78 -0.36 16.86
C ILE F 158 -24.09 -1.71 16.66
N SER F 159 -24.79 -2.59 15.94
CA SER F 159 -24.29 -3.90 15.56
C SER F 159 -24.11 -3.94 14.05
N ASN F 160 -23.02 -4.56 13.61
CA ASN F 160 -22.78 -4.79 12.19
C ASN F 160 -23.31 -6.15 11.74
N ALA F 161 -24.20 -6.75 12.54
CA ALA F 161 -24.77 -8.05 12.22
C ALA F 161 -23.66 -9.11 12.21
N SER F 162 -23.93 -10.26 11.61
CA SER F 162 -22.95 -11.33 11.50
C SER F 162 -22.48 -11.47 10.07
N CYS F 163 -21.36 -12.17 9.89
CA CYS F 163 -20.90 -12.48 8.54
C CYS F 163 -21.98 -13.19 7.75
N THR F 164 -22.66 -14.15 8.37
CA THR F 164 -23.70 -14.88 7.66
C THR F 164 -24.83 -13.96 7.22
N THR F 165 -25.27 -13.05 8.09
CA THR F 165 -26.35 -12.13 7.74
C THR F 165 -25.93 -11.16 6.65
N ASN F 166 -24.67 -10.72 6.67
CA ASN F 166 -24.15 -9.84 5.63
C ASN F 166 -24.06 -10.53 4.28
N CYS F 167 -24.03 -11.86 4.27
CA CYS F 167 -24.10 -12.63 3.03
C CYS F 167 -25.54 -12.90 2.62
N LEU F 168 -26.40 -13.19 3.60
CA LEU F 168 -27.77 -13.60 3.30
C LEU F 168 -28.61 -12.41 2.84
N ALA F 169 -28.49 -11.28 3.51
CA ALA F 169 -29.37 -10.15 3.20
C ALA F 169 -29.22 -9.66 1.77
N PRO F 170 -28.02 -9.36 1.27
CA PRO F 170 -27.91 -8.93 -0.12
C PRO F 170 -28.34 -9.99 -1.11
N LEU F 171 -28.29 -11.26 -0.73
CA LEU F 171 -28.76 -12.33 -1.61
C LEU F 171 -30.29 -12.35 -1.68
N VAL F 172 -30.96 -12.19 -0.55
CA VAL F 172 -32.40 -12.42 -0.52
C VAL F 172 -33.18 -11.20 -0.98
N LYS F 173 -32.66 -9.98 -0.76
CA LYS F 173 -33.47 -8.81 -1.04
C LYS F 173 -33.87 -8.71 -2.50
N PRO F 174 -32.94 -8.77 -3.47
CA PRO F 174 -33.37 -8.67 -4.87
C PRO F 174 -34.33 -9.77 -5.26
N LEU F 175 -34.20 -10.97 -4.69
CA LEU F 175 -35.14 -12.03 -5.00
C LEU F 175 -36.51 -11.74 -4.41
N HIS F 176 -36.56 -11.13 -3.22
CA HIS F 176 -37.85 -10.77 -2.65
C HIS F 176 -38.56 -9.72 -3.48
N ASP F 177 -37.81 -8.71 -3.95
CA ASP F 177 -38.42 -7.61 -4.69
C ASP F 177 -39.08 -8.10 -5.99
N LYS F 178 -38.43 -9.01 -6.70
CA LYS F 178 -38.93 -9.41 -8.02
C LYS F 178 -39.82 -10.63 -7.99
N LEU F 179 -39.57 -11.57 -7.06
CA LEU F 179 -40.32 -12.81 -6.97
C LEU F 179 -41.21 -12.88 -5.75
N GLY F 180 -40.79 -12.26 -4.64
CA GLY F 180 -41.51 -12.36 -3.40
C GLY F 180 -41.13 -13.63 -2.67
N VAL F 181 -40.84 -13.54 -1.39
CA VAL F 181 -40.45 -14.69 -0.59
C VAL F 181 -41.58 -14.96 0.39
N GLU F 182 -42.27 -16.08 0.22
CA GLU F 182 -43.26 -16.48 1.21
C GLU F 182 -42.58 -16.90 2.50
N THR F 183 -41.63 -17.83 2.40
CA THR F 183 -40.89 -18.31 3.55
C THR F 183 -39.62 -18.98 3.04
N GLY F 184 -38.64 -19.14 3.92
CA GLY F 184 -37.36 -19.68 3.51
C GLY F 184 -36.63 -20.31 4.67
N LEU F 185 -35.84 -21.34 4.35
CA LEU F 185 -35.00 -22.02 5.32
C LEU F 185 -33.57 -22.04 4.80
N MET F 186 -32.63 -21.83 5.71
CA MET F 186 -31.24 -21.63 5.34
C MET F 186 -30.34 -22.59 6.10
N THR F 187 -29.30 -23.05 5.40
CA THR F 187 -28.18 -23.78 5.98
C THR F 187 -26.91 -23.04 5.58
N THR F 188 -26.05 -22.75 6.53
CA THR F 188 -24.74 -22.18 6.20
C THR F 188 -23.67 -23.19 6.57
N VAL F 189 -22.92 -23.64 5.57
CA VAL F 189 -21.74 -24.45 5.79
C VAL F 189 -20.59 -23.47 6.03
N HIS F 190 -20.02 -23.50 7.22
CA HIS F 190 -19.22 -22.40 7.73
C HIS F 190 -17.88 -22.91 8.24
N ALA F 191 -16.81 -22.18 7.92
CA ALA F 191 -15.48 -22.50 8.44
C ALA F 191 -15.47 -22.42 9.96
N TYR F 192 -14.54 -23.15 10.59
CA TYR F 192 -14.49 -23.04 12.04
C TYR F 192 -13.95 -21.67 12.45
N THR F 193 -14.22 -21.32 13.70
CA THR F 193 -13.80 -20.07 14.30
C THR F 193 -13.11 -20.37 15.62
N ASN F 194 -12.49 -19.34 16.20
CA ASN F 194 -11.72 -19.53 17.42
C ASN F 194 -12.60 -19.76 18.65
N ASP F 195 -13.92 -19.74 18.49
CA ASP F 195 -14.81 -20.15 19.57
C ASP F 195 -14.92 -21.67 19.67
N GLN F 196 -14.53 -22.41 18.63
CA GLN F 196 -14.58 -23.86 18.65
C GLN F 196 -13.32 -24.43 19.30
N VAL F 197 -13.18 -25.76 19.30
CA VAL F 197 -12.09 -26.43 20.01
C VAL F 197 -11.39 -27.41 19.09
N LEU F 198 -10.11 -27.70 19.41
CA LEU F 198 -9.31 -28.59 18.59
C LEU F 198 -9.63 -30.05 18.87
N THR F 199 -9.78 -30.43 20.13
CA THR F 199 -10.16 -31.78 20.53
C THR F 199 -11.15 -31.67 21.69
N ASP F 200 -12.06 -32.64 21.77
CA ASP F 200 -13.26 -32.49 22.59
C ASP F 200 -12.93 -31.93 23.97
N VAL F 201 -13.60 -30.84 24.35
CA VAL F 201 -13.36 -30.18 25.63
C VAL F 201 -14.53 -29.25 25.91
N TYR F 202 -14.65 -28.85 27.18
CA TYR F 202 -15.79 -28.07 27.64
C TYR F 202 -16.14 -26.92 26.72
N HIS F 203 -17.43 -26.75 26.49
CA HIS F 203 -18.04 -25.63 25.77
C HIS F 203 -19.47 -25.53 26.27
N GLU F 204 -19.99 -24.30 26.34
CA GLU F 204 -21.40 -24.12 26.70
C GLU F 204 -22.32 -24.84 25.72
N ASP F 205 -21.92 -24.87 24.44
CA ASP F 205 -22.63 -25.57 23.38
C ASP F 205 -22.03 -26.96 23.22
N LEU F 206 -22.84 -28.00 23.44
CA LEU F 206 -22.33 -29.37 23.50
C LEU F 206 -21.77 -29.84 22.16
N ARG F 207 -22.23 -29.27 21.05
CA ARG F 207 -21.71 -29.65 19.74
CA ARG F 207 -21.71 -29.66 19.74
C ARG F 207 -20.43 -28.90 19.41
N ARG F 208 -20.36 -27.61 19.79
CA ARG F 208 -19.12 -26.87 19.65
C ARG F 208 -18.04 -27.37 20.61
N ALA F 209 -18.40 -28.21 21.57
CA ALA F 209 -17.44 -28.88 22.43
C ALA F 209 -16.67 -29.99 21.71
N ARG F 210 -17.03 -30.31 20.48
CA ARG F 210 -16.42 -31.40 19.74
C ARG F 210 -15.39 -30.88 18.74
N SER F 211 -14.36 -31.68 18.51
CA SER F 211 -13.26 -31.30 17.63
C SER F 211 -13.77 -30.70 16.33
N ALA F 212 -13.41 -29.44 16.10
CA ALA F 212 -13.76 -28.75 14.86
C ALA F 212 -13.07 -29.35 13.64
N THR F 213 -11.88 -29.90 13.84
CA THR F 213 -11.08 -30.41 12.72
C THR F 213 -11.63 -31.71 12.18
N MET F 214 -12.40 -32.45 12.98
CA MET F 214 -12.75 -33.81 12.63
C MET F 214 -14.21 -34.03 12.24
N SER F 215 -15.09 -33.03 12.38
CA SER F 215 -16.51 -33.31 12.24
C SER F 215 -17.26 -32.17 11.56
N MET F 216 -18.41 -32.54 10.99
CA MET F 216 -19.45 -31.57 10.66
C MET F 216 -20.26 -31.32 11.93
N ILE F 217 -20.38 -30.06 12.32
CA ILE F 217 -20.93 -29.73 13.62
C ILE F 217 -22.13 -28.80 13.46
N PRO F 218 -23.36 -29.27 13.66
CA PRO F 218 -24.50 -28.35 13.62
C PRO F 218 -24.43 -27.37 14.79
N THR F 219 -24.72 -26.12 14.50
CA THR F 219 -24.83 -25.12 15.57
C THR F 219 -25.92 -24.12 15.19
N LYS F 220 -26.58 -23.59 16.22
CA LYS F 220 -27.61 -22.59 16.00
C LYS F 220 -27.00 -21.27 15.54
N THR F 221 -27.73 -20.58 14.68
CA THR F 221 -27.38 -19.22 14.28
C THR F 221 -28.65 -18.40 14.18
N GLY F 222 -28.56 -17.15 14.61
CA GLY F 222 -29.66 -16.22 14.43
C GLY F 222 -29.58 -15.45 13.14
N ALA F 223 -28.68 -15.82 12.23
CA ALA F 223 -28.43 -15.01 11.05
C ALA F 223 -29.67 -14.86 10.18
N ALA F 224 -30.45 -15.93 10.02
CA ALA F 224 -31.62 -15.88 9.15
C ALA F 224 -32.71 -15.00 9.76
N ALA F 225 -33.06 -15.24 11.02
CA ALA F 225 -34.03 -14.38 11.70
C ALA F 225 -33.54 -12.95 11.77
N ALA F 226 -32.22 -12.74 11.90
CA ALA F 226 -31.70 -11.38 11.99
C ALA F 226 -31.90 -10.59 10.71
N VAL F 227 -32.11 -11.27 9.57
CA VAL F 227 -32.45 -10.57 8.34
C VAL F 227 -33.73 -9.75 8.52
N GLY F 228 -34.57 -10.12 9.49
CA GLY F 228 -35.75 -9.30 9.79
C GLY F 228 -35.42 -7.96 10.41
N LEU F 229 -34.29 -7.85 11.13
CA LEU F 229 -33.88 -6.57 11.67
C LEU F 229 -33.38 -5.64 10.57
N VAL F 230 -32.72 -6.16 9.55
CA VAL F 230 -32.15 -5.29 8.52
C VAL F 230 -33.16 -5.05 7.40
N LEU F 231 -34.05 -6.01 7.14
CA LEU F 231 -35.15 -5.87 6.20
C LEU F 231 -36.45 -6.24 6.91
N PRO F 232 -37.13 -5.27 7.52
CA PRO F 232 -38.33 -5.60 8.30
C PRO F 232 -39.41 -6.30 7.49
N GLU F 233 -39.46 -6.08 6.18
CA GLU F 233 -40.45 -6.74 5.34
C GLU F 233 -40.35 -8.26 5.43
N LEU F 234 -39.15 -8.77 5.74
CA LEU F 234 -38.89 -10.21 5.83
C LEU F 234 -38.96 -10.73 7.26
N ASN F 235 -39.47 -9.95 8.20
CA ASN F 235 -39.56 -10.40 9.58
C ASN F 235 -40.36 -11.69 9.67
N GLY F 236 -39.81 -12.68 10.37
CA GLY F 236 -40.49 -13.93 10.60
C GLY F 236 -40.46 -14.92 9.46
N LYS F 237 -39.84 -14.58 8.33
CA LYS F 237 -39.95 -15.42 7.14
C LYS F 237 -38.76 -16.33 6.90
N LEU F 238 -37.64 -16.12 7.59
CA LEU F 238 -36.44 -16.91 7.36
C LEU F 238 -35.97 -17.51 8.68
N ASP F 239 -35.58 -18.78 8.62
CA ASP F 239 -34.96 -19.46 9.76
C ASP F 239 -33.85 -20.35 9.20
N GLY F 240 -32.98 -20.83 10.08
CA GLY F 240 -31.90 -21.68 9.60
C GLY F 240 -30.97 -22.08 10.71
N PHE F 241 -29.95 -22.85 10.33
CA PHE F 241 -28.89 -23.22 11.24
C PHE F 241 -27.60 -23.36 10.46
N ALA F 242 -26.51 -23.59 11.18
CA ALA F 242 -25.19 -23.69 10.58
C ALA F 242 -24.64 -25.09 10.74
N ILE F 243 -23.75 -25.46 9.83
CA ILE F 243 -22.95 -26.67 9.93
C ILE F 243 -21.50 -26.22 9.83
N ARG F 244 -20.79 -26.25 10.95
CA ARG F 244 -19.36 -25.91 10.97
C ARG F 244 -18.56 -27.09 10.45
N VAL F 245 -17.64 -26.83 9.52
CA VAL F 245 -16.87 -27.91 8.91
C VAL F 245 -15.39 -27.56 9.01
N PRO F 246 -14.50 -28.54 8.82
CA PRO F 246 -13.07 -28.28 9.04
C PRO F 246 -12.37 -27.47 7.95
N THR F 247 -12.69 -26.19 7.81
CA THR F 247 -11.94 -25.27 6.97
C THR F 247 -11.60 -24.04 7.80
N ILE F 248 -10.46 -23.43 7.50
CA ILE F 248 -10.00 -22.33 8.32
C ILE F 248 -10.70 -21.01 7.97
N ASN F 249 -11.21 -20.88 6.75
CA ASN F 249 -11.84 -19.64 6.34
C ASN F 249 -12.68 -19.88 5.10
N VAL F 250 -13.64 -18.96 4.89
CA VAL F 250 -14.60 -18.97 3.78
C VAL F 250 -15.78 -19.88 4.13
N SER F 251 -16.99 -19.37 3.92
CA SER F 251 -18.21 -20.06 4.28
C SER F 251 -19.22 -19.94 3.14
N LEU F 252 -20.30 -20.70 3.25
CA LEU F 252 -21.29 -20.81 2.19
C LEU F 252 -22.69 -20.72 2.79
N VAL F 253 -23.50 -19.82 2.23
CA VAL F 253 -24.93 -19.76 2.54
C VAL F 253 -25.69 -20.55 1.49
N ASP F 254 -26.59 -21.42 1.93
CA ASP F 254 -27.44 -22.25 1.08
C ASP F 254 -28.88 -22.00 1.49
N LEU F 255 -29.58 -21.17 0.72
CA LEU F 255 -30.93 -20.71 1.03
C LEU F 255 -31.94 -21.39 0.12
N SER F 256 -32.90 -22.10 0.72
CA SER F 256 -34.04 -22.68 0.04
C SER F 256 -35.30 -21.90 0.43
N PHE F 257 -36.04 -21.40 -0.55
CA PHE F 257 -37.24 -20.63 -0.21
C PHE F 257 -38.33 -20.87 -1.23
N VAL F 258 -39.57 -20.66 -0.78
CA VAL F 258 -40.74 -20.71 -1.64
C VAL F 258 -41.02 -19.30 -2.13
N ALA F 259 -40.98 -19.12 -3.44
CA ALA F 259 -41.32 -17.82 -4.03
C ALA F 259 -42.83 -17.68 -4.17
N LYS F 260 -43.26 -16.42 -4.32
CA LYS F 260 -44.69 -16.13 -4.50
C LYS F 260 -45.20 -16.52 -5.88
N ARG F 261 -44.32 -16.61 -6.88
CA ARG F 261 -44.72 -17.06 -8.21
C ARG F 261 -43.69 -18.03 -8.75
N ASP F 262 -44.10 -18.79 -9.76
CA ASP F 262 -43.19 -19.71 -10.43
C ASP F 262 -42.06 -18.92 -11.10
N THR F 263 -40.89 -19.55 -11.17
CA THR F 263 -39.72 -18.90 -11.74
C THR F 263 -38.87 -20.00 -12.38
N THR F 264 -37.69 -19.60 -12.86
CA THR F 264 -36.74 -20.52 -13.49
C THR F 264 -35.34 -20.24 -12.97
N VAL F 265 -34.44 -21.19 -13.21
CA VAL F 265 -33.03 -20.96 -12.88
C VAL F 265 -32.52 -19.73 -13.60
N GLU F 266 -32.89 -19.58 -14.88
CA GLU F 266 -32.36 -18.48 -15.68
C GLU F 266 -32.83 -17.13 -15.15
N GLU F 267 -34.09 -17.03 -14.70
CA GLU F 267 -34.58 -15.77 -14.18
C GLU F 267 -33.95 -15.42 -12.85
N VAL F 268 -33.85 -16.41 -11.96
CA VAL F 268 -33.24 -16.19 -10.65
C VAL F 268 -31.83 -15.63 -10.84
N ASN F 269 -31.04 -16.25 -11.71
CA ASN F 269 -29.68 -15.78 -11.92
C ASN F 269 -29.66 -14.39 -12.55
N SER F 270 -30.62 -14.11 -13.45
CA SER F 270 -30.68 -12.80 -14.09
C SER F 270 -30.96 -11.71 -13.07
N ILE F 271 -31.80 -12.01 -12.09
CA ILE F 271 -32.09 -11.03 -11.05
C ILE F 271 -30.84 -10.71 -10.26
N LEU F 272 -30.08 -11.73 -9.88
CA LEU F 272 -28.90 -11.48 -9.07
C LEU F 272 -27.78 -10.85 -9.88
N GLN F 273 -27.65 -11.20 -11.16
CA GLN F 273 -26.65 -10.54 -12.00
C GLN F 273 -26.92 -9.04 -12.09
N ALA F 274 -28.18 -8.66 -12.29
CA ALA F 274 -28.54 -7.26 -12.38
C ALA F 274 -28.26 -6.54 -11.08
N ALA F 275 -28.56 -7.17 -9.95
CA ALA F 275 -28.30 -6.55 -8.65
C ALA F 275 -26.81 -6.33 -8.44
N ALA F 276 -25.97 -7.30 -8.83
CA ALA F 276 -24.54 -7.14 -8.65
C ALA F 276 -23.98 -6.02 -9.53
N GLU F 277 -24.59 -5.80 -10.69
CA GLU F 277 -24.14 -4.73 -11.58
C GLU F 277 -24.69 -3.37 -11.19
N GLY F 278 -25.73 -3.32 -10.36
CA GLY F 278 -26.35 -2.05 -10.03
C GLY F 278 -26.26 -1.65 -8.57
N GLU F 279 -27.37 -1.77 -7.85
CA GLU F 279 -27.48 -1.20 -6.50
C GLU F 279 -26.46 -1.81 -5.55
N LEU F 280 -26.25 -3.13 -5.64
CA LEU F 280 -25.42 -3.87 -4.69
C LEU F 280 -24.03 -4.16 -5.24
N LYS F 281 -23.54 -3.34 -6.18
CA LYS F 281 -22.23 -3.56 -6.74
C LYS F 281 -21.16 -3.43 -5.65
N ASP F 282 -20.20 -4.36 -5.68
CA ASP F 282 -19.06 -4.49 -4.78
C ASP F 282 -19.47 -5.05 -3.41
N ILE F 283 -20.76 -5.15 -3.11
CA ILE F 283 -21.24 -5.90 -1.95
C ILE F 283 -21.63 -7.30 -2.36
N LEU F 284 -22.32 -7.42 -3.48
CA LEU F 284 -22.76 -8.67 -4.06
C LEU F 284 -22.04 -8.86 -5.38
N THR F 285 -21.51 -10.05 -5.61
CA THR F 285 -20.86 -10.38 -6.87
C THR F 285 -21.59 -11.56 -7.51
N TYR F 286 -21.34 -11.73 -8.81
CA TYR F 286 -21.99 -12.75 -9.62
C TYR F 286 -20.88 -13.61 -10.20
N ASN F 287 -20.96 -14.92 -9.96
CA ASN F 287 -19.89 -15.85 -10.32
CA ASN F 287 -19.89 -15.84 -10.32
C ASN F 287 -20.43 -16.95 -11.22
N THR F 288 -19.69 -17.25 -12.29
CA THR F 288 -20.02 -18.30 -13.24
C THR F 288 -18.89 -19.30 -13.42
N GLU F 289 -17.78 -19.14 -12.73
CA GLU F 289 -16.66 -20.05 -12.91
C GLU F 289 -16.80 -21.22 -11.93
N PRO F 290 -16.25 -22.39 -12.28
CA PRO F 290 -16.38 -23.56 -11.38
C PRO F 290 -15.34 -23.54 -10.26
N LEU F 291 -15.68 -22.80 -9.20
CA LEU F 291 -14.75 -22.48 -8.12
C LEU F 291 -15.09 -23.25 -6.85
N VAL F 292 -14.14 -23.24 -5.92
CA VAL F 292 -14.30 -23.85 -4.61
C VAL F 292 -14.10 -22.76 -3.56
N SER F 293 -14.26 -23.11 -2.29
CA SER F 293 -14.31 -22.10 -1.24
C SER F 293 -13.03 -21.27 -1.19
N ILE F 294 -11.86 -21.91 -1.28
CA ILE F 294 -10.62 -21.17 -1.10
C ILE F 294 -10.45 -20.09 -2.17
N ASP F 295 -11.10 -20.24 -3.32
CA ASP F 295 -10.96 -19.23 -4.37
C ASP F 295 -11.58 -17.90 -3.97
N PHE F 296 -12.42 -17.89 -2.94
CA PHE F 296 -13.02 -16.66 -2.42
C PHE F 296 -12.30 -16.14 -1.19
N ASN F 297 -11.22 -16.80 -0.80
CA ASN F 297 -10.39 -16.28 0.28
C ASN F 297 -9.83 -14.92 -0.13
N HIS F 298 -9.92 -13.96 0.80
CA HIS F 298 -9.48 -12.57 0.60
C HIS F 298 -10.34 -11.84 -0.42
N ASN F 299 -11.55 -12.34 -0.71
CA ASN F 299 -12.51 -11.58 -1.50
C ASN F 299 -13.28 -10.64 -0.58
N PRO F 300 -13.25 -9.32 -0.83
CA PRO F 300 -13.88 -8.37 0.12
C PRO F 300 -15.39 -8.30 0.06
N ALA F 301 -16.04 -8.97 -0.89
CA ALA F 301 -17.48 -8.86 -1.03
C ALA F 301 -18.20 -9.53 0.15
N SER F 302 -19.42 -9.06 0.42
CA SER F 302 -20.24 -9.66 1.48
C SER F 302 -20.93 -10.94 1.02
N SER F 303 -21.24 -11.03 -0.27
CA SER F 303 -22.02 -12.14 -0.82
C SER F 303 -21.52 -12.41 -2.23
N ASN F 304 -20.95 -13.59 -2.45
CA ASN F 304 -20.45 -13.98 -3.77
C ASN F 304 -21.43 -15.03 -4.28
N PHE F 305 -22.48 -14.58 -4.96
CA PHE F 305 -23.49 -15.49 -5.47
C PHE F 305 -22.88 -16.39 -6.54
N ASP F 306 -23.09 -17.70 -6.40
CA ASP F 306 -22.56 -18.70 -7.32
C ASP F 306 -23.72 -19.19 -8.19
N ALA F 307 -23.81 -18.63 -9.41
CA ALA F 307 -24.89 -18.98 -10.31
C ALA F 307 -24.84 -20.43 -10.75
N THR F 308 -23.66 -21.06 -10.70
CA THR F 308 -23.56 -22.44 -11.15
C THR F 308 -24.35 -23.39 -10.28
N LEU F 309 -24.70 -22.98 -9.05
CA LEU F 309 -25.37 -23.86 -8.10
C LEU F 309 -26.88 -23.67 -8.05
N THR F 310 -27.43 -22.67 -8.73
CA THR F 310 -28.85 -22.37 -8.59
C THR F 310 -29.71 -23.57 -8.98
N LYS F 311 -30.72 -23.86 -8.17
CA LYS F 311 -31.71 -24.88 -8.46
C LYS F 311 -33.10 -24.28 -8.30
N VAL F 312 -34.00 -24.62 -9.21
CA VAL F 312 -35.39 -24.17 -9.17
C VAL F 312 -36.30 -25.33 -9.50
N SER F 313 -37.33 -25.52 -8.68
CA SER F 313 -38.40 -26.48 -8.94
C SER F 313 -39.72 -25.77 -8.70
N GLY F 314 -40.30 -25.21 -9.76
CA GLY F 314 -41.56 -24.51 -9.62
C GLY F 314 -41.41 -23.24 -8.81
N LYS F 315 -41.96 -23.23 -7.59
CA LYS F 315 -41.78 -22.09 -6.71
C LYS F 315 -40.59 -22.25 -5.76
N LEU F 316 -40.07 -23.46 -5.58
CA LEU F 316 -38.94 -23.66 -4.68
C LEU F 316 -37.64 -23.27 -5.36
N VAL F 317 -36.87 -22.41 -4.69
CA VAL F 317 -35.63 -21.87 -5.23
C VAL F 317 -34.53 -22.10 -4.22
N LYS F 318 -33.39 -22.61 -4.68
CA LYS F 318 -32.20 -22.80 -3.87
C LYS F 318 -31.07 -21.98 -4.46
N VAL F 319 -30.56 -21.01 -3.70
CA VAL F 319 -29.44 -20.16 -4.11
C VAL F 319 -28.31 -20.32 -3.11
N SER F 320 -27.08 -20.14 -3.58
CA SER F 320 -25.90 -20.33 -2.75
C SER F 320 -24.92 -19.20 -3.00
N SER F 321 -24.32 -18.70 -1.91
CA SER F 321 -23.39 -17.58 -1.98
C SER F 321 -22.19 -17.85 -1.08
N TRP F 322 -20.98 -17.63 -1.61
CA TRP F 322 -19.75 -17.74 -0.84
C TRP F 322 -19.45 -16.41 -0.15
N TYR F 323 -18.85 -16.49 1.04
CA TYR F 323 -18.38 -15.28 1.71
C TYR F 323 -17.15 -15.58 2.55
N ASP F 324 -16.13 -14.74 2.39
CA ASP F 324 -15.01 -14.76 3.30
C ASP F 324 -15.49 -14.14 4.60
N ASN F 325 -15.80 -14.98 5.58
CA ASN F 325 -16.42 -14.52 6.82
C ASN F 325 -15.51 -13.57 7.58
N GLU F 326 -14.20 -13.60 7.32
CA GLU F 326 -13.31 -12.63 7.95
C GLU F 326 -13.13 -11.39 7.08
N TRP F 327 -12.81 -11.57 5.79
CA TRP F 327 -12.36 -10.44 4.99
C TRP F 327 -13.52 -9.55 4.54
N GLY F 328 -14.60 -10.16 4.06
CA GLY F 328 -15.76 -9.37 3.67
C GLY F 328 -16.33 -8.58 4.83
N PHE F 329 -16.55 -9.25 5.96
CA PHE F 329 -17.08 -8.59 7.15
C PHE F 329 -16.16 -7.46 7.62
N SER F 330 -14.83 -7.69 7.61
CA SER F 330 -13.91 -6.67 8.09
C SER F 330 -13.96 -5.43 7.22
N ASN F 331 -14.06 -5.61 5.90
CA ASN F 331 -14.18 -4.45 5.01
C ASN F 331 -15.49 -3.72 5.26
N ARG F 332 -16.58 -4.45 5.53
CA ARG F 332 -17.85 -3.80 5.81
C ARG F 332 -17.80 -3.00 7.11
N MET F 333 -17.00 -3.43 8.08
CA MET F 333 -16.88 -2.65 9.32
C MET F 333 -16.38 -1.25 9.03
N LEU F 334 -15.44 -1.11 8.09
CA LEU F 334 -14.93 0.20 7.72
C LEU F 334 -16.01 1.01 7.01
N ASP F 335 -16.80 0.37 6.14
CA ASP F 335 -17.89 1.07 5.48
C ASP F 335 -18.89 1.62 6.49
N THR F 336 -19.29 0.78 7.45
CA THR F 336 -20.27 1.19 8.44
C THR F 336 -19.73 2.28 9.35
N THR F 337 -18.43 2.28 9.62
CA THR F 337 -17.83 3.34 10.43
C THR F 337 -18.06 4.71 9.79
N VAL F 338 -17.80 4.82 8.48
CA VAL F 338 -18.00 6.09 7.79
C VAL F 338 -19.48 6.44 7.75
N ALA F 339 -20.34 5.46 7.50
CA ALA F 339 -21.78 5.72 7.44
C ALA F 339 -22.30 6.19 8.79
N LEU F 340 -21.80 5.60 9.87
CA LEU F 340 -22.27 5.98 11.21
C LEU F 340 -21.87 7.41 11.55
N MET F 341 -20.64 7.80 11.20
CA MET F 341 -20.18 9.16 11.49
C MET F 341 -20.78 10.19 10.55
N SER F 342 -21.27 9.76 9.39
CA SER F 342 -21.97 10.62 8.44
C SER F 342 -23.46 10.73 8.74
N ALA F 343 -23.99 9.91 9.64
CA ALA F 343 -25.43 9.88 9.88
C ALA F 343 -25.92 11.22 10.41
N LYS F 344 -27.10 11.63 9.95
CA LYS F 344 -27.65 12.92 10.34
C LYS F 344 -28.74 12.80 11.42
N MET G 9 -6.87 -51.46 51.08
CA MET G 9 -7.66 -50.20 51.24
C MET G 9 -7.82 -49.47 49.91
N THR G 10 -9.06 -49.38 49.44
CA THR G 10 -9.35 -48.67 48.20
C THR G 10 -8.92 -47.21 48.29
N ILE G 11 -8.29 -46.73 47.22
CA ILE G 11 -7.85 -45.34 47.13
C ILE G 11 -8.98 -44.50 46.58
N ARG G 12 -9.35 -43.45 47.29
CA ARG G 12 -10.39 -42.52 46.85
C ARG G 12 -9.72 -41.38 46.08
N VAL G 13 -10.12 -41.21 44.83
CA VAL G 13 -9.46 -40.32 43.88
C VAL G 13 -10.49 -39.31 43.36
N VAL G 14 -10.01 -38.11 43.05
CA VAL G 14 -10.83 -37.12 42.36
C VAL G 14 -10.01 -36.56 41.20
N ILE G 15 -10.71 -36.06 40.19
CA ILE G 15 -10.08 -35.51 39.00
C ILE G 15 -10.41 -34.03 38.92
N ASN G 16 -9.38 -33.21 38.93
CA ASN G 16 -9.53 -31.76 38.81
C ASN G 16 -9.14 -31.36 37.39
N GLY G 17 -10.13 -31.02 36.59
CA GLY G 17 -9.89 -30.77 35.18
C GLY G 17 -10.28 -32.01 34.43
N TYR G 18 -11.53 -32.03 33.96
CA TYR G 18 -12.09 -33.19 33.28
C TYR G 18 -11.97 -32.97 31.77
N GLY G 19 -10.72 -32.79 31.34
CA GLY G 19 -10.36 -32.51 29.97
C GLY G 19 -9.86 -33.74 29.25
N ARG G 20 -8.93 -33.54 28.31
CA ARG G 20 -8.39 -34.68 27.58
C ARG G 20 -7.78 -35.69 28.53
N ILE G 21 -6.92 -35.24 29.44
CA ILE G 21 -6.30 -36.18 30.37
C ILE G 21 -7.31 -36.61 31.43
N GLY G 22 -8.01 -35.65 32.03
CA GLY G 22 -8.92 -36.00 33.11
C GLY G 22 -9.97 -37.02 32.70
N ARG G 23 -10.63 -36.78 31.57
CA ARG G 23 -11.64 -37.73 31.10
C ARG G 23 -11.04 -39.05 30.69
N ASN G 24 -9.88 -39.03 30.03
CA ASN G 24 -9.32 -40.28 29.59
C ASN G 24 -8.74 -41.09 30.74
N ILE G 25 -8.44 -40.44 31.88
CA ILE G 25 -8.11 -41.20 33.07
C ILE G 25 -9.32 -42.02 33.51
N LEU G 26 -10.47 -41.36 33.61
CA LEU G 26 -11.69 -42.06 34.05
C LEU G 26 -12.06 -43.15 33.06
N ARG G 27 -11.98 -42.86 31.76
CA ARG G 27 -12.24 -43.88 30.76
C ARG G 27 -11.30 -45.06 30.91
N ALA G 28 -10.01 -44.79 31.12
CA ALA G 28 -9.07 -45.90 31.23
C ALA G 28 -9.40 -46.78 32.43
N HIS G 29 -9.80 -46.17 33.54
CA HIS G 29 -10.16 -46.92 34.74
C HIS G 29 -11.31 -47.87 34.48
N TYR G 30 -12.36 -47.39 33.81
CA TYR G 30 -13.54 -48.24 33.61
C TYR G 30 -13.36 -49.23 32.47
N GLU G 31 -12.65 -48.85 31.41
CA GLU G 31 -12.47 -49.77 30.29
C GLU G 31 -11.61 -50.97 30.68
N ASN G 32 -10.63 -50.78 31.57
CA ASN G 32 -9.79 -51.89 32.01
C ASN G 32 -10.41 -52.65 33.18
N GLY G 33 -11.70 -52.44 33.46
CA GLY G 33 -12.40 -53.18 34.48
C GLY G 33 -12.14 -52.75 35.91
N LYS G 34 -11.73 -51.49 36.11
CA LYS G 34 -11.27 -51.02 37.41
C LYS G 34 -10.24 -51.99 38.02
N LYS G 35 -9.24 -52.32 37.21
CA LYS G 35 -8.16 -53.18 37.69
C LYS G 35 -7.46 -52.56 38.90
N HIS G 36 -7.17 -51.26 38.85
CA HIS G 36 -6.60 -50.61 40.01
C HIS G 36 -7.61 -50.52 41.14
N ASP G 37 -7.13 -50.68 42.37
CA ASP G 37 -7.96 -50.54 43.56
C ASP G 37 -8.21 -49.05 43.82
N ILE G 38 -8.99 -48.46 42.93
CA ILE G 38 -9.25 -47.02 42.88
C ILE G 38 -10.74 -46.83 42.67
N GLU G 39 -11.31 -45.83 43.35
CA GLU G 39 -12.68 -45.36 43.12
C GLU G 39 -12.62 -43.87 42.84
N ILE G 40 -13.12 -43.45 41.68
CA ILE G 40 -13.19 -42.04 41.35
C ILE G 40 -14.45 -41.47 41.98
N VAL G 41 -14.27 -40.62 42.99
CA VAL G 41 -15.37 -40.12 43.80
C VAL G 41 -15.95 -38.82 43.26
N ALA G 42 -15.15 -38.03 42.57
CA ALA G 42 -15.62 -36.73 42.11
C ALA G 42 -14.76 -36.24 40.97
N ILE G 43 -15.33 -35.33 40.19
CA ILE G 43 -14.62 -34.61 39.14
C ILE G 43 -14.98 -33.14 39.27
N ASN G 44 -14.09 -32.28 38.78
CA ASN G 44 -14.31 -30.84 38.83
C ASN G 44 -13.92 -30.23 37.50
N ASP G 45 -14.77 -29.37 36.98
CA ASP G 45 -14.53 -28.71 35.69
C ASP G 45 -15.34 -27.43 35.68
N LEU G 46 -15.53 -26.84 34.50
CA LEU G 46 -16.29 -25.61 34.36
C LEU G 46 -17.76 -25.84 34.08
N GLY G 47 -18.15 -27.06 33.71
CA GLY G 47 -19.48 -27.34 33.21
C GLY G 47 -20.40 -27.97 34.25
N ASP G 48 -21.64 -28.16 33.81
CA ASP G 48 -22.67 -28.81 34.60
C ASP G 48 -22.59 -30.32 34.40
N PRO G 49 -23.31 -31.10 35.21
CA PRO G 49 -23.20 -32.57 35.10
C PRO G 49 -23.55 -33.10 33.73
N LYS G 50 -24.55 -32.48 33.08
CA LYS G 50 -24.97 -32.93 31.75
C LYS G 50 -23.83 -32.81 30.74
N THR G 51 -23.07 -31.73 30.82
CA THR G 51 -21.96 -31.53 29.90
C THR G 51 -20.87 -32.56 30.12
N ASN G 52 -20.50 -32.81 31.38
CA ASN G 52 -19.43 -33.76 31.67
C ASN G 52 -19.85 -35.17 31.27
N ALA G 53 -21.13 -35.51 31.48
CA ALA G 53 -21.60 -36.84 31.09
C ALA G 53 -21.59 -37.01 29.58
N HIS G 54 -22.02 -35.98 28.85
CA HIS G 54 -22.07 -36.07 27.40
C HIS G 54 -20.66 -36.25 26.82
N LEU G 55 -19.69 -35.50 27.35
CA LEU G 55 -18.33 -35.65 26.85
C LEU G 55 -17.73 -37.00 27.21
N THR G 56 -18.18 -37.60 28.31
CA THR G 56 -17.69 -38.93 28.64
C THR G 56 -18.23 -39.97 27.66
N ARG G 57 -19.47 -39.79 27.19
CA ARG G 57 -20.10 -40.80 26.34
CA ARG G 57 -20.08 -40.81 26.35
C ARG G 57 -19.55 -40.77 24.92
N PHE G 58 -19.21 -39.60 24.41
CA PHE G 58 -18.83 -39.42 23.02
C PHE G 58 -17.51 -38.69 22.93
N ASP G 59 -16.56 -39.28 22.20
CA ASP G 59 -15.28 -38.64 21.97
C ASP G 59 -14.88 -38.81 20.51
N THR G 60 -14.29 -37.76 19.95
CA THR G 60 -13.79 -37.80 18.59
C THR G 60 -12.62 -38.78 18.45
N ALA G 61 -11.56 -38.58 19.25
CA ALA G 61 -10.35 -39.37 19.07
C ALA G 61 -10.55 -40.82 19.49
N HIS G 62 -11.32 -41.05 20.56
CA HIS G 62 -11.40 -42.38 21.18
C HIS G 62 -12.77 -43.03 21.07
N GLY G 63 -13.69 -42.45 20.29
CA GLY G 63 -14.96 -43.07 20.08
C GLY G 63 -15.89 -43.00 21.28
N LYS G 64 -16.87 -43.90 21.23
CA LYS G 64 -17.88 -43.93 22.29
C LYS G 64 -17.40 -44.73 23.49
N PHE G 65 -17.79 -44.29 24.67
CA PHE G 65 -17.47 -44.99 25.91
C PHE G 65 -18.21 -46.33 25.96
N PRO G 66 -17.53 -47.45 26.22
CA PRO G 66 -18.24 -48.74 26.25
C PRO G 66 -19.33 -48.82 27.31
N GLY G 67 -19.18 -48.15 28.44
CA GLY G 67 -20.10 -48.28 29.55
C GLY G 67 -21.31 -47.36 29.46
N THR G 68 -22.04 -47.30 30.57
CA THR G 68 -23.25 -46.48 30.66
C THR G 68 -22.95 -45.24 31.52
N VAL G 69 -23.45 -44.09 31.06
CA VAL G 69 -23.33 -42.84 31.79
C VAL G 69 -24.70 -42.19 31.86
N THR G 70 -25.13 -41.87 33.08
CA THR G 70 -26.38 -41.17 33.32
C THR G 70 -26.11 -39.99 34.25
N VAL G 71 -27.10 -39.12 34.37
CA VAL G 71 -27.02 -37.96 35.24
C VAL G 71 -28.08 -38.10 36.32
N ASP G 72 -27.71 -37.80 37.56
CA ASP G 72 -28.64 -37.79 38.69
C ASP G 72 -28.29 -36.61 39.57
N GLY G 73 -29.00 -35.50 39.38
CA GLY G 73 -28.72 -34.30 40.16
C GLY G 73 -27.31 -33.83 39.92
N ASP G 74 -26.59 -33.58 41.00
CA ASP G 74 -25.21 -33.12 40.95
C ASP G 74 -24.23 -34.27 40.73
N TYR G 75 -24.71 -35.44 40.32
CA TYR G 75 -23.87 -36.62 40.15
C TYR G 75 -23.91 -37.15 38.74
N MET G 76 -22.76 -37.65 38.31
CA MET G 76 -22.61 -38.44 37.08
C MET G 76 -22.40 -39.89 37.49
N VAL G 77 -23.21 -40.79 36.96
CA VAL G 77 -23.20 -42.20 37.32
C VAL G 77 -22.57 -42.97 36.17
N VAL G 78 -21.41 -43.58 36.44
CA VAL G 78 -20.64 -44.32 35.44
C VAL G 78 -20.62 -45.78 35.87
N ASN G 79 -21.28 -46.64 35.09
CA ASN G 79 -21.37 -48.06 35.37
C ASN G 79 -21.79 -48.31 36.81
N GLY G 80 -22.75 -47.53 37.29
CA GLY G 80 -23.30 -47.71 38.63
C GLY G 80 -22.58 -47.02 39.76
N ASP G 81 -21.47 -46.32 39.48
CA ASP G 81 -20.72 -45.60 40.51
C ASP G 81 -21.15 -44.14 40.49
N LYS G 82 -21.59 -43.64 41.65
CA LYS G 82 -22.02 -42.25 41.72
C LYS G 82 -20.79 -41.36 41.92
N ILE G 83 -20.58 -40.42 41.00
CA ILE G 83 -19.40 -39.56 40.98
C ILE G 83 -19.86 -38.10 41.06
N ARG G 84 -19.48 -37.42 42.14
CA ARG G 84 -19.89 -36.04 42.35
CA ARG G 84 -19.90 -36.05 42.35
C ARG G 84 -19.29 -35.14 41.30
N VAL G 85 -20.10 -34.24 40.76
CA VAL G 85 -19.66 -33.25 39.79
C VAL G 85 -19.59 -31.89 40.48
N LEU G 86 -18.45 -31.24 40.39
CA LEU G 86 -18.21 -29.93 40.96
C LEU G 86 -17.80 -28.98 39.84
N ALA G 87 -18.06 -27.70 40.04
CA ALA G 87 -17.59 -26.67 39.11
C ALA G 87 -17.12 -25.48 39.94
N ASN G 88 -15.86 -25.52 40.35
CA ASN G 88 -15.26 -24.45 41.14
C ASN G 88 -13.81 -24.30 40.72
N ARG G 89 -13.45 -23.14 40.20
CA ARG G 89 -12.10 -22.93 39.69
CA ARG G 89 -12.10 -22.93 39.69
C ARG G 89 -11.04 -22.85 40.79
N ASN G 90 -11.43 -22.67 42.06
CA ASN G 90 -10.48 -22.49 43.15
CA ASN G 90 -10.48 -22.49 43.15
C ASN G 90 -10.33 -23.79 43.93
N PRO G 91 -9.18 -24.47 43.86
CA PRO G 91 -9.04 -25.76 44.57
C PRO G 91 -9.25 -25.68 46.08
N ALA G 92 -8.85 -24.59 46.73
CA ALA G 92 -8.98 -24.54 48.18
C ALA G 92 -10.43 -24.57 48.63
N GLU G 93 -11.36 -24.26 47.74
CA GLU G 93 -12.78 -24.28 48.05
C GLU G 93 -13.44 -25.63 47.76
N LEU G 94 -12.73 -26.57 47.11
CA LEU G 94 -13.32 -27.85 46.76
C LEU G 94 -13.44 -28.76 47.99
N PRO G 95 -14.48 -29.60 48.07
CA PRO G 95 -14.83 -30.32 49.31
C PRO G 95 -14.07 -31.63 49.48
N TRP G 96 -12.74 -31.59 49.38
CA TRP G 96 -11.97 -32.81 49.40
C TRP G 96 -12.02 -33.49 50.78
N GLY G 97 -12.00 -32.69 51.86
CA GLY G 97 -12.10 -33.28 53.19
C GLY G 97 -13.40 -34.04 53.38
N GLU G 98 -14.51 -33.47 52.89
CA GLU G 98 -15.81 -34.11 53.07
C GLU G 98 -15.87 -35.42 52.29
N LEU G 99 -15.23 -35.47 51.13
CA LEU G 99 -15.21 -36.67 50.29
C LEU G 99 -14.13 -37.67 50.68
N GLY G 100 -13.30 -37.38 51.67
CA GLY G 100 -12.28 -38.34 52.06
C GLY G 100 -11.28 -38.64 50.97
N VAL G 101 -10.80 -37.61 50.29
CA VAL G 101 -9.98 -37.79 49.11
C VAL G 101 -8.57 -38.19 49.52
N ASP G 102 -8.09 -39.30 48.97
CA ASP G 102 -6.69 -39.68 49.15
C ASP G 102 -5.80 -38.93 48.17
N VAL G 103 -6.17 -38.93 46.88
CA VAL G 103 -5.33 -38.37 45.82
C VAL G 103 -6.18 -37.53 44.89
N VAL G 104 -5.70 -36.32 44.60
CA VAL G 104 -6.27 -35.46 43.59
C VAL G 104 -5.39 -35.56 42.34
N LEU G 105 -5.99 -35.92 41.22
CA LEU G 105 -5.30 -35.89 39.94
C LEU G 105 -5.52 -34.51 39.33
N GLU G 106 -4.48 -33.68 39.36
CA GLU G 106 -4.57 -32.28 38.96
C GLU G 106 -4.26 -32.19 37.47
N CYS G 107 -5.31 -31.97 36.66
CA CYS G 107 -5.21 -32.03 35.21
C CYS G 107 -5.77 -30.78 34.53
N THR G 108 -5.80 -29.65 35.24
CA THR G 108 -6.29 -28.42 34.61
C THR G 108 -5.21 -27.75 33.77
N GLY G 109 -3.95 -27.99 34.08
CA GLY G 109 -2.86 -27.23 33.50
C GLY G 109 -2.58 -25.91 34.17
N PHE G 110 -3.30 -25.58 35.27
CA PHE G 110 -3.17 -24.29 35.93
C PHE G 110 -2.51 -24.36 37.30
N PHE G 111 -2.33 -25.56 37.87
CA PHE G 111 -1.71 -25.71 39.18
C PHE G 111 -0.58 -26.73 39.08
N THR G 112 0.54 -26.29 38.51
CA THR G 112 1.67 -27.16 38.23
C THR G 112 2.85 -26.93 39.19
N SER G 113 2.73 -26.00 40.11
CA SER G 113 3.73 -25.79 41.15
C SER G 113 3.23 -26.39 42.45
N LYS G 114 4.16 -26.64 43.39
CA LYS G 114 3.72 -27.18 44.67
C LYS G 114 2.86 -26.18 45.45
N GLU G 115 3.15 -24.88 45.34
CA GLU G 115 2.35 -23.90 46.06
C GLU G 115 0.90 -23.91 45.57
N LYS G 116 0.70 -23.92 44.24
CA LYS G 116 -0.66 -23.87 43.70
C LYS G 116 -1.40 -25.18 43.93
N ALA G 117 -0.76 -26.31 43.63
CA ALA G 117 -1.41 -27.60 43.83
C ALA G 117 -1.67 -27.87 45.30
N GLY G 118 -0.90 -27.23 46.19
CA GLY G 118 -1.13 -27.38 47.61
C GLY G 118 -2.48 -26.84 48.06
N ALA G 119 -3.13 -26.03 47.23
CA ALA G 119 -4.48 -25.59 47.55
C ALA G 119 -5.40 -26.78 47.72
N HIS G 120 -5.14 -27.88 47.00
CA HIS G 120 -5.92 -29.10 47.16
C HIS G 120 -5.76 -29.68 48.55
N LEU G 121 -4.53 -29.65 49.09
CA LEU G 121 -4.30 -30.15 50.44
C LEU G 121 -5.05 -29.30 51.46
N LYS G 122 -5.08 -27.98 51.24
CA LYS G 122 -5.84 -27.12 52.13
C LYS G 122 -7.32 -27.46 52.10
N GLY G 123 -7.84 -27.86 50.93
CA GLY G 123 -9.20 -28.32 50.77
C GLY G 123 -9.50 -29.67 51.41
N GLY G 124 -8.48 -30.38 51.88
CA GLY G 124 -8.65 -31.61 52.62
C GLY G 124 -8.15 -32.85 51.92
N ALA G 125 -7.57 -32.75 50.73
CA ALA G 125 -7.03 -33.91 50.06
C ALA G 125 -5.66 -34.26 50.66
N LYS G 126 -5.37 -35.56 50.72
CA LYS G 126 -4.09 -35.98 51.30
C LYS G 126 -2.94 -35.75 50.32
N LYS G 127 -3.15 -36.01 49.03
CA LYS G 127 -2.04 -35.98 48.08
C LYS G 127 -2.52 -35.45 46.75
N VAL G 128 -1.56 -35.04 45.92
CA VAL G 128 -1.82 -34.47 44.61
C VAL G 128 -0.80 -35.02 43.63
N ILE G 129 -1.29 -35.46 42.47
CA ILE G 129 -0.46 -35.85 41.34
C ILE G 129 -0.77 -34.88 40.22
N ILE G 130 0.23 -34.08 39.85
CA ILE G 130 0.11 -33.14 38.74
C ILE G 130 0.32 -33.90 37.43
N SER G 131 -0.58 -33.70 36.47
CA SER G 131 -0.59 -34.42 35.21
C SER G 131 0.30 -33.78 34.17
N ALA G 132 1.35 -33.11 34.63
CA ALA G 132 2.28 -32.38 33.78
C ALA G 132 3.60 -32.25 34.53
N PRO G 133 4.65 -31.78 33.87
CA PRO G 133 5.88 -31.44 34.60
C PRO G 133 5.57 -30.42 35.69
N GLY G 134 6.14 -30.65 36.87
CA GLY G 134 5.94 -29.74 37.97
C GLY G 134 7.04 -28.70 38.06
N GLY G 135 6.82 -27.72 38.93
CA GLY G 135 7.89 -26.82 39.27
C GLY G 135 8.95 -27.54 40.07
N LYS G 136 10.11 -26.88 40.23
CA LYS G 136 11.21 -27.50 40.96
C LYS G 136 10.88 -27.79 42.41
N ASP G 137 9.79 -27.23 42.94
CA ASP G 137 9.41 -27.46 44.32
C ASP G 137 8.65 -28.79 44.52
N VAL G 138 8.30 -29.50 43.45
CA VAL G 138 7.51 -30.72 43.63
C VAL G 138 8.36 -31.78 44.32
N ASP G 139 7.68 -32.70 45.02
CA ASP G 139 8.38 -33.70 45.82
C ASP G 139 9.04 -34.78 44.97
N ALA G 140 8.46 -35.09 43.81
CA ALA G 140 9.03 -36.11 42.94
C ALA G 140 8.47 -35.92 41.54
N THR G 141 9.20 -36.45 40.56
CA THR G 141 8.73 -36.53 39.18
C THR G 141 8.85 -37.99 38.77
N ILE G 142 7.76 -38.57 38.31
CA ILE G 142 7.64 -40.01 38.15
C ILE G 142 7.31 -40.36 36.71
N VAL G 143 8.14 -41.19 36.10
CA VAL G 143 7.76 -41.94 34.92
C VAL G 143 7.57 -43.37 35.38
N PHE G 144 6.31 -43.81 35.48
CA PHE G 144 6.03 -45.15 35.98
C PHE G 144 6.66 -46.18 35.06
N GLY G 145 7.21 -47.24 35.68
CA GLY G 145 8.05 -48.19 34.99
C GLY G 145 9.53 -47.89 35.05
N VAL G 146 9.91 -46.70 35.50
CA VAL G 146 11.30 -46.27 35.53
C VAL G 146 11.77 -45.94 36.94
N ASN G 147 11.03 -45.08 37.64
CA ASN G 147 11.51 -44.60 38.93
C ASN G 147 10.42 -44.41 39.98
N GLN G 148 9.33 -45.20 39.92
CA GLN G 148 8.31 -45.09 40.97
C GLN G 148 8.86 -45.52 42.32
N ASN G 149 9.98 -46.24 42.34
CA ASN G 149 10.58 -46.67 43.61
C ASN G 149 11.04 -45.49 44.45
N VAL G 150 11.28 -44.32 43.83
CA VAL G 150 11.74 -43.15 44.58
C VAL G 150 10.65 -42.54 45.45
N LEU G 151 9.40 -42.95 45.26
CA LEU G 151 8.28 -42.39 46.00
C LEU G 151 8.33 -42.76 47.48
N LYS G 152 7.90 -41.83 48.32
CA LYS G 152 7.86 -42.00 49.76
C LYS G 152 6.51 -41.53 50.30
N ALA G 153 6.13 -42.07 51.46
CA ALA G 153 4.86 -41.72 52.08
C ALA G 153 4.77 -40.24 52.44
N GLU G 154 5.91 -39.58 52.67
CA GLU G 154 5.89 -38.17 53.02
C GLU G 154 5.60 -37.27 51.82
N HIS G 155 5.74 -37.78 50.60
CA HIS G 155 5.43 -36.97 49.42
C HIS G 155 3.94 -36.64 49.40
N THR G 156 3.62 -35.38 49.14
CA THR G 156 2.24 -34.93 49.06
C THR G 156 1.88 -34.33 47.72
N VAL G 157 2.84 -33.77 47.00
CA VAL G 157 2.61 -33.22 45.67
C VAL G 157 3.73 -33.72 44.76
N ILE G 158 3.37 -34.51 43.76
CA ILE G 158 4.34 -35.08 42.82
C ILE G 158 3.90 -34.74 41.41
N SER G 159 4.83 -34.93 40.47
CA SER G 159 4.56 -34.74 39.05
C SER G 159 4.66 -36.09 38.35
N ASN G 160 3.76 -36.34 37.42
CA ASN G 160 3.79 -37.53 36.58
C ASN G 160 4.58 -37.30 35.29
N ALA G 161 5.37 -36.23 35.24
CA ALA G 161 6.15 -35.86 34.07
C ALA G 161 5.22 -35.50 32.91
N SER G 162 5.75 -35.51 31.70
CA SER G 162 4.98 -35.22 30.50
C SER G 162 4.78 -36.49 29.68
N CYS G 163 3.82 -36.43 28.77
CA CYS G 163 3.62 -37.55 27.86
C CYS G 163 4.90 -37.88 27.13
N THR G 164 5.62 -36.86 26.66
CA THR G 164 6.86 -37.09 25.94
C THR G 164 7.91 -37.75 26.83
N THR G 165 8.05 -37.30 28.07
CA THR G 165 9.06 -37.89 28.95
C THR G 165 8.74 -39.34 29.26
N ASN G 166 7.46 -39.68 29.39
CA ASN G 166 7.06 -41.07 29.63
C ASN G 166 7.34 -41.95 28.42
N CYS G 167 7.50 -41.36 27.24
CA CYS G 167 7.89 -42.15 26.07
C CYS G 167 9.41 -42.27 25.96
N LEU G 168 10.12 -41.17 26.23
CA LEU G 168 11.56 -41.14 26.04
C LEU G 168 12.30 -41.95 27.09
N ALA G 169 11.88 -41.85 28.35
CA ALA G 169 12.63 -42.52 29.42
C ALA G 169 12.67 -44.03 29.26
N PRO G 170 11.56 -44.73 29.05
CA PRO G 170 11.65 -46.18 28.83
C PRO G 170 12.40 -46.54 27.55
N LEU G 171 12.47 -45.63 26.58
CA LEU G 171 13.27 -45.86 25.38
C LEU G 171 14.76 -45.74 25.67
N VAL G 172 15.15 -44.72 26.43
CA VAL G 172 16.57 -44.43 26.62
C VAL G 172 17.18 -45.28 27.74
N LYS G 173 16.37 -45.73 28.71
CA LYS G 173 16.95 -46.46 29.84
C LYS G 173 17.65 -47.73 29.41
N PRO G 174 17.05 -48.65 28.66
CA PRO G 174 17.79 -49.86 28.27
C PRO G 174 18.99 -49.58 27.39
N LEU G 175 18.93 -48.56 26.54
CA LEU G 175 20.07 -48.24 25.69
C LEU G 175 21.22 -47.68 26.51
N HIS G 176 20.93 -46.87 27.52
CA HIS G 176 22.01 -46.37 28.35
C HIS G 176 22.67 -47.50 29.12
N ASP G 177 21.86 -48.45 29.59
CA ASP G 177 22.40 -49.58 30.34
C ASP G 177 23.33 -50.44 29.49
N LYS G 178 22.94 -50.71 28.24
CA LYS G 178 23.64 -51.68 27.39
C LYS G 178 24.71 -51.07 26.49
N LEU G 179 24.49 -49.85 26.02
CA LEU G 179 25.43 -49.15 25.16
C LEU G 179 26.03 -47.93 25.81
N GLY G 180 25.25 -47.24 26.62
CA GLY G 180 25.69 -45.97 27.14
C GLY G 180 25.38 -44.82 26.21
N VAL G 181 24.87 -43.71 26.78
CA VAL G 181 24.53 -42.52 26.02
C VAL G 181 25.47 -41.40 26.46
N GLU G 182 26.34 -40.95 25.55
CA GLU G 182 27.14 -39.77 25.84
C GLU G 182 26.28 -38.52 25.81
N THR G 183 25.55 -38.31 24.72
CA THR G 183 24.69 -37.15 24.59
C THR G 183 23.70 -37.44 23.47
N GLY G 184 22.59 -36.71 23.49
CA GLY G 184 21.53 -36.97 22.53
C GLY G 184 20.65 -35.76 22.34
N LEU G 185 20.13 -35.63 21.13
CA LEU G 185 19.20 -34.56 20.77
C LEU G 185 17.97 -35.22 20.19
N MET G 186 16.81 -34.72 20.57
CA MET G 186 15.56 -35.37 20.23
C MET G 186 14.58 -34.36 19.65
N THR G 187 13.79 -34.84 18.70
CA THR G 187 12.67 -34.10 18.14
C THR G 187 11.45 -34.96 18.34
N THR G 188 10.38 -34.38 18.86
CA THR G 188 9.10 -35.08 18.96
C THR G 188 8.12 -34.41 18.01
N VAL G 189 7.64 -35.17 17.04
CA VAL G 189 6.55 -34.73 16.16
C VAL G 189 5.26 -35.05 16.89
N HIS G 190 4.51 -34.03 17.28
CA HIS G 190 3.48 -34.17 18.31
C HIS G 190 2.14 -33.64 17.81
N ALA G 191 1.07 -34.39 18.10
CA ALA G 191 -0.28 -33.96 17.78
C ALA G 191 -0.57 -32.64 18.47
N TYR G 192 -1.53 -31.87 17.94
CA TYR G 192 -1.88 -30.63 18.62
C TYR G 192 -2.65 -30.92 19.91
N THR G 193 -2.65 -29.93 20.80
CA THR G 193 -3.33 -29.99 22.09
C THR G 193 -4.18 -28.74 22.25
N ASN G 194 -5.02 -28.72 23.29
CA ASN G 194 -6.01 -27.66 23.44
C ASN G 194 -5.40 -26.33 23.85
N ASP G 195 -4.11 -26.28 24.18
CA ASP G 195 -3.44 -25.01 24.41
CA ASP G 195 -3.46 -25.00 24.41
C ASP G 195 -3.14 -24.28 23.10
N GLN G 196 -3.17 -24.98 21.96
CA GLN G 196 -2.97 -24.35 20.66
C GLN G 196 -4.28 -23.71 20.20
N VAL G 197 -4.27 -23.16 18.97
CA VAL G 197 -5.39 -22.38 18.46
C VAL G 197 -5.77 -22.84 17.06
N LEU G 198 -7.03 -22.60 16.69
CA LEU G 198 -7.55 -23.02 15.40
C LEU G 198 -7.11 -22.10 14.26
N THR G 199 -7.14 -20.79 14.48
CA THR G 199 -6.65 -19.82 13.51
C THR G 199 -5.94 -18.69 14.25
N ASP G 200 -4.93 -18.11 13.59
CA ASP G 200 -3.94 -17.30 14.29
C ASP G 200 -4.62 -16.33 15.26
N VAL G 201 -4.20 -16.37 16.51
CA VAL G 201 -4.78 -15.52 17.55
C VAL G 201 -3.83 -15.50 18.73
N TYR G 202 -4.02 -14.51 19.63
CA TYR G 202 -3.09 -14.29 20.72
C TYR G 202 -2.73 -15.59 21.42
N HIS G 203 -1.44 -15.72 21.74
CA HIS G 203 -0.88 -16.79 22.55
C HIS G 203 0.41 -16.27 23.16
N GLU G 204 0.74 -16.74 24.36
CA GLU G 204 2.01 -16.36 24.99
C GLU G 204 3.21 -16.78 24.13
N ASP G 205 3.12 -17.93 23.48
CA ASP G 205 4.16 -18.43 22.58
C ASP G 205 3.77 -18.03 21.15
N LEU G 206 4.61 -17.23 20.50
CA LEU G 206 4.25 -16.65 19.21
C LEU G 206 4.05 -17.71 18.14
N ARG G 207 4.71 -18.86 18.27
CA ARG G 207 4.49 -19.94 17.33
CA ARG G 207 4.49 -19.94 17.33
C ARG G 207 3.18 -20.68 17.61
N ARG G 208 2.85 -20.88 18.89
CA ARG G 208 1.57 -21.49 19.23
C ARG G 208 0.40 -20.56 18.94
N ALA G 209 0.66 -19.28 18.69
CA ALA G 209 -0.37 -18.36 18.25
C ALA G 209 -0.81 -18.63 16.82
N ARG G 210 -0.17 -19.56 16.13
CA ARG G 210 -0.45 -19.83 14.73
C ARG G 210 -1.32 -21.08 14.60
N SER G 211 -2.17 -21.06 13.57
CA SER G 211 -3.12 -22.15 13.33
C SER G 211 -2.47 -23.52 13.45
N ALA G 212 -2.96 -24.30 14.41
CA ALA G 212 -2.47 -25.67 14.60
C ALA G 212 -2.80 -26.57 13.42
N THR G 213 -3.91 -26.30 12.74
CA THR G 213 -4.39 -27.19 11.70
C THR G 213 -3.57 -27.10 10.42
N MET G 214 -2.88 -25.98 10.19
CA MET G 214 -2.30 -25.70 8.89
C MET G 214 -0.78 -25.78 8.81
N SER G 215 -0.08 -25.95 9.92
CA SER G 215 1.38 -25.77 9.90
C SER G 215 2.09 -26.77 10.78
N MET G 216 3.37 -26.98 10.45
CA MET G 216 4.30 -27.59 11.40
C MET G 216 4.82 -26.47 12.29
N ILE G 217 4.67 -26.64 13.60
CA ILE G 217 4.93 -25.55 14.54
C ILE G 217 5.99 -25.95 15.55
N PRO G 218 7.21 -25.44 15.46
CA PRO G 218 8.19 -25.72 16.51
C PRO G 218 7.77 -25.10 17.83
N THR G 219 7.93 -25.85 18.90
CA THR G 219 7.71 -25.33 20.24
C THR G 219 8.71 -25.96 21.20
N LYS G 220 9.12 -25.19 22.19
CA LYS G 220 10.04 -25.72 23.20
C LYS G 220 9.35 -26.78 24.05
N THR G 221 10.14 -27.77 24.43
CA THR G 221 9.73 -28.79 25.39
C THR G 221 10.94 -29.12 26.26
N GLY G 222 10.69 -29.28 27.55
CA GLY G 222 11.70 -29.73 28.47
C GLY G 222 11.72 -31.23 28.66
N ALA G 223 11.01 -31.98 27.81
CA ALA G 223 10.84 -33.41 28.04
C ALA G 223 12.17 -34.14 28.03
N ALA G 224 13.09 -33.74 27.14
CA ALA G 224 14.36 -34.45 27.03
C ALA G 224 15.24 -34.21 28.27
N ALA G 225 15.39 -32.95 28.67
CA ALA G 225 16.11 -32.64 29.90
C ALA G 225 15.44 -33.27 31.11
N ALA G 226 14.10 -33.35 31.10
CA ALA G 226 13.36 -33.91 32.23
C ALA G 226 13.64 -35.40 32.42
N VAL G 227 14.17 -36.05 31.39
CA VAL G 227 14.58 -37.45 31.55
C VAL G 227 15.61 -37.56 32.65
N GLY G 228 16.35 -36.48 32.92
CA GLY G 228 17.31 -36.46 34.01
C GLY G 228 16.68 -36.52 35.39
N LEU G 229 15.44 -36.05 35.52
CA LEU G 229 14.78 -36.14 36.82
C LEU G 229 14.43 -37.57 37.17
N VAL G 230 14.09 -38.37 36.18
CA VAL G 230 13.70 -39.76 36.43
C VAL G 230 14.87 -40.72 36.29
N LEU G 231 15.86 -40.38 35.47
CA LEU G 231 17.10 -41.14 35.31
C LEU G 231 18.23 -40.16 35.53
N PRO G 232 18.69 -39.99 36.78
CA PRO G 232 19.73 -38.99 37.02
C PRO G 232 21.01 -39.22 36.24
N GLU G 233 21.33 -40.47 35.89
CA GLU G 233 22.54 -40.73 35.11
C GLU G 233 22.53 -39.98 33.78
N LEU G 234 21.34 -39.69 33.24
CA LEU G 234 21.24 -39.00 31.95
C LEU G 234 21.05 -37.49 32.13
N ASN G 235 21.12 -37.00 33.36
CA ASN G 235 20.93 -35.58 33.59
C ASN G 235 22.01 -34.78 32.85
N GLY G 236 21.57 -33.78 32.10
CA GLY G 236 22.46 -32.94 31.33
C GLY G 236 22.90 -33.51 30.00
N LYS G 237 22.46 -34.73 29.66
CA LYS G 237 22.92 -35.41 28.46
C LYS G 237 21.92 -35.37 27.31
N LEU G 238 20.66 -34.99 27.57
CA LEU G 238 19.62 -34.98 26.55
C LEU G 238 18.94 -33.63 26.48
N ASP G 239 18.72 -33.14 25.25
CA ASP G 239 17.95 -31.94 24.97
C ASP G 239 17.17 -32.15 23.68
N GLY G 240 16.21 -31.27 23.42
CA GLY G 240 15.41 -31.41 22.23
C GLY G 240 14.34 -30.34 22.14
N PHE G 241 13.52 -30.45 21.08
CA PHE G 241 12.36 -29.60 20.91
C PHE G 241 11.26 -30.38 20.20
N ALA G 242 10.09 -29.76 20.09
CA ALA G 242 8.93 -30.41 19.51
C ALA G 242 8.51 -29.70 18.24
N ILE G 243 7.87 -30.45 17.35
CA ILE G 243 7.22 -29.91 16.17
C ILE G 243 5.77 -30.39 16.23
N ARG G 244 4.85 -29.47 16.52
CA ARG G 244 3.43 -29.77 16.55
C ARG G 244 2.89 -29.82 15.12
N VAL G 245 2.13 -30.87 14.81
CA VAL G 245 1.61 -31.05 13.45
C VAL G 245 0.10 -31.25 13.52
N PRO G 246 -0.59 -31.10 12.38
CA PRO G 246 -2.07 -31.19 12.39
C PRO G 246 -2.61 -32.60 12.52
N THR G 247 -2.43 -33.23 13.68
CA THR G 247 -3.09 -34.49 14.00
C THR G 247 -3.74 -34.35 15.36
N ILE G 248 -4.87 -35.04 15.55
CA ILE G 248 -5.63 -34.84 16.77
C ILE G 248 -5.06 -35.63 17.95
N ASN G 249 -4.31 -36.70 17.68
CA ASN G 249 -3.78 -37.53 18.75
C ASN G 249 -2.66 -38.42 18.23
N VAL G 250 -1.83 -38.90 19.16
CA VAL G 250 -0.69 -39.77 18.90
C VAL G 250 0.51 -38.95 18.42
N SER G 251 1.68 -39.22 19.02
CA SER G 251 2.88 -38.44 18.77
C SER G 251 4.07 -39.38 18.59
N LEU G 252 5.22 -38.81 18.21
CA LEU G 252 6.40 -39.60 17.89
C LEU G 252 7.64 -38.97 18.52
N VAL G 253 8.43 -39.79 19.21
CA VAL G 253 9.74 -39.36 19.69
C VAL G 253 10.79 -39.77 18.66
N ASP G 254 11.70 -38.84 18.36
CA ASP G 254 12.78 -39.06 17.40
C ASP G 254 14.08 -38.74 18.13
N LEU G 255 14.78 -39.76 18.62
CA LEU G 255 15.98 -39.53 19.43
C LEU G 255 17.22 -39.94 18.65
N SER G 256 18.11 -38.97 18.44
CA SER G 256 19.43 -39.21 17.87
C SER G 256 20.45 -39.01 18.98
N PHE G 257 21.30 -40.01 19.21
CA PHE G 257 22.30 -39.90 20.27
C PHE G 257 23.60 -40.59 19.87
N VAL G 258 24.69 -40.12 20.48
CA VAL G 258 26.00 -40.74 20.32
C VAL G 258 26.18 -41.75 21.44
N ALA G 259 26.31 -43.02 21.07
CA ALA G 259 26.57 -44.09 22.00
C ALA G 259 28.04 -44.07 22.39
N LYS G 260 28.38 -44.66 23.53
CA LYS G 260 29.76 -44.73 23.97
C LYS G 260 30.60 -45.69 23.14
N ARG G 261 29.95 -46.67 22.50
CA ARG G 261 30.67 -47.62 21.65
C ARG G 261 29.91 -47.81 20.34
N ASP G 262 30.62 -48.33 19.35
CA ASP G 262 30.02 -48.62 18.06
C ASP G 262 28.94 -49.69 18.22
N THR G 263 27.91 -49.60 17.41
CA THR G 263 26.78 -50.52 17.51
C THR G 263 26.19 -50.73 16.13
N THR G 264 25.10 -51.50 16.08
CA THR G 264 24.42 -51.77 14.82
C THR G 264 22.92 -51.64 15.02
N VAL G 265 22.20 -51.58 13.91
CA VAL G 265 20.74 -51.57 13.97
C VAL G 265 20.25 -52.80 14.71
N GLU G 266 20.86 -53.96 14.41
CA GLU G 266 20.39 -55.20 15.00
C GLU G 266 20.60 -55.23 16.52
N GLU G 267 21.73 -54.71 17.00
CA GLU G 267 21.96 -54.73 18.44
C GLU G 267 21.02 -53.77 19.16
N VAL G 268 20.87 -52.56 18.62
CA VAL G 268 19.97 -51.58 19.21
C VAL G 268 18.57 -52.13 19.32
N ASN G 269 18.06 -52.70 18.23
CA ASN G 269 16.70 -53.25 18.25
C ASN G 269 16.60 -54.40 19.24
N SER G 270 17.65 -55.21 19.33
CA SER G 270 17.65 -56.34 20.24
C SER G 270 17.61 -55.88 21.69
N ILE G 271 18.29 -54.79 22.00
CA ILE G 271 18.28 -54.27 23.36
C ILE G 271 16.86 -53.87 23.76
N LEU G 272 16.17 -53.16 22.87
CA LEU G 272 14.82 -52.72 23.18
C LEU G 272 13.83 -53.87 23.15
N GLN G 273 14.06 -54.87 22.29
CA GLN G 273 13.19 -56.04 22.29
C GLN G 273 13.25 -56.77 23.63
N ALA G 274 14.46 -56.94 24.18
CA ALA G 274 14.60 -57.60 25.48
C ALA G 274 13.94 -56.80 26.59
N ALA G 275 14.08 -55.48 26.55
CA ALA G 275 13.42 -54.66 27.57
C ALA G 275 11.91 -54.78 27.47
N ALA G 276 11.37 -54.76 26.25
CA ALA G 276 9.91 -54.82 26.11
C ALA G 276 9.35 -56.14 26.61
N GLU G 277 10.10 -57.22 26.48
CA GLU G 277 9.67 -58.52 26.96
C GLU G 277 9.90 -58.72 28.45
N GLY G 278 10.79 -57.93 29.06
CA GLY G 278 11.15 -58.13 30.44
C GLY G 278 10.80 -56.99 31.38
N GLU G 279 11.82 -56.21 31.74
CA GLU G 279 11.68 -55.24 32.81
C GLU G 279 10.58 -54.23 32.53
N LEU G 280 10.48 -53.78 31.28
CA LEU G 280 9.57 -52.71 30.88
C LEU G 280 8.33 -53.23 30.15
N LYS G 281 7.92 -54.45 30.42
CA LYS G 281 6.76 -55.00 29.72
C LYS G 281 5.50 -54.18 30.03
N ASP G 282 4.73 -53.92 28.97
CA ASP G 282 3.46 -53.17 29.00
C ASP G 282 3.68 -51.67 29.17
N ILE G 283 4.91 -51.26 29.46
CA ILE G 283 5.29 -49.85 29.40
C ILE G 283 5.94 -49.53 28.06
N LEU G 284 6.83 -50.43 27.63
CA LEU G 284 7.51 -50.34 26.35
C LEU G 284 7.07 -51.52 25.51
N THR G 285 6.73 -51.25 24.26
CA THR G 285 6.38 -52.30 23.31
C THR G 285 7.37 -52.26 22.16
N TYR G 286 7.44 -53.35 21.42
CA TYR G 286 8.35 -53.54 20.30
C TYR G 286 7.51 -53.82 19.07
N ASN G 287 7.65 -52.98 18.05
CA ASN G 287 6.83 -53.08 16.83
CA ASN G 287 6.83 -53.09 16.84
C ASN G 287 7.71 -53.26 15.62
N THR G 288 7.32 -54.20 14.74
CA THR G 288 8.02 -54.48 13.49
C THR G 288 7.12 -54.37 12.26
N GLU G 289 5.84 -53.98 12.44
CA GLU G 289 4.86 -53.88 11.36
C GLU G 289 4.93 -52.50 10.71
N PRO G 290 4.59 -52.38 9.44
CA PRO G 290 4.67 -51.05 8.79
C PRO G 290 3.44 -50.21 9.13
N LEU G 291 3.49 -49.55 10.29
CA LEU G 291 2.35 -48.85 10.85
C LEU G 291 2.54 -47.35 10.77
N VAL G 292 1.42 -46.65 10.94
CA VAL G 292 1.39 -45.20 10.96
C VAL G 292 0.80 -44.79 12.30
N SER G 293 0.77 -43.48 12.58
CA SER G 293 0.45 -43.02 13.92
C SER G 293 -0.93 -43.46 14.40
N ILE G 294 -1.95 -43.42 13.53
CA ILE G 294 -3.31 -43.73 13.96
C ILE G 294 -3.39 -45.14 14.51
N ASP G 295 -2.49 -46.02 14.10
CA ASP G 295 -2.53 -47.39 14.57
C ASP G 295 -2.18 -47.52 16.06
N PHE G 296 -1.60 -46.49 16.64
CA PHE G 296 -1.27 -46.51 18.06
C PHE G 296 -2.28 -45.73 18.89
N ASN G 297 -3.32 -45.20 18.25
CA ASN G 297 -4.41 -44.59 18.98
C ASN G 297 -5.05 -45.63 19.89
N HIS G 298 -5.29 -45.25 21.13
CA HIS G 298 -5.85 -46.11 22.17
C HIS G 298 -4.90 -47.23 22.58
N ASN G 299 -3.62 -47.09 22.28
CA ASN G 299 -2.59 -47.97 22.80
C ASN G 299 -2.18 -47.48 24.18
N PRO G 300 -2.34 -48.28 25.24
CA PRO G 300 -2.05 -47.78 26.58
C PRO G 300 -0.58 -47.69 26.95
N ALA G 301 0.34 -48.16 26.10
CA ALA G 301 1.75 -48.15 26.44
C ALA G 301 2.31 -46.74 26.47
N SER G 302 3.39 -46.56 27.25
CA SER G 302 4.05 -45.25 27.29
C SER G 302 4.95 -45.03 26.09
N SER G 303 5.52 -46.11 25.56
CA SER G 303 6.54 -46.01 24.52
C SER G 303 6.38 -47.22 23.61
N ASN G 304 6.04 -46.99 22.34
CA ASN G 304 5.89 -48.06 21.36
C ASN G 304 7.07 -47.94 20.40
N PHE G 305 8.19 -48.59 20.75
CA PHE G 305 9.38 -48.50 19.92
C PHE G 305 9.13 -49.10 18.54
N ASP G 306 9.52 -48.36 17.50
CA ASP G 306 9.32 -48.79 16.12
C ASP G 306 10.67 -49.25 15.59
N ALA G 307 10.90 -50.57 15.62
CA ALA G 307 12.16 -51.13 15.16
C ALA G 307 12.39 -50.91 13.67
N THR G 308 11.32 -50.69 12.89
CA THR G 308 11.47 -50.48 11.46
C THR G 308 12.22 -49.18 11.15
N LEU G 309 12.27 -48.24 12.08
CA LEU G 309 12.84 -46.94 11.80
C LEU G 309 14.28 -46.79 12.30
N THR G 310 14.82 -47.78 13.00
CA THR G 310 16.13 -47.60 13.60
C THR G 310 17.19 -47.34 12.54
N LYS G 311 18.03 -46.34 12.79
CA LYS G 311 19.18 -46.04 11.96
C LYS G 311 20.42 -45.99 12.86
N VAL G 312 21.52 -46.54 12.37
CA VAL G 312 22.80 -46.50 13.09
C VAL G 312 23.91 -46.21 12.09
N SER G 313 24.75 -45.21 12.39
CA SER G 313 25.93 -44.89 11.62
C SER G 313 27.09 -44.78 12.61
N GLY G 314 27.81 -45.86 12.78
CA GLY G 314 28.91 -45.89 13.73
C GLY G 314 28.37 -45.79 15.14
N LYS G 315 28.66 -44.68 15.82
CA LYS G 315 28.16 -44.45 17.15
C LYS G 315 26.85 -43.68 17.19
N LEU G 316 26.50 -43.01 16.08
CA LEU G 316 25.27 -42.23 16.02
C LEU G 316 24.11 -43.19 15.83
N VAL G 317 23.12 -43.06 16.71
CA VAL G 317 21.96 -43.95 16.76
C VAL G 317 20.69 -43.11 16.71
N LYS G 318 19.75 -43.49 15.83
CA LYS G 318 18.45 -42.85 15.75
C LYS G 318 17.38 -43.89 16.04
N VAL G 319 16.65 -43.69 17.14
CA VAL G 319 15.55 -44.57 17.53
C VAL G 319 14.27 -43.74 17.58
N SER G 320 13.15 -44.38 17.29
CA SER G 320 11.87 -43.70 17.19
C SER G 320 10.81 -44.51 17.93
N SER G 321 9.96 -43.82 18.68
CA SER G 321 8.92 -44.47 19.47
C SER G 321 7.62 -43.71 19.34
N TRP G 322 6.52 -44.44 19.10
CA TRP G 322 5.18 -43.86 19.05
C TRP G 322 4.57 -43.80 20.44
N TYR G 323 3.72 -42.79 20.68
CA TYR G 323 2.97 -42.79 21.92
C TYR G 323 1.64 -42.09 21.75
N ASP G 324 0.58 -42.73 22.24
CA ASP G 324 -0.69 -42.06 22.40
C ASP G 324 -0.56 -41.12 23.60
N ASN G 325 -0.34 -39.83 23.31
CA ASN G 325 -0.04 -38.87 24.36
C ASN G 325 -1.18 -38.70 25.34
N GLU G 326 -2.41 -39.07 24.95
CA GLU G 326 -3.52 -39.02 25.90
C GLU G 326 -3.70 -40.34 26.63
N TRP G 327 -3.71 -41.46 25.90
CA TRP G 327 -4.13 -42.72 26.49
C TRP G 327 -3.04 -43.35 27.36
N GLY G 328 -1.80 -43.39 26.86
CA GLY G 328 -0.73 -43.97 27.65
C GLY G 328 -0.51 -43.22 28.94
N PHE G 329 -0.40 -41.89 28.84
CA PHE G 329 -0.18 -41.05 30.02
C PHE G 329 -1.32 -41.23 31.03
N SER G 330 -2.55 -41.28 30.54
CA SER G 330 -3.70 -41.42 31.43
C SER G 330 -3.68 -42.74 32.18
N ASN G 331 -3.28 -43.83 31.50
CA ASN G 331 -3.15 -45.10 32.21
C ASN G 331 -2.02 -45.05 33.23
N ARG G 332 -0.92 -44.37 32.89
CA ARG G 332 0.18 -44.24 33.83
C ARG G 332 -0.24 -43.43 35.04
N MET G 333 -1.16 -42.47 34.89
CA MET G 333 -1.63 -41.72 36.05
C MET G 333 -2.26 -42.65 37.07
N LEU G 334 -3.00 -43.67 36.60
CA LEU G 334 -3.57 -44.64 37.52
C LEU G 334 -2.47 -45.48 38.18
N ASP G 335 -1.46 -45.89 37.41
CA ASP G 335 -0.37 -46.68 37.98
C ASP G 335 0.34 -45.89 39.07
N THR G 336 0.67 -44.63 38.78
CA THR G 336 1.40 -43.80 39.73
C THR G 336 0.58 -43.54 40.99
N THR G 337 -0.75 -43.43 40.86
CA THR G 337 -1.60 -43.22 42.03
C THR G 337 -1.44 -44.37 43.02
N VAL G 338 -1.50 -45.61 42.53
CA VAL G 338 -1.36 -46.76 43.41
C VAL G 338 0.04 -46.81 44.01
N ALA G 339 1.06 -46.48 43.21
CA ALA G 339 2.43 -46.49 43.73
C ALA G 339 2.61 -45.45 44.81
N LEU G 340 2.02 -44.27 44.64
CA LEU G 340 2.17 -43.20 45.62
C LEU G 340 1.53 -43.56 46.96
N MET G 341 0.34 -44.15 46.93
CA MET G 341 -0.35 -44.52 48.16
C MET G 341 0.25 -45.75 48.82
N SER G 342 0.99 -46.56 48.07
CA SER G 342 1.69 -47.71 48.61
C SER G 342 3.07 -47.35 49.14
N ALA G 343 3.56 -46.15 48.85
CA ALA G 343 4.92 -45.80 49.24
C ALA G 343 5.08 -45.78 50.75
N LYS G 344 6.21 -46.29 51.22
CA LYS G 344 6.49 -46.36 52.65
C LYS G 344 7.44 -45.24 53.05
N HIS H 8 -30.45 -71.10 5.02
CA HIS H 8 -30.76 -71.58 3.64
C HIS H 8 -29.47 -71.71 2.82
N MET H 9 -29.57 -71.46 1.52
CA MET H 9 -28.45 -71.63 0.60
C MET H 9 -27.32 -70.65 0.90
N THR H 10 -26.15 -71.18 1.24
CA THR H 10 -24.99 -70.30 1.35
C THR H 10 -24.73 -69.64 0.01
N ILE H 11 -24.70 -68.31 -0.02
CA ILE H 11 -24.43 -67.58 -1.25
C ILE H 11 -22.93 -67.36 -1.36
N ARG H 12 -22.36 -67.78 -2.49
CA ARG H 12 -20.94 -67.63 -2.73
C ARG H 12 -20.69 -66.27 -3.39
N VAL H 13 -19.92 -65.43 -2.70
CA VAL H 13 -19.75 -64.02 -3.04
C VAL H 13 -18.28 -63.74 -3.27
N VAL H 14 -17.99 -62.83 -4.18
CA VAL H 14 -16.64 -62.33 -4.36
C VAL H 14 -16.72 -60.82 -4.45
N ILE H 15 -15.65 -60.15 -4.03
CA ILE H 15 -15.59 -58.70 -4.00
C ILE H 15 -14.58 -58.27 -5.05
N ASN H 16 -15.03 -57.52 -6.04
CA ASN H 16 -14.16 -57.00 -7.09
C ASN H 16 -13.91 -55.52 -6.83
N GLY H 17 -12.70 -55.21 -6.41
CA GLY H 17 -12.36 -53.87 -5.99
C GLY H 17 -12.43 -53.87 -4.48
N TYR H 18 -11.28 -54.10 -3.86
CA TYR H 18 -11.18 -54.25 -2.41
C TYR H 18 -10.75 -52.93 -1.77
N GLY H 19 -11.53 -51.88 -2.05
CA GLY H 19 -11.26 -50.52 -1.60
C GLY H 19 -12.06 -50.16 -0.38
N ARG H 20 -12.44 -48.87 -0.29
CA ARG H 20 -13.24 -48.43 0.86
C ARG H 20 -14.52 -49.25 0.98
N ILE H 21 -15.30 -49.37 -0.10
CA ILE H 21 -16.53 -50.14 0.00
C ILE H 21 -16.24 -51.64 0.05
N GLY H 22 -15.37 -52.11 -0.85
CA GLY H 22 -15.12 -53.55 -0.93
C GLY H 22 -14.63 -54.13 0.38
N ARG H 23 -13.64 -53.48 0.99
CA ARG H 23 -13.10 -53.97 2.26
C ARG H 23 -14.14 -53.87 3.37
N ASN H 24 -14.90 -52.77 3.40
CA ASN H 24 -15.85 -52.61 4.49
C ASN H 24 -17.04 -53.53 4.34
N ILE H 25 -17.29 -54.04 3.13
CA ILE H 25 -18.27 -55.12 2.98
C ILE H 25 -17.77 -56.36 3.72
N LEU H 26 -16.51 -56.73 3.49
CA LEU H 26 -15.96 -57.90 4.16
C LEU H 26 -15.93 -57.69 5.67
N ARG H 27 -15.49 -56.51 6.09
CA ARG H 27 -15.43 -56.19 7.54
C ARG H 27 -16.84 -56.25 8.15
N ALA H 28 -17.82 -55.72 7.43
CA ALA H 28 -19.18 -55.73 7.96
C ALA H 28 -19.69 -57.15 8.09
N HIS H 29 -19.36 -58.01 7.13
CA HIS H 29 -19.81 -59.39 7.18
C HIS H 29 -19.27 -60.10 8.42
N TYR H 30 -17.97 -59.95 8.71
CA TYR H 30 -17.37 -60.68 9.84
C TYR H 30 -17.66 -60.04 11.19
N GLU H 31 -17.74 -58.71 11.25
CA GLU H 31 -17.98 -58.03 12.52
C GLU H 31 -19.39 -58.31 13.05
N ASN H 32 -20.37 -58.46 12.19
CA ASN H 32 -21.73 -58.75 12.63
C ASN H 32 -21.96 -60.25 12.83
N GLY H 33 -20.88 -61.05 12.85
CA GLY H 33 -20.98 -62.46 13.12
C GLY H 33 -21.39 -63.30 11.92
N LYS H 34 -21.14 -62.82 10.71
CA LYS H 34 -21.61 -63.46 9.49
C LYS H 34 -23.08 -63.86 9.61
N LYS H 35 -23.91 -62.89 10.02
CA LYS H 35 -25.34 -63.14 10.13
C LYS H 35 -25.94 -63.54 8.79
N HIS H 36 -25.52 -62.88 7.70
CA HIS H 36 -26.00 -63.23 6.37
C HIS H 36 -25.46 -64.59 5.94
N ASP H 37 -26.30 -65.36 5.24
CA ASP H 37 -25.89 -66.66 4.70
C ASP H 37 -25.02 -66.40 3.46
N ILE H 38 -23.83 -65.90 3.72
CA ILE H 38 -22.89 -65.46 2.71
C ILE H 38 -21.51 -65.99 3.07
N GLU H 39 -20.78 -66.46 2.06
CA GLU H 39 -19.36 -66.78 2.21
C GLU H 39 -18.60 -66.04 1.14
N ILE H 40 -17.64 -65.21 1.56
CA ILE H 40 -16.77 -64.50 0.62
C ILE H 40 -15.66 -65.46 0.20
N VAL H 41 -15.71 -65.87 -1.07
CA VAL H 41 -14.83 -66.88 -1.63
C VAL H 41 -13.54 -66.28 -2.21
N ALA H 42 -13.59 -65.02 -2.63
CA ALA H 42 -12.43 -64.41 -3.28
C ALA H 42 -12.58 -62.90 -3.24
N ILE H 43 -11.45 -62.22 -3.38
CA ILE H 43 -11.40 -60.78 -3.56
C ILE H 43 -10.43 -60.49 -4.69
N ASN H 44 -10.62 -59.34 -5.33
CA ASN H 44 -9.75 -58.95 -6.43
C ASN H 44 -9.43 -57.47 -6.32
N ASP H 45 -8.16 -57.14 -6.50
CA ASP H 45 -7.68 -55.76 -6.45
C ASP H 45 -6.37 -55.71 -7.23
N LEU H 46 -5.60 -54.64 -7.05
CA LEU H 46 -4.34 -54.50 -7.76
C LEU H 46 -3.15 -55.08 -7.00
N GLY H 47 -3.29 -55.37 -5.71
CA GLY H 47 -2.18 -55.74 -4.87
C GLY H 47 -2.05 -57.23 -4.60
N ASP H 48 -0.97 -57.56 -3.92
CA ASP H 48 -0.69 -58.93 -3.50
C ASP H 48 -1.41 -59.26 -2.20
N PRO H 49 -1.44 -60.54 -1.81
CA PRO H 49 -2.20 -60.90 -0.60
C PRO H 49 -1.71 -60.19 0.66
N LYS H 50 -0.40 -59.95 0.79
CA LYS H 50 0.10 -59.26 1.99
C LYS H 50 -0.48 -57.87 2.10
N THR H 51 -0.58 -57.15 0.98
CA THR H 51 -1.15 -55.81 1.00
C THR H 51 -2.62 -55.84 1.38
N ASN H 52 -3.40 -56.75 0.78
CA ASN H 52 -4.81 -56.81 1.09
C ASN H 52 -5.04 -57.20 2.54
N ALA H 53 -4.21 -58.10 3.07
CA ALA H 53 -4.35 -58.48 4.47
C ALA H 53 -4.05 -57.31 5.38
N HIS H 54 -2.98 -56.55 5.08
CA HIS H 54 -2.59 -55.44 5.93
C HIS H 54 -3.66 -54.37 5.99
N LEU H 55 -4.22 -54.01 4.83
CA LEU H 55 -5.28 -53.00 4.81
C LEU H 55 -6.55 -53.50 5.46
N THR H 56 -6.77 -54.81 5.48
CA THR H 56 -7.92 -55.34 6.22
C THR H 56 -7.74 -55.17 7.73
N ARG H 57 -6.50 -55.33 8.23
CA ARG H 57 -6.26 -55.34 9.67
C ARG H 57 -6.28 -53.94 10.27
N PHE H 58 -5.75 -52.95 9.56
CA PHE H 58 -5.59 -51.60 10.09
C PHE H 58 -6.31 -50.60 9.20
N ASP H 59 -7.19 -49.80 9.78
CA ASP H 59 -7.90 -48.77 9.04
C ASP H 59 -7.92 -47.47 9.84
N THR H 60 -7.74 -46.36 9.12
CA THR H 60 -7.79 -45.04 9.74
C THR H 60 -9.20 -44.70 10.21
N ALA H 61 -10.17 -44.76 9.30
CA ALA H 61 -11.51 -44.30 9.63
C ALA H 61 -12.19 -45.24 10.62
N HIS H 62 -11.98 -46.54 10.48
CA HIS H 62 -12.72 -47.53 11.25
C HIS H 62 -11.85 -48.32 12.22
N GLY H 63 -10.58 -47.94 12.39
CA GLY H 63 -9.77 -48.61 13.38
C GLY H 63 -9.37 -50.01 12.98
N LYS H 64 -9.02 -50.80 13.99
CA LYS H 64 -8.52 -52.15 13.80
C LYS H 64 -9.64 -53.18 13.61
N PHE H 65 -9.41 -54.12 12.72
CA PHE H 65 -10.35 -55.21 12.52
C PHE H 65 -10.41 -56.10 13.75
N PRO H 66 -11.60 -56.37 14.30
CA PRO H 66 -11.66 -57.20 15.52
C PRO H 66 -11.12 -58.61 15.34
N GLY H 67 -11.24 -59.18 14.14
CA GLY H 67 -10.87 -60.56 13.91
C GLY H 67 -9.41 -60.74 13.55
N THR H 68 -9.09 -61.94 13.08
CA THR H 68 -7.75 -62.35 12.68
C THR H 68 -7.64 -62.43 11.17
N VAL H 69 -6.51 -61.96 10.64
CA VAL H 69 -6.22 -62.08 9.22
C VAL H 69 -4.79 -62.57 9.05
N THR H 70 -4.60 -63.65 8.28
CA THR H 70 -3.27 -64.15 7.95
C THR H 70 -3.20 -64.38 6.45
N VAL H 71 -1.98 -64.59 5.95
CA VAL H 71 -1.74 -64.86 4.54
C VAL H 71 -1.18 -66.26 4.44
N ASP H 72 -1.68 -67.02 3.46
CA ASP H 72 -1.18 -68.37 3.16
C ASP H 72 -1.18 -68.54 1.65
N GLY H 73 -0.02 -68.33 1.03
CA GLY H 73 0.04 -68.44 -0.43
C GLY H 73 -0.88 -67.42 -1.07
N ASP H 74 -1.71 -67.88 -1.99
CA ASP H 74 -2.63 -67.00 -2.71
C ASP H 74 -3.91 -66.71 -1.93
N TYR H 75 -3.97 -67.01 -0.64
CA TYR H 75 -5.19 -66.85 0.14
C TYR H 75 -4.96 -65.88 1.29
N MET H 76 -6.00 -65.10 1.57
CA MET H 76 -6.11 -64.29 2.77
C MET H 76 -7.14 -64.97 3.67
N VAL H 77 -6.75 -65.28 4.90
CA VAL H 77 -7.56 -66.09 5.79
C VAL H 77 -8.16 -65.15 6.84
N VAL H 78 -9.49 -65.01 6.82
CA VAL H 78 -10.18 -64.10 7.71
C VAL H 78 -11.00 -64.95 8.66
N ASN H 79 -10.64 -64.92 9.95
CA ASN H 79 -11.31 -65.73 10.97
C ASN H 79 -11.39 -67.18 10.51
N GLY H 80 -10.29 -67.68 9.97
CA GLY H 80 -10.19 -69.08 9.59
C GLY H 80 -10.75 -69.44 8.24
N ASP H 81 -11.35 -68.48 7.53
CA ASP H 81 -11.93 -68.71 6.21
C ASP H 81 -10.90 -68.35 5.15
N LYS H 82 -10.60 -69.29 4.27
CA LYS H 82 -9.64 -69.07 3.20
C LYS H 82 -10.32 -68.32 2.07
N ILE H 83 -9.81 -67.14 1.76
CA ILE H 83 -10.38 -66.25 0.74
C ILE H 83 -9.31 -66.04 -0.31
N ARG H 84 -9.62 -66.45 -1.55
CA ARG H 84 -8.67 -66.33 -2.65
CA ARG H 84 -8.67 -66.33 -2.63
C ARG H 84 -8.43 -64.87 -2.98
N VAL H 85 -7.17 -64.53 -3.25
CA VAL H 85 -6.79 -63.17 -3.62
C VAL H 85 -6.35 -63.18 -5.07
N LEU H 86 -6.95 -62.30 -5.85
CA LEU H 86 -6.70 -62.16 -7.27
C LEU H 86 -6.25 -60.73 -7.55
N ALA H 87 -5.47 -60.56 -8.60
CA ALA H 87 -5.05 -59.22 -9.04
C ALA H 87 -5.12 -59.21 -10.56
N ASN H 88 -6.30 -58.91 -11.10
CA ASN H 88 -6.50 -58.86 -12.54
C ASN H 88 -7.54 -57.79 -12.84
N ARG H 89 -7.14 -56.76 -13.58
CA ARG H 89 -8.02 -55.64 -13.87
C ARG H 89 -9.15 -55.97 -14.83
N ASN H 90 -9.10 -57.11 -15.53
CA ASN H 90 -10.15 -57.42 -16.50
C ASN H 90 -11.13 -58.43 -15.91
N PRO H 91 -12.36 -58.02 -15.61
CA PRO H 91 -13.32 -58.96 -15.01
C PRO H 91 -13.56 -60.23 -15.81
N ALA H 92 -13.56 -60.15 -17.14
CA ALA H 92 -13.83 -61.33 -17.95
C ALA H 92 -12.76 -62.40 -17.79
N GLU H 93 -11.57 -62.04 -17.31
CA GLU H 93 -10.49 -63.00 -17.09
C GLU H 93 -10.54 -63.65 -15.72
N LEU H 94 -11.41 -63.18 -14.80
CA LEU H 94 -11.46 -63.70 -13.44
C LEU H 94 -12.15 -65.07 -13.38
N PRO H 95 -11.69 -65.95 -12.48
CA PRO H 95 -12.11 -67.36 -12.50
C PRO H 95 -13.40 -67.62 -11.73
N TRP H 96 -14.46 -66.89 -12.08
CA TRP H 96 -15.68 -66.97 -11.28
C TRP H 96 -16.38 -68.32 -11.45
N GLY H 97 -16.37 -68.87 -12.66
CA GLY H 97 -17.03 -70.15 -12.88
C GLY H 97 -16.41 -71.27 -12.06
N GLU H 98 -15.08 -71.33 -12.02
CA GLU H 98 -14.43 -72.39 -11.26
C GLU H 98 -14.67 -72.23 -9.77
N LEU H 99 -14.79 -71.00 -9.29
CA LEU H 99 -15.09 -70.72 -7.89
C LEU H 99 -16.58 -70.81 -7.59
N GLY H 100 -17.41 -71.06 -8.59
CA GLY H 100 -18.84 -71.21 -8.37
C GLY H 100 -19.49 -69.95 -7.84
N VAL H 101 -19.12 -68.80 -8.40
CA VAL H 101 -19.54 -67.53 -7.83
C VAL H 101 -21.02 -67.31 -8.13
N ASP H 102 -21.80 -67.10 -7.06
CA ASP H 102 -23.20 -66.72 -7.23
C ASP H 102 -23.33 -65.23 -7.51
N VAL H 103 -22.65 -64.39 -6.73
CA VAL H 103 -22.80 -62.94 -6.87
C VAL H 103 -21.43 -62.28 -6.80
N VAL H 104 -21.17 -61.39 -7.75
CA VAL H 104 -20.02 -60.50 -7.75
C VAL H 104 -20.46 -59.14 -7.22
N LEU H 105 -19.79 -58.65 -6.20
CA LEU H 105 -19.97 -57.29 -5.73
C LEU H 105 -18.94 -56.40 -6.43
N GLU H 106 -19.40 -55.60 -7.38
CA GLU H 106 -18.54 -54.79 -8.23
C GLU H 106 -18.31 -53.43 -7.59
N CYS H 107 -17.10 -53.22 -7.04
CA CYS H 107 -16.80 -52.04 -6.22
C CYS H 107 -15.55 -51.29 -6.68
N THR H 108 -15.14 -51.42 -7.95
CA THR H 108 -13.99 -50.67 -8.42
C THR H 108 -14.31 -49.26 -8.84
N GLY H 109 -15.56 -48.98 -9.22
CA GLY H 109 -15.94 -47.71 -9.80
C GLY H 109 -15.72 -47.60 -11.29
N PHE H 110 -15.29 -48.67 -11.96
CA PHE H 110 -14.95 -48.65 -13.37
C PHE H 110 -15.90 -49.44 -14.25
N PHE H 111 -16.79 -50.25 -13.66
CA PHE H 111 -17.70 -51.12 -14.41
C PHE H 111 -19.14 -50.92 -13.94
N THR H 112 -19.68 -49.73 -14.16
CA THR H 112 -20.97 -49.36 -13.60
C THR H 112 -22.12 -49.45 -14.60
N SER H 113 -21.84 -49.89 -15.82
CA SER H 113 -22.90 -50.16 -16.80
C SER H 113 -23.12 -51.67 -16.85
N LYS H 114 -24.27 -52.07 -17.38
CA LYS H 114 -24.54 -53.50 -17.51
C LYS H 114 -23.56 -54.16 -18.48
N GLU H 115 -23.17 -53.45 -19.53
CA GLU H 115 -22.25 -54.04 -20.49
C GLU H 115 -20.89 -54.31 -19.85
N LYS H 116 -20.36 -53.35 -19.08
CA LYS H 116 -19.06 -53.53 -18.45
C LYS H 116 -19.12 -54.54 -17.31
N ALA H 117 -20.12 -54.40 -16.44
CA ALA H 117 -20.28 -55.33 -15.33
C ALA H 117 -20.60 -56.74 -15.80
N GLY H 118 -21.18 -56.88 -17.00
CA GLY H 118 -21.47 -58.18 -17.56
C GLY H 118 -20.25 -59.02 -17.87
N ALA H 119 -19.07 -58.38 -17.93
CA ALA H 119 -17.84 -59.12 -18.10
C ALA H 119 -17.68 -60.17 -16.99
N HIS H 120 -18.18 -59.88 -15.80
CA HIS H 120 -18.16 -60.85 -14.71
C HIS H 120 -19.00 -62.08 -15.07
N LEU H 121 -20.14 -61.87 -15.73
CA LEU H 121 -20.98 -63.00 -16.10
C LEU H 121 -20.26 -63.91 -17.08
N LYS H 122 -19.53 -63.34 -18.05
CA LYS H 122 -18.75 -64.21 -18.92
C LYS H 122 -17.69 -64.96 -18.15
N GLY H 123 -17.13 -64.36 -17.10
CA GLY H 123 -16.17 -65.09 -16.30
C GLY H 123 -16.76 -66.25 -15.54
N GLY H 124 -18.09 -66.37 -15.51
CA GLY H 124 -18.77 -67.49 -14.89
C GLY H 124 -19.60 -67.18 -13.66
N ALA H 125 -19.75 -65.90 -13.28
CA ALA H 125 -20.58 -65.53 -12.16
C ALA H 125 -22.05 -65.49 -12.56
N LYS H 126 -22.92 -65.85 -11.61
CA LYS H 126 -24.35 -65.86 -11.90
C LYS H 126 -24.96 -64.45 -11.89
N LYS H 127 -24.54 -63.59 -10.97
CA LYS H 127 -25.16 -62.28 -10.81
C LYS H 127 -24.11 -61.26 -10.39
N VAL H 128 -24.44 -59.97 -10.57
CA VAL H 128 -23.56 -58.86 -10.25
C VAL H 128 -24.36 -57.75 -9.57
N ILE H 129 -23.82 -57.20 -8.48
CA ILE H 129 -24.35 -56.02 -7.81
C ILE H 129 -23.30 -54.91 -7.92
N ILE H 130 -23.63 -53.83 -8.61
CA ILE H 130 -22.74 -52.68 -8.71
C ILE H 130 -22.91 -51.82 -7.46
N SER H 131 -21.78 -51.41 -6.87
CA SER H 131 -21.79 -50.67 -5.62
C SER H 131 -21.95 -49.17 -5.85
N ALA H 132 -22.62 -48.80 -6.92
CA ALA H 132 -22.79 -47.40 -7.28
C ALA H 132 -24.00 -47.29 -8.20
N PRO H 133 -24.47 -46.08 -8.46
CA PRO H 133 -25.52 -45.92 -9.48
C PRO H 133 -25.09 -46.56 -10.79
N GLY H 134 -26.02 -47.29 -11.41
CA GLY H 134 -25.75 -47.95 -12.66
C GLY H 134 -26.16 -47.13 -13.87
N GLY H 135 -25.77 -47.62 -15.05
CA GLY H 135 -26.22 -47.06 -16.29
C GLY H 135 -27.70 -47.30 -16.52
N LYS H 136 -28.21 -46.68 -17.58
CA LYS H 136 -29.63 -46.83 -17.90
C LYS H 136 -29.99 -48.29 -18.17
N ASP H 137 -28.99 -49.12 -18.48
CA ASP H 137 -29.20 -50.51 -18.86
C ASP H 137 -29.31 -51.49 -17.68
N VAL H 138 -29.09 -51.08 -16.43
CA VAL H 138 -29.12 -52.06 -15.35
C VAL H 138 -30.54 -52.55 -15.13
N ASP H 139 -30.66 -53.79 -14.62
CA ASP H 139 -31.97 -54.43 -14.47
C ASP H 139 -32.79 -53.83 -13.34
N ALA H 140 -32.14 -53.35 -12.28
CA ALA H 140 -32.87 -52.74 -11.18
C ALA H 140 -31.89 -51.90 -10.36
N THR H 141 -32.44 -50.95 -9.60
CA THR H 141 -31.70 -50.16 -8.64
C THR H 141 -32.40 -50.28 -7.29
N ILE H 142 -31.66 -50.70 -6.27
CA ILE H 142 -32.25 -51.12 -5.01
C ILE H 142 -31.70 -50.25 -3.88
N VAL H 143 -32.60 -49.65 -3.11
CA VAL H 143 -32.31 -49.14 -1.78
C VAL H 143 -33.00 -50.09 -0.82
N PHE H 144 -32.21 -50.94 -0.16
CA PHE H 144 -32.76 -51.97 0.70
C PHE H 144 -33.55 -51.34 1.84
N GLY H 145 -34.66 -51.96 2.18
CA GLY H 145 -35.61 -51.37 3.10
C GLY H 145 -36.67 -50.54 2.44
N VAL H 146 -36.54 -50.26 1.14
CA VAL H 146 -37.48 -49.42 0.40
C VAL H 146 -38.12 -50.18 -0.76
N ASN H 147 -37.29 -50.77 -1.64
CA ASN H 147 -37.85 -51.37 -2.84
C ASN H 147 -37.16 -52.69 -3.23
N GLN H 148 -36.65 -53.45 -2.26
CA GLN H 148 -36.04 -54.73 -2.61
C GLN H 148 -37.07 -55.71 -3.18
N ASN H 149 -38.37 -55.43 -3.02
CA ASN H 149 -39.41 -56.31 -3.53
C ASN H 149 -39.43 -56.39 -5.05
N VAL H 150 -38.90 -55.37 -5.75
CA VAL H 150 -38.92 -55.38 -7.21
C VAL H 150 -37.95 -56.37 -7.81
N LEU H 151 -37.07 -56.96 -6.99
CA LEU H 151 -36.07 -57.87 -7.53
C LEU H 151 -36.75 -59.13 -8.07
N LYS H 152 -36.20 -59.64 -9.17
CA LYS H 152 -36.71 -60.82 -9.83
C LYS H 152 -35.56 -61.78 -10.09
N ALA H 153 -35.89 -63.07 -10.19
CA ALA H 153 -34.85 -64.07 -10.41
C ALA H 153 -34.12 -63.86 -11.74
N GLU H 154 -34.79 -63.29 -12.75
CA GLU H 154 -34.11 -63.07 -14.02
C GLU H 154 -33.13 -61.90 -13.98
N HIS H 155 -33.22 -61.03 -12.98
CA HIS H 155 -32.28 -59.92 -12.86
C HIS H 155 -30.87 -60.49 -12.65
N THR H 156 -29.91 -60.00 -13.44
CA THR H 156 -28.55 -60.49 -13.36
C THR H 156 -27.52 -59.42 -13.06
N VAL H 157 -27.81 -58.16 -13.39
CA VAL H 157 -26.95 -57.04 -13.07
C VAL H 157 -27.82 -55.93 -12.50
N ILE H 158 -27.59 -55.60 -11.23
CA ILE H 158 -28.36 -54.57 -10.55
C ILE H 158 -27.40 -53.57 -9.92
N SER H 159 -27.96 -52.43 -9.53
CA SER H 159 -27.26 -51.36 -8.84
C SER H 159 -27.81 -51.23 -7.44
N ASN H 160 -26.93 -50.99 -6.47
CA ASN H 160 -27.33 -50.74 -5.09
C ASN H 160 -27.49 -49.25 -4.80
N ALA H 161 -27.60 -48.43 -5.86
CA ALA H 161 -27.75 -46.99 -5.73
C ALA H 161 -26.49 -46.39 -5.11
N SER H 162 -26.59 -45.17 -4.59
CA SER H 162 -25.48 -44.48 -3.97
C SER H 162 -25.69 -44.40 -2.47
N CYS H 163 -24.62 -44.08 -1.74
CA CYS H 163 -24.75 -43.86 -0.31
C CYS H 163 -25.79 -42.80 -0.02
N THR H 164 -25.75 -41.71 -0.77
CA THR H 164 -26.71 -40.63 -0.57
C THR H 164 -28.14 -41.09 -0.82
N THR H 165 -28.38 -41.84 -1.91
CA THR H 165 -29.74 -42.29 -2.21
C THR H 165 -30.26 -43.22 -1.12
N ASN H 166 -29.39 -44.05 -0.53
CA ASN H 166 -29.81 -44.92 0.57
C ASN H 166 -30.10 -44.15 1.85
N CYS H 167 -29.60 -42.92 1.97
CA CYS H 167 -29.96 -42.10 3.10
C CYS H 167 -31.23 -41.29 2.84
N LEU H 168 -31.36 -40.76 1.62
CA LEU H 168 -32.47 -39.88 1.29
C LEU H 168 -33.77 -40.67 1.17
N ALA H 169 -33.74 -41.80 0.49
CA ALA H 169 -34.97 -42.53 0.20
C ALA H 169 -35.71 -42.98 1.46
N PRO H 170 -35.08 -43.63 2.43
CA PRO H 170 -35.81 -43.96 3.66
C PRO H 170 -36.25 -42.75 4.44
N LEU H 171 -35.59 -41.61 4.25
CA LEU H 171 -36.03 -40.37 4.92
C LEU H 171 -37.30 -39.84 4.29
N VAL H 172 -37.38 -39.86 2.95
CA VAL H 172 -38.48 -39.22 2.25
C VAL H 172 -39.72 -40.12 2.19
N LYS H 173 -39.54 -41.45 2.24
CA LYS H 173 -40.69 -42.33 2.06
C LYS H 173 -41.77 -42.10 3.10
N PRO H 174 -41.51 -42.16 4.41
CA PRO H 174 -42.57 -41.92 5.39
C PRO H 174 -43.16 -40.51 5.31
N LEU H 175 -42.33 -39.51 4.97
CA LEU H 175 -42.84 -38.15 4.86
C LEU H 175 -43.80 -38.00 3.70
N HIS H 176 -43.51 -38.67 2.57
CA HIS H 176 -44.42 -38.60 1.44
C HIS H 176 -45.74 -39.30 1.76
N ASP H 177 -45.67 -40.44 2.44
CA ASP H 177 -46.88 -41.19 2.76
C ASP H 177 -47.81 -40.40 3.68
N LYS H 178 -47.24 -39.74 4.70
CA LYS H 178 -48.04 -39.08 5.72
C LYS H 178 -48.34 -37.62 5.44
N LEU H 179 -47.41 -36.89 4.82
CA LEU H 179 -47.60 -35.49 4.49
C LEU H 179 -47.71 -35.22 3.01
N GLY H 180 -46.97 -35.98 2.20
CA GLY H 180 -46.91 -35.72 0.77
C GLY H 180 -45.86 -34.70 0.42
N VAL H 181 -45.04 -35.02 -0.59
CA VAL H 181 -43.98 -34.15 -1.08
C VAL H 181 -44.39 -33.70 -2.48
N GLU H 182 -44.67 -32.42 -2.65
CA GLU H 182 -44.86 -31.87 -3.98
C GLU H 182 -43.53 -31.74 -4.71
N THR H 183 -42.53 -31.14 -4.05
CA THR H 183 -41.22 -30.99 -4.66
C THR H 183 -40.21 -30.74 -3.54
N GLY H 184 -38.95 -31.01 -3.83
CA GLY H 184 -37.92 -30.90 -2.82
C GLY H 184 -36.55 -30.70 -3.44
N LEU H 185 -35.69 -29.97 -2.73
CA LEU H 185 -34.31 -29.74 -3.13
C LEU H 185 -33.42 -30.09 -1.96
N MET H 186 -32.30 -30.76 -2.24
CA MET H 186 -31.45 -31.31 -1.19
C MET H 186 -30.00 -30.91 -1.41
N THR H 187 -29.28 -30.74 -0.30
CA THR H 187 -27.84 -30.54 -0.30
C THR H 187 -27.24 -31.60 0.60
N THR H 188 -26.22 -32.31 0.13
CA THR H 188 -25.52 -33.26 0.97
C THR H 188 -24.09 -32.75 1.22
N VAL H 189 -23.78 -32.51 2.49
CA VAL H 189 -22.43 -32.19 2.93
C VAL H 189 -21.72 -33.51 3.17
N HIS H 190 -20.71 -33.80 2.36
CA HIS H 190 -20.21 -35.16 2.21
C HIS H 190 -18.71 -35.22 2.46
N ALA H 191 -18.29 -36.27 3.15
CA ALA H 191 -16.88 -36.56 3.35
C ALA H 191 -16.15 -36.73 2.01
N TYR H 192 -14.85 -36.47 1.99
CA TYR H 192 -14.15 -36.68 0.73
C TYR H 192 -14.00 -38.17 0.48
N THR H 193 -13.79 -38.52 -0.79
CA THR H 193 -13.59 -39.89 -1.23
C THR H 193 -12.34 -39.97 -2.09
N ASN H 194 -11.95 -41.21 -2.42
CA ASN H 194 -10.68 -41.43 -3.09
C ASN H 194 -10.68 -41.00 -4.56
N ASP H 195 -11.82 -40.57 -5.10
CA ASP H 195 -11.86 -39.95 -6.42
CA ASP H 195 -11.81 -39.96 -6.43
C ASP H 195 -11.35 -38.51 -6.40
N GLN H 196 -11.23 -37.91 -5.22
CA GLN H 196 -10.73 -36.54 -5.10
C GLN H 196 -9.21 -36.54 -4.98
N VAL H 197 -8.63 -35.36 -4.73
CA VAL H 197 -7.18 -35.16 -4.80
C VAL H 197 -6.68 -34.43 -3.56
N LEU H 198 -5.41 -34.66 -3.21
CA LEU H 198 -4.79 -34.02 -2.04
C LEU H 198 -4.40 -32.57 -2.32
N THR H 199 -3.80 -32.28 -3.47
CA THR H 199 -3.46 -30.93 -3.87
C THR H 199 -3.71 -30.81 -5.37
N ASP H 200 -4.11 -29.61 -5.80
CA ASP H 200 -4.73 -29.42 -7.12
C ASP H 200 -4.00 -30.18 -8.21
N VAL H 201 -4.74 -30.99 -8.97
CA VAL H 201 -4.16 -31.82 -10.02
C VAL H 201 -5.28 -32.26 -10.97
N TYR H 202 -4.88 -32.71 -12.16
CA TYR H 202 -5.83 -33.03 -13.20
C TYR H 202 -6.97 -33.89 -12.65
N HIS H 203 -8.18 -33.55 -13.08
CA HIS H 203 -9.39 -34.33 -12.80
C HIS H 203 -10.40 -33.97 -13.90
N GLU H 204 -11.24 -34.95 -14.27
CA GLU H 204 -12.27 -34.68 -15.25
C GLU H 204 -13.19 -33.55 -14.78
N ASP H 205 -13.46 -33.51 -13.49
CA ASP H 205 -14.28 -32.48 -12.87
C ASP H 205 -13.38 -31.38 -12.33
N LEU H 206 -13.58 -30.16 -12.82
CA LEU H 206 -12.65 -29.07 -12.48
C LEU H 206 -12.67 -28.74 -11.00
N ARG H 207 -13.81 -28.91 -10.33
CA ARG H 207 -13.87 -28.65 -8.90
CA ARG H 207 -13.87 -28.66 -8.89
C ARG H 207 -13.26 -29.80 -8.10
N ARG H 208 -13.44 -31.04 -8.55
CA ARG H 208 -12.81 -32.16 -7.88
C ARG H 208 -11.31 -32.22 -8.13
N ALA H 209 -10.81 -31.43 -9.09
CA ALA H 209 -9.38 -31.27 -9.27
C ALA H 209 -8.74 -30.44 -8.16
N ARG H 210 -9.53 -29.88 -7.25
CA ARG H 210 -9.05 -29.02 -6.19
C ARG H 210 -8.92 -29.76 -4.86
N SER H 211 -7.93 -29.36 -4.07
CA SER H 211 -7.60 -30.01 -2.82
C SER H 211 -8.84 -30.28 -1.97
N ALA H 212 -9.09 -31.55 -1.71
CA ALA H 212 -10.21 -31.97 -0.86
C ALA H 212 -10.02 -31.55 0.59
N THR H 213 -8.76 -31.44 1.03
CA THR H 213 -8.45 -31.17 2.43
C THR H 213 -8.69 -29.71 2.81
N MET H 214 -8.63 -28.78 1.85
CA MET H 214 -8.59 -27.36 2.17
C MET H 214 -9.86 -26.58 1.87
N SER H 215 -10.84 -27.18 1.19
CA SER H 215 -11.96 -26.40 0.67
C SER H 215 -13.26 -27.17 0.73
N MET H 216 -14.35 -26.41 0.73
CA MET H 216 -15.67 -26.93 0.39
C MET H 216 -15.80 -26.95 -1.12
N ILE H 217 -16.14 -28.11 -1.66
CA ILE H 217 -16.11 -28.34 -3.10
C ILE H 217 -17.49 -28.76 -3.60
N PRO H 218 -18.23 -27.91 -4.30
CA PRO H 218 -19.50 -28.36 -4.89
C PRO H 218 -19.26 -29.42 -5.96
N THR H 219 -20.10 -30.43 -5.97
CA THR H 219 -20.06 -31.43 -7.02
C THR H 219 -21.48 -31.90 -7.32
N LYS H 220 -21.74 -32.19 -8.59
CA LYS H 220 -23.06 -32.68 -8.95
C LYS H 220 -23.26 -34.09 -8.44
N THR H 221 -24.48 -34.40 -8.05
CA THR H 221 -24.89 -35.75 -7.71
C THR H 221 -26.30 -36.01 -8.23
N GLY H 222 -26.53 -37.21 -8.72
CA GLY H 222 -27.84 -37.64 -9.13
C GLY H 222 -28.64 -38.31 -8.04
N ALA H 223 -28.18 -38.24 -6.79
CA ALA H 223 -28.81 -38.99 -5.71
C ALA H 223 -30.26 -38.58 -5.50
N ALA H 224 -30.56 -37.29 -5.59
CA ALA H 224 -31.94 -36.84 -5.32
C ALA H 224 -32.89 -37.31 -6.41
N ALA H 225 -32.53 -37.07 -7.68
CA ALA H 225 -33.35 -37.56 -8.77
C ALA H 225 -33.44 -39.08 -8.76
N ALA H 226 -32.38 -39.76 -8.33
CA ALA H 226 -32.34 -41.22 -8.34
C ALA H 226 -33.34 -41.82 -7.35
N VAL H 227 -33.84 -41.03 -6.40
CA VAL H 227 -34.91 -41.53 -5.54
C VAL H 227 -36.12 -41.92 -6.36
N GLY H 228 -36.27 -41.36 -7.57
CA GLY H 228 -37.35 -41.78 -8.45
C GLY H 228 -37.22 -43.22 -8.92
N LEU H 229 -36.00 -43.74 -8.98
CA LEU H 229 -35.81 -45.13 -9.37
C LEU H 229 -36.31 -46.08 -8.29
N VAL H 230 -36.17 -45.71 -7.02
CA VAL H 230 -36.57 -46.60 -5.93
C VAL H 230 -37.96 -46.29 -5.40
N LEU H 231 -38.40 -45.04 -5.53
CA LEU H 231 -39.76 -44.63 -5.15
C LEU H 231 -40.36 -43.92 -6.37
N PRO H 232 -40.96 -44.65 -7.30
CA PRO H 232 -41.45 -44.01 -8.52
C PRO H 232 -42.47 -42.90 -8.30
N GLU H 233 -43.22 -42.94 -7.20
CA GLU H 233 -44.18 -41.87 -6.94
C GLU H 233 -43.50 -40.51 -6.87
N LEU H 234 -42.22 -40.47 -6.50
CA LEU H 234 -41.48 -39.23 -6.33
C LEU H 234 -40.67 -38.87 -7.57
N ASN H 235 -40.87 -39.56 -8.68
CA ASN H 235 -40.07 -39.30 -9.86
C ASN H 235 -40.23 -37.87 -10.34
N GLY H 236 -39.09 -37.20 -10.59
CA GLY H 236 -39.08 -35.84 -11.08
C GLY H 236 -39.26 -34.78 -10.01
N LYS H 237 -39.44 -35.17 -8.75
CA LYS H 237 -39.80 -34.23 -7.70
C LYS H 237 -38.63 -33.79 -6.83
N LEU H 238 -37.48 -34.45 -6.92
CA LEU H 238 -36.33 -34.14 -6.09
C LEU H 238 -35.10 -33.87 -6.95
N ASP H 239 -34.37 -32.83 -6.61
CA ASP H 239 -33.07 -32.55 -7.21
C ASP H 239 -32.15 -32.01 -6.13
N GLY H 240 -30.85 -31.95 -6.43
CA GLY H 240 -29.91 -31.47 -5.43
C GLY H 240 -28.49 -31.52 -5.95
N PHE H 241 -27.58 -31.15 -5.06
CA PHE H 241 -26.14 -31.25 -5.31
C PHE H 241 -25.42 -31.54 -4.01
N ALA H 242 -24.12 -31.77 -4.13
CA ALA H 242 -23.27 -32.13 -3.00
C ALA H 242 -22.24 -31.05 -2.75
N ILE H 243 -21.81 -30.94 -1.49
CA ILE H 243 -20.67 -30.11 -1.11
C ILE H 243 -19.70 -31.01 -0.36
N ARG H 244 -18.58 -31.31 -0.99
CA ARG H 244 -17.54 -32.13 -0.36
C ARG H 244 -16.75 -31.26 0.62
N VAL H 245 -16.54 -31.79 1.83
CA VAL H 245 -15.87 -31.03 2.88
C VAL H 245 -14.70 -31.85 3.41
N PRO H 246 -13.79 -31.20 4.15
CA PRO H 246 -12.60 -31.94 4.65
C PRO H 246 -12.86 -32.83 5.85
N THR H 247 -13.61 -33.92 5.64
CA THR H 247 -13.76 -34.98 6.63
C THR H 247 -13.51 -36.32 5.94
N ILE H 248 -12.97 -37.27 6.70
CA ILE H 248 -12.59 -38.54 6.09
C ILE H 248 -13.77 -39.48 5.90
N ASN H 249 -14.84 -39.31 6.68
CA ASN H 249 -15.98 -40.21 6.58
C ASN H 249 -17.19 -39.60 7.27
N VAL H 250 -18.36 -40.12 6.88
CA VAL H 250 -19.67 -39.71 7.39
C VAL H 250 -20.10 -38.44 6.68
N SER H 251 -21.37 -38.41 6.27
CA SER H 251 -21.93 -37.33 5.47
C SER H 251 -23.31 -36.99 6.01
N LEU H 252 -23.88 -35.91 5.48
CA LEU H 252 -25.14 -35.40 5.95
C LEU H 252 -26.04 -35.04 4.77
N VAL H 253 -27.27 -35.55 4.79
CA VAL H 253 -28.30 -35.17 3.83
C VAL H 253 -29.13 -34.06 4.46
N ASP H 254 -29.37 -33.00 3.69
CA ASP H 254 -30.17 -31.86 4.11
C ASP H 254 -31.25 -31.59 3.07
N LEU H 255 -32.47 -32.06 3.32
CA LEU H 255 -33.56 -32.00 2.35
C LEU H 255 -34.57 -30.93 2.75
N SER H 256 -34.83 -29.99 1.84
CA SER H 256 -35.87 -29.00 1.99
C SER H 256 -36.97 -29.28 0.98
N PHE H 257 -38.21 -29.43 1.44
CA PHE H 257 -39.28 -29.74 0.52
C PHE H 257 -40.56 -29.03 0.90
N VAL H 258 -41.40 -28.82 -0.10
CA VAL H 258 -42.73 -28.25 0.07
C VAL H 258 -43.70 -29.41 0.27
N ALA H 259 -44.33 -29.46 1.44
CA ALA H 259 -45.30 -30.49 1.74
C ALA H 259 -46.65 -30.13 1.12
N LYS H 260 -47.51 -31.14 0.99
CA LYS H 260 -48.81 -30.92 0.40
C LYS H 260 -49.74 -30.13 1.33
N ARG H 261 -49.48 -30.19 2.63
CA ARG H 261 -50.26 -29.47 3.62
C ARG H 261 -49.34 -28.87 4.69
N ASP H 262 -49.88 -27.92 5.43
CA ASP H 262 -49.14 -27.36 6.54
C ASP H 262 -48.87 -28.44 7.59
N THR H 263 -47.74 -28.31 8.27
CA THR H 263 -47.30 -29.28 9.25
C THR H 263 -46.53 -28.52 10.33
N THR H 264 -45.98 -29.27 11.29
CA THR H 264 -45.19 -28.68 12.37
C THR H 264 -43.93 -29.51 12.56
N VAL H 265 -42.98 -28.94 13.30
CA VAL H 265 -41.77 -29.69 13.63
C VAL H 265 -42.14 -30.98 14.35
N GLU H 266 -43.08 -30.92 15.29
CA GLU H 266 -43.41 -32.10 16.07
C GLU H 266 -44.02 -33.19 15.22
N GLU H 267 -44.86 -32.83 14.24
CA GLU H 267 -45.49 -33.85 13.41
C GLU H 267 -44.47 -34.53 12.51
N VAL H 268 -43.59 -33.75 11.88
CA VAL H 268 -42.56 -34.31 11.00
C VAL H 268 -41.71 -35.29 11.78
N ASN H 269 -41.26 -34.91 12.98
CA ASN H 269 -40.41 -35.79 13.77
C ASN H 269 -41.17 -37.05 14.20
N SER H 270 -42.47 -36.92 14.49
CA SER H 270 -43.28 -38.08 14.86
C SER H 270 -43.40 -39.08 13.71
N ILE H 271 -43.53 -38.58 12.48
CA ILE H 271 -43.65 -39.49 11.34
C ILE H 271 -42.39 -40.33 11.21
N LEU H 272 -41.23 -39.69 11.32
CA LEU H 272 -39.96 -40.41 11.18
C LEU H 272 -39.69 -41.31 12.37
N GLN H 273 -40.12 -40.90 13.56
CA GLN H 273 -39.98 -41.77 14.73
C GLN H 273 -40.76 -43.07 14.55
N ALA H 274 -42.01 -42.96 14.08
CA ALA H 274 -42.83 -44.16 13.90
C ALA H 274 -42.23 -45.09 12.86
N ALA H 275 -41.77 -44.54 11.74
CA ALA H 275 -41.16 -45.39 10.71
C ALA H 275 -39.90 -46.06 11.23
N ALA H 276 -39.09 -45.32 12.00
CA ALA H 276 -37.85 -45.88 12.54
C ALA H 276 -38.13 -47.01 13.52
N GLU H 277 -39.21 -46.93 14.27
CA GLU H 277 -39.56 -47.99 15.21
C GLU H 277 -40.30 -49.14 14.53
N GLY H 278 -40.85 -48.91 13.34
CA GLY H 278 -41.64 -49.90 12.66
C GLY H 278 -41.11 -50.41 11.34
N GLU H 279 -41.69 -49.90 10.25
CA GLU H 279 -41.47 -50.46 8.92
C GLU H 279 -39.99 -50.40 8.52
N LEU H 280 -39.31 -49.31 8.86
CA LEU H 280 -37.94 -49.09 8.41
C LEU H 280 -36.91 -49.36 9.51
N LYS H 281 -37.23 -50.24 10.46
CA LYS H 281 -36.33 -50.47 11.58
C LYS H 281 -34.98 -50.99 11.10
N ASP H 282 -33.91 -50.44 11.70
CA ASP H 282 -32.52 -50.76 11.41
C ASP H 282 -32.01 -50.19 10.10
N ILE H 283 -32.92 -49.68 9.27
CA ILE H 283 -32.53 -48.91 8.08
C ILE H 283 -32.51 -47.43 8.39
N LEU H 284 -33.55 -46.98 9.10
CA LEU H 284 -33.71 -45.60 9.54
C LEU H 284 -33.67 -45.60 11.06
N THR H 285 -32.91 -44.67 11.62
CA THR H 285 -32.84 -44.50 13.05
C THR H 285 -33.31 -43.10 13.40
N TYR H 286 -33.64 -42.90 14.67
CA TYR H 286 -34.17 -41.64 15.18
C TYR H 286 -33.25 -41.15 16.29
N ASN H 287 -32.63 -39.98 16.10
CA ASN H 287 -31.70 -39.42 17.06
C ASN H 287 -32.24 -38.14 17.68
N THR H 288 -32.08 -38.02 19.00
CA THR H 288 -32.49 -36.83 19.73
C THR H 288 -31.37 -36.20 20.55
N GLU H 289 -30.19 -36.78 20.55
CA GLU H 289 -29.06 -36.28 21.32
C GLU H 289 -28.26 -35.28 20.49
N PRO H 290 -27.58 -34.34 21.13
CA PRO H 290 -26.84 -33.32 20.36
C PRO H 290 -25.50 -33.85 19.86
N LEU H 291 -25.52 -34.52 18.71
CA LEU H 291 -24.37 -35.24 18.19
C LEU H 291 -23.75 -34.53 16.99
N VAL H 292 -22.54 -34.95 16.65
CA VAL H 292 -21.84 -34.42 15.48
C VAL H 292 -21.53 -35.60 14.59
N SER H 293 -20.96 -35.31 13.42
CA SER H 293 -20.83 -36.34 12.38
C SER H 293 -20.05 -37.55 12.87
N ILE H 294 -18.96 -37.34 13.61
CA ILE H 294 -18.11 -38.45 14.03
C ILE H 294 -18.86 -39.48 14.87
N ASP H 295 -19.95 -39.07 15.51
CA ASP H 295 -20.70 -39.98 16.36
C ASP H 295 -21.44 -41.06 15.57
N PHE H 296 -21.59 -40.87 14.26
CA PHE H 296 -22.22 -41.87 13.40
C PHE H 296 -21.21 -42.69 12.62
N ASN H 297 -19.93 -42.49 12.84
CA ASN H 297 -18.95 -43.36 12.23
C ASN H 297 -19.18 -44.80 12.72
N HIS H 298 -19.17 -45.74 11.78
CA HIS H 298 -19.41 -47.15 12.05
C HIS H 298 -20.84 -47.43 12.47
N ASN H 299 -21.75 -46.52 12.16
CA ASN H 299 -23.18 -46.79 12.35
C ASN H 299 -23.70 -47.51 11.11
N PRO H 300 -24.25 -48.72 11.26
CA PRO H 300 -24.63 -49.50 10.07
C PRO H 300 -25.92 -49.03 9.39
N ALA H 301 -26.64 -48.08 9.97
CA ALA H 301 -27.90 -47.65 9.40
C ALA H 301 -27.68 -46.88 8.10
N SER H 302 -28.70 -46.90 7.23
CA SER H 302 -28.65 -46.15 5.99
C SER H 302 -28.96 -44.67 6.19
N SER H 303 -29.79 -44.35 7.17
CA SER H 303 -30.27 -42.99 7.37
C SER H 303 -30.49 -42.78 8.86
N ASN H 304 -29.71 -41.88 9.46
CA ASN H 304 -29.78 -41.57 10.88
C ASN H 304 -30.43 -40.20 11.00
N PHE H 305 -31.75 -40.20 11.03
CA PHE H 305 -32.50 -38.94 11.08
C PHE H 305 -32.21 -38.20 12.37
N ASP H 306 -31.92 -36.91 12.27
CA ASP H 306 -31.58 -36.07 13.40
C ASP H 306 -32.74 -35.13 13.70
N ALA H 307 -33.55 -35.49 14.71
CA ALA H 307 -34.72 -34.69 15.07
C ALA H 307 -34.35 -33.31 15.60
N THR H 308 -33.15 -33.17 16.17
CA THR H 308 -32.75 -31.90 16.75
C THR H 308 -32.63 -30.80 15.70
N LEU H 309 -32.47 -31.17 14.45
CA LEU H 309 -32.24 -30.22 13.37
C LEU H 309 -33.50 -29.85 12.59
N THR H 310 -34.63 -30.51 12.84
CA THR H 310 -35.82 -30.30 12.03
C THR H 310 -36.28 -28.84 12.09
N LYS H 311 -36.60 -28.28 10.92
CA LYS H 311 -37.18 -26.97 10.80
C LYS H 311 -38.44 -27.04 9.95
N VAL H 312 -39.49 -26.33 10.37
CA VAL H 312 -40.74 -26.28 9.61
C VAL H 312 -41.27 -24.85 9.61
N SER H 313 -41.59 -24.35 8.42
CA SER H 313 -42.22 -23.04 8.25
C SER H 313 -43.39 -23.21 7.29
N GLY H 314 -44.59 -23.42 7.85
CA GLY H 314 -45.77 -23.64 7.04
C GLY H 314 -45.72 -24.94 6.28
N LYS H 315 -45.53 -24.86 4.97
CA LYS H 315 -45.43 -26.09 4.15
C LYS H 315 -43.95 -26.42 3.87
N LEU H 316 -43.04 -25.46 4.09
CA LEU H 316 -41.63 -25.72 3.86
C LEU H 316 -41.03 -26.48 5.03
N VAL H 317 -40.38 -27.61 4.75
CA VAL H 317 -39.83 -28.49 5.77
C VAL H 317 -38.38 -28.76 5.44
N LYS H 318 -37.51 -28.70 6.45
CA LYS H 318 -36.10 -29.06 6.32
C LYS H 318 -35.84 -30.21 7.26
N VAL H 319 -35.45 -31.36 6.72
CA VAL H 319 -35.06 -32.52 7.51
C VAL H 319 -33.63 -32.89 7.16
N SER H 320 -32.91 -33.45 8.13
CA SER H 320 -31.50 -33.78 7.96
C SER H 320 -31.19 -35.15 8.53
N SER H 321 -30.36 -35.91 7.83
CA SER H 321 -30.01 -37.26 8.24
C SER H 321 -28.51 -37.51 8.05
N TRP H 322 -27.88 -38.10 9.07
CA TRP H 322 -26.49 -38.50 9.00
C TRP H 322 -26.37 -39.89 8.40
N TYR H 323 -25.29 -40.14 7.67
CA TYR H 323 -25.03 -41.50 7.21
C TYR H 323 -23.53 -41.75 7.10
N ASP H 324 -23.09 -42.87 7.63
CA ASP H 324 -21.75 -43.36 7.34
C ASP H 324 -21.74 -43.90 5.91
N ASN H 325 -21.24 -43.07 4.99
CA ASN H 325 -21.31 -43.40 3.57
C ASN H 325 -20.56 -44.67 3.21
N GLU H 326 -19.61 -45.10 4.05
CA GLU H 326 -18.92 -46.37 3.81
C GLU H 326 -19.62 -47.54 4.49
N TRP H 327 -19.96 -47.40 5.77
CA TRP H 327 -20.40 -48.53 6.59
C TRP H 327 -21.86 -48.87 6.36
N GLY H 328 -22.74 -47.88 6.36
CA GLY H 328 -24.14 -48.17 6.09
C GLY H 328 -24.32 -48.80 4.73
N PHE H 329 -23.71 -48.20 3.70
CA PHE H 329 -23.82 -48.73 2.36
C PHE H 329 -23.27 -50.15 2.28
N SER H 330 -22.13 -50.40 2.94
CA SER H 330 -21.51 -51.72 2.87
C SER H 330 -22.40 -52.78 3.50
N ASN H 331 -23.05 -52.45 4.61
CA ASN H 331 -23.97 -53.39 5.23
C ASN H 331 -25.18 -53.62 4.33
N ARG H 332 -25.67 -52.58 3.64
CA ARG H 332 -26.77 -52.77 2.70
C ARG H 332 -26.36 -53.67 1.54
N MET H 333 -25.10 -53.62 1.13
CA MET H 333 -24.67 -54.51 0.05
C MET H 333 -24.89 -55.96 0.44
N LEU H 334 -24.64 -56.31 1.69
CA LEU H 334 -24.91 -57.68 2.14
C LEU H 334 -26.40 -57.98 2.14
N ASP H 335 -27.24 -57.02 2.58
CA ASP H 335 -28.68 -57.24 2.57
C ASP H 335 -29.20 -57.49 1.16
N THR H 336 -28.77 -56.64 0.21
CA THR H 336 -29.25 -56.77 -1.15
C THR H 336 -28.80 -58.08 -1.77
N THR H 337 -27.62 -58.57 -1.40
CA THR H 337 -27.13 -59.84 -1.91
C THR H 337 -28.11 -60.97 -1.59
N VAL H 338 -28.58 -61.04 -0.35
CA VAL H 338 -29.49 -62.11 0.04
C VAL H 338 -30.82 -61.95 -0.67
N ALA H 339 -31.31 -60.72 -0.77
CA ALA H 339 -32.59 -60.49 -1.43
C ALA H 339 -32.51 -60.88 -2.92
N LEU H 340 -31.39 -60.58 -3.57
CA LEU H 340 -31.26 -60.88 -4.98
C LEU H 340 -31.28 -62.37 -5.24
N MET H 341 -30.57 -63.15 -4.42
CA MET H 341 -30.56 -64.60 -4.59
C MET H 341 -31.83 -65.28 -4.11
N SER H 342 -32.60 -64.64 -3.25
CA SER H 342 -33.88 -65.20 -2.82
C SER H 342 -35.03 -64.84 -3.76
N ALA H 343 -34.82 -63.86 -4.65
CA ALA H 343 -35.91 -63.35 -5.46
C ALA H 343 -36.47 -64.43 -6.38
N LYS H 344 -37.79 -64.42 -6.53
CA LYS H 344 -38.48 -65.41 -7.35
C LYS H 344 -38.87 -64.82 -8.72
#